data_9MII
#
_entry.id   9MII
#
_cell.length_a   1.00
_cell.length_b   1.00
_cell.length_c   1.00
_cell.angle_alpha   90.00
_cell.angle_beta   90.00
_cell.angle_gamma   90.00
#
_symmetry.space_group_name_H-M   'P 1'
#
loop_
_entity.id
_entity.type
_entity.pdbx_description
1 polymer 'HIV-1 Envelope Glycoprotein BG505 SOSIP.664 gp120'
2 polymer 'Envelope glycoprotein gp160'
3 polymer 'RM20A3 heavy chain Fv'
4 polymer 'RM20A3 light chain Fv'
5 polymer '253-7A03 heavy chain Fv'
6 polymer '253-7A03 lambda chain Fv'
7 branched 2-acetamido-2-deoxy-beta-D-glucopyranose-(1-4)-2-acetamido-2-deoxy-beta-D-glucopyranose
8 branched beta-D-mannopyranose-(1-4)-2-acetamido-2-deoxy-beta-D-glucopyranose-(1-4)-2-acetamido-2-deoxy-beta-D-glucopyranose
9 branched alpha-D-mannopyranose-(1-3)-beta-D-mannopyranose-(1-4)-2-acetamido-2-deoxy-beta-D-glucopyranose-(1-4)-2-acetamido-2-deoxy-beta-D-glucopyranose
10 branched alpha-D-mannopyranose-(1-3)-[alpha-D-mannopyranose-(1-6)]beta-D-mannopyranose-(1-4)-2-acetamido-2-deoxy-beta-D-glucopyranose-(1-4)-2-acetamido-2-deoxy-beta-D-glucopyranose
11 non-polymer 2-acetamido-2-deoxy-beta-D-glucopyranose
#
loop_
_entity_poly.entity_id
_entity_poly.type
_entity_poly.pdbx_seq_one_letter_code
_entity_poly.pdbx_strand_id
1 'polypeptide(L)'
;MDAMKRGLCCVLLLCGAVFVSPSQEIHARFRRGARAENLWVTVYYGVPVWKDAETTLFCASDAKAYETEKHNVWATHACV
PTDPNPQEIHLENVTEEFNMWKNNMVEQMHTDIISLWDQSLKPCVKLTPLCVTLQCTNVTNNITDDMRGELKNCSFNMTT
ELRDKKQKVYSLFYRLDVVQINENQGNRSNNSNKEYRLINCNTSAITQACPKVSFEPIPIHYCAPAGFAILKCKDKKFNG
TGPCPSVSTVQCTHGIKPVVSTQLLLNGSLAEEEVMIRSENITNNAKNILVQFNTPVQINCTRPNNNTRKSIRIGPGQAF
YATGDIIGDIRQAHCNVSKATWNETLGKVVKQLRKHFGNNTIIRFANSSGGDLEVTTHSFNCGGEFFYCNTSGLFNSTWI
SNTSVQGSNSTGSNDSITLPCRIKQIINMWQRIGQAMYAPPIQGVIRCVSNITGLILTRDGGSTNSTTETFRPGGGDMRD
NWRSELYKYKVVKIEPLGVAPTRCKRRVVGRRRRRR
;
A,C,E
2 'polypeptide(L)'
;AVGIGAVFLGFLGAAGSTMGAASMTLTVQARNLLSGIVQQQSNLLRAPEAQQHLLKLTVWGIKQLQARVLAVERYLRDQQ
LLGIWGCSGKLICCTNVPWNSSWSNRNLSEIWDNMTWLQWDKEISNYTQIIYGLLEESQNQQEKNEQDLLALD
;
B,D,F
3 'polypeptide(L)'
;EVQLVETGGGLVQPGGSLKLSCRASGYTFSSFAMSWVRQAPGKGLEWVSLINDRGGLTFYVDSVKGRFTISRDNSKNTLS
LQMHSLRDGDTAVYYCATGGMSSALQSSKYYFDFWGQGALVTVSS
;
G,J,M
4 'polypeptide(L)'
;ALTQPPSVSGSPGQSVTISCTGTSSDIGSYNYVSWYQQHPGKAPKLMIYDVTQRPSGVSDRFSGSKSGNTASLTISGLQA
DDEADYYCSAYAGRQTFYIFGGGTRLTVLGQPKASPTVTLFPPSSEEL
;
I,K,N
5 'polypeptide(L)'
;QVQLVQSGAEVKKPGASVKVSCKASGYTFDDYYMHWVRQAPGQGLEWMGWMNPKTGGVNYAQRFQGRVTMTRDRSIDTAY
MELNSLRSDDTAMYYCARDYGGGYPLDFWGQGTLVTVSS
;
H
6 'polypeptide(L)'
;QSALTQPASVSGSPGQSITISCIGTSSDNVSWYQHHPGKAPKLMIYEVDNRPSGVSARFSGSKSGNTASLTISGLQAEDE
ADYYCSSYEVFGTGTKVTVL
;
L
#
# COMPACT_ATOMS: atom_id res chain seq x y z
N ASN A 38 8.27 36.95 -10.29
CA ASN A 38 8.90 35.65 -10.43
C ASN A 38 7.92 34.53 -10.11
N LEU A 39 8.14 33.36 -10.70
CA LEU A 39 7.29 32.20 -10.50
C LEU A 39 7.98 31.19 -9.59
N TRP A 40 7.17 30.47 -8.83
CA TRP A 40 7.63 29.51 -7.84
C TRP A 40 6.91 28.19 -8.07
N VAL A 41 7.56 27.11 -7.67
CA VAL A 41 6.97 25.78 -7.80
C VAL A 41 5.85 25.64 -6.79
N THR A 42 4.67 25.22 -7.24
CA THR A 42 3.57 24.86 -6.38
C THR A 42 3.20 23.40 -6.64
N VAL A 43 3.04 22.65 -5.57
CA VAL A 43 2.77 21.21 -5.63
C VAL A 43 1.27 20.99 -5.53
N TYR A 44 0.73 20.20 -6.47
CA TYR A 44 -0.69 19.87 -6.51
C TYR A 44 -0.86 18.37 -6.35
N TYR A 45 -1.80 17.96 -5.51
CA TYR A 45 -2.13 16.55 -5.30
C TYR A 45 -3.58 16.33 -5.70
N GLY A 46 -3.81 15.41 -6.61
CA GLY A 46 -5.13 15.13 -7.13
C GLY A 46 -5.40 15.64 -8.52
N VAL A 47 -4.37 15.87 -9.33
CA VAL A 47 -4.56 16.39 -10.68
C VAL A 47 -5.07 15.28 -11.59
N PRO A 48 -5.95 15.58 -12.57
CA PRO A 48 -6.48 14.53 -13.46
C PRO A 48 -5.48 14.09 -14.53
N VAL A 49 -4.45 13.38 -14.09
CA VAL A 49 -3.36 12.93 -14.94
C VAL A 49 -3.27 11.41 -14.87
N TRP A 50 -3.04 10.77 -16.02
CA TRP A 50 -2.87 9.33 -16.07
C TRP A 50 -1.87 8.96 -17.15
N LYS A 51 -1.33 7.76 -17.03
CA LYS A 51 -0.48 7.16 -18.06
C LYS A 51 -0.88 5.71 -18.24
N ASP A 52 -0.63 5.17 -19.43
CA ASP A 52 -0.91 3.78 -19.72
C ASP A 52 -0.14 2.85 -18.78
N ALA A 53 -0.82 1.83 -18.29
CA ALA A 53 -0.20 0.88 -17.37
C ALA A 53 -0.90 -0.47 -17.48
N GLU A 54 -0.18 -1.51 -17.08
CA GLU A 54 -0.68 -2.88 -17.07
C GLU A 54 -0.87 -3.30 -15.63
N THR A 55 -2.12 -3.42 -15.20
CA THR A 55 -2.46 -3.82 -13.84
C THR A 55 -3.46 -4.96 -13.87
N THR A 56 -3.76 -5.49 -12.68
CA THR A 56 -4.70 -6.59 -12.52
C THR A 56 -6.07 -6.02 -12.17
N LEU A 57 -7.07 -6.40 -12.94
CA LEU A 57 -8.46 -6.03 -12.70
C LEU A 57 -9.18 -7.17 -11.98
N PHE A 58 -10.29 -6.84 -11.34
CA PHE A 58 -11.03 -7.84 -10.58
C PHE A 58 -12.45 -8.01 -11.12
N CYS A 59 -12.98 -9.19 -10.88
CA CYS A 59 -14.32 -9.58 -11.32
C CYS A 59 -15.42 -9.02 -10.43
N ALA A 60 -16.49 -8.56 -11.07
CA ALA A 60 -17.73 -8.25 -10.39
C ALA A 60 -18.88 -8.88 -11.18
N SER A 61 -19.92 -9.30 -10.48
CA SER A 61 -21.05 -9.94 -11.13
C SER A 61 -22.31 -9.69 -10.32
N ASP A 62 -23.45 -10.00 -10.95
CA ASP A 62 -24.80 -9.89 -10.37
C ASP A 62 -24.97 -10.46 -8.95
N ASN A 72 -21.95 -22.92 -11.59
CA ASN A 72 -21.49 -22.08 -12.68
C ASN A 72 -19.97 -22.12 -12.81
N VAL A 73 -19.49 -22.38 -14.03
CA VAL A 73 -18.04 -22.39 -14.27
C VAL A 73 -17.49 -20.97 -14.16
N TRP A 74 -18.18 -19.99 -14.73
CA TRP A 74 -17.77 -18.60 -14.75
C TRP A 74 -18.70 -17.81 -13.85
N ALA A 75 -18.21 -16.64 -13.39
CA ALA A 75 -18.92 -15.75 -12.47
C ALA A 75 -19.26 -16.45 -11.15
N THR A 76 -18.24 -17.05 -10.56
CA THR A 76 -18.41 -17.81 -9.33
C THR A 76 -18.55 -16.88 -8.14
N HIS A 77 -18.73 -17.47 -6.95
CA HIS A 77 -18.93 -16.71 -5.71
C HIS A 77 -17.72 -15.88 -5.30
N ALA A 78 -16.57 -16.03 -5.95
CA ALA A 78 -15.40 -15.22 -5.63
C ALA A 78 -15.47 -13.82 -6.24
N CYS A 79 -16.46 -13.55 -7.08
CA CYS A 79 -16.64 -12.21 -7.65
C CYS A 79 -17.46 -11.38 -6.67
N VAL A 80 -17.13 -10.10 -6.57
CA VAL A 80 -17.82 -9.19 -5.66
C VAL A 80 -19.12 -8.75 -6.32
N PRO A 81 -20.16 -8.37 -5.57
CA PRO A 81 -21.41 -7.99 -6.23
C PRO A 81 -21.29 -6.64 -6.91
N THR A 82 -22.07 -6.45 -7.96
CA THR A 82 -22.01 -5.24 -8.76
C THR A 82 -23.06 -4.24 -8.27
N ASP A 83 -22.63 -2.99 -8.10
CA ASP A 83 -23.55 -1.92 -7.78
C ASP A 83 -24.54 -1.78 -8.93
N PRO A 84 -25.85 -1.77 -8.67
CA PRO A 84 -26.82 -1.68 -9.79
C PRO A 84 -26.82 -0.34 -10.51
N ASN A 85 -26.20 0.69 -9.94
CA ASN A 85 -26.13 2.01 -10.54
C ASN A 85 -24.71 2.20 -11.05
N PRO A 86 -24.44 2.04 -12.35
CA PRO A 86 -23.13 2.37 -12.88
C PRO A 86 -22.97 3.87 -13.04
N GLN A 87 -21.72 4.29 -13.12
CA GLN A 87 -21.40 5.68 -13.37
C GLN A 87 -20.48 5.75 -14.58
N GLU A 88 -20.74 6.74 -15.43
CA GLU A 88 -19.88 7.01 -16.59
C GLU A 88 -19.65 8.51 -16.64
N ILE A 89 -18.41 8.91 -16.38
CA ILE A 89 -18.03 10.31 -16.31
C ILE A 89 -17.38 10.75 -17.62
N HIS A 90 -18.23 11.12 -18.59
CA HIS A 90 -17.78 11.59 -19.91
C HIS A 90 -16.68 12.62 -19.77
N LEU A 91 -15.63 12.50 -20.58
CA LEU A 91 -14.51 13.42 -20.54
C LEU A 91 -14.59 14.30 -21.78
N GLU A 92 -15.05 15.52 -21.60
CA GLU A 92 -15.13 16.47 -22.70
C GLU A 92 -13.73 17.00 -22.96
N ASN A 93 -13.43 17.26 -24.24
CA ASN A 93 -12.19 17.87 -24.73
C ASN A 93 -10.99 16.93 -24.64
N VAL A 94 -11.21 15.63 -24.46
CA VAL A 94 -10.13 14.66 -24.26
C VAL A 94 -10.11 13.68 -25.42
N THR A 95 -8.96 13.58 -26.08
CA THR A 95 -8.73 12.62 -27.16
C THR A 95 -7.62 11.70 -26.67
N GLU A 96 -7.89 10.41 -26.62
CA GLU A 96 -6.92 9.45 -26.11
C GLU A 96 -6.57 8.42 -27.17
N GLU A 97 -5.33 7.94 -27.17
CA GLU A 97 -4.91 6.95 -28.14
C GLU A 97 -5.20 5.55 -27.60
N PHE A 98 -5.89 4.74 -28.41
CA PHE A 98 -6.23 3.38 -28.05
C PHE A 98 -5.54 2.41 -29.01
N ASN A 99 -5.31 1.19 -28.53
CA ASN A 99 -4.76 0.12 -29.37
C ASN A 99 -5.31 -1.19 -28.81
N MET A 100 -6.35 -1.73 -29.45
CA MET A 100 -7.00 -2.93 -28.95
C MET A 100 -6.13 -4.18 -29.08
N TRP A 101 -5.08 -4.13 -29.89
CA TRP A 101 -4.28 -5.31 -30.20
C TRP A 101 -3.12 -5.53 -29.24
N LYS A 102 -2.88 -4.58 -28.33
CA LYS A 102 -1.84 -4.71 -27.32
C LYS A 102 -2.41 -4.38 -25.94
N ASN A 103 -3.70 -4.59 -25.76
CA ASN A 103 -4.39 -4.27 -24.52
C ASN A 103 -4.25 -5.45 -23.57
N ASN A 104 -3.59 -5.23 -22.43
CA ASN A 104 -3.25 -6.33 -21.54
C ASN A 104 -4.45 -6.87 -20.76
N MET A 105 -5.61 -6.21 -20.82
CA MET A 105 -6.76 -6.78 -20.13
C MET A 105 -7.41 -7.89 -20.93
N VAL A 106 -7.04 -8.03 -22.21
CA VAL A 106 -7.44 -9.22 -22.97
C VAL A 106 -6.64 -10.43 -22.49
N GLU A 107 -5.35 -10.23 -22.24
CA GLU A 107 -4.51 -11.29 -21.66
C GLU A 107 -4.98 -11.63 -20.26
N GLN A 108 -5.38 -10.61 -19.47
CA GLN A 108 -5.89 -10.87 -18.13
C GLN A 108 -7.21 -11.62 -18.17
N MET A 109 -8.07 -11.27 -19.12
CA MET A 109 -9.33 -11.99 -19.33
C MET A 109 -9.08 -13.45 -19.67
N HIS A 110 -8.15 -13.69 -20.60
CA HIS A 110 -7.81 -15.05 -21.01
C HIS A 110 -7.28 -15.86 -19.83
N THR A 111 -6.36 -15.27 -19.05
CA THR A 111 -5.80 -15.95 -17.89
C THR A 111 -6.87 -16.29 -16.86
N ASP A 112 -7.80 -15.35 -16.62
CA ASP A 112 -8.88 -15.59 -15.66
C ASP A 112 -9.82 -16.70 -16.14
N ILE A 113 -10.11 -16.74 -17.43
CA ILE A 113 -10.97 -17.79 -17.98
C ILE A 113 -10.31 -19.16 -17.87
N ILE A 114 -8.99 -19.24 -18.17
CA ILE A 114 -8.26 -20.51 -18.06
C ILE A 114 -8.26 -20.98 -16.61
N SER A 115 -8.01 -20.06 -15.68
CA SER A 115 -7.93 -20.40 -14.27
C SER A 115 -9.28 -20.87 -13.72
N LEU A 116 -10.38 -20.19 -14.11
CA LEU A 116 -11.71 -20.61 -13.68
C LEU A 116 -12.08 -21.97 -14.25
N TRP A 117 -11.76 -22.19 -15.52
CA TRP A 117 -12.00 -23.48 -16.17
C TRP A 117 -11.26 -24.59 -15.44
N ASP A 118 -9.98 -24.36 -15.14
CA ASP A 118 -9.17 -25.37 -14.46
C ASP A 118 -9.69 -25.64 -13.05
N GLN A 119 -10.13 -24.60 -12.33
CA GLN A 119 -10.61 -24.80 -10.97
C GLN A 119 -11.93 -25.55 -10.95
N SER A 120 -12.81 -25.29 -11.91
CA SER A 120 -14.12 -25.93 -11.91
C SER A 120 -14.04 -27.43 -12.12
N LEU A 121 -12.97 -27.92 -12.76
CA LEU A 121 -12.80 -29.35 -12.98
C LEU A 121 -12.04 -30.03 -11.85
N LYS A 122 -11.58 -29.27 -10.83
CA LYS A 122 -10.82 -29.90 -9.75
C LYS A 122 -11.69 -30.75 -8.82
N PRO A 123 -12.82 -30.25 -8.20
CA PRO A 123 -13.58 -31.14 -7.32
C PRO A 123 -14.59 -31.99 -8.07
N CYS A 124 -14.12 -32.77 -9.05
CA CYS A 124 -14.98 -33.57 -9.91
C CYS A 124 -14.32 -34.92 -10.13
N VAL A 125 -15.07 -35.82 -10.76
CA VAL A 125 -14.64 -37.20 -10.94
C VAL A 125 -13.67 -37.29 -12.11
N LYS A 126 -12.49 -37.84 -11.85
CA LYS A 126 -11.51 -38.09 -12.90
C LYS A 126 -11.74 -39.48 -13.49
N LEU A 127 -11.96 -39.54 -14.79
CA LEU A 127 -12.30 -40.81 -15.45
C LEU A 127 -11.08 -41.55 -15.95
N THR A 128 -10.10 -41.74 -15.07
CA THR A 128 -8.96 -42.60 -15.41
C THR A 128 -9.37 -44.05 -15.68
N PRO A 129 -10.23 -44.73 -14.89
CA PRO A 129 -10.58 -46.12 -15.23
C PRO A 129 -11.34 -46.31 -16.55
N LEU A 130 -11.81 -45.24 -17.20
CA LEU A 130 -12.63 -45.40 -18.39
C LEU A 130 -11.80 -45.73 -19.64
N CYS A 131 -10.48 -45.54 -19.60
CA CYS A 131 -9.64 -45.93 -20.72
C CYS A 131 -9.46 -47.44 -20.68
N VAL A 132 -10.43 -48.15 -21.28
CA VAL A 132 -10.45 -49.60 -21.38
C VAL A 132 -10.74 -49.96 -22.83
N THR A 133 -10.57 -51.23 -23.16
CA THR A 133 -10.91 -51.69 -24.51
C THR A 133 -12.42 -51.75 -24.65
N LEU A 134 -12.94 -51.09 -25.68
CA LEU A 134 -14.36 -51.02 -25.93
C LEU A 134 -14.74 -52.02 -27.02
N GLN A 135 -15.87 -52.69 -26.83
CA GLN A 135 -16.43 -53.56 -27.85
C GLN A 135 -17.66 -52.84 -28.41
N CYS A 136 -17.51 -52.27 -29.60
CA CYS A 136 -18.52 -51.37 -30.13
C CYS A 136 -19.14 -51.97 -31.39
N THR A 137 -20.44 -51.76 -31.52
CA THR A 137 -21.22 -52.08 -32.70
C THR A 137 -21.93 -50.80 -33.14
N ASN A 138 -22.39 -50.80 -34.38
CA ASN A 138 -23.07 -49.62 -34.87
C ASN A 138 -24.51 -49.61 -34.35
N VAL A 139 -25.08 -48.40 -34.28
CA VAL A 139 -26.46 -48.22 -33.85
C VAL A 139 -27.37 -48.16 -35.09
N THR A 140 -28.31 -49.09 -35.15
CA THR A 140 -29.21 -49.22 -36.29
C THR A 140 -30.68 -49.06 -35.92
N ASN A 141 -30.98 -48.72 -34.67
CA ASN A 141 -32.37 -48.66 -34.20
C ASN A 141 -32.98 -47.32 -34.57
N ASN A 142 -33.77 -47.31 -35.66
CA ASN A 142 -34.51 -46.17 -36.21
C ASN A 142 -33.60 -45.10 -36.80
N ILE A 143 -32.33 -45.46 -37.06
CA ILE A 143 -31.32 -44.52 -37.51
C ILE A 143 -31.69 -43.90 -38.85
N THR A 144 -31.43 -42.59 -38.99
CA THR A 144 -31.67 -41.88 -40.23
C THR A 144 -30.44 -42.07 -41.14
N ASP A 145 -30.50 -41.53 -42.36
CA ASP A 145 -29.49 -41.75 -43.38
C ASP A 145 -28.35 -40.73 -43.28
N ASP A 146 -28.46 -39.75 -42.39
CA ASP A 146 -27.45 -38.71 -42.25
C ASP A 146 -26.43 -39.03 -41.18
N MET A 147 -26.91 -39.38 -39.97
CA MET A 147 -26.04 -39.87 -38.90
C MET A 147 -25.79 -41.37 -39.09
N ARG A 148 -25.10 -41.70 -40.17
CA ARG A 148 -24.80 -43.09 -40.51
C ARG A 148 -23.38 -43.39 -40.04
N GLY A 149 -23.26 -44.25 -39.04
CA GLY A 149 -21.96 -44.54 -38.47
C GLY A 149 -21.39 -43.45 -37.58
N GLU A 150 -22.26 -42.64 -36.98
CA GLU A 150 -21.83 -41.58 -36.06
C GLU A 150 -21.99 -41.97 -34.60
N LEU A 151 -23.10 -42.58 -34.22
CA LEU A 151 -23.29 -43.05 -32.85
C LEU A 151 -22.99 -44.54 -32.78
N LYS A 152 -22.15 -44.92 -31.83
CA LYS A 152 -21.69 -46.29 -31.66
C LYS A 152 -22.06 -46.79 -30.28
N ASN A 153 -22.64 -47.98 -30.22
CA ASN A 153 -22.97 -48.65 -28.95
C ASN A 153 -21.71 -49.39 -28.51
N CYS A 154 -21.16 -49.06 -27.34
CA CYS A 154 -19.93 -49.65 -26.87
C CYS A 154 -20.10 -50.27 -25.49
N SER A 155 -19.77 -51.55 -25.37
CA SER A 155 -19.78 -52.25 -24.10
C SER A 155 -18.36 -52.40 -23.58
N PHE A 156 -18.22 -52.34 -22.26
CA PHE A 156 -16.90 -52.41 -21.64
C PHE A 156 -17.04 -52.86 -20.18
N ASN A 157 -15.91 -53.33 -19.63
CA ASN A 157 -15.86 -53.86 -18.27
C ASN A 157 -15.44 -52.71 -17.38
N MET A 158 -16.39 -52.14 -16.67
CA MET A 158 -16.21 -50.96 -15.86
C MET A 158 -15.98 -51.41 -14.42
N THR A 159 -15.28 -50.57 -13.65
CA THR A 159 -15.14 -50.87 -12.25
C THR A 159 -16.45 -50.60 -11.53
N THR A 160 -16.52 -51.03 -10.28
CA THR A 160 -17.71 -50.80 -9.48
C THR A 160 -17.25 -50.34 -8.10
N GLU A 161 -18.20 -50.31 -7.17
CA GLU A 161 -17.96 -49.77 -5.83
C GLU A 161 -16.86 -50.54 -5.12
N LEU A 162 -16.84 -51.86 -5.28
CA LEU A 162 -15.85 -52.74 -4.69
C LEU A 162 -14.79 -53.05 -5.73
N ARG A 163 -13.52 -53.01 -5.32
CA ARG A 163 -12.42 -53.31 -6.25
C ARG A 163 -12.48 -54.75 -6.74
N ASP A 164 -12.92 -55.68 -5.89
CA ASP A 164 -12.90 -57.11 -6.19
C ASP A 164 -13.73 -57.46 -7.43
N LYS A 165 -14.79 -56.71 -7.70
CA LYS A 165 -15.74 -57.04 -8.75
C LYS A 165 -15.65 -56.06 -9.91
N LYS A 166 -16.01 -56.54 -11.10
CA LYS A 166 -16.14 -55.73 -12.29
C LYS A 166 -17.56 -55.89 -12.83
N GLN A 167 -18.00 -54.92 -13.63
CA GLN A 167 -19.33 -54.97 -14.21
C GLN A 167 -19.26 -54.79 -15.72
N LYS A 168 -20.16 -55.43 -16.44
CA LYS A 168 -20.27 -55.23 -17.88
C LYS A 168 -21.34 -54.18 -18.13
N VAL A 169 -20.93 -53.03 -18.68
CA VAL A 169 -21.85 -51.92 -18.88
C VAL A 169 -21.70 -51.44 -20.32
N TYR A 170 -22.66 -50.65 -20.78
CA TYR A 170 -22.67 -50.13 -22.14
C TYR A 170 -23.01 -48.65 -22.17
N SER A 171 -22.44 -47.95 -23.15
CA SER A 171 -22.66 -46.53 -23.35
C SER A 171 -22.55 -46.20 -24.83
N LEU A 172 -23.31 -45.20 -25.27
CA LEU A 172 -23.21 -44.70 -26.63
C LEU A 172 -22.15 -43.60 -26.72
N PHE A 173 -21.28 -43.70 -27.72
CA PHE A 173 -20.25 -42.70 -27.96
C PHE A 173 -20.34 -42.21 -29.39
N TYR A 174 -19.91 -40.98 -29.62
CA TYR A 174 -19.90 -40.46 -30.97
C TYR A 174 -18.72 -41.04 -31.74
N ARG A 175 -18.68 -40.81 -33.05
CA ARG A 175 -17.64 -41.39 -33.88
C ARG A 175 -16.37 -40.52 -33.85
N LEU A 176 -16.43 -39.36 -33.22
CA LEU A 176 -15.25 -38.54 -33.11
C LEU A 176 -14.46 -38.87 -31.86
N ASP A 177 -15.10 -39.46 -30.86
CA ASP A 177 -14.44 -39.88 -29.63
C ASP A 177 -14.12 -41.37 -29.57
N VAL A 178 -13.78 -42.01 -30.69
CA VAL A 178 -13.40 -43.43 -30.73
C VAL A 178 -12.41 -43.69 -31.86
N VAL A 179 -11.20 -44.10 -31.50
CA VAL A 179 -10.20 -44.51 -32.48
C VAL A 179 -10.05 -46.02 -32.39
N GLN A 180 -9.61 -46.63 -33.48
CA GLN A 180 -9.66 -48.08 -33.65
C GLN A 180 -8.30 -48.72 -33.40
N ILE A 181 -8.11 -49.26 -32.20
CA ILE A 181 -6.95 -50.10 -31.95
C ILE A 181 -7.04 -51.38 -32.77
N ASN A 182 -5.88 -51.90 -33.18
CA ASN A 182 -5.71 -53.13 -33.95
C ASN A 182 -6.45 -53.09 -35.29
N LYS A 194 -13.45 -54.88 -34.03
CA LYS A 194 -14.36 -53.86 -33.53
C LYS A 194 -13.93 -53.34 -32.16
N GLU A 195 -12.63 -53.30 -31.93
CA GLU A 195 -12.08 -52.81 -30.68
C GLU A 195 -11.77 -51.32 -30.81
N TYR A 196 -12.23 -50.55 -29.83
CA TYR A 196 -12.08 -49.10 -29.83
C TYR A 196 -11.61 -48.62 -28.47
N ARG A 197 -11.04 -47.42 -28.46
CA ARG A 197 -10.67 -46.74 -27.23
C ARG A 197 -11.06 -45.28 -27.37
N LEU A 198 -11.05 -44.56 -26.25
CA LEU A 198 -11.30 -43.13 -26.31
C LEU A 198 -10.09 -42.42 -26.91
N ILE A 199 -10.36 -41.32 -27.63
CA ILE A 199 -9.31 -40.59 -28.34
C ILE A 199 -8.27 -40.00 -27.39
N ASN A 200 -8.65 -39.72 -26.15
CA ASN A 200 -7.73 -39.06 -25.21
C ASN A 200 -6.73 -40.00 -24.56
N CYS A 201 -6.90 -41.33 -24.69
CA CYS A 201 -6.18 -42.28 -23.84
C CYS A 201 -4.67 -42.29 -24.08
N ASN A 202 -4.19 -41.74 -25.18
CA ASN A 202 -2.77 -41.78 -25.48
C ASN A 202 -2.14 -40.39 -25.41
N THR A 203 -2.95 -39.36 -25.16
CA THR A 203 -2.50 -37.97 -25.12
C THR A 203 -2.84 -37.23 -23.84
N SER A 204 -3.87 -37.63 -23.10
CA SER A 204 -4.37 -36.75 -22.05
C SER A 204 -5.00 -37.56 -20.93
N ALA A 205 -4.89 -37.03 -19.72
CA ALA A 205 -5.76 -37.46 -18.61
C ALA A 205 -7.09 -36.75 -18.75
N ILE A 206 -8.17 -37.44 -18.40
CA ILE A 206 -9.51 -36.93 -18.63
C ILE A 206 -10.25 -36.74 -17.31
N THR A 207 -10.86 -35.57 -17.15
CA THR A 207 -11.67 -35.25 -16.00
C THR A 207 -13.12 -35.09 -16.46
N GLN A 208 -14.05 -35.71 -15.76
CA GLN A 208 -15.46 -35.50 -16.06
C GLN A 208 -15.91 -34.19 -15.44
N ALA A 209 -16.67 -33.40 -16.21
CA ALA A 209 -17.25 -32.18 -15.66
C ALA A 209 -18.31 -32.55 -14.65
N CYS A 210 -18.39 -31.78 -13.56
CA CYS A 210 -19.39 -32.00 -12.53
C CYS A 210 -20.80 -31.79 -13.09
N PRO A 211 -21.75 -32.70 -12.83
CA PRO A 211 -23.09 -32.61 -13.43
C PRO A 211 -23.90 -31.40 -12.96
N LYS A 212 -23.54 -30.79 -11.83
CA LYS A 212 -24.31 -29.69 -11.26
C LYS A 212 -23.73 -28.33 -11.60
N VAL A 213 -22.70 -28.28 -12.43
CA VAL A 213 -22.09 -27.03 -12.86
C VAL A 213 -22.59 -26.70 -14.26
N SER A 214 -23.17 -25.51 -14.40
CA SER A 214 -23.72 -25.09 -15.68
C SER A 214 -22.64 -24.43 -16.52
N PHE A 215 -22.72 -24.64 -17.83
CA PHE A 215 -21.79 -24.06 -18.78
C PHE A 215 -22.35 -22.81 -19.45
N GLU A 216 -23.47 -22.30 -18.96
CA GLU A 216 -24.04 -21.08 -19.53
C GLU A 216 -23.14 -19.89 -19.18
N PRO A 217 -22.83 -19.02 -20.14
CA PRO A 217 -22.05 -17.83 -19.80
C PRO A 217 -22.87 -16.84 -19.00
N ILE A 218 -22.23 -16.23 -18.02
CA ILE A 218 -22.83 -15.19 -17.19
C ILE A 218 -21.98 -13.94 -17.36
N PRO A 219 -22.57 -12.77 -17.60
CA PRO A 219 -21.78 -11.54 -17.78
C PRO A 219 -20.90 -11.23 -16.57
N ILE A 220 -19.63 -10.93 -16.85
CA ILE A 220 -18.66 -10.55 -15.84
C ILE A 220 -18.13 -9.15 -16.15
N HIS A 221 -18.07 -8.32 -15.13
CA HIS A 221 -17.59 -6.96 -15.25
C HIS A 221 -16.17 -6.92 -14.72
N TYR A 222 -15.25 -6.36 -15.51
CA TYR A 222 -13.88 -6.19 -15.06
C TYR A 222 -13.71 -4.78 -14.54
N CYS A 223 -13.35 -4.67 -13.27
CA CYS A 223 -13.28 -3.40 -12.58
C CYS A 223 -11.83 -3.12 -12.21
N ALA A 224 -11.44 -1.87 -12.28
CA ALA A 224 -10.08 -1.49 -11.95
C ALA A 224 -9.92 -1.30 -10.45
N PRO A 225 -8.76 -1.62 -9.90
CA PRO A 225 -8.51 -1.32 -8.49
C PRO A 225 -8.32 0.17 -8.28
N ALA A 226 -8.47 0.60 -7.02
CA ALA A 226 -8.31 2.00 -6.65
C ALA A 226 -6.94 2.53 -7.05
N GLY A 227 -6.92 3.74 -7.59
CA GLY A 227 -5.72 4.31 -8.15
C GLY A 227 -5.60 4.14 -9.65
N PHE A 228 -6.45 3.30 -10.25
CA PHE A 228 -6.46 3.05 -11.68
C PHE A 228 -7.84 3.40 -12.23
N ALA A 229 -7.91 3.60 -13.53
CA ALA A 229 -9.16 3.97 -14.18
C ALA A 229 -9.32 3.24 -15.50
N ILE A 230 -10.57 2.98 -15.87
CA ILE A 230 -10.92 2.38 -17.15
C ILE A 230 -11.50 3.46 -18.04
N LEU A 231 -10.88 3.65 -19.21
CA LEU A 231 -11.32 4.62 -20.20
C LEU A 231 -12.03 3.89 -21.33
N LYS A 232 -13.26 4.30 -21.60
CA LYS A 232 -14.09 3.74 -22.65
C LYS A 232 -14.16 4.71 -23.82
N CYS A 233 -13.91 4.20 -25.02
CA CYS A 233 -14.02 4.99 -26.25
C CYS A 233 -15.46 4.93 -26.74
N LYS A 234 -16.11 6.08 -26.81
CA LYS A 234 -17.53 6.17 -27.14
C LYS A 234 -17.78 6.48 -28.61
N ASP A 235 -16.74 6.53 -29.43
CA ASP A 235 -16.90 6.84 -30.84
C ASP A 235 -17.62 5.66 -31.53
N LYS A 236 -18.28 5.98 -32.64
CA LYS A 236 -19.04 4.99 -33.40
C LYS A 236 -18.30 4.43 -34.59
N LYS A 237 -17.27 5.13 -35.09
CA LYS A 237 -16.47 4.68 -36.22
C LYS A 237 -15.09 4.20 -35.80
N PHE A 238 -14.90 3.95 -34.51
CA PHE A 238 -13.61 3.53 -33.97
C PHE A 238 -13.18 2.18 -34.53
N ASN A 239 -11.98 2.14 -35.12
CA ASN A 239 -11.48 0.97 -35.82
C ASN A 239 -10.43 0.19 -35.01
N GLY A 240 -10.32 0.44 -33.71
CA GLY A 240 -9.50 -0.37 -32.86
C GLY A 240 -8.14 0.22 -32.54
N THR A 241 -7.69 1.18 -33.34
CA THR A 241 -6.36 1.78 -33.15
C THR A 241 -6.49 3.28 -33.33
N GLY A 242 -5.55 4.02 -32.75
CA GLY A 242 -5.43 5.44 -33.00
C GLY A 242 -6.20 6.31 -32.04
N PRO A 243 -6.25 7.62 -32.34
CA PRO A 243 -6.97 8.56 -31.47
C PRO A 243 -8.46 8.27 -31.39
N CYS A 244 -9.01 8.50 -30.21
CA CYS A 244 -10.43 8.44 -29.92
C CYS A 244 -10.85 9.80 -29.36
N PRO A 245 -11.60 10.61 -30.11
CA PRO A 245 -11.95 11.95 -29.63
C PRO A 245 -13.03 11.99 -28.57
N SER A 246 -13.70 10.87 -28.28
CA SER A 246 -14.81 10.84 -27.34
C SER A 246 -14.51 9.73 -26.33
N VAL A 247 -14.09 10.12 -25.13
CA VAL A 247 -13.61 9.21 -24.10
C VAL A 247 -14.44 9.46 -22.86
N SER A 248 -14.81 8.40 -22.16
CA SER A 248 -15.45 8.53 -20.86
C SER A 248 -14.72 7.62 -19.89
N THR A 249 -14.76 7.96 -18.61
CA THR A 249 -14.18 7.07 -17.61
C THR A 249 -15.28 6.32 -16.89
N VAL A 250 -15.09 5.01 -16.74
CA VAL A 250 -16.10 4.17 -16.11
C VAL A 250 -15.45 3.42 -14.95
N GLN A 251 -16.29 3.01 -14.01
CA GLN A 251 -15.81 2.20 -12.88
C GLN A 251 -15.48 0.78 -13.33
N CYS A 252 -16.28 0.23 -14.24
CA CYS A 252 -16.13 -1.15 -14.67
C CYS A 252 -16.60 -1.25 -16.11
N THR A 253 -16.24 -2.35 -16.75
CA THR A 253 -16.70 -2.61 -18.11
C THR A 253 -18.16 -3.06 -18.09
N HIS A 254 -18.74 -3.17 -19.27
CA HIS A 254 -20.11 -3.66 -19.40
C HIS A 254 -20.14 -5.17 -19.11
N GLY A 255 -21.34 -5.74 -19.17
CA GLY A 255 -21.43 -7.16 -18.89
C GLY A 255 -20.94 -7.95 -20.09
N ILE A 256 -19.82 -8.64 -19.91
CA ILE A 256 -19.19 -9.39 -20.98
C ILE A 256 -19.44 -10.87 -20.73
N LYS A 257 -20.07 -11.51 -21.67
CA LYS A 257 -20.31 -12.94 -21.54
C LYS A 257 -19.10 -13.70 -22.05
N PRO A 258 -18.52 -14.61 -21.26
CA PRO A 258 -17.36 -15.36 -21.74
C PRO A 258 -17.76 -16.50 -22.67
N VAL A 259 -18.23 -16.12 -23.86
CA VAL A 259 -18.71 -17.07 -24.84
C VAL A 259 -17.49 -17.66 -25.55
N VAL A 260 -17.48 -18.98 -25.71
CA VAL A 260 -16.38 -19.68 -26.36
C VAL A 260 -16.87 -20.10 -27.73
N SER A 261 -16.23 -19.58 -28.77
CA SER A 261 -16.60 -19.94 -30.13
C SER A 261 -15.44 -19.63 -31.06
N THR A 262 -15.50 -20.24 -32.24
CA THR A 262 -14.59 -20.04 -33.35
C THR A 262 -15.46 -19.82 -34.58
N GLN A 263 -14.82 -19.41 -35.69
CA GLN A 263 -15.43 -19.16 -37.00
C GLN A 263 -16.34 -17.95 -36.95
N LEU A 264 -17.46 -18.09 -36.25
CA LEU A 264 -18.46 -17.04 -36.09
C LEU A 264 -18.46 -16.61 -34.63
N LEU A 265 -18.75 -15.34 -34.39
CA LEU A 265 -18.95 -14.87 -33.03
C LEU A 265 -20.42 -14.94 -32.70
N LEU A 266 -20.72 -15.34 -31.49
CA LEU A 266 -22.06 -15.49 -30.96
C LEU A 266 -22.33 -14.26 -30.11
N ASN A 267 -23.27 -14.37 -29.14
CA ASN A 267 -23.83 -13.28 -28.33
C ASN A 267 -22.79 -12.23 -27.93
N GLY A 268 -23.19 -10.97 -28.01
CA GLY A 268 -22.27 -9.90 -27.70
C GLY A 268 -22.84 -8.55 -28.08
N SER A 269 -21.97 -7.55 -28.06
CA SER A 269 -22.36 -6.17 -28.30
C SER A 269 -22.24 -5.84 -29.78
N LEU A 270 -23.33 -5.32 -30.34
CA LEU A 270 -23.40 -4.96 -31.74
C LEU A 270 -22.81 -3.59 -31.99
N ALA A 271 -22.34 -3.37 -33.22
CA ALA A 271 -21.91 -2.05 -33.64
C ALA A 271 -23.09 -1.09 -33.65
N GLU A 272 -22.83 0.17 -33.32
CA GLU A 272 -23.92 1.12 -33.16
C GLU A 272 -24.40 1.74 -34.48
N GLU A 273 -23.50 1.95 -35.45
CA GLU A 273 -23.90 2.62 -36.68
C GLU A 273 -23.80 1.75 -37.92
N GLU A 274 -22.68 1.05 -38.10
CA GLU A 274 -22.45 0.27 -39.31
C GLU A 274 -21.48 -0.85 -38.97
N VAL A 275 -21.40 -1.84 -39.87
CA VAL A 275 -20.51 -2.97 -39.70
C VAL A 275 -19.06 -2.49 -39.66
N MET A 276 -18.33 -2.91 -38.64
CA MET A 276 -16.94 -2.48 -38.47
C MET A 276 -15.98 -3.61 -38.80
N ILE A 277 -14.91 -3.26 -39.52
CA ILE A 277 -13.84 -4.17 -39.88
C ILE A 277 -12.63 -3.76 -39.08
N ARG A 278 -12.16 -4.63 -38.19
CA ARG A 278 -11.07 -4.32 -37.29
C ARG A 278 -9.94 -5.30 -37.51
N SER A 279 -8.75 -4.77 -37.79
CA SER A 279 -7.59 -5.62 -37.92
C SER A 279 -6.39 -4.81 -37.46
N GLU A 280 -5.37 -5.51 -36.97
CA GLU A 280 -4.13 -4.82 -36.64
C GLU A 280 -3.49 -4.25 -37.89
N ASN A 281 -3.48 -5.04 -38.98
CA ASN A 281 -2.95 -4.62 -40.27
C ASN A 281 -3.79 -5.32 -41.35
N ILE A 282 -4.71 -4.58 -41.97
CA ILE A 282 -5.67 -5.16 -42.93
C ILE A 282 -4.98 -5.75 -44.16
N THR A 283 -3.78 -5.28 -44.48
CA THR A 283 -3.01 -5.79 -45.61
C THR A 283 -2.10 -6.96 -45.24
N ASN A 284 -1.94 -7.25 -43.94
CA ASN A 284 -1.06 -8.32 -43.47
C ASN A 284 -1.91 -9.58 -43.33
N ASN A 285 -1.50 -10.64 -44.03
CA ASN A 285 -2.26 -11.89 -44.03
C ASN A 285 -2.27 -12.54 -42.66
N ALA A 286 -1.13 -12.49 -41.95
CA ALA A 286 -0.92 -13.19 -40.69
C ALA A 286 -1.80 -12.74 -39.52
N LYS A 287 -2.66 -11.74 -39.72
CA LYS A 287 -3.47 -11.17 -38.68
C LYS A 287 -4.93 -11.53 -38.92
N ASN A 288 -5.68 -11.68 -37.84
CA ASN A 288 -7.10 -11.96 -37.95
C ASN A 288 -7.89 -10.67 -38.11
N ILE A 289 -9.00 -10.77 -38.82
CA ILE A 289 -9.91 -9.67 -39.08
C ILE A 289 -11.18 -9.91 -38.26
N LEU A 290 -11.51 -8.98 -37.38
CA LEU A 290 -12.71 -9.06 -36.57
C LEU A 290 -13.79 -8.20 -37.19
N VAL A 291 -14.89 -8.82 -37.58
CA VAL A 291 -16.00 -8.14 -38.23
C VAL A 291 -17.12 -8.04 -37.20
N GLN A 292 -17.49 -6.81 -36.85
CA GLN A 292 -18.53 -6.56 -35.86
C GLN A 292 -19.79 -6.12 -36.61
N PHE A 293 -20.88 -6.88 -36.42
CA PHE A 293 -22.12 -6.63 -37.12
C PHE A 293 -22.86 -5.43 -36.57
N ASN A 294 -23.63 -4.78 -37.44
CA ASN A 294 -24.51 -3.70 -37.03
C ASN A 294 -25.84 -4.27 -36.55
N THR A 295 -26.30 -5.33 -37.20
CA THR A 295 -27.54 -6.04 -36.89
C THR A 295 -27.23 -7.52 -36.64
N PRO A 296 -27.90 -8.16 -35.69
CA PRO A 296 -27.58 -9.57 -35.42
C PRO A 296 -28.15 -10.47 -36.50
N VAL A 297 -27.52 -11.63 -36.67
CA VAL A 297 -28.05 -12.66 -37.56
C VAL A 297 -28.57 -13.80 -36.70
N GLN A 298 -29.84 -14.13 -36.83
CA GLN A 298 -30.42 -15.10 -35.90
C GLN A 298 -30.05 -16.51 -36.31
N ILE A 299 -29.56 -17.28 -35.33
CA ILE A 299 -29.12 -18.66 -35.52
C ILE A 299 -29.84 -19.53 -34.49
N ASN A 300 -30.47 -20.61 -34.96
CA ASN A 300 -31.19 -21.55 -34.10
C ASN A 300 -30.56 -22.93 -34.24
N CYS A 301 -29.84 -23.35 -33.21
CA CYS A 301 -29.18 -24.64 -33.23
C CYS A 301 -29.96 -25.60 -32.34
N THR A 302 -30.05 -26.86 -32.76
CA THR A 302 -30.85 -27.82 -32.01
C THR A 302 -30.14 -29.17 -31.97
N ARG A 303 -30.51 -29.94 -30.95
CA ARG A 303 -30.11 -31.33 -30.77
C ARG A 303 -31.44 -32.07 -30.64
N PRO A 304 -32.01 -32.50 -31.77
CA PRO A 304 -33.39 -33.03 -31.77
C PRO A 304 -33.53 -34.39 -31.11
N ASN A 305 -32.45 -35.11 -30.85
CA ASN A 305 -32.55 -36.46 -30.31
C ASN A 305 -33.05 -36.42 -28.87
N ASN A 306 -34.04 -37.26 -28.58
CA ASN A 306 -34.55 -37.40 -27.22
C ASN A 306 -33.53 -38.30 -26.52
N ASN A 307 -32.68 -37.70 -25.71
CA ASN A 307 -31.61 -38.44 -25.06
C ASN A 307 -32.00 -38.79 -23.62
N THR A 308 -31.14 -39.56 -22.97
CA THR A 308 -31.28 -39.91 -21.57
C THR A 308 -29.91 -40.14 -20.96
N ARG A 309 -29.83 -39.98 -19.65
CA ARG A 309 -28.58 -40.07 -18.92
C ARG A 309 -28.68 -41.18 -17.88
N LYS A 310 -27.69 -42.06 -17.87
CA LYS A 310 -27.57 -43.11 -16.87
C LYS A 310 -26.36 -42.82 -16.00
N SER A 311 -26.44 -43.28 -14.75
CA SER A 311 -25.36 -43.11 -13.78
C SER A 311 -24.74 -44.47 -13.48
N ILE A 312 -23.50 -44.65 -13.90
CA ILE A 312 -22.76 -45.88 -13.71
C ILE A 312 -21.82 -45.64 -12.53
N ARG A 313 -22.01 -46.39 -11.46
CA ARG A 313 -21.13 -46.24 -10.31
C ARG A 313 -19.80 -46.93 -10.63
N ILE A 314 -18.70 -46.21 -10.44
CA ILE A 314 -17.38 -46.71 -10.82
C ILE A 314 -16.44 -46.84 -9.63
N GLY A 315 -16.78 -46.28 -8.47
CA GLY A 315 -15.91 -46.36 -7.33
C GLY A 315 -16.60 -45.91 -6.05
N PRO A 316 -15.82 -45.65 -5.02
CA PRO A 316 -16.41 -45.30 -3.70
C PRO A 316 -16.91 -43.86 -3.65
N GLY A 317 -18.10 -43.66 -4.23
CA GLY A 317 -18.73 -42.36 -4.30
C GLY A 317 -18.56 -41.65 -5.62
N GLN A 318 -17.75 -42.20 -6.53
CA GLN A 318 -17.58 -41.62 -7.85
C GLN A 318 -18.57 -42.25 -8.82
N ALA A 319 -19.06 -41.45 -9.76
CA ALA A 319 -20.00 -41.93 -10.76
C ALA A 319 -19.64 -41.36 -12.12
N PHE A 320 -19.97 -42.13 -13.15
CA PHE A 320 -19.79 -41.75 -14.54
C PHE A 320 -21.19 -41.57 -15.11
N TYR A 321 -21.42 -40.47 -15.81
CA TYR A 321 -22.70 -40.25 -16.47
C TYR A 321 -22.54 -40.61 -17.94
N ALA A 322 -23.37 -41.51 -18.44
CA ALA A 322 -23.25 -42.05 -19.78
C ALA A 322 -24.58 -42.04 -20.51
N THR A 323 -24.48 -41.98 -21.84
CA THR A 323 -25.65 -42.05 -22.70
C THR A 323 -26.27 -43.44 -22.62
N GLY A 324 -27.60 -43.51 -22.56
CA GLY A 324 -28.23 -44.81 -22.45
C GLY A 324 -28.83 -45.33 -23.74
N ASP A 325 -29.74 -44.56 -24.33
CA ASP A 325 -30.35 -44.84 -25.63
C ASP A 325 -31.02 -43.57 -26.11
N ILE A 326 -31.36 -43.55 -27.40
CA ILE A 326 -32.04 -42.43 -28.02
C ILE A 326 -33.49 -42.82 -28.24
N ILE A 327 -34.38 -42.25 -27.43
CA ILE A 327 -35.81 -42.57 -27.50
C ILE A 327 -36.38 -41.93 -28.76
N GLY A 328 -36.52 -42.72 -29.80
CA GLY A 328 -37.04 -42.25 -31.07
C GLY A 328 -35.94 -42.23 -32.12
N ASP A 329 -36.26 -41.59 -33.24
CA ASP A 329 -35.34 -41.55 -34.37
C ASP A 329 -34.08 -40.77 -34.01
N ILE A 330 -32.94 -41.22 -34.53
CA ILE A 330 -31.68 -40.52 -34.37
C ILE A 330 -31.50 -39.65 -35.60
N ARG A 331 -31.46 -38.34 -35.38
CA ARG A 331 -31.37 -37.39 -36.48
C ARG A 331 -30.20 -36.46 -36.27
N GLN A 332 -29.76 -35.85 -37.36
CA GLN A 332 -28.61 -34.96 -37.33
C GLN A 332 -28.96 -33.68 -36.60
N ALA A 333 -28.04 -33.22 -35.73
CA ALA A 333 -28.23 -32.01 -34.96
C ALA A 333 -27.90 -30.78 -35.81
N HIS A 334 -28.78 -30.53 -36.76
CA HIS A 334 -28.60 -29.43 -37.70
C HIS A 334 -28.85 -28.10 -37.00
N CYS A 335 -28.37 -27.03 -37.63
CA CYS A 335 -28.57 -25.68 -37.12
C CYS A 335 -28.97 -24.72 -38.24
N ASN A 336 -29.96 -23.87 -38.01
CA ASN A 336 -30.50 -23.01 -39.05
C ASN A 336 -30.18 -21.55 -38.81
N VAL A 337 -29.63 -20.89 -39.81
CA VAL A 337 -29.33 -19.48 -39.77
C VAL A 337 -30.22 -18.79 -40.79
N SER A 338 -30.82 -17.66 -40.39
CA SER A 338 -31.74 -16.94 -41.28
C SER A 338 -31.02 -16.55 -42.57
N LYS A 339 -31.60 -16.93 -43.72
CA LYS A 339 -30.87 -16.81 -44.99
C LYS A 339 -30.81 -15.38 -45.50
N ALA A 340 -31.94 -14.68 -45.54
CA ALA A 340 -31.98 -13.32 -46.09
C ALA A 340 -31.17 -12.37 -45.23
N THR A 341 -31.26 -12.52 -43.91
CA THR A 341 -30.50 -11.68 -42.99
C THR A 341 -29.00 -11.93 -43.15
N TRP A 342 -28.60 -13.20 -43.30
CA TRP A 342 -27.20 -13.55 -43.51
C TRP A 342 -26.66 -12.98 -44.82
N ASN A 343 -27.44 -13.05 -45.91
CA ASN A 343 -26.99 -12.48 -47.18
C ASN A 343 -26.86 -10.96 -47.08
N GLU A 344 -27.90 -10.28 -46.55
CA GLU A 344 -27.84 -8.83 -46.33
C GLU A 344 -26.62 -8.45 -45.50
N THR A 345 -26.31 -9.24 -44.47
CA THR A 345 -25.18 -9.00 -43.60
C THR A 345 -23.86 -9.15 -44.36
N LEU A 346 -23.74 -10.18 -45.20
CA LEU A 346 -22.55 -10.35 -46.02
C LEU A 346 -22.41 -9.21 -47.03
N GLY A 347 -23.53 -8.70 -47.54
CA GLY A 347 -23.49 -7.54 -48.41
C GLY A 347 -22.92 -6.33 -47.69
N LYS A 348 -23.32 -6.14 -46.42
CA LYS A 348 -22.77 -5.05 -45.62
C LYS A 348 -21.28 -5.26 -45.37
N VAL A 349 -20.88 -6.50 -45.08
CA VAL A 349 -19.48 -6.82 -44.84
C VAL A 349 -18.63 -6.54 -46.07
N VAL A 350 -19.12 -6.91 -47.26
CA VAL A 350 -18.41 -6.65 -48.50
C VAL A 350 -18.31 -5.15 -48.75
N LYS A 351 -19.41 -4.42 -48.54
CA LYS A 351 -19.42 -2.96 -48.70
C LYS A 351 -18.39 -2.29 -47.80
N GLN A 352 -18.21 -2.81 -46.57
CA GLN A 352 -17.21 -2.24 -45.68
C GLN A 352 -15.79 -2.65 -46.06
N LEU A 353 -15.60 -3.89 -46.53
CA LEU A 353 -14.27 -4.34 -46.96
C LEU A 353 -13.77 -3.57 -48.18
N ARG A 354 -14.68 -3.17 -49.06
CA ARG A 354 -14.30 -2.39 -50.25
C ARG A 354 -13.65 -1.06 -49.89
N LYS A 355 -13.94 -0.51 -48.71
CA LYS A 355 -13.28 0.73 -48.31
C LYS A 355 -11.81 0.51 -47.96
N HIS A 356 -11.41 -0.74 -47.70
CA HIS A 356 -10.03 -1.07 -47.38
C HIS A 356 -9.29 -1.70 -48.55
N PHE A 357 -9.99 -2.39 -49.45
CA PHE A 357 -9.35 -3.07 -50.57
C PHE A 357 -9.65 -2.47 -51.93
N GLY A 358 -10.59 -1.55 -52.03
CA GLY A 358 -10.95 -0.89 -53.27
C GLY A 358 -12.37 -1.24 -53.70
N ASN A 359 -12.94 -0.35 -54.50
CA ASN A 359 -14.30 -0.50 -55.00
C ASN A 359 -14.33 -1.18 -56.38
N ASN A 360 -13.18 -1.69 -56.83
CA ASN A 360 -13.10 -2.44 -58.08
C ASN A 360 -12.56 -3.85 -57.84
N THR A 361 -12.62 -4.32 -56.60
CA THR A 361 -12.08 -5.62 -56.22
C THR A 361 -13.23 -6.58 -55.96
N ILE A 362 -13.13 -7.77 -56.53
CA ILE A 362 -14.12 -8.83 -56.31
C ILE A 362 -13.86 -9.47 -54.96
N ILE A 363 -14.90 -9.59 -54.14
CA ILE A 363 -14.75 -10.17 -52.81
C ILE A 363 -15.33 -11.58 -52.83
N ARG A 364 -14.51 -12.55 -52.47
CA ARG A 364 -14.93 -13.95 -52.48
C ARG A 364 -14.93 -14.48 -51.07
N PHE A 365 -15.90 -15.33 -50.77
CA PHE A 365 -15.93 -16.06 -49.52
C PHE A 365 -15.87 -17.55 -49.86
N ALA A 366 -15.06 -18.25 -49.07
CA ALA A 366 -14.81 -19.67 -49.21
C ALA A 366 -14.65 -20.22 -47.80
N ASN A 367 -14.74 -21.53 -47.67
CA ASN A 367 -14.69 -22.13 -46.34
C ASN A 367 -13.24 -22.33 -45.91
N SER A 368 -13.08 -22.73 -44.64
CA SER A 368 -11.76 -22.88 -44.02
C SER A 368 -10.86 -23.81 -44.84
N SER A 369 -9.59 -23.42 -44.94
CA SER A 369 -8.64 -24.18 -45.73
C SER A 369 -8.16 -25.46 -45.06
N GLY A 370 -8.43 -25.65 -43.77
CA GLY A 370 -7.98 -26.85 -43.09
C GLY A 370 -7.51 -26.60 -41.67
N GLY A 371 -7.26 -27.67 -40.93
CA GLY A 371 -6.87 -27.57 -39.55
C GLY A 371 -7.70 -28.46 -38.68
N ASP A 372 -7.57 -28.26 -37.37
CA ASP A 372 -8.32 -29.04 -36.37
C ASP A 372 -9.80 -28.75 -36.49
N LEU A 373 -10.61 -29.70 -35.98
CA LEU A 373 -12.07 -29.57 -36.00
C LEU A 373 -12.54 -28.29 -35.32
N GLU A 374 -11.83 -27.87 -34.27
CA GLU A 374 -12.16 -26.63 -33.55
C GLU A 374 -12.07 -25.38 -34.41
N VAL A 375 -11.30 -25.39 -35.49
CA VAL A 375 -11.13 -24.21 -36.33
C VAL A 375 -11.70 -24.39 -37.74
N THR A 376 -11.93 -25.62 -38.21
CA THR A 376 -12.56 -25.81 -39.50
C THR A 376 -14.06 -25.80 -39.42
N THR A 377 -14.62 -26.02 -38.24
CA THR A 377 -16.04 -25.92 -37.99
C THR A 377 -16.28 -24.90 -36.89
N HIS A 378 -17.53 -24.46 -36.78
CA HIS A 378 -17.91 -23.49 -35.76
C HIS A 378 -18.22 -24.23 -34.47
N SER A 379 -17.31 -24.10 -33.51
CA SER A 379 -17.45 -24.78 -32.23
C SER A 379 -18.20 -23.86 -31.28
N PHE A 380 -19.04 -24.45 -30.44
CA PHE A 380 -19.74 -23.71 -29.38
C PHE A 380 -20.38 -24.66 -28.39
N ASN A 381 -20.72 -24.11 -27.24
CA ASN A 381 -21.37 -24.85 -26.17
C ASN A 381 -22.85 -24.48 -26.15
N CYS A 382 -23.71 -25.43 -26.53
CA CYS A 382 -25.15 -25.25 -26.64
C CYS A 382 -25.81 -26.21 -25.65
N GLY A 383 -26.33 -25.66 -24.55
CA GLY A 383 -27.07 -26.45 -23.58
C GLY A 383 -26.24 -27.43 -22.78
N GLY A 384 -24.92 -27.31 -22.83
CA GLY A 384 -24.02 -28.27 -22.24
C GLY A 384 -23.39 -29.23 -23.23
N GLU A 385 -23.90 -29.30 -24.46
CA GLU A 385 -23.25 -30.10 -25.49
C GLU A 385 -22.32 -29.23 -26.31
N PHE A 386 -21.27 -29.85 -26.83
CA PHE A 386 -20.26 -29.15 -27.62
C PHE A 386 -20.49 -29.47 -29.09
N PHE A 387 -20.96 -28.47 -29.82
CA PHE A 387 -21.32 -28.55 -31.23
C PHE A 387 -20.17 -28.05 -32.09
N TYR A 388 -20.00 -28.70 -33.24
CA TYR A 388 -19.02 -28.33 -34.26
C TYR A 388 -19.79 -28.31 -35.58
N CYS A 389 -20.30 -27.13 -35.94
CA CYS A 389 -21.18 -26.98 -37.10
C CYS A 389 -20.41 -26.65 -38.38
N ASN A 390 -20.83 -27.27 -39.49
CA ASN A 390 -20.17 -27.13 -40.78
C ASN A 390 -20.66 -25.86 -41.50
N THR A 391 -19.95 -24.75 -41.28
CA THR A 391 -20.26 -23.45 -41.87
C THR A 391 -19.75 -23.29 -43.30
N SER A 392 -19.56 -24.37 -44.05
CA SER A 392 -19.17 -24.25 -45.44
C SER A 392 -20.35 -24.03 -46.37
N GLY A 393 -21.53 -23.76 -45.80
CA GLY A 393 -22.70 -23.38 -46.54
C GLY A 393 -22.95 -21.88 -46.42
N LEU A 394 -22.14 -21.20 -45.60
CA LEU A 394 -22.30 -19.77 -45.37
C LEU A 394 -21.21 -18.93 -46.00
N PHE A 395 -20.01 -19.48 -46.14
CA PHE A 395 -18.91 -18.80 -46.78
C PHE A 395 -18.73 -19.42 -48.16
N ASN A 396 -19.68 -19.15 -49.03
CA ASN A 396 -19.61 -19.64 -50.40
C ASN A 396 -20.24 -18.56 -51.28
N SER A 397 -19.42 -17.61 -51.74
CA SER A 397 -20.01 -16.53 -52.53
C SER A 397 -18.92 -15.80 -53.30
N THR A 398 -19.36 -15.15 -54.38
CA THR A 398 -18.54 -14.22 -55.15
C THR A 398 -19.34 -12.93 -55.30
N TRP A 399 -18.75 -11.82 -54.85
CA TRP A 399 -19.38 -10.51 -54.91
C TRP A 399 -18.63 -9.65 -55.92
N ILE A 400 -19.35 -9.23 -56.96
CA ILE A 400 -18.81 -8.45 -58.06
C ILE A 400 -19.20 -6.99 -57.83
N SER A 401 -18.23 -6.09 -57.99
CA SER A 401 -18.49 -4.66 -57.83
C SER A 401 -19.38 -4.12 -58.93
N ASP A 415 -36.56 -18.33 -46.59
CA ASP A 415 -35.82 -19.58 -46.41
C ASP A 415 -34.76 -19.46 -45.32
N SER A 416 -34.07 -20.57 -45.05
CA SER A 416 -33.02 -20.60 -44.05
C SER A 416 -31.91 -21.51 -44.56
N ILE A 417 -30.70 -21.29 -44.05
CA ILE A 417 -29.56 -22.12 -44.39
C ILE A 417 -29.32 -23.10 -43.26
N THR A 418 -29.36 -24.39 -43.61
CA THR A 418 -29.20 -25.48 -42.65
C THR A 418 -27.76 -25.98 -42.68
N LEU A 419 -27.10 -25.93 -41.53
CA LEU A 419 -25.73 -26.36 -41.36
C LEU A 419 -25.71 -27.69 -40.63
N PRO A 420 -25.11 -28.74 -41.17
CA PRO A 420 -24.92 -29.94 -40.37
C PRO A 420 -23.89 -29.70 -39.28
N CYS A 421 -24.03 -30.45 -38.19
CA CYS A 421 -23.12 -30.30 -37.06
C CYS A 421 -22.79 -31.67 -36.50
N ARG A 422 -21.72 -31.70 -35.71
CA ARG A 422 -21.30 -32.89 -34.98
C ARG A 422 -21.21 -32.52 -33.50
N ILE A 423 -21.38 -33.51 -32.64
CA ILE A 423 -21.32 -33.29 -31.20
C ILE A 423 -20.14 -34.07 -30.67
N LYS A 424 -19.35 -33.46 -29.79
CA LYS A 424 -18.22 -34.14 -29.21
C LYS A 424 -18.33 -34.15 -27.70
N GLN A 425 -18.07 -35.32 -27.11
CA GLN A 425 -18.06 -35.48 -25.66
C GLN A 425 -16.67 -35.42 -25.05
N ILE A 426 -15.63 -35.72 -25.80
CA ILE A 426 -14.26 -35.65 -25.31
C ILE A 426 -13.69 -34.35 -25.87
N ILE A 427 -13.57 -33.33 -25.04
CA ILE A 427 -13.15 -32.00 -25.49
C ILE A 427 -11.84 -31.62 -24.83
N ASN A 428 -10.87 -31.20 -25.64
CA ASN A 428 -9.61 -30.67 -25.16
C ASN A 428 -9.65 -29.17 -25.40
N MET A 429 -10.08 -28.42 -24.38
CA MET A 429 -10.32 -26.99 -24.53
C MET A 429 -9.01 -26.22 -24.53
N TRP A 430 -9.05 -25.03 -25.16
CA TRP A 430 -7.99 -24.04 -25.21
C TRP A 430 -6.75 -24.53 -25.94
N GLN A 431 -6.92 -25.56 -26.77
CA GLN A 431 -5.87 -26.17 -27.59
C GLN A 431 -4.68 -26.63 -26.77
N ARG A 432 -4.93 -27.09 -25.54
CA ARG A 432 -3.90 -27.64 -24.68
C ARG A 432 -3.75 -29.14 -24.90
N ILE A 433 -2.60 -29.65 -24.48
CA ILE A 433 -2.31 -31.08 -24.50
C ILE A 433 -2.09 -31.53 -23.06
N GLY A 434 -2.75 -32.61 -22.67
CA GLY A 434 -2.59 -33.20 -21.35
C GLY A 434 -3.78 -33.03 -20.42
N GLN A 435 -4.76 -32.19 -20.76
CA GLN A 435 -5.93 -31.96 -19.91
C GLN A 435 -7.21 -32.04 -20.73
N ALA A 436 -7.82 -33.23 -20.78
CA ALA A 436 -9.07 -33.42 -21.51
C ALA A 436 -10.24 -33.43 -20.55
N MET A 437 -11.41 -33.04 -21.06
CA MET A 437 -12.62 -33.03 -20.24
C MET A 437 -13.71 -33.82 -20.94
N TYR A 438 -14.50 -34.56 -20.15
CA TYR A 438 -15.63 -35.31 -20.65
C TYR A 438 -16.92 -34.57 -20.34
N ALA A 439 -17.63 -34.14 -21.36
CA ALA A 439 -18.92 -33.48 -21.19
C ALA A 439 -19.98 -34.53 -20.94
N PRO A 440 -20.60 -34.56 -19.77
CA PRO A 440 -21.68 -35.54 -19.51
C PRO A 440 -22.88 -35.24 -20.38
N PRO A 441 -23.55 -36.28 -20.89
CA PRO A 441 -24.69 -36.06 -21.80
C PRO A 441 -25.87 -35.41 -21.09
N ILE A 442 -26.57 -34.56 -21.83
CA ILE A 442 -27.76 -33.86 -21.33
C ILE A 442 -28.98 -34.58 -21.86
N GLN A 443 -29.90 -34.91 -20.95
CA GLN A 443 -31.13 -35.60 -21.33
C GLN A 443 -32.12 -34.61 -21.94
N GLY A 444 -32.96 -35.12 -22.82
CA GLY A 444 -33.92 -34.28 -23.52
C GLY A 444 -33.31 -33.64 -24.75
N VAL A 445 -34.19 -33.06 -25.58
CA VAL A 445 -33.76 -32.32 -26.76
C VAL A 445 -33.15 -31.00 -26.28
N ILE A 446 -32.41 -30.32 -27.16
CA ILE A 446 -31.68 -29.10 -26.77
C ILE A 446 -31.95 -28.02 -27.80
N ARG A 447 -32.48 -26.89 -27.34
CA ARG A 447 -32.67 -25.70 -28.16
C ARG A 447 -31.71 -24.60 -27.74
N CYS A 448 -31.10 -23.94 -28.73
CA CYS A 448 -30.37 -22.69 -28.52
C CYS A 448 -30.79 -21.73 -29.61
N VAL A 449 -31.17 -20.53 -29.22
CA VAL A 449 -31.47 -19.44 -30.13
C VAL A 449 -30.55 -18.30 -29.75
N SER A 450 -29.73 -17.85 -30.71
CA SER A 450 -28.71 -16.87 -30.37
C SER A 450 -28.50 -15.92 -31.54
N ASN A 451 -27.73 -14.88 -31.27
CA ASN A 451 -27.46 -13.81 -32.22
C ASN A 451 -26.01 -13.86 -32.67
N ILE A 452 -25.79 -14.01 -33.97
CA ILE A 452 -24.44 -13.89 -34.53
C ILE A 452 -24.13 -12.41 -34.58
N THR A 453 -23.06 -12.00 -33.91
CA THR A 453 -22.68 -10.61 -33.78
C THR A 453 -21.36 -10.27 -34.45
N GLY A 454 -20.71 -11.22 -35.09
CA GLY A 454 -19.45 -10.93 -35.74
C GLY A 454 -18.79 -12.17 -36.27
N LEU A 455 -17.73 -11.93 -37.04
CA LEU A 455 -16.96 -12.96 -37.72
C LEU A 455 -15.49 -12.77 -37.45
N ILE A 456 -14.74 -13.87 -37.53
CA ILE A 456 -13.29 -13.82 -37.59
C ILE A 456 -12.88 -14.32 -38.97
N LEU A 457 -12.34 -13.43 -39.78
CA LEU A 457 -11.96 -13.74 -41.15
C LEU A 457 -10.46 -13.62 -41.31
N THR A 458 -9.92 -14.38 -42.25
CA THR A 458 -8.56 -14.24 -42.72
C THR A 458 -8.59 -14.05 -44.23
N ARG A 459 -7.51 -13.49 -44.75
CA ARG A 459 -7.41 -13.18 -46.17
C ARG A 459 -6.36 -14.09 -46.78
N ASP A 460 -6.73 -14.76 -47.87
CA ASP A 460 -5.78 -15.63 -48.55
C ASP A 460 -4.69 -14.81 -49.21
N GLY A 461 -3.44 -15.20 -48.98
CA GLY A 461 -2.31 -14.49 -49.52
C GLY A 461 -1.81 -15.08 -50.83
N GLY A 462 -0.74 -14.48 -51.33
CA GLY A 462 -0.07 -14.99 -52.52
C GLY A 462 -0.87 -14.87 -53.79
N SER A 463 -1.78 -13.89 -53.87
CA SER A 463 -2.69 -13.76 -55.00
C SER A 463 -1.94 -13.47 -56.30
N THR A 464 -2.40 -14.10 -57.37
CA THR A 464 -1.93 -13.82 -58.72
C THR A 464 -2.96 -13.06 -59.55
N ASN A 465 -4.24 -13.14 -59.20
CA ASN A 465 -5.29 -12.38 -59.84
C ASN A 465 -5.47 -11.15 -58.95
N SER A 466 -4.92 -10.01 -59.40
CA SER A 466 -4.82 -8.82 -58.56
C SER A 466 -6.14 -8.10 -58.30
N THR A 467 -7.22 -8.44 -58.98
CA THR A 467 -8.47 -7.70 -58.82
C THR A 467 -9.47 -8.44 -57.96
N THR A 468 -9.06 -9.50 -57.27
CA THR A 468 -9.97 -10.25 -56.41
C THR A 468 -9.27 -10.66 -55.13
N GLU A 469 -10.06 -10.73 -54.06
CA GLU A 469 -9.62 -11.15 -52.74
C GLU A 469 -10.54 -12.24 -52.21
N THR A 470 -9.95 -13.26 -51.60
CA THR A 470 -10.70 -14.38 -51.03
C THR A 470 -10.57 -14.34 -49.52
N PHE A 471 -11.72 -14.34 -48.83
CA PHE A 471 -11.76 -14.33 -47.38
C PHE A 471 -12.32 -15.65 -46.88
N ARG A 472 -11.67 -16.20 -45.86
CA ARG A 472 -12.10 -17.46 -45.28
C ARG A 472 -12.25 -17.28 -43.79
N PRO A 473 -13.15 -18.00 -43.14
CA PRO A 473 -13.25 -17.91 -41.68
C PRO A 473 -12.04 -18.54 -41.01
N GLY A 474 -11.74 -18.06 -39.82
CA GLY A 474 -10.60 -18.56 -39.05
C GLY A 474 -10.87 -18.50 -37.58
N GLY A 475 -9.87 -18.09 -36.82
CA GLY A 475 -9.99 -18.05 -35.39
C GLY A 475 -9.37 -19.28 -34.74
N GLY A 476 -9.84 -19.57 -33.54
CA GLY A 476 -9.31 -20.63 -32.72
C GLY A 476 -8.47 -20.13 -31.57
N ASP A 477 -7.95 -18.92 -31.68
CA ASP A 477 -7.24 -18.25 -30.60
C ASP A 477 -8.29 -17.42 -29.87
N MET A 478 -8.72 -17.89 -28.70
CA MET A 478 -9.88 -17.35 -28.02
C MET A 478 -9.72 -15.89 -27.60
N ARG A 479 -8.48 -15.40 -27.51
CA ARG A 479 -8.26 -13.99 -27.16
C ARG A 479 -8.86 -13.07 -28.20
N ASP A 480 -8.87 -13.50 -29.47
CA ASP A 480 -9.45 -12.72 -30.55
C ASP A 480 -10.96 -12.66 -30.45
N ASN A 481 -11.58 -13.49 -29.61
CA ASN A 481 -13.00 -13.33 -29.34
C ASN A 481 -13.20 -12.17 -28.37
N TRP A 482 -12.37 -12.11 -27.33
CA TRP A 482 -12.54 -11.12 -26.28
C TRP A 482 -12.07 -9.74 -26.72
N ARG A 483 -11.20 -9.67 -27.72
CA ARG A 483 -10.87 -8.40 -28.35
C ARG A 483 -12.08 -7.76 -29.00
N SER A 484 -13.10 -8.55 -29.36
CA SER A 484 -14.31 -7.97 -29.90
C SER A 484 -15.14 -7.28 -28.82
N GLU A 485 -14.84 -7.53 -27.55
CA GLU A 485 -15.56 -6.90 -26.44
C GLU A 485 -14.74 -5.88 -25.69
N LEU A 486 -13.43 -6.08 -25.57
CA LEU A 486 -12.55 -5.19 -24.83
C LEU A 486 -11.89 -4.13 -25.70
N TYR A 487 -12.28 -4.02 -26.97
CA TYR A 487 -11.67 -3.03 -27.86
C TYR A 487 -11.95 -1.60 -27.43
N LYS A 488 -13.02 -1.34 -26.68
CA LYS A 488 -13.34 0.02 -26.28
C LYS A 488 -12.68 0.45 -24.99
N TYR A 489 -12.03 -0.44 -24.26
CA TYR A 489 -11.58 -0.15 -22.91
C TYR A 489 -10.07 -0.20 -22.81
N LYS A 490 -9.51 0.78 -22.09
CA LYS A 490 -8.10 0.81 -21.77
C LYS A 490 -7.99 1.06 -20.28
N VAL A 491 -6.95 0.51 -19.64
CA VAL A 491 -6.74 0.72 -18.22
C VAL A 491 -5.51 1.62 -18.05
N VAL A 492 -5.66 2.67 -17.23
CA VAL A 492 -4.61 3.65 -17.02
C VAL A 492 -4.36 3.83 -15.53
N LYS A 493 -3.13 4.23 -15.21
CA LYS A 493 -2.70 4.52 -13.85
C LYS A 493 -2.80 6.02 -13.61
N ILE A 494 -3.40 6.39 -12.49
CA ILE A 494 -3.57 7.79 -12.11
C ILE A 494 -2.32 8.24 -11.36
N GLU A 495 -1.82 9.42 -11.72
CA GLU A 495 -0.66 10.03 -11.08
C GLU A 495 -1.10 11.37 -10.53
N PRO A 496 -1.73 11.38 -9.36
CA PRO A 496 -2.37 12.60 -8.86
C PRO A 496 -1.41 13.70 -8.43
N LEU A 497 -0.12 13.42 -8.34
CA LEU A 497 0.86 14.38 -7.84
C LEU A 497 1.57 15.07 -9.00
N GLY A 498 1.67 16.39 -8.94
CA GLY A 498 2.36 17.14 -9.97
C GLY A 498 2.76 18.50 -9.45
N VAL A 499 3.49 19.25 -10.29
CA VAL A 499 3.99 20.57 -9.93
C VAL A 499 3.62 21.53 -11.05
N ALA A 500 3.57 22.82 -10.72
CA ALA A 500 3.30 23.85 -11.72
C ALA A 500 3.76 25.19 -11.17
N PRO A 501 4.13 26.15 -12.03
CA PRO A 501 4.48 27.48 -11.53
C PRO A 501 3.25 28.27 -11.11
N THR A 502 3.38 28.98 -10.00
CA THR A 502 2.40 29.96 -9.54
C THR A 502 3.16 31.15 -8.97
N ARG A 503 2.42 32.18 -8.60
CA ARG A 503 3.00 33.36 -7.99
C ARG A 503 3.13 33.28 -6.48
N CYS A 504 2.71 32.18 -5.87
CA CYS A 504 2.73 32.08 -4.41
C CYS A 504 4.08 31.58 -3.93
N LYS A 505 4.44 32.02 -2.73
CA LYS A 505 5.71 31.68 -2.11
C LYS A 505 5.46 31.33 -0.65
N ARG A 506 5.96 30.18 -0.23
CA ARG A 506 5.78 29.71 1.14
C ARG A 506 6.42 30.64 2.17
N LEU B 9 -17.40 17.57 -13.47
CA LEU B 9 -18.17 16.35 -13.25
C LEU B 9 -17.48 15.50 -12.18
N GLY B 10 -17.69 14.19 -12.25
CA GLY B 10 -17.14 13.27 -11.25
C GLY B 10 -15.67 13.00 -11.42
N PHE B 11 -15.26 11.75 -11.17
CA PHE B 11 -13.86 11.33 -11.18
C PHE B 11 -13.24 11.58 -12.55
N LEU B 12 -12.13 12.34 -12.56
CA LEU B 12 -11.36 12.74 -13.74
C LEU B 12 -12.15 13.59 -14.72
N GLY B 13 -13.33 14.09 -14.33
CA GLY B 13 -14.16 14.87 -15.23
C GLY B 13 -13.51 16.14 -15.73
N ALA B 14 -12.64 16.75 -14.93
CA ALA B 14 -11.96 17.97 -15.29
C ALA B 14 -10.72 17.76 -16.15
N ALA B 15 -10.44 16.51 -16.58
CA ALA B 15 -9.23 16.20 -17.35
C ALA B 15 -9.11 17.02 -18.63
N GLY B 16 -10.24 17.33 -19.27
CA GLY B 16 -10.19 18.17 -20.45
C GLY B 16 -10.33 19.64 -20.17
N SER B 17 -10.49 20.01 -18.91
CA SER B 17 -10.61 21.41 -18.54
C SER B 17 -9.21 22.00 -18.34
N THR B 18 -9.15 23.31 -18.20
CA THR B 18 -7.87 23.97 -18.04
C THR B 18 -7.30 23.69 -16.65
N MET B 19 -5.99 23.90 -16.51
CA MET B 19 -5.31 23.63 -15.24
C MET B 19 -5.87 24.47 -14.11
N GLY B 20 -6.20 25.73 -14.38
CA GLY B 20 -6.77 26.59 -13.37
C GLY B 20 -8.21 26.29 -13.05
N ALA B 21 -8.86 25.44 -13.85
CA ALA B 21 -10.20 24.93 -13.62
C ALA B 21 -10.18 23.52 -13.03
N ALA B 22 -9.27 22.67 -13.51
CA ALA B 22 -9.12 21.33 -12.94
C ALA B 22 -8.57 21.39 -11.52
N SER B 23 -7.74 22.39 -11.21
CA SER B 23 -7.21 22.54 -9.85
C SER B 23 -8.25 22.91 -8.81
N MET B 24 -9.45 23.32 -9.24
CA MET B 24 -10.53 23.62 -8.30
C MET B 24 -11.20 22.37 -7.75
N THR B 25 -10.99 21.21 -8.39
CA THR B 25 -11.67 19.96 -8.06
C THR B 25 -10.64 18.85 -7.80
N LEU B 26 -9.71 19.12 -6.88
CA LEU B 26 -8.66 18.16 -6.60
C LEU B 26 -9.12 17.05 -5.65
N THR B 27 -10.12 17.32 -4.81
CA THR B 27 -10.59 16.30 -3.88
C THR B 27 -11.31 15.15 -4.56
N VAL B 28 -11.87 15.40 -5.75
CA VAL B 28 -12.62 14.38 -6.48
C VAL B 28 -11.69 13.24 -6.91
N GLN B 29 -10.49 13.59 -7.38
CA GLN B 29 -9.53 12.55 -7.73
C GLN B 29 -8.86 11.98 -6.49
N ALA B 30 -8.61 12.83 -5.49
CA ALA B 30 -7.95 12.38 -4.26
C ALA B 30 -8.76 11.34 -3.51
N ARG B 31 -10.10 11.47 -3.51
CA ARG B 31 -10.93 10.50 -2.80
C ARG B 31 -11.01 9.14 -3.48
N ASN B 32 -10.54 9.03 -4.72
CA ASN B 32 -10.61 7.80 -5.48
C ASN B 32 -9.27 7.06 -5.55
N LEU B 33 -8.31 7.45 -4.73
CA LEU B 33 -7.04 6.74 -4.64
C LEU B 33 -7.07 5.61 -3.63
N LEU B 34 -8.17 5.45 -2.90
CA LEU B 34 -8.32 4.37 -1.94
C LEU B 34 -9.70 3.72 -2.07
N THR B 58 -6.87 -19.71 -5.04
CA THR B 58 -7.85 -18.71 -5.42
C THR B 58 -7.36 -17.88 -6.60
N VAL B 59 -8.29 -17.50 -7.48
CA VAL B 59 -7.92 -16.72 -8.66
C VAL B 59 -7.86 -15.24 -8.31
N TRP B 60 -8.88 -14.74 -7.62
CA TRP B 60 -8.93 -13.32 -7.32
C TRP B 60 -8.62 -12.98 -5.88
N GLY B 61 -8.53 -13.96 -4.97
CA GLY B 61 -8.17 -13.67 -3.59
C GLY B 61 -6.81 -13.01 -3.48
N ILE B 62 -5.81 -13.67 -4.04
CA ILE B 62 -4.45 -13.15 -3.99
C ILE B 62 -4.30 -11.96 -4.93
N LYS B 63 -4.98 -11.97 -6.09
CA LYS B 63 -4.92 -10.82 -6.99
C LYS B 63 -5.57 -9.57 -6.40
N GLN B 64 -6.74 -9.72 -5.74
CA GLN B 64 -7.35 -8.57 -5.07
C GLN B 64 -6.46 -8.07 -3.95
N LEU B 65 -5.84 -9.01 -3.22
CA LEU B 65 -4.96 -8.61 -2.13
C LEU B 65 -3.72 -7.88 -2.64
N GLN B 66 -3.13 -8.34 -3.74
CA GLN B 66 -1.99 -7.64 -4.34
C GLN B 66 -2.40 -6.27 -4.85
N ALA B 67 -3.57 -6.16 -5.48
CA ALA B 67 -4.04 -4.86 -5.97
C ALA B 67 -4.28 -3.88 -4.82
N ARG B 68 -4.85 -4.37 -3.72
CA ARG B 68 -5.10 -3.51 -2.56
C ARG B 68 -3.81 -3.06 -1.90
N VAL B 69 -2.84 -3.98 -1.76
CA VAL B 69 -1.54 -3.62 -1.20
C VAL B 69 -0.81 -2.64 -2.12
N LEU B 70 -0.95 -2.82 -3.44
CA LEU B 70 -0.34 -1.91 -4.41
C LEU B 70 -0.94 -0.52 -4.30
N ALA B 71 -2.27 -0.42 -4.20
CA ALA B 71 -2.93 0.88 -4.06
C ALA B 71 -2.52 1.57 -2.77
N VAL B 72 -2.43 0.81 -1.67
CA VAL B 72 -2.01 1.37 -0.39
C VAL B 72 -0.56 1.86 -0.47
N GLU B 73 0.31 1.05 -1.08
CA GLU B 73 1.72 1.41 -1.22
C GLU B 73 1.90 2.66 -2.06
N ARG B 74 1.17 2.78 -3.17
CA ARG B 74 1.30 3.96 -4.02
C ARG B 74 0.79 5.21 -3.32
N TYR B 75 -0.36 5.11 -2.64
CA TYR B 75 -0.89 6.24 -1.87
C TYR B 75 0.09 6.67 -0.79
N LEU B 76 0.64 5.72 -0.03
CA LEU B 76 1.55 6.07 1.05
C LEU B 76 2.87 6.63 0.52
N ARG B 77 3.36 6.13 -0.62
CA ARG B 77 4.56 6.71 -1.22
C ARG B 77 4.31 8.16 -1.63
N ASP B 78 3.12 8.45 -2.19
CA ASP B 78 2.80 9.83 -2.54
C ASP B 78 2.68 10.70 -1.29
N GLN B 79 2.09 10.16 -0.22
CA GLN B 79 1.92 10.94 1.01
C GLN B 79 3.26 11.19 1.69
N GLN B 80 4.16 10.20 1.69
CA GLN B 80 5.50 10.40 2.23
C GLN B 80 6.28 11.41 1.40
N LEU B 81 6.11 11.36 0.08
CA LEU B 81 6.80 12.28 -0.80
C LEU B 81 6.32 13.71 -0.56
N LEU B 82 5.01 13.88 -0.33
CA LEU B 82 4.49 15.18 0.08
C LEU B 82 5.02 15.58 1.45
N GLY B 83 5.14 14.60 2.36
CA GLY B 83 5.63 14.88 3.70
C GLY B 83 7.05 15.43 3.74
N ILE B 84 7.97 14.79 3.01
CA ILE B 84 9.36 15.23 3.00
C ILE B 84 9.51 16.61 2.34
N TRP B 85 8.54 17.05 1.55
CA TRP B 85 8.51 18.38 0.98
C TRP B 85 7.87 19.41 1.90
N GLY B 86 7.33 19.00 3.04
CA GLY B 86 6.63 19.92 3.91
C GLY B 86 5.22 20.26 3.46
N CYS B 87 4.60 19.41 2.65
CA CYS B 87 3.27 19.65 2.12
C CYS B 87 2.23 18.66 2.65
N SER B 88 2.52 18.00 3.77
CA SER B 88 1.60 17.02 4.34
C SER B 88 0.28 17.66 4.76
N GLY B 89 -0.82 17.01 4.38
CA GLY B 89 -2.14 17.47 4.76
C GLY B 89 -2.72 18.54 3.86
N LYS B 90 -2.01 18.93 2.80
CA LYS B 90 -2.50 19.94 1.87
C LYS B 90 -2.53 19.37 0.45
N LEU B 91 -3.48 19.86 -0.34
CA LEU B 91 -3.60 19.52 -1.73
C LEU B 91 -3.01 20.58 -2.65
N ILE B 92 -3.08 21.84 -2.27
CA ILE B 92 -2.45 22.93 -2.99
C ILE B 92 -1.39 23.48 -2.04
N CYS B 93 -0.12 23.16 -2.29
CA CYS B 93 0.96 23.49 -1.39
C CYS B 93 1.95 24.39 -2.10
N CYS B 94 2.12 25.59 -1.58
CA CYS B 94 3.13 26.50 -2.11
C CYS B 94 4.48 26.17 -1.51
N THR B 95 5.53 26.33 -2.30
CA THR B 95 6.88 25.98 -1.88
C THR B 95 7.80 27.18 -2.08
N ASN B 96 9.06 27.01 -1.71
CA ASN B 96 10.07 28.06 -1.78
C ASN B 96 11.12 27.79 -2.84
N VAL B 97 10.77 27.01 -3.85
CA VAL B 97 11.67 26.68 -4.95
C VAL B 97 11.31 27.57 -6.14
N PRO B 98 12.21 28.42 -6.63
CA PRO B 98 11.87 29.28 -7.76
C PRO B 98 11.74 28.47 -9.04
N TRP B 99 10.92 28.98 -9.95
CA TRP B 99 10.75 28.31 -11.23
C TRP B 99 11.88 28.68 -12.17
N ASN B 100 12.51 27.67 -12.76
CA ASN B 100 13.61 27.86 -13.68
C ASN B 100 13.03 27.92 -15.08
N SER B 101 13.34 29.00 -15.82
CA SER B 101 12.80 29.20 -17.16
C SER B 101 13.24 28.14 -18.17
N SER B 102 14.24 27.31 -17.84
CA SER B 102 14.65 26.22 -18.71
C SER B 102 13.67 25.06 -18.67
N TRP B 103 12.93 24.91 -17.57
CA TRP B 103 11.96 23.82 -17.47
C TRP B 103 10.76 24.09 -18.37
N SER B 104 10.27 25.34 -18.35
CA SER B 104 9.21 25.84 -19.22
C SER B 104 9.20 27.35 -19.12
N ASN B 105 9.22 28.04 -20.26
CA ASN B 105 9.26 29.50 -20.27
C ASN B 105 7.94 30.11 -20.73
N ARG B 106 6.85 29.35 -20.65
CA ARG B 106 5.53 29.88 -20.96
C ARG B 106 4.98 30.63 -19.76
N ASN B 107 4.21 31.68 -20.05
CA ASN B 107 3.68 32.53 -19.00
C ASN B 107 2.41 31.92 -18.42
N LEU B 108 1.86 32.57 -17.39
CA LEU B 108 0.72 32.03 -16.66
C LEU B 108 -0.56 32.00 -17.49
N SER B 109 -0.69 32.86 -18.49
CA SER B 109 -1.87 32.87 -19.34
C SER B 109 -1.87 31.74 -20.35
N GLU B 110 -0.73 31.07 -20.56
CA GLU B 110 -0.65 29.92 -21.44
C GLU B 110 -0.67 28.60 -20.69
N ILE B 111 -0.31 28.60 -19.42
CA ILE B 111 -0.26 27.38 -18.62
C ILE B 111 -1.60 27.12 -17.93
N TRP B 112 -2.14 28.13 -17.25
CA TRP B 112 -3.32 27.92 -16.43
C TRP B 112 -4.62 28.16 -17.17
N ASP B 113 -4.60 29.02 -18.19
CA ASP B 113 -5.81 29.33 -18.94
C ASP B 113 -5.94 28.58 -20.26
N ASN B 114 -4.83 28.18 -20.89
CA ASN B 114 -4.84 27.59 -22.22
C ASN B 114 -4.16 26.23 -22.27
N MET B 115 -4.15 25.49 -21.15
CA MET B 115 -3.52 24.18 -21.14
C MET B 115 -4.23 23.26 -20.16
N THR B 116 -4.11 21.96 -20.44
CA THR B 116 -4.66 20.90 -19.60
C THR B 116 -3.50 20.23 -18.87
N TRP B 117 -3.83 19.50 -17.80
CA TRP B 117 -2.82 18.89 -16.97
C TRP B 117 -2.01 17.82 -17.71
N LEU B 118 -2.66 17.04 -18.57
CA LEU B 118 -1.96 15.98 -19.32
C LEU B 118 -0.89 16.57 -20.25
N GLN B 119 -1.22 17.68 -20.91
CA GLN B 119 -0.27 18.37 -21.77
C GLN B 119 0.90 18.90 -20.93
N TRP B 120 0.59 19.43 -19.74
CA TRP B 120 1.63 19.94 -18.87
C TRP B 120 2.54 18.81 -18.40
N ASP B 121 1.98 17.64 -18.08
CA ASP B 121 2.77 16.51 -17.62
C ASP B 121 3.73 16.07 -18.71
N LYS B 122 3.26 16.06 -19.96
CA LYS B 122 4.16 15.77 -21.07
C LYS B 122 5.25 16.83 -21.19
N GLU B 123 4.88 18.11 -20.97
CA GLU B 123 5.83 19.21 -21.14
C GLU B 123 6.99 19.17 -20.14
N ILE B 124 6.71 18.87 -18.86
CA ILE B 124 7.73 18.95 -17.82
C ILE B 124 8.20 17.58 -17.32
N SER B 125 7.90 16.49 -18.03
CA SER B 125 8.21 15.15 -17.52
C SER B 125 9.70 14.95 -17.28
N ASN B 126 10.54 15.37 -18.24
CA ASN B 126 11.98 15.16 -18.18
C ASN B 126 12.59 15.81 -16.96
N TYR B 127 12.09 16.98 -16.57
CA TYR B 127 12.67 17.76 -15.51
C TYR B 127 12.02 17.44 -14.17
N THR B 128 11.05 16.50 -14.15
CA THR B 128 10.22 16.30 -12.96
C THR B 128 11.06 15.88 -11.75
N GLN B 129 12.00 14.95 -11.96
CA GLN B 129 12.80 14.44 -10.85
C GLN B 129 13.71 15.53 -10.31
N ILE B 130 14.16 16.42 -11.21
CA ILE B 130 15.04 17.52 -10.80
C ILE B 130 14.28 18.43 -9.86
N ILE B 131 13.01 18.72 -10.20
CA ILE B 131 12.17 19.58 -9.38
C ILE B 131 11.99 18.95 -8.01
N TYR B 132 11.77 17.62 -7.99
CA TYR B 132 11.54 16.91 -6.73
C TYR B 132 12.75 17.01 -5.84
N GLY B 133 13.94 16.88 -6.43
CA GLY B 133 15.16 16.96 -5.65
C GLY B 133 15.31 18.32 -4.99
N LEU B 134 15.03 19.38 -5.76
CA LEU B 134 15.15 20.73 -5.22
C LEU B 134 14.16 20.95 -4.10
N LEU B 135 12.94 20.39 -4.26
CA LEU B 135 11.90 20.54 -3.24
C LEU B 135 12.35 19.91 -1.95
N GLU B 136 12.95 18.71 -2.04
CA GLU B 136 13.44 18.01 -0.86
C GLU B 136 14.50 18.83 -0.16
N GLU B 137 15.43 19.38 -0.95
CA GLU B 137 16.55 20.13 -0.40
C GLU B 137 16.05 21.38 0.28
N SER B 138 15.03 22.03 -0.33
CA SER B 138 14.49 23.25 0.22
C SER B 138 13.87 23.01 1.58
N GLN B 139 13.14 21.89 1.70
CA GLN B 139 12.48 21.58 2.96
C GLN B 139 13.50 21.31 4.05
N ASN B 140 14.62 20.66 3.68
CA ASN B 140 15.66 20.35 4.64
C ASN B 140 16.23 21.63 5.23
N GLN B 141 16.46 22.64 4.38
CA GLN B 141 17.03 23.88 4.87
C GLN B 141 16.02 24.58 5.78
N GLN B 142 14.75 24.52 5.37
CA GLN B 142 13.71 25.20 6.12
C GLN B 142 13.36 24.40 7.35
N GLU B 143 13.70 23.11 7.36
CA GLU B 143 13.52 22.35 8.59
C GLU B 143 14.61 22.68 9.58
N LYS B 144 15.84 22.88 9.10
CA LYS B 144 16.92 23.25 10.03
C LYS B 144 16.71 24.65 10.60
N ASN B 145 16.42 25.64 9.73
CA ASN B 145 16.32 27.04 10.13
C ASN B 145 15.25 27.24 11.19
N GLU B 146 14.09 26.59 10.99
CA GLU B 146 12.97 26.71 11.93
C GLU B 146 13.38 26.17 13.29
N GLN B 147 14.15 25.06 13.30
CA GLN B 147 14.63 24.48 14.55
C GLN B 147 15.52 25.48 15.28
N ASP B 148 16.38 26.16 14.53
CA ASP B 148 17.34 27.12 15.15
C ASP B 148 16.56 28.29 15.77
N LEU B 149 15.49 28.73 15.11
CA LEU B 149 14.66 29.84 15.66
C LEU B 149 14.05 29.38 16.99
N LEU B 150 13.61 28.13 17.06
CA LEU B 150 12.97 27.61 18.29
C LEU B 150 14.02 27.50 19.40
N ALA B 151 15.29 27.71 19.07
CA ALA B 151 16.38 27.59 20.08
C ALA B 151 16.82 28.97 20.57
N LEU B 152 16.48 30.05 19.88
CA LEU B 152 16.67 31.47 20.20
C LEU B 152 15.72 31.85 21.33
N ASP B 153 16.10 31.42 22.54
CA ASP B 153 15.44 31.66 23.83
C ASP B 153 14.65 32.96 24.02
N GLU C 1 -16.76 48.34 -24.71
CA GLU C 1 -15.81 48.75 -23.69
C GLU C 1 -16.19 48.16 -22.33
N VAL C 2 -15.39 48.45 -21.31
CA VAL C 2 -15.65 48.05 -19.94
C VAL C 2 -16.29 49.23 -19.21
N GLN C 3 -17.48 49.01 -18.68
CA GLN C 3 -18.25 50.08 -18.04
C GLN C 3 -18.59 49.69 -16.61
N LEU C 4 -18.29 50.59 -15.68
CA LEU C 4 -18.58 50.43 -14.26
C LEU C 4 -19.53 51.54 -13.87
N VAL C 5 -20.77 51.18 -13.55
CA VAL C 5 -21.85 52.14 -13.32
C VAL C 5 -22.27 52.05 -11.84
N GLU C 6 -21.77 53.02 -11.09
CA GLU C 6 -22.20 53.24 -9.72
C GLU C 6 -23.61 53.80 -9.66
N THR C 7 -24.28 53.56 -8.54
CA THR C 7 -25.57 54.20 -8.28
C THR C 7 -25.51 54.99 -6.99
N GLY C 8 -25.50 54.32 -5.82
CA GLY C 8 -25.32 54.89 -4.49
C GLY C 8 -26.10 56.16 -4.20
N GLY C 9 -25.42 57.13 -3.61
CA GLY C 9 -25.95 58.46 -3.44
C GLY C 9 -25.15 59.19 -2.39
N GLY C 10 -25.56 60.43 -2.12
CA GLY C 10 -24.87 61.18 -1.10
C GLY C 10 -25.67 62.20 -0.33
N LEU C 11 -26.22 61.78 0.81
CA LEU C 11 -26.80 62.66 1.84
C LEU C 11 -26.86 61.78 3.07
N VAL C 12 -25.89 61.94 3.97
CA VAL C 12 -25.76 61.02 5.10
C VAL C 12 -25.48 61.82 6.36
N GLN C 13 -26.09 61.41 7.48
CA GLN C 13 -25.84 62.01 8.78
C GLN C 13 -24.41 61.73 9.23
N PRO C 14 -23.81 62.63 10.03
CA PRO C 14 -22.41 62.42 10.47
C PRO C 14 -22.16 61.11 11.22
N GLY C 15 -23.18 60.53 11.85
CA GLY C 15 -23.04 59.26 12.52
C GLY C 15 -23.83 58.16 11.83
N GLY C 16 -24.18 58.39 10.57
CA GLY C 16 -25.07 57.50 9.84
C GLY C 16 -24.40 56.29 9.23
N SER C 17 -25.13 55.63 8.33
CA SER C 17 -24.69 54.41 7.66
C SER C 17 -25.25 54.38 6.24
N LEU C 18 -24.41 54.05 5.26
CA LEU C 18 -24.83 54.08 3.86
C LEU C 18 -24.32 52.83 3.15
N LYS C 19 -24.90 52.54 1.98
CA LYS C 19 -24.45 51.43 1.14
C LYS C 19 -24.32 51.91 -0.31
N LEU C 20 -23.16 51.70 -0.90
CA LEU C 20 -22.95 51.89 -2.33
C LEU C 20 -23.02 50.56 -3.07
N SER C 21 -23.49 50.63 -4.31
CA SER C 21 -23.55 49.48 -5.20
C SER C 21 -22.97 49.88 -6.55
N CYS C 22 -22.38 48.91 -7.23
CA CYS C 22 -21.62 49.15 -8.45
C CYS C 22 -21.86 47.98 -9.39
N ARG C 23 -22.27 48.26 -10.62
CA ARG C 23 -22.48 47.24 -11.63
C ARG C 23 -21.35 47.31 -12.66
N ALA C 24 -21.01 46.18 -13.25
CA ALA C 24 -19.91 46.11 -14.20
C ALA C 24 -20.35 45.36 -15.44
N SER C 25 -19.78 45.76 -16.59
CA SER C 25 -20.10 45.07 -17.84
C SER C 25 -18.95 45.26 -18.83
N GLY C 26 -18.98 44.41 -19.86
CA GLY C 26 -17.99 44.44 -20.92
C GLY C 26 -16.84 43.46 -20.78
N TYR C 27 -16.81 42.67 -19.71
CA TYR C 27 -15.73 41.73 -19.48
C TYR C 27 -16.21 40.64 -18.53
N THR C 28 -15.37 39.62 -18.35
CA THR C 28 -15.68 38.53 -17.41
C THR C 28 -15.53 39.02 -15.98
N PHE C 29 -16.67 39.09 -15.26
CA PHE C 29 -16.70 39.66 -13.92
C PHE C 29 -15.89 38.85 -12.92
N SER C 30 -16.09 37.53 -12.90
CA SER C 30 -15.53 36.64 -11.88
C SER C 30 -14.03 36.46 -11.95
N SER C 31 -13.30 37.12 -12.85
CA SER C 31 -11.88 36.90 -13.01
C SER C 31 -11.02 38.09 -12.62
N PHE C 32 -11.63 39.21 -12.24
CA PHE C 32 -10.88 40.39 -11.81
C PHE C 32 -11.17 40.67 -10.35
N ALA C 33 -10.14 41.08 -9.62
CA ALA C 33 -10.31 41.64 -8.30
C ALA C 33 -10.79 43.08 -8.43
N MET C 34 -11.45 43.56 -7.38
CA MET C 34 -12.00 44.91 -7.42
C MET C 34 -11.61 45.70 -6.18
N SER C 35 -11.73 47.01 -6.30
CA SER C 35 -11.31 47.90 -5.22
C SER C 35 -12.20 49.12 -5.22
N TRP C 36 -12.20 49.82 -4.09
CA TRP C 36 -12.79 51.14 -3.96
C TRP C 36 -11.69 52.13 -3.62
N VAL C 37 -11.66 53.24 -4.36
CA VAL C 37 -10.68 54.31 -4.17
C VAL C 37 -11.46 55.62 -4.04
N ARG C 38 -11.14 56.43 -3.03
CA ARG C 38 -11.88 57.66 -2.77
C ARG C 38 -11.00 58.87 -3.04
N GLN C 39 -11.65 59.96 -3.43
CA GLN C 39 -10.98 61.22 -3.73
C GLN C 39 -11.78 62.33 -3.06
N ALA C 40 -11.19 62.98 -2.07
CA ALA C 40 -11.84 64.07 -1.37
C ALA C 40 -12.08 65.23 -2.35
N PRO C 41 -13.12 66.08 -2.12
CA PRO C 41 -13.47 67.07 -3.15
C PRO C 41 -12.46 68.19 -3.33
N GLY C 42 -11.45 67.90 -4.15
CA GLY C 42 -10.38 68.83 -4.48
C GLY C 42 -9.01 68.38 -4.03
N LYS C 43 -8.87 67.19 -3.46
CA LYS C 43 -7.61 66.64 -2.98
C LYS C 43 -7.29 65.39 -3.81
N GLY C 44 -6.26 64.66 -3.38
CA GLY C 44 -5.79 63.52 -4.13
C GLY C 44 -6.56 62.25 -3.82
N LEU C 45 -6.05 61.15 -4.39
CA LEU C 45 -6.70 59.85 -4.31
C LEU C 45 -6.31 59.11 -3.04
N GLU C 46 -7.24 58.29 -2.54
CA GLU C 46 -6.93 57.38 -1.45
C GLU C 46 -7.58 56.03 -1.73
N TRP C 47 -6.79 54.96 -1.63
CA TRP C 47 -7.35 53.62 -1.70
C TRP C 47 -8.12 53.30 -0.43
N VAL C 48 -9.30 52.68 -0.58
CA VAL C 48 -10.18 52.39 0.53
C VAL C 48 -10.32 50.90 0.78
N SER C 49 -10.59 50.13 -0.27
CA SER C 49 -10.97 48.74 -0.03
C SER C 49 -10.55 47.85 -1.18
N LEU C 50 -10.33 46.57 -0.89
CA LEU C 50 -9.94 45.59 -1.91
C LEU C 50 -10.67 44.28 -1.65
N ILE C 51 -11.22 43.70 -2.72
CA ILE C 51 -11.92 42.42 -2.71
C ILE C 51 -11.35 41.53 -3.81
N ASN C 52 -11.20 40.24 -3.48
CA ASN C 52 -10.62 39.25 -4.38
C ASN C 52 -11.64 38.91 -5.49
N ASP C 53 -11.27 37.93 -6.33
CA ASP C 53 -12.13 37.48 -7.41
C ASP C 53 -13.37 36.76 -6.86
N ARG C 54 -13.20 36.01 -5.78
CA ARG C 54 -14.24 35.15 -5.25
C ARG C 54 -15.02 35.80 -4.11
N GLY C 55 -14.65 37.00 -3.67
CA GLY C 55 -15.36 37.67 -2.61
C GLY C 55 -14.99 37.23 -1.21
N GLY C 56 -14.11 36.24 -1.05
CA GLY C 56 -13.76 35.75 0.26
C GLY C 56 -12.76 36.59 1.02
N LEU C 57 -11.99 37.42 0.30
CA LEU C 57 -10.87 38.15 0.87
C LEU C 57 -11.16 39.65 0.84
N THR C 58 -11.00 40.29 1.99
CA THR C 58 -11.23 41.73 2.10
C THR C 58 -9.99 42.36 2.69
N PHE C 59 -9.64 43.54 2.19
CA PHE C 59 -8.55 44.31 2.78
C PHE C 59 -8.96 45.77 2.85
N TYR C 60 -8.55 46.44 3.93
CA TYR C 60 -8.95 47.81 4.22
C TYR C 60 -7.75 48.61 4.68
N VAL C 61 -7.83 49.93 4.52
CA VAL C 61 -6.92 50.81 5.25
C VAL C 61 -7.25 50.76 6.74
N ASP C 62 -6.27 51.16 7.55
CA ASP C 62 -6.43 51.11 9.00
C ASP C 62 -7.53 52.06 9.48
N SER C 63 -7.71 53.20 8.81
CA SER C 63 -8.70 54.18 9.23
C SER C 63 -10.15 53.72 9.07
N VAL C 64 -10.41 52.65 8.31
CA VAL C 64 -11.78 52.18 8.11
C VAL C 64 -11.90 50.70 8.44
N LYS C 65 -10.84 50.14 9.04
CA LYS C 65 -10.68 48.69 9.21
C LYS C 65 -11.79 48.09 10.07
N GLY C 66 -12.37 48.87 10.98
CA GLY C 66 -13.45 48.41 11.82
C GLY C 66 -14.81 48.94 11.44
N ARG C 67 -14.94 49.62 10.30
CA ARG C 67 -16.18 50.30 9.94
C ARG C 67 -16.75 49.87 8.60
N PHE C 68 -15.90 49.59 7.60
CA PHE C 68 -16.38 49.35 6.23
C PHE C 68 -16.44 47.85 5.96
N THR C 69 -17.43 47.44 5.17
CA THR C 69 -17.54 46.07 4.69
C THR C 69 -17.68 46.08 3.18
N ILE C 70 -16.80 45.36 2.49
CA ILE C 70 -16.86 45.26 1.04
C ILE C 70 -17.34 43.86 0.67
N SER C 71 -18.26 43.78 -0.29
CA SER C 71 -18.85 42.49 -0.65
C SER C 71 -19.10 42.45 -2.15
N ARG C 72 -19.15 41.24 -2.68
CA ARG C 72 -19.31 41.05 -4.11
C ARG C 72 -20.29 39.91 -4.37
N ASP C 73 -21.15 40.12 -5.37
CA ASP C 73 -22.08 39.09 -5.83
C ASP C 73 -21.72 38.84 -7.29
N ASN C 74 -21.01 37.73 -7.52
CA ASN C 74 -20.51 37.41 -8.86
C ASN C 74 -21.64 37.02 -9.80
N SER C 75 -22.70 36.41 -9.27
CA SER C 75 -23.81 35.95 -10.09
C SER C 75 -24.56 37.11 -10.74
N LYS C 76 -24.75 38.21 -10.01
CA LYS C 76 -25.39 39.39 -10.55
C LYS C 76 -24.41 40.44 -11.03
N ASN C 77 -23.11 40.15 -10.98
CA ASN C 77 -22.03 41.02 -11.43
C ASN C 77 -22.06 42.38 -10.72
N THR C 78 -22.19 42.34 -9.40
CA THR C 78 -22.26 43.57 -8.63
C THR C 78 -21.24 43.59 -7.49
N LEU C 79 -20.85 44.80 -7.12
CA LEU C 79 -19.98 45.11 -6.00
C LEU C 79 -20.75 46.01 -5.04
N SER C 80 -20.52 45.86 -3.75
CA SER C 80 -21.16 46.74 -2.78
C SER C 80 -20.21 47.08 -1.66
N LEU C 81 -20.44 48.26 -1.08
CA LEU C 81 -19.65 48.75 0.04
C LEU C 81 -20.59 49.32 1.09
N GLN C 82 -20.60 48.69 2.26
CA GLN C 82 -21.42 49.09 3.39
C GLN C 82 -20.57 49.89 4.36
N MET C 83 -20.93 51.15 4.58
CA MET C 83 -20.23 51.99 5.53
C MET C 83 -21.10 52.22 6.75
N HIS C 84 -20.49 52.10 7.93
CA HIS C 84 -21.13 52.33 9.21
C HIS C 84 -20.34 53.39 9.95
N SER C 85 -21.03 54.06 10.89
CA SER C 85 -20.51 55.11 11.77
C SER C 85 -20.06 56.35 10.99
N LEU C 86 -19.04 56.20 10.13
CA LEU C 86 -18.44 57.25 9.29
C LEU C 86 -17.77 58.32 10.13
N ARG C 87 -17.40 59.43 9.50
CA ARG C 87 -16.67 60.53 10.13
C ARG C 87 -16.58 61.65 9.11
N ASP C 88 -16.10 62.81 9.57
CA ASP C 88 -16.07 64.00 8.74
C ASP C 88 -15.07 63.90 7.61
N GLY C 89 -14.00 63.14 7.81
CA GLY C 89 -12.99 62.93 6.78
C GLY C 89 -13.42 62.03 5.63
N ASP C 90 -14.62 61.48 5.66
CA ASP C 90 -15.10 60.58 4.63
C ASP C 90 -15.76 61.29 3.45
N THR C 91 -15.78 62.62 3.43
CA THR C 91 -16.33 63.35 2.29
C THR C 91 -15.46 63.09 1.07
N ALA C 92 -16.03 62.49 0.03
CA ALA C 92 -15.23 62.11 -1.13
C ALA C 92 -16.12 61.54 -2.24
N VAL C 93 -15.57 61.51 -3.44
CA VAL C 93 -16.12 60.75 -4.55
C VAL C 93 -15.48 59.36 -4.48
N TYR C 94 -16.31 58.32 -4.44
CA TYR C 94 -15.84 56.95 -4.39
C TYR C 94 -15.94 56.34 -5.78
N TYR C 95 -14.88 55.64 -6.18
CA TYR C 95 -14.77 55.01 -7.48
C TYR C 95 -14.56 53.52 -7.29
N CYS C 96 -15.23 52.70 -8.12
CA CYS C 96 -14.84 51.31 -8.28
C CYS C 96 -13.68 51.22 -9.25
N ALA C 97 -12.81 50.25 -9.03
CA ALA C 97 -11.75 49.97 -9.98
C ALA C 97 -11.56 48.47 -10.06
N THR C 98 -11.16 48.01 -11.23
CA THR C 98 -10.86 46.60 -11.44
C THR C 98 -9.36 46.43 -11.41
N GLY C 99 -8.87 45.64 -10.47
CA GLY C 99 -7.44 45.47 -10.30
C GLY C 99 -7.07 45.58 -8.84
N GLY C 100 -5.76 45.54 -8.60
CA GLY C 100 -5.23 45.67 -7.27
C GLY C 100 -4.79 44.37 -6.63
N MET C 101 -5.24 43.23 -7.16
CA MET C 101 -4.79 41.94 -6.67
C MET C 101 -5.16 40.93 -7.75
N SER C 102 -4.47 39.79 -7.75
CA SER C 102 -4.83 38.71 -8.63
C SER C 102 -4.51 37.39 -7.93
N SER C 103 -5.25 36.35 -8.29
CA SER C 103 -4.98 35.01 -7.81
C SER C 103 -3.63 34.53 -8.30
N ALA C 104 -3.06 33.54 -7.59
CA ALA C 104 -1.73 33.01 -7.90
C ALA C 104 -1.67 32.44 -9.31
N LEU C 105 -2.76 31.82 -9.77
CA LEU C 105 -2.78 31.19 -11.09
C LEU C 105 -2.59 32.21 -12.21
N GLN C 106 -3.20 33.38 -12.09
CA GLN C 106 -3.13 34.40 -13.12
C GLN C 106 -1.94 35.33 -12.89
N SER C 107 -1.67 36.16 -13.90
CA SER C 107 -0.58 37.13 -13.84
C SER C 107 -0.84 38.17 -12.76
N SER C 108 0.22 38.82 -12.31
CA SER C 108 0.12 39.83 -11.28
C SER C 108 -0.45 41.12 -11.83
N LYS C 109 -1.17 41.86 -10.98
CA LYS C 109 -1.59 43.18 -11.41
C LYS C 109 -0.95 44.24 -10.53
N TYR C 110 -1.50 44.45 -9.34
CA TYR C 110 -1.13 45.53 -8.40
C TYR C 110 -1.34 46.91 -9.02
N TYR C 111 -2.32 47.04 -9.92
CA TYR C 111 -2.73 48.32 -10.49
C TYR C 111 -4.18 48.21 -10.91
N PHE C 112 -4.78 49.35 -11.25
CA PHE C 112 -6.21 49.45 -11.54
C PHE C 112 -6.41 49.75 -13.01
N ASP C 113 -7.14 48.86 -13.71
CA ASP C 113 -7.34 49.01 -15.16
C ASP C 113 -8.39 50.05 -15.49
N PHE C 114 -9.63 49.80 -15.09
CA PHE C 114 -10.78 50.61 -15.46
C PHE C 114 -11.39 51.21 -14.21
N TRP C 115 -11.62 52.52 -14.25
CA TRP C 115 -12.24 53.22 -13.13
C TRP C 115 -13.64 53.66 -13.51
N GLY C 116 -14.59 53.45 -12.60
CA GLY C 116 -15.95 53.89 -12.83
C GLY C 116 -16.09 55.37 -12.58
N GLN C 117 -17.25 55.91 -12.96
CA GLN C 117 -17.48 57.36 -12.80
C GLN C 117 -17.61 57.77 -11.34
N GLY C 118 -18.08 56.87 -10.48
CA GLY C 118 -18.12 57.12 -9.05
C GLY C 118 -19.37 57.80 -8.57
N ALA C 119 -19.40 58.02 -7.25
CA ALA C 119 -20.50 58.71 -6.62
C ALA C 119 -19.97 59.53 -5.46
N LEU C 120 -20.60 60.65 -5.18
CA LEU C 120 -20.12 61.56 -4.15
C LEU C 120 -20.83 61.25 -2.83
N VAL C 121 -20.05 60.96 -1.79
CA VAL C 121 -20.57 60.77 -0.45
C VAL C 121 -20.16 61.97 0.40
N THR C 122 -21.17 62.69 0.89
CA THR C 122 -21.00 63.85 1.75
C THR C 122 -21.68 63.63 3.09
N VAL C 123 -20.94 63.83 4.18
CA VAL C 123 -21.50 63.72 5.53
C VAL C 123 -21.80 65.11 6.06
N SER C 124 -23.08 65.38 6.32
CA SER C 124 -23.56 66.69 6.75
C SER C 124 -23.03 67.10 8.12
N ALA D 1 1.38 59.15 2.56
CA ALA D 1 1.36 59.59 1.17
C ALA D 1 2.78 59.70 0.61
N LEU D 2 2.88 59.77 -0.72
CA LEU D 2 4.15 59.95 -1.39
C LEU D 2 4.37 61.44 -1.65
N THR D 3 5.65 61.83 -1.72
CA THR D 3 6.00 63.20 -2.05
C THR D 3 6.13 63.33 -3.55
N GLN D 4 5.38 64.28 -4.13
CA GLN D 4 5.33 64.44 -5.57
C GLN D 4 5.11 65.93 -5.80
N PRO D 5 5.77 66.54 -6.79
CA PRO D 5 5.64 68.02 -7.01
C PRO D 5 4.21 68.44 -7.28
N PRO D 6 3.80 69.62 -6.77
CA PRO D 6 2.43 70.09 -7.00
C PRO D 6 2.11 70.50 -8.43
N SER D 7 3.11 70.86 -9.25
CA SER D 7 2.83 71.26 -10.63
C SER D 7 4.10 71.17 -11.44
N VAL D 8 3.93 70.94 -12.75
CA VAL D 8 4.99 70.96 -13.75
C VAL D 8 4.39 71.72 -14.92
N SER D 9 5.23 72.25 -15.81
CA SER D 9 4.73 72.96 -16.98
C SER D 9 5.75 72.87 -18.10
N GLY D 10 5.29 73.18 -19.31
CA GLY D 10 6.17 73.23 -20.47
C GLY D 10 5.38 73.56 -21.71
N SER D 11 6.12 73.82 -22.79
CA SER D 11 5.53 74.19 -24.06
C SER D 11 5.20 72.94 -24.88
N PRO D 12 4.26 73.05 -25.83
CA PRO D 12 4.04 71.95 -26.78
C PRO D 12 5.31 71.64 -27.57
N GLY D 13 5.57 70.35 -27.76
CA GLY D 13 6.75 69.89 -28.45
C GLY D 13 7.92 69.57 -27.54
N GLN D 14 7.87 70.02 -26.29
CA GLN D 14 8.89 69.74 -25.28
C GLN D 14 8.43 68.61 -24.38
N SER D 15 9.40 67.97 -23.73
CA SER D 15 9.12 66.90 -22.78
C SER D 15 9.33 67.40 -21.36
N VAL D 16 8.65 66.74 -20.42
CA VAL D 16 8.77 67.02 -18.99
C VAL D 16 8.91 65.70 -18.25
N THR D 17 9.43 65.79 -17.02
CA THR D 17 9.53 64.65 -16.11
C THR D 17 8.81 64.99 -14.81
N ILE D 18 7.94 64.10 -14.37
CA ILE D 18 7.22 64.25 -13.11
C ILE D 18 7.83 63.23 -12.14
N SER D 19 8.50 63.72 -11.11
CA SER D 19 9.16 62.87 -10.13
C SER D 19 8.16 62.39 -9.09
N CYS D 20 8.56 61.37 -8.33
CA CYS D 20 7.70 60.79 -7.30
C CYS D 20 8.62 60.02 -6.36
N THR D 21 8.68 60.43 -5.10
CA THR D 21 9.65 59.88 -4.15
C THR D 21 8.92 59.14 -3.03
N GLY D 22 9.37 57.91 -2.76
CA GLY D 22 8.86 57.10 -1.67
C GLY D 22 9.99 56.60 -0.79
N THR D 23 9.72 55.59 0.03
CA THR D 23 10.72 55.02 0.92
C THR D 23 11.20 53.67 0.36
N SER D 24 12.13 53.04 1.10
CA SER D 24 12.71 51.78 0.66
C SER D 24 11.70 50.64 0.63
N SER D 25 10.71 50.67 1.52
CA SER D 25 9.69 49.64 1.54
C SER D 25 8.60 49.87 0.49
N ASP D 26 8.60 51.04 -0.15
CA ASP D 26 7.51 51.47 -1.02
C ASP D 26 7.89 51.45 -2.50
N ILE D 27 8.95 52.17 -2.87
CA ILE D 27 9.34 52.31 -4.26
C ILE D 27 10.49 51.38 -4.60
N GLY D 28 11.49 51.31 -3.73
CA GLY D 28 12.68 50.51 -3.94
C GLY D 28 12.44 49.01 -4.06
N SER D 29 11.83 48.43 -3.04
CA SER D 29 11.66 46.98 -3.00
C SER D 29 10.56 46.47 -3.93
N TYR D 30 9.57 47.30 -4.27
CA TYR D 30 8.48 46.89 -5.14
C TYR D 30 8.47 47.74 -6.40
N ASN D 31 8.61 47.11 -7.55
CA ASN D 31 8.58 47.78 -8.85
C ASN D 31 7.18 47.79 -9.49
N TYR D 32 6.18 48.22 -8.72
CA TYR D 32 4.80 48.32 -9.18
C TYR D 32 4.38 49.77 -8.99
N VAL D 33 4.81 50.64 -9.91
CA VAL D 33 4.56 52.06 -9.77
C VAL D 33 3.63 52.50 -10.90
N SER D 34 2.32 52.48 -10.62
CA SER D 34 1.37 52.90 -11.65
C SER D 34 1.20 54.41 -11.62
N TRP D 35 0.84 54.97 -12.77
CA TRP D 35 0.56 56.39 -12.97
C TRP D 35 -0.82 56.53 -13.59
N TYR D 36 -1.61 57.47 -13.06
CA TYR D 36 -2.98 57.71 -13.46
C TYR D 36 -3.22 59.18 -13.76
N GLN D 37 -3.84 59.46 -14.90
CA GLN D 37 -4.16 60.82 -15.34
C GLN D 37 -5.66 61.08 -15.16
N GLN D 38 -5.98 62.08 -14.33
CA GLN D 38 -7.35 62.47 -14.03
C GLN D 38 -7.62 63.87 -14.57
N HIS D 39 -8.44 63.96 -15.62
CA HIS D 39 -8.94 65.27 -16.04
C HIS D 39 -9.92 65.80 -15.01
N PRO D 40 -9.96 67.11 -14.78
CA PRO D 40 -10.97 67.68 -13.88
C PRO D 40 -12.38 67.36 -14.35
N GLY D 41 -13.23 66.92 -13.41
CA GLY D 41 -14.59 66.56 -13.74
C GLY D 41 -14.77 65.16 -14.28
N LYS D 42 -13.69 64.42 -14.46
CA LYS D 42 -13.71 63.08 -15.01
C LYS D 42 -13.05 62.11 -14.03
N ALA D 43 -13.44 60.85 -14.15
CA ALA D 43 -12.79 59.80 -13.38
C ALA D 43 -11.40 59.52 -13.96
N PRO D 44 -10.46 58.95 -13.17
CA PRO D 44 -9.10 58.76 -13.68
C PRO D 44 -9.00 57.69 -14.76
N LYS D 45 -7.79 57.48 -15.27
CA LYS D 45 -7.56 56.45 -16.27
C LYS D 45 -6.11 56.00 -16.11
N LEU D 46 -5.81 54.78 -16.53
CA LEU D 46 -4.49 54.21 -16.35
C LEU D 46 -3.60 54.59 -17.54
N MET D 47 -2.43 55.11 -17.23
CA MET D 47 -1.45 55.55 -18.21
C MET D 47 -0.11 54.85 -18.10
N ILE D 48 0.26 54.38 -16.91
CA ILE D 48 1.45 53.54 -16.77
C ILE D 48 1.14 52.51 -15.70
N TYR D 49 1.46 51.24 -15.96
CA TYR D 49 1.39 50.19 -14.96
C TYR D 49 2.76 49.56 -14.97
N ASP D 50 3.34 49.33 -13.79
CA ASP D 50 4.75 48.88 -13.62
C ASP D 50 5.69 50.01 -14.03
N VAL D 51 6.96 49.90 -13.64
CA VAL D 51 7.92 50.99 -13.81
C VAL D 51 8.03 51.45 -15.27
N THR D 52 8.03 50.53 -16.23
CA THR D 52 8.22 50.86 -17.64
C THR D 52 7.03 50.58 -18.55
N GLN D 53 6.30 49.48 -18.28
CA GLN D 53 5.20 49.02 -19.14
C GLN D 53 4.08 50.04 -19.33
N ARG D 54 3.56 50.10 -20.56
CA ARG D 54 2.49 51.00 -20.96
C ARG D 54 1.27 50.20 -21.39
N PRO D 55 0.06 50.63 -21.00
CA PRO D 55 -1.15 49.89 -21.38
C PRO D 55 -1.42 49.91 -22.87
N SER D 56 -2.18 48.92 -23.33
CA SER D 56 -2.63 48.91 -24.71
C SER D 56 -3.67 50.00 -24.95
N GLY D 57 -3.44 50.82 -25.98
CA GLY D 57 -4.32 51.89 -26.37
C GLY D 57 -3.86 53.26 -25.94
N VAL D 58 -3.08 53.33 -24.87
CA VAL D 58 -2.52 54.60 -24.41
C VAL D 58 -1.48 55.08 -25.41
N SER D 59 -1.43 56.39 -25.65
CA SER D 59 -0.51 57.00 -26.59
C SER D 59 0.94 56.70 -26.23
N ASP D 60 1.75 56.45 -27.27
CA ASP D 60 3.14 56.00 -27.14
C ASP D 60 3.98 56.97 -26.31
N ARG D 61 3.65 58.27 -26.38
CA ARG D 61 4.38 59.36 -25.72
C ARG D 61 4.69 59.10 -24.25
N PHE D 62 3.77 58.46 -23.53
CA PHE D 62 3.91 58.24 -22.10
C PHE D 62 4.93 57.14 -21.84
N SER D 63 5.85 57.39 -20.91
CA SER D 63 6.85 56.42 -20.50
C SER D 63 7.24 56.72 -19.07
N GLY D 64 8.08 55.87 -18.49
CA GLY D 64 8.49 56.14 -17.14
C GLY D 64 9.64 55.23 -16.73
N SER D 65 10.14 55.47 -15.53
CA SER D 65 11.29 54.72 -15.04
C SER D 65 11.37 54.81 -13.53
N LYS D 66 12.25 54.00 -12.97
CA LYS D 66 12.51 53.97 -11.53
C LYS D 66 14.00 53.81 -11.29
N SER D 67 14.54 54.60 -10.37
CA SER D 67 15.93 54.52 -9.96
C SER D 67 15.99 54.78 -8.46
N GLY D 68 16.59 53.84 -7.73
CA GLY D 68 16.64 53.95 -6.28
C GLY D 68 15.24 53.93 -5.69
N ASN D 69 14.94 54.97 -4.91
CA ASN D 69 13.61 55.15 -4.32
C ASN D 69 12.83 56.23 -5.05
N THR D 70 13.29 56.66 -6.22
CA THR D 70 12.63 57.71 -6.99
C THR D 70 12.10 57.14 -8.30
N ALA D 71 10.83 57.36 -8.56
CA ALA D 71 10.20 56.99 -9.82
C ALA D 71 9.87 58.27 -10.59
N SER D 72 9.81 58.17 -11.91
CA SER D 72 9.48 59.34 -12.69
C SER D 72 8.66 58.96 -13.91
N LEU D 73 7.79 59.89 -14.31
CA LEU D 73 6.95 59.79 -15.50
C LEU D 73 7.50 60.76 -16.54
N THR D 74 7.81 60.25 -17.72
CA THR D 74 8.34 61.03 -18.82
C THR D 74 7.28 61.12 -19.91
N ILE D 75 6.88 62.35 -20.24
CA ILE D 75 5.87 62.63 -21.25
C ILE D 75 6.65 63.15 -22.44
N SER D 76 5.96 63.42 -23.55
CA SER D 76 6.58 63.94 -24.77
C SER D 76 5.89 65.27 -25.03
N GLY D 77 5.87 65.74 -26.28
CA GLY D 77 5.25 67.02 -26.63
C GLY D 77 3.83 67.20 -26.13
N LEU D 78 3.65 68.22 -25.31
CA LEU D 78 2.41 68.45 -24.57
C LEU D 78 1.28 68.94 -25.48
N GLN D 79 0.63 67.99 -26.14
CA GLN D 79 -0.61 68.26 -26.84
C GLN D 79 -1.66 68.80 -25.87
N ALA D 80 -2.61 69.60 -26.40
CA ALA D 80 -3.63 70.28 -25.60
C ALA D 80 -4.49 69.32 -24.78
N ASP D 81 -4.61 68.05 -25.21
CA ASP D 81 -5.34 67.04 -24.46
C ASP D 81 -4.74 66.84 -23.06
N ASP D 82 -3.41 66.82 -22.96
CA ASP D 82 -2.69 66.47 -21.74
C ASP D 82 -2.70 67.60 -20.68
N GLU D 83 -3.91 68.02 -20.30
CA GLU D 83 -4.11 68.97 -19.20
C GLU D 83 -4.88 68.23 -18.12
N ALA D 84 -4.21 67.75 -17.09
CA ALA D 84 -4.86 66.95 -16.06
C ALA D 84 -3.95 66.84 -14.84
N ASP D 85 -4.38 66.02 -13.88
CA ASP D 85 -3.63 65.72 -12.67
C ASP D 85 -3.04 64.33 -12.78
N TYR D 86 -1.77 64.18 -12.40
CA TYR D 86 -1.08 62.91 -12.53
C TYR D 86 -0.73 62.38 -11.14
N TYR D 87 -1.24 61.20 -10.81
CA TYR D 87 -1.08 60.60 -9.50
C TYR D 87 -0.27 59.31 -9.60
N CYS D 88 0.66 59.14 -8.66
CA CYS D 88 1.41 57.91 -8.52
C CYS D 88 0.59 56.89 -7.75
N SER D 89 1.06 55.65 -7.74
CA SER D 89 0.49 54.61 -6.90
C SER D 89 1.53 53.51 -6.78
N ALA D 90 1.93 53.20 -5.55
CA ALA D 90 2.96 52.20 -5.30
C ALA D 90 2.43 51.13 -4.38
N TYR D 91 2.68 49.87 -4.73
CA TYR D 91 2.29 48.75 -3.89
C TYR D 91 3.25 48.70 -2.71
N ALA D 92 2.80 49.25 -1.58
CA ALA D 92 3.63 49.30 -0.37
C ALA D 92 3.98 47.92 0.14
N GLY D 93 3.05 46.99 0.08
CA GLY D 93 3.25 45.64 0.56
C GLY D 93 1.90 45.09 0.99
N ARG D 94 1.93 44.20 1.98
CA ARG D 94 0.70 43.80 2.65
C ARG D 94 0.36 44.89 3.68
N GLN D 95 -0.48 44.60 4.67
CA GLN D 95 -0.96 45.58 5.66
C GLN D 95 -1.57 46.76 4.91
N THR D 96 -0.87 47.90 4.88
CA THR D 96 -1.32 49.02 4.05
C THR D 96 -0.92 48.73 2.61
N PHE D 97 -1.92 48.50 1.75
CA PHE D 97 -1.66 48.02 0.40
C PHE D 97 -1.16 49.11 -0.54
N TYR D 98 -2.00 50.10 -0.82
CA TYR D 98 -1.68 51.11 -1.82
C TYR D 98 -1.75 52.50 -1.21
N ILE D 99 -0.86 53.36 -1.69
CA ILE D 99 -0.78 54.74 -1.26
C ILE D 99 -0.68 55.59 -2.52
N PHE D 100 -1.47 56.67 -2.55
CA PHE D 100 -1.63 57.53 -3.71
C PHE D 100 -1.10 58.92 -3.39
N GLY D 101 -0.10 59.36 -4.15
CA GLY D 101 0.48 60.68 -3.99
C GLY D 101 -0.46 61.85 -4.25
N GLY D 102 0.08 63.07 -4.31
CA GLY D 102 -0.72 64.22 -4.62
C GLY D 102 -0.92 64.38 -6.11
N GLY D 103 -1.59 65.47 -6.48
CA GLY D 103 -1.82 65.77 -7.87
C GLY D 103 -0.77 66.72 -8.43
N THR D 104 -0.41 66.50 -9.70
CA THR D 104 0.48 67.39 -10.41
C THR D 104 -0.32 68.09 -11.50
N ARG D 105 -0.37 69.41 -11.46
CA ARG D 105 -1.05 70.16 -12.50
C ARG D 105 -0.08 70.31 -13.66
N LEU D 106 -0.44 69.74 -14.82
CA LEU D 106 0.38 69.87 -16.02
C LEU D 106 -0.19 70.97 -16.90
N THR D 107 0.57 72.04 -17.08
CA THR D 107 0.12 73.25 -17.78
C THR D 107 0.76 73.34 -19.16
N VAL D 108 -0.07 73.60 -20.17
CA VAL D 108 0.37 73.81 -21.54
C VAL D 108 0.44 75.31 -21.81
N LEU D 109 1.63 75.79 -22.15
CA LEU D 109 1.83 77.22 -22.40
C LEU D 109 1.41 77.59 -23.81
N ASN E 38 -22.21 31.61 18.73
CA ASN E 38 -22.60 30.61 17.74
C ASN E 38 -21.76 29.35 17.87
N LEU E 39 -22.31 28.23 17.42
CA LEU E 39 -21.62 26.95 17.47
C LEU E 39 -21.05 26.58 16.12
N TRP E 40 -19.92 25.88 16.15
CA TRP E 40 -19.19 25.49 14.95
C TRP E 40 -18.92 24.00 15.01
N VAL E 41 -18.79 23.39 13.83
CA VAL E 41 -18.48 21.97 13.76
C VAL E 41 -17.03 21.75 14.17
N THR E 42 -16.80 20.83 15.10
CA THR E 42 -15.47 20.40 15.51
C THR E 42 -15.37 18.91 15.24
N VAL E 43 -14.28 18.51 14.60
CA VAL E 43 -14.02 17.13 14.21
C VAL E 43 -13.16 16.46 15.27
N TYR E 44 -13.57 15.27 15.71
CA TYR E 44 -12.84 14.49 16.70
C TYR E 44 -12.46 13.14 16.10
N TYR E 45 -11.23 12.72 16.37
CA TYR E 45 -10.73 11.42 15.92
C TYR E 45 -10.30 10.61 17.13
N GLY E 46 -10.79 9.39 17.21
CA GLY E 46 -10.61 8.54 18.36
C GLY E 46 -11.86 8.39 19.20
N VAL E 47 -13.03 8.63 18.62
CA VAL E 47 -14.31 8.60 19.34
C VAL E 47 -14.66 7.16 19.69
N PRO E 48 -15.00 6.85 20.95
CA PRO E 48 -15.39 5.48 21.32
C PRO E 48 -16.84 5.12 20.95
N VAL E 49 -17.12 5.06 19.65
CA VAL E 49 -18.45 4.72 19.13
C VAL E 49 -18.29 3.48 18.27
N TRP E 50 -19.18 2.51 18.46
CA TRP E 50 -19.10 1.25 17.73
C TRP E 50 -20.44 0.89 17.11
N LYS E 51 -20.37 0.22 15.96
CA LYS E 51 -21.53 -0.27 15.23
C LYS E 51 -21.44 -1.78 15.03
N ASP E 52 -22.61 -2.36 14.77
CA ASP E 52 -22.72 -3.77 14.44
C ASP E 52 -21.91 -4.08 13.19
N ALA E 53 -21.14 -5.16 13.23
CA ALA E 53 -20.36 -5.57 12.08
C ALA E 53 -20.07 -7.05 12.13
N GLU E 54 -19.77 -7.60 10.96
CA GLU E 54 -19.35 -8.99 10.82
C GLU E 54 -17.99 -8.97 10.15
N THR E 55 -16.99 -9.55 10.81
CA THR E 55 -15.64 -9.57 10.27
C THR E 55 -14.99 -10.91 10.56
N THR E 56 -13.74 -11.06 10.13
CA THR E 56 -12.98 -12.27 10.37
C THR E 56 -12.12 -12.10 11.62
N LEU E 57 -12.32 -12.96 12.60
CA LEU E 57 -11.52 -12.99 13.81
C LEU E 57 -10.46 -14.08 13.71
N PHE E 58 -9.37 -13.91 14.45
CA PHE E 58 -8.28 -14.87 14.33
C PHE E 58 -8.02 -15.66 15.60
N CYS E 59 -7.39 -16.81 15.39
CA CYS E 59 -7.06 -17.76 16.44
C CYS E 59 -5.91 -17.26 17.30
N ALA E 60 -6.03 -17.46 18.60
CA ALA E 60 -4.93 -17.29 19.54
C ALA E 60 -4.92 -18.51 20.46
N SER E 61 -3.71 -18.96 20.81
CA SER E 61 -3.51 -20.12 21.68
C SER E 61 -2.03 -20.26 22.05
N ASN E 72 -2.40 -31.72 17.12
CA ASN E 72 -3.83 -31.56 17.29
C ASN E 72 -4.48 -31.01 16.02
N VAL E 73 -5.67 -31.54 15.72
CA VAL E 73 -6.53 -31.04 14.64
C VAL E 73 -6.68 -29.53 14.69
N TRP E 74 -6.86 -28.98 15.89
CA TRP E 74 -7.14 -27.57 16.09
C TRP E 74 -5.95 -26.95 16.82
N ALA E 75 -5.91 -25.60 16.81
CA ALA E 75 -4.82 -24.80 17.39
C ALA E 75 -3.48 -25.16 16.75
N THR E 76 -3.49 -25.25 15.42
CA THR E 76 -2.30 -25.61 14.64
C THR E 76 -1.39 -24.40 14.48
N HIS E 77 -0.40 -24.52 13.58
CA HIS E 77 0.54 -23.44 13.30
C HIS E 77 -0.12 -22.19 12.76
N ALA E 78 -1.32 -22.30 12.17
CA ALA E 78 -2.08 -21.16 11.68
C ALA E 78 -2.89 -20.55 12.83
N CYS E 79 -2.15 -20.06 13.83
CA CYS E 79 -2.75 -19.52 15.06
C CYS E 79 -1.70 -18.68 15.75
N VAL E 80 -2.10 -17.48 16.19
CA VAL E 80 -1.22 -16.49 16.79
C VAL E 80 -0.89 -16.96 18.21
N PRO E 81 0.36 -16.87 18.69
CA PRO E 81 0.60 -17.14 20.11
C PRO E 81 -0.19 -16.18 20.99
N THR E 82 -0.80 -16.72 22.04
CA THR E 82 -1.67 -15.91 22.89
C THR E 82 -0.87 -15.13 23.93
N ASP E 83 -1.32 -13.91 24.18
CA ASP E 83 -0.76 -13.10 25.25
C ASP E 83 -1.20 -13.80 26.54
N PRO E 84 -0.28 -14.25 27.39
CA PRO E 84 -0.66 -15.05 28.57
C PRO E 84 -1.53 -14.34 29.59
N ASN E 85 -1.58 -13.01 29.57
CA ASN E 85 -2.35 -12.21 30.52
C ASN E 85 -3.22 -11.22 29.74
N PRO E 86 -4.30 -11.70 29.12
CA PRO E 86 -5.17 -10.80 28.34
C PRO E 86 -5.83 -9.76 29.24
N GLN E 87 -6.07 -8.58 28.67
CA GLN E 87 -6.68 -7.50 29.42
C GLN E 87 -8.18 -7.49 29.19
N GLU E 88 -8.91 -7.05 30.19
CA GLU E 88 -10.35 -6.94 30.13
C GLU E 88 -10.75 -5.60 30.75
N ILE E 89 -11.50 -4.80 30.02
CA ILE E 89 -11.84 -3.44 30.43
C ILE E 89 -13.34 -3.34 30.66
N HIS E 90 -13.75 -3.12 31.91
CA HIS E 90 -15.18 -2.96 32.19
C HIS E 90 -15.68 -1.62 31.67
N LEU E 91 -16.84 -1.66 30.99
CA LEU E 91 -17.45 -0.44 30.47
C LEU E 91 -18.61 -0.04 31.37
N GLU E 92 -18.43 1.03 32.15
CA GLU E 92 -19.51 1.49 33.00
C GLU E 92 -20.49 2.28 32.16
N ASN E 93 -21.78 2.24 32.54
CA ASN E 93 -22.88 2.97 31.91
C ASN E 93 -23.06 2.60 30.44
N VAL E 94 -22.83 1.33 30.08
CA VAL E 94 -23.02 0.84 28.72
C VAL E 94 -23.97 -0.34 28.75
N THR E 95 -25.06 -0.25 27.97
CA THR E 95 -26.09 -1.29 27.87
C THR E 95 -26.24 -1.68 26.40
N GLU E 96 -25.38 -2.59 25.94
CA GLU E 96 -25.40 -3.03 24.56
C GLU E 96 -26.47 -4.11 24.36
N GLU E 97 -27.12 -4.09 23.21
CA GLU E 97 -28.13 -5.09 22.87
C GLU E 97 -27.49 -6.27 22.15
N PHE E 98 -27.73 -7.46 22.67
CA PHE E 98 -27.15 -8.70 22.16
C PHE E 98 -28.25 -9.55 21.52
N ASN E 99 -27.83 -10.42 20.58
CA ASN E 99 -28.71 -11.44 20.02
C ASN E 99 -27.79 -12.59 19.61
N MET E 100 -27.73 -13.64 20.44
CA MET E 100 -26.77 -14.71 20.22
C MET E 100 -27.10 -15.60 19.02
N TRP E 101 -28.31 -15.52 18.47
CA TRP E 101 -28.67 -16.30 17.29
C TRP E 101 -28.44 -15.57 15.98
N LYS E 102 -27.94 -14.33 16.03
CA LYS E 102 -27.54 -13.60 14.84
C LYS E 102 -26.05 -13.30 14.90
N ASN E 103 -25.34 -13.99 15.79
CA ASN E 103 -23.93 -13.72 16.06
C ASN E 103 -23.10 -14.38 14.96
N ASN E 104 -22.29 -13.58 14.26
CA ASN E 104 -21.46 -14.12 13.17
C ASN E 104 -20.28 -14.96 13.66
N MET E 105 -19.93 -14.88 14.95
CA MET E 105 -18.81 -15.66 15.47
C MET E 105 -19.10 -17.14 15.42
N VAL E 106 -20.37 -17.52 15.60
CA VAL E 106 -20.76 -18.92 15.58
C VAL E 106 -20.58 -19.51 14.19
N GLU E 107 -21.07 -18.80 13.17
CA GLU E 107 -20.95 -19.27 11.79
C GLU E 107 -19.49 -19.31 11.34
N GLN E 108 -18.73 -18.26 11.69
CA GLN E 108 -17.33 -18.19 11.30
C GLN E 108 -16.51 -19.28 12.01
N MET E 109 -16.81 -19.52 13.29
CA MET E 109 -16.16 -20.60 14.04
C MET E 109 -16.49 -21.96 13.45
N HIS E 110 -17.76 -22.19 13.09
CA HIS E 110 -18.16 -23.43 12.42
C HIS E 110 -17.36 -23.67 11.15
N THR E 111 -17.28 -22.63 10.31
CA THR E 111 -16.49 -22.71 9.08
C THR E 111 -15.03 -23.03 9.38
N ASP E 112 -14.45 -22.36 10.39
CA ASP E 112 -13.05 -22.59 10.74
C ASP E 112 -12.81 -24.00 11.27
N ILE E 113 -13.73 -24.53 12.08
CA ILE E 113 -13.58 -25.88 12.63
C ILE E 113 -13.68 -26.92 11.51
N ILE E 114 -14.63 -26.73 10.58
CA ILE E 114 -14.77 -27.65 9.45
C ILE E 114 -13.53 -27.61 8.57
N SER E 115 -13.02 -26.41 8.30
CA SER E 115 -11.82 -26.26 7.46
C SER E 115 -10.59 -26.90 8.13
N LEU E 116 -10.43 -26.70 9.44
CA LEU E 116 -9.31 -27.32 10.16
C LEU E 116 -9.42 -28.85 10.15
N TRP E 117 -10.65 -29.36 10.31
CA TRP E 117 -10.91 -30.79 10.22
C TRP E 117 -10.50 -31.34 8.86
N ASP E 118 -10.92 -30.65 7.78
CA ASP E 118 -10.58 -31.10 6.43
C ASP E 118 -9.09 -31.00 6.15
N GLN E 119 -8.44 -29.96 6.70
CA GLN E 119 -6.99 -29.79 6.49
C GLN E 119 -6.21 -30.86 7.23
N SER E 120 -6.67 -31.24 8.43
CA SER E 120 -5.96 -32.23 9.22
C SER E 120 -6.02 -33.62 8.60
N LEU E 121 -7.07 -33.91 7.86
CA LEU E 121 -7.22 -35.21 7.20
C LEU E 121 -6.66 -35.23 5.79
N LYS E 122 -6.18 -34.10 5.27
CA LYS E 122 -5.69 -34.09 3.89
C LYS E 122 -4.36 -34.83 3.72
N PRO E 123 -3.25 -34.52 4.45
CA PRO E 123 -2.02 -35.28 4.17
C PRO E 123 -1.98 -36.62 4.91
N CYS E 124 -2.94 -37.50 4.60
CA CYS E 124 -3.07 -38.77 5.28
C CYS E 124 -3.44 -39.85 4.27
N VAL E 125 -3.39 -41.09 4.73
CA VAL E 125 -3.59 -42.25 3.86
C VAL E 125 -5.05 -42.36 3.44
N LYS E 126 -5.28 -42.54 2.15
CA LYS E 126 -6.60 -42.85 1.63
C LYS E 126 -6.82 -44.35 1.69
N LEU E 127 -8.05 -44.75 2.00
CA LEU E 127 -8.39 -46.16 2.19
C LEU E 127 -9.33 -46.71 1.12
N THR E 128 -9.22 -46.21 -0.12
CA THR E 128 -9.96 -46.83 -1.21
C THR E 128 -9.62 -48.30 -1.48
N PRO E 129 -8.41 -48.84 -1.26
CA PRO E 129 -8.25 -50.31 -1.37
C PRO E 129 -9.05 -51.12 -0.34
N LEU E 130 -9.54 -50.50 0.75
CA LEU E 130 -10.28 -51.25 1.76
C LEU E 130 -11.71 -51.54 1.36
N CYS E 131 -12.25 -50.86 0.35
CA CYS E 131 -13.62 -51.10 -0.06
C CYS E 131 -13.65 -52.34 -0.96
N VAL E 132 -13.56 -53.51 -0.32
CA VAL E 132 -13.56 -54.81 -0.98
C VAL E 132 -14.57 -55.69 -0.30
N THR E 133 -14.80 -56.86 -0.89
CA THR E 133 -15.71 -57.83 -0.28
C THR E 133 -15.06 -58.41 0.97
N LEU E 134 -15.80 -58.37 2.07
CA LEU E 134 -15.31 -58.82 3.37
C LEU E 134 -15.94 -60.17 3.71
N GLN E 135 -15.14 -61.10 4.21
CA GLN E 135 -15.69 -62.36 4.73
C GLN E 135 -15.64 -62.33 6.25
N CYS E 136 -16.78 -62.04 6.87
CA CYS E 136 -16.87 -61.76 8.30
C CYS E 136 -17.63 -62.87 9.03
N THR E 137 -17.21 -63.15 10.25
CA THR E 137 -17.90 -64.05 11.15
C THR E 137 -17.96 -63.45 12.55
N ASN E 138 -18.80 -64.02 13.40
CA ASN E 138 -18.95 -63.56 14.78
C ASN E 138 -17.80 -64.03 15.66
N VAL E 139 -17.40 -63.17 16.58
CA VAL E 139 -16.44 -63.54 17.62
C VAL E 139 -17.23 -64.16 18.78
N THR E 140 -16.77 -65.32 19.25
CA THR E 140 -17.44 -66.00 20.35
C THR E 140 -16.43 -66.22 21.48
N ASN E 141 -15.27 -65.57 21.40
CA ASN E 141 -14.18 -65.75 22.34
C ASN E 141 -14.37 -64.82 23.53
N ASN E 142 -15.07 -65.32 24.57
CA ASN E 142 -15.26 -64.64 25.86
C ASN E 142 -16.14 -63.40 25.70
N ILE E 143 -17.27 -63.58 25.01
CA ILE E 143 -18.18 -62.48 24.69
C ILE E 143 -19.45 -62.56 25.53
N THR E 144 -19.78 -61.45 26.18
CA THR E 144 -21.01 -61.32 26.95
C THR E 144 -22.20 -61.13 26.02
N ASP E 145 -23.39 -61.45 26.54
CA ASP E 145 -24.63 -61.45 25.75
C ASP E 145 -24.97 -60.09 25.15
N ASP E 146 -24.58 -58.98 25.79
CA ASP E 146 -25.00 -57.67 25.32
C ASP E 146 -24.30 -57.28 24.02
N MET E 147 -22.98 -57.43 23.95
CA MET E 147 -22.20 -57.18 22.74
C MET E 147 -22.13 -58.44 21.87
N ARG E 148 -23.30 -58.95 21.50
CA ARG E 148 -23.38 -60.17 20.70
C ARG E 148 -23.80 -59.80 19.28
N GLY E 149 -22.94 -60.14 18.32
CA GLY E 149 -23.18 -59.83 16.93
C GLY E 149 -22.72 -58.46 16.49
N GLU E 150 -21.96 -57.75 17.32
CA GLU E 150 -21.56 -56.39 17.02
C GLU E 150 -20.08 -56.26 16.67
N LEU E 151 -19.24 -57.18 17.12
CA LEU E 151 -17.82 -57.20 16.76
C LEU E 151 -17.60 -58.32 15.76
N LYS E 152 -17.48 -57.96 14.48
CA LYS E 152 -17.35 -58.92 13.40
C LYS E 152 -15.89 -59.06 12.96
N ASN E 153 -15.40 -60.30 12.96
CA ASN E 153 -14.06 -60.61 12.47
C ASN E 153 -14.14 -60.71 10.95
N CYS E 154 -13.38 -59.89 10.24
CA CYS E 154 -13.51 -59.82 8.79
C CYS E 154 -12.17 -60.12 8.14
N SER E 155 -12.19 -60.90 7.07
CA SER E 155 -11.00 -61.33 6.34
C SER E 155 -11.13 -60.85 4.91
N PHE E 156 -10.18 -60.03 4.47
CA PHE E 156 -10.13 -59.53 3.11
C PHE E 156 -8.74 -59.67 2.50
N ASN E 157 -8.69 -59.74 1.17
CA ASN E 157 -7.42 -59.74 0.45
C ASN E 157 -7.13 -58.30 0.04
N MET E 158 -6.08 -57.75 0.59
CA MET E 158 -5.68 -56.37 0.37
C MET E 158 -4.44 -56.39 -0.55
N THR E 159 -3.96 -55.21 -0.91
CA THR E 159 -2.75 -55.05 -1.68
C THR E 159 -1.55 -55.00 -0.74
N THR E 160 -0.38 -55.00 -1.34
CA THR E 160 0.88 -54.83 -0.62
C THR E 160 1.72 -53.90 -1.49
N GLU E 161 2.97 -53.66 -1.04
CA GLU E 161 3.86 -52.68 -1.67
C GLU E 161 4.03 -52.92 -3.16
N LEU E 162 4.03 -54.18 -3.58
CA LEU E 162 4.18 -54.55 -4.97
C LEU E 162 2.78 -54.82 -5.53
N ARG E 163 2.55 -54.37 -6.78
CA ARG E 163 1.24 -54.50 -7.39
C ARG E 163 0.86 -55.95 -7.65
N ASP E 164 1.82 -56.78 -8.05
CA ASP E 164 1.52 -58.15 -8.47
C ASP E 164 1.22 -59.08 -7.32
N LYS E 165 1.47 -58.68 -6.08
CA LYS E 165 1.25 -59.52 -4.92
C LYS E 165 0.08 -58.97 -4.12
N LYS E 166 -0.77 -59.88 -3.62
CA LYS E 166 -1.85 -59.57 -2.71
C LYS E 166 -1.60 -60.29 -1.39
N GLN E 167 -2.23 -59.80 -0.32
CA GLN E 167 -2.07 -60.40 0.99
C GLN E 167 -3.42 -60.62 1.64
N LYS E 168 -3.55 -61.75 2.35
CA LYS E 168 -4.77 -62.08 3.07
C LYS E 168 -4.62 -61.58 4.51
N VAL E 169 -5.44 -60.60 4.90
CA VAL E 169 -5.37 -60.00 6.22
C VAL E 169 -6.76 -60.01 6.84
N TYR E 170 -6.82 -59.71 8.14
CA TYR E 170 -8.09 -59.64 8.85
C TYR E 170 -8.09 -58.46 9.82
N SER E 171 -9.30 -58.00 10.12
CA SER E 171 -9.54 -56.90 11.04
C SER E 171 -10.87 -57.08 11.75
N LEU E 172 -10.93 -56.61 12.99
CA LEU E 172 -12.17 -56.62 13.76
C LEU E 172 -12.90 -55.31 13.53
N PHE E 173 -14.11 -55.40 12.99
CA PHE E 173 -14.91 -54.23 12.68
C PHE E 173 -16.17 -54.23 13.55
N TYR E 174 -16.70 -53.04 13.79
CA TYR E 174 -17.97 -52.90 14.48
C TYR E 174 -19.09 -53.01 13.47
N ARG E 175 -20.20 -53.66 13.90
CA ARG E 175 -21.36 -53.91 13.03
C ARG E 175 -21.89 -52.63 12.39
N LEU E 176 -21.84 -51.51 13.12
CA LEU E 176 -22.37 -50.23 12.63
C LEU E 176 -21.64 -49.73 11.39
N ASP E 177 -20.38 -50.14 11.21
CA ASP E 177 -19.57 -49.71 10.07
C ASP E 177 -19.58 -50.71 8.93
N VAL E 178 -20.30 -51.82 9.09
CA VAL E 178 -20.28 -52.92 8.14
C VAL E 178 -21.71 -53.25 7.70
N VAL E 179 -21.94 -53.23 6.38
CA VAL E 179 -23.26 -53.50 5.83
C VAL E 179 -23.18 -54.77 4.97
N GLN E 180 -24.13 -55.67 5.16
CA GLN E 180 -24.12 -56.95 4.46
C GLN E 180 -24.48 -56.79 2.99
N ILE E 181 -23.80 -57.57 2.15
CA ILE E 181 -24.13 -57.66 0.73
C ILE E 181 -25.20 -58.73 0.57
N ASN E 182 -26.29 -58.37 -0.10
CA ASN E 182 -27.45 -59.23 -0.40
C ASN E 182 -28.15 -59.65 0.90
N ASN E 193 -22.94 -67.57 2.60
CA ASN E 193 -23.02 -66.16 2.25
C ASN E 193 -21.90 -65.41 2.98
N LYS E 194 -22.28 -64.72 4.06
CA LYS E 194 -21.46 -63.87 4.94
C LYS E 194 -20.49 -62.97 4.19
N GLU E 195 -20.96 -62.36 3.10
CA GLU E 195 -20.22 -61.33 2.39
C GLU E 195 -20.69 -59.95 2.84
N TYR E 196 -19.72 -59.12 3.23
CA TYR E 196 -19.98 -57.81 3.78
C TYR E 196 -19.10 -56.76 3.10
N ARG E 197 -19.51 -55.50 3.22
CA ARG E 197 -18.72 -54.38 2.73
C ARG E 197 -18.77 -53.27 3.76
N LEU E 198 -17.93 -52.25 3.57
CA LEU E 198 -18.02 -51.08 4.40
C LEU E 198 -19.22 -50.24 4.01
N ILE E 199 -19.82 -49.58 5.01
CA ILE E 199 -21.05 -48.81 4.82
C ILE E 199 -20.85 -47.64 3.87
N ASN E 200 -19.64 -47.08 3.79
CA ASN E 200 -19.42 -45.89 2.97
C ASN E 200 -19.19 -46.20 1.50
N CYS E 201 -19.05 -47.49 1.13
CA CYS E 201 -18.68 -47.87 -0.22
C CYS E 201 -19.64 -47.36 -1.29
N ASN E 202 -20.91 -47.19 -0.95
CA ASN E 202 -21.89 -46.73 -1.92
C ASN E 202 -22.20 -45.25 -1.72
N THR E 203 -21.48 -44.60 -0.81
CA THR E 203 -21.71 -43.20 -0.47
C THR E 203 -20.51 -42.32 -0.76
N SER E 204 -19.33 -42.64 -0.22
CA SER E 204 -18.21 -41.71 -0.35
C SER E 204 -16.89 -42.44 -0.17
N ALA E 205 -15.81 -41.78 -0.61
CA ALA E 205 -14.46 -42.29 -0.39
C ALA E 205 -14.07 -42.20 1.07
N ILE E 206 -13.40 -43.23 1.56
CA ILE E 206 -12.98 -43.34 2.95
C ILE E 206 -11.51 -42.94 3.07
N THR E 207 -11.21 -42.07 4.04
CA THR E 207 -9.85 -41.67 4.37
C THR E 207 -9.58 -42.00 5.84
N GLN E 208 -8.31 -42.20 6.17
CA GLN E 208 -7.89 -42.53 7.52
C GLN E 208 -7.26 -41.31 8.17
N ALA E 209 -7.62 -41.04 9.41
CA ALA E 209 -6.94 -39.99 10.15
C ALA E 209 -5.52 -40.41 10.48
N CYS E 210 -4.60 -39.46 10.39
CA CYS E 210 -3.21 -39.72 10.73
C CYS E 210 -3.07 -39.98 12.22
N PRO E 211 -2.40 -41.06 12.63
CA PRO E 211 -2.32 -41.38 14.08
C PRO E 211 -1.56 -40.34 14.90
N LYS E 212 -0.76 -39.49 14.27
CA LYS E 212 0.00 -38.48 15.00
C LYS E 212 -0.84 -37.28 15.39
N VAL E 213 -2.05 -37.14 14.86
CA VAL E 213 -2.92 -36.01 15.17
C VAL E 213 -3.92 -36.48 16.22
N SER E 214 -3.94 -35.77 17.34
CA SER E 214 -4.85 -36.11 18.42
C SER E 214 -6.18 -35.38 18.27
N PHE E 215 -7.24 -36.02 18.73
CA PHE E 215 -8.57 -35.44 18.69
C PHE E 215 -8.98 -34.84 20.02
N GLU E 216 -8.07 -34.76 20.98
CA GLU E 216 -8.36 -34.17 22.28
C GLU E 216 -8.64 -32.68 22.08
N PRO E 217 -9.76 -32.17 22.60
CA PRO E 217 -10.04 -30.74 22.44
C PRO E 217 -9.03 -29.87 23.16
N ILE E 218 -8.57 -28.83 22.46
CA ILE E 218 -7.58 -27.89 22.95
C ILE E 218 -8.24 -26.52 22.85
N PRO E 219 -8.28 -25.71 23.93
CA PRO E 219 -9.00 -24.44 23.82
C PRO E 219 -8.30 -23.45 22.91
N ILE E 220 -9.12 -22.68 22.19
CA ILE E 220 -8.66 -21.59 21.34
C ILE E 220 -9.40 -20.32 21.74
N HIS E 221 -8.80 -19.20 21.37
CA HIS E 221 -9.36 -17.88 21.65
C HIS E 221 -9.61 -17.18 20.32
N TYR E 222 -10.75 -16.53 20.19
CA TYR E 222 -11.02 -15.72 19.01
C TYR E 222 -10.74 -14.27 19.36
N CYS E 223 -9.93 -13.62 18.54
CA CYS E 223 -9.49 -12.25 18.82
C CYS E 223 -9.88 -11.39 17.64
N ALA E 224 -10.35 -10.18 17.93
CA ALA E 224 -10.75 -9.27 16.88
C ALA E 224 -9.53 -8.70 16.17
N PRO E 225 -9.63 -8.43 14.87
CA PRO E 225 -8.58 -7.66 14.20
C PRO E 225 -8.63 -6.21 14.60
N ALA E 226 -7.54 -5.49 14.29
CA ALA E 226 -7.44 -4.07 14.61
C ALA E 226 -8.57 -3.28 13.96
N GLY E 227 -9.09 -2.30 14.70
CA GLY E 227 -10.24 -1.54 14.26
C GLY E 227 -11.56 -2.11 14.73
N PHE E 228 -11.55 -3.31 15.31
CA PHE E 228 -12.74 -3.98 15.80
C PHE E 228 -12.57 -4.32 17.27
N ALA E 229 -13.68 -4.64 17.92
CA ALA E 229 -13.66 -4.97 19.33
C ALA E 229 -14.64 -6.09 19.63
N ILE E 230 -14.38 -6.81 20.72
CA ILE E 230 -15.26 -7.86 21.22
C ILE E 230 -15.87 -7.38 22.53
N LEU E 231 -17.20 -7.40 22.61
CA LEU E 231 -17.94 -7.01 23.79
C LEU E 231 -18.47 -8.25 24.50
N LYS E 232 -18.16 -8.36 25.79
CA LYS E 232 -18.55 -9.45 26.65
C LYS E 232 -19.71 -9.00 27.53
N CYS E 233 -20.75 -9.84 27.60
CA CYS E 233 -21.88 -9.60 28.50
C CYS E 233 -21.60 -10.27 29.84
N LYS E 234 -21.57 -9.48 30.91
CA LYS E 234 -21.31 -9.97 32.25
C LYS E 234 -22.58 -10.15 33.08
N ASP E 235 -23.76 -9.96 32.49
CA ASP E 235 -25.00 -10.06 33.24
C ASP E 235 -25.27 -11.54 33.52
N LYS E 236 -25.23 -11.92 34.80
CA LYS E 236 -25.32 -13.32 35.18
C LYS E 236 -26.66 -13.97 34.86
N LYS E 237 -27.71 -13.18 34.64
CA LYS E 237 -29.04 -13.69 34.29
C LYS E 237 -29.37 -13.50 32.80
N PHE E 238 -28.36 -13.21 31.98
CA PHE E 238 -28.53 -12.99 30.55
C PHE E 238 -29.06 -14.24 29.85
N ASN E 239 -30.09 -14.06 29.02
CA ASN E 239 -30.78 -15.18 28.38
C ASN E 239 -30.44 -15.37 26.91
N GLY E 240 -29.61 -14.51 26.33
CA GLY E 240 -29.19 -14.66 24.95
C GLY E 240 -29.62 -13.53 24.03
N THR E 241 -30.64 -12.76 24.41
CA THR E 241 -31.15 -11.65 23.61
C THR E 241 -31.42 -10.45 24.51
N GLY E 242 -31.51 -9.29 23.87
CA GLY E 242 -31.92 -8.09 24.55
C GLY E 242 -30.78 -7.31 25.15
N PRO E 243 -31.10 -6.24 25.89
CA PRO E 243 -30.07 -5.43 26.55
C PRO E 243 -29.28 -6.23 27.58
N CYS E 244 -27.99 -5.93 27.67
CA CYS E 244 -27.09 -6.50 28.67
C CYS E 244 -26.36 -5.38 29.40
N PRO E 245 -26.76 -5.03 30.62
CA PRO E 245 -25.94 -4.09 31.40
C PRO E 245 -24.60 -4.73 31.75
N SER E 246 -23.63 -3.85 32.10
CA SER E 246 -22.28 -4.26 32.52
C SER E 246 -21.52 -4.94 31.38
N VAL E 247 -21.45 -4.28 30.23
CA VAL E 247 -20.69 -4.77 29.09
C VAL E 247 -19.22 -4.52 29.37
N SER E 248 -18.36 -5.45 28.96
CA SER E 248 -16.93 -5.27 29.04
C SER E 248 -16.32 -5.43 27.65
N THR E 249 -15.16 -4.82 27.45
CA THR E 249 -14.41 -4.96 26.22
C THR E 249 -13.27 -5.93 26.47
N VAL E 250 -13.09 -6.90 25.58
CA VAL E 250 -11.99 -7.83 25.69
C VAL E 250 -11.22 -7.82 24.37
N GLN E 251 -9.95 -8.20 24.45
CA GLN E 251 -9.17 -8.39 23.24
C GLN E 251 -9.43 -9.76 22.65
N CYS E 252 -9.49 -10.78 23.51
CA CYS E 252 -9.71 -12.14 23.08
C CYS E 252 -10.71 -12.78 24.02
N THR E 253 -11.49 -13.72 23.49
CA THR E 253 -12.42 -14.47 24.30
C THR E 253 -11.67 -15.48 25.17
N HIS E 254 -12.40 -16.09 26.10
CA HIS E 254 -11.83 -17.17 26.88
C HIS E 254 -11.60 -18.39 25.99
N GLY E 255 -10.86 -19.37 26.52
CA GLY E 255 -10.56 -20.56 25.75
C GLY E 255 -11.83 -21.35 25.48
N ILE E 256 -12.09 -21.62 24.20
CA ILE E 256 -13.27 -22.36 23.78
C ILE E 256 -12.80 -23.71 23.28
N LYS E 257 -13.26 -24.77 23.92
CA LYS E 257 -12.87 -26.10 23.51
C LYS E 257 -13.79 -26.53 22.38
N PRO E 258 -13.27 -26.87 21.20
CA PRO E 258 -14.14 -27.28 20.09
C PRO E 258 -14.63 -28.70 20.26
N VAL E 259 -15.48 -28.90 21.26
CA VAL E 259 -15.98 -30.22 21.61
C VAL E 259 -17.14 -30.53 20.67
N VAL E 260 -17.09 -31.70 20.05
CA VAL E 260 -18.10 -32.12 19.10
C VAL E 260 -18.96 -33.13 19.84
N SER E 261 -20.21 -32.77 20.09
CA SER E 261 -21.13 -33.68 20.75
C SER E 261 -22.56 -33.28 20.43
N THR E 262 -23.48 -34.20 20.70
CA THR E 262 -24.91 -33.98 20.59
C THR E 262 -25.55 -34.37 21.90
N GLN E 263 -26.73 -33.78 22.16
CA GLN E 263 -27.65 -34.05 23.27
C GLN E 263 -27.14 -33.66 24.66
N LEU E 264 -25.84 -33.78 24.91
CA LEU E 264 -25.22 -33.35 26.15
C LEU E 264 -24.07 -32.42 25.79
N LEU E 265 -24.06 -31.23 26.40
CA LEU E 265 -22.93 -30.34 26.20
C LEU E 265 -21.81 -30.74 27.15
N LEU E 266 -20.62 -30.98 26.61
CA LEU E 266 -19.51 -31.46 27.42
C LEU E 266 -18.41 -30.40 27.44
N ASN E 267 -17.63 -30.42 28.54
CA ASN E 267 -16.47 -29.57 28.79
C ASN E 267 -16.67 -28.10 28.41
N GLY E 268 -17.82 -27.53 28.78
CA GLY E 268 -18.11 -26.15 28.52
C GLY E 268 -18.03 -25.27 29.76
N SER E 269 -18.56 -24.06 29.61
CA SER E 269 -18.61 -23.10 30.70
C SER E 269 -19.87 -23.30 31.52
N LEU E 270 -19.78 -22.94 32.79
CA LEU E 270 -20.90 -23.07 33.71
C LEU E 270 -21.57 -21.72 33.94
N ALA E 271 -22.87 -21.77 34.21
CA ALA E 271 -23.60 -20.57 34.59
C ALA E 271 -23.14 -20.08 35.96
N GLU E 272 -23.11 -18.76 36.13
CA GLU E 272 -22.57 -18.17 37.36
C GLU E 272 -23.46 -18.44 38.57
N GLU E 273 -24.78 -18.36 38.42
CA GLU E 273 -25.66 -18.47 39.59
C GLU E 273 -26.69 -19.57 39.51
N GLU E 274 -27.35 -19.75 38.36
CA GLU E 274 -28.46 -20.69 38.26
C GLU E 274 -28.53 -21.20 36.84
N VAL E 275 -29.21 -22.35 36.69
CA VAL E 275 -29.43 -22.97 35.38
C VAL E 275 -30.18 -22.01 34.47
N MET E 276 -29.69 -21.85 33.24
CA MET E 276 -30.28 -20.91 32.32
C MET E 276 -30.86 -21.64 31.12
N ILE E 277 -32.08 -21.26 30.75
CA ILE E 277 -32.80 -21.82 29.62
C ILE E 277 -32.78 -20.78 28.51
N ARG E 278 -32.15 -21.10 27.39
CA ARG E 278 -32.01 -20.18 26.27
C ARG E 278 -32.63 -20.78 25.03
N SER E 279 -33.51 -20.03 24.38
CA SER E 279 -34.08 -20.46 23.12
C SER E 279 -34.42 -19.20 22.33
N GLU E 280 -34.35 -19.32 20.99
CA GLU E 280 -34.67 -18.18 20.14
C GLU E 280 -36.13 -17.77 20.31
N ASN E 281 -37.02 -18.75 20.39
CA ASN E 281 -38.44 -18.52 20.61
C ASN E 281 -38.89 -19.79 21.33
N ILE E 282 -39.06 -19.69 22.65
CA ILE E 282 -39.33 -20.88 23.46
C ILE E 282 -40.73 -21.43 23.20
N THR E 283 -41.64 -20.62 22.66
CA THR E 283 -42.98 -21.08 22.31
C THR E 283 -43.03 -21.71 20.92
N ASN E 284 -41.92 -21.73 20.19
CA ASN E 284 -41.82 -22.35 18.88
C ASN E 284 -41.12 -23.69 19.07
N ASN E 285 -41.84 -24.78 18.83
CA ASN E 285 -41.30 -26.12 19.08
C ASN E 285 -40.28 -26.57 18.04
N ALA E 286 -40.05 -25.79 16.97
CA ALA E 286 -39.07 -26.12 15.96
C ALA E 286 -37.67 -25.62 16.29
N LYS E 287 -37.51 -24.89 17.40
CA LYS E 287 -36.22 -24.32 17.78
C LYS E 287 -35.59 -25.15 18.88
N ASN E 288 -34.26 -25.17 18.91
CA ASN E 288 -33.53 -25.87 19.95
C ASN E 288 -33.47 -25.04 21.22
N ILE E 289 -33.49 -25.73 22.34
CA ILE E 289 -33.38 -25.14 23.66
C ILE E 289 -32.02 -25.51 24.23
N LEU E 290 -31.23 -24.51 24.57
CA LEU E 290 -29.90 -24.69 25.15
C LEU E 290 -29.99 -24.47 26.64
N VAL E 291 -29.70 -25.52 27.41
CA VAL E 291 -29.78 -25.50 28.86
C VAL E 291 -28.36 -25.44 29.40
N GLN E 292 -28.03 -24.39 30.13
CA GLN E 292 -26.72 -24.24 30.74
C GLN E 292 -26.82 -24.54 32.23
N PHE E 293 -26.00 -25.48 32.70
CA PHE E 293 -26.03 -25.90 34.09
C PHE E 293 -25.30 -24.91 34.99
N ASN E 294 -25.75 -24.84 36.24
CA ASN E 294 -25.08 -24.03 37.26
C ASN E 294 -23.89 -24.80 37.81
N THR E 295 -24.03 -26.11 37.98
CA THR E 295 -22.98 -27.00 38.44
C THR E 295 -22.82 -28.13 37.43
N PRO E 296 -21.61 -28.61 37.17
CA PRO E 296 -21.44 -29.66 36.17
C PRO E 296 -21.87 -31.00 36.75
N VAL E 297 -22.21 -31.92 35.86
CA VAL E 297 -22.47 -33.29 36.25
C VAL E 297 -21.35 -34.16 35.69
N GLN E 298 -20.64 -34.88 36.56
CA GLN E 298 -19.50 -35.66 36.11
C GLN E 298 -19.95 -36.98 35.48
N ILE E 299 -19.41 -37.28 34.30
CA ILE E 299 -19.71 -38.50 33.57
C ILE E 299 -18.40 -39.24 33.28
N ASN E 300 -18.36 -40.52 33.66
CA ASN E 300 -17.19 -41.37 33.43
C ASN E 300 -17.50 -42.37 32.32
N CYS E 301 -16.76 -42.32 31.23
CA CYS E 301 -17.01 -43.18 30.09
C CYS E 301 -15.78 -44.04 29.79
N THR E 302 -16.00 -45.35 29.62
CA THR E 302 -14.91 -46.25 29.31
C THR E 302 -15.26 -47.23 28.20
N ARG E 303 -14.19 -47.67 27.55
CA ARG E 303 -14.15 -48.81 26.63
C ARG E 303 -13.23 -49.82 27.30
N PRO E 304 -13.79 -50.81 27.99
CA PRO E 304 -12.97 -51.73 28.80
C PRO E 304 -12.12 -52.69 27.99
N ASN E 305 -12.38 -52.85 26.69
CA ASN E 305 -11.68 -53.85 25.89
C ASN E 305 -10.22 -53.45 25.68
N ASN E 306 -9.31 -54.40 25.89
CA ASN E 306 -7.89 -54.13 25.68
C ASN E 306 -7.60 -54.35 24.20
N ASN E 307 -7.66 -53.28 23.42
CA ASN E 307 -7.53 -53.40 21.98
C ASN E 307 -6.06 -53.39 21.59
N THR E 308 -5.78 -54.01 20.46
CA THR E 308 -4.46 -54.02 19.85
C THR E 308 -4.56 -53.41 18.46
N ARG E 309 -3.41 -53.05 17.91
CA ARG E 309 -3.35 -52.42 16.60
C ARG E 309 -2.21 -53.04 15.80
N LYS E 310 -2.43 -53.21 14.51
CA LYS E 310 -1.39 -53.70 13.61
C LYS E 310 -1.33 -52.83 12.38
N SER E 311 -0.13 -52.64 11.86
CA SER E 311 0.10 -51.84 10.66
C SER E 311 0.26 -52.76 9.47
N ILE E 312 -0.64 -52.66 8.52
CA ILE E 312 -0.61 -53.42 7.27
C ILE E 312 -0.20 -52.45 6.17
N ARG E 313 0.95 -52.69 5.56
CA ARG E 313 1.39 -51.81 4.48
C ARG E 313 0.58 -52.13 3.23
N ILE E 314 0.07 -51.08 2.59
CA ILE E 314 -0.83 -51.23 1.45
C ILE E 314 -0.28 -50.56 0.19
N GLY E 315 0.96 -50.10 0.23
CA GLY E 315 1.54 -49.40 -0.89
C GLY E 315 2.89 -48.83 -0.56
N PRO E 316 3.42 -48.00 -1.46
CA PRO E 316 4.75 -47.42 -1.22
C PRO E 316 4.73 -46.36 -0.13
N GLY E 317 4.73 -46.81 1.13
CA GLY E 317 4.72 -45.93 2.27
C GLY E 317 3.36 -45.71 2.90
N GLN E 318 2.29 -46.24 2.29
CA GLN E 318 0.95 -46.11 2.83
C GLN E 318 0.67 -47.30 3.73
N ALA E 319 -0.01 -47.06 4.85
CA ALA E 319 -0.30 -48.13 5.78
C ALA E 319 -1.70 -47.96 6.37
N PHE E 320 -2.36 -49.09 6.58
CA PHE E 320 -3.67 -49.17 7.21
C PHE E 320 -3.51 -49.76 8.60
N TYR E 321 -4.19 -49.18 9.57
CA TYR E 321 -4.14 -49.66 10.95
C TYR E 321 -5.37 -50.52 11.21
N ALA E 322 -5.14 -51.83 11.32
CA ALA E 322 -6.19 -52.80 11.55
C ALA E 322 -6.25 -53.16 13.03
N THR E 323 -7.45 -53.52 13.48
CA THR E 323 -7.63 -53.95 14.86
C THR E 323 -7.30 -55.43 15.00
N GLY E 324 -6.41 -55.74 15.93
CA GLY E 324 -5.99 -57.10 16.18
C GLY E 324 -6.85 -57.74 17.23
N ASP E 325 -6.36 -58.84 17.78
CA ASP E 325 -7.11 -59.56 18.80
C ASP E 325 -7.20 -58.77 20.09
N ILE E 326 -8.28 -59.00 20.83
CA ILE E 326 -8.52 -58.34 22.10
C ILE E 326 -7.98 -59.22 23.23
N ILE E 327 -7.15 -58.63 24.09
CA ILE E 327 -6.47 -59.34 25.15
C ILE E 327 -7.37 -59.30 26.39
N GLY E 328 -8.08 -60.37 26.64
CA GLY E 328 -8.94 -60.48 27.79
C GLY E 328 -10.40 -60.50 27.38
N ASP E 329 -11.26 -60.39 28.39
CA ASP E 329 -12.70 -60.45 28.19
C ASP E 329 -13.18 -59.24 27.40
N ILE E 330 -14.26 -59.44 26.65
CA ILE E 330 -14.82 -58.40 25.79
C ILE E 330 -16.12 -57.93 26.43
N ARG E 331 -16.21 -56.64 26.72
CA ARG E 331 -17.38 -56.07 27.37
C ARG E 331 -17.82 -54.81 26.63
N GLN E 332 -19.09 -54.48 26.80
CA GLN E 332 -19.66 -53.29 26.16
C GLN E 332 -19.13 -52.02 26.83
N ALA E 333 -18.89 -50.99 26.02
CA ALA E 333 -18.49 -49.70 26.56
C ALA E 333 -19.63 -49.05 27.34
N HIS E 334 -19.29 -48.45 28.48
CA HIS E 334 -20.31 -47.89 29.37
C HIS E 334 -19.93 -46.50 29.87
N CYS E 335 -20.94 -45.63 29.98
CA CYS E 335 -20.81 -44.36 30.69
C CYS E 335 -21.63 -44.36 31.96
N ASN E 336 -21.06 -43.82 33.04
CA ASN E 336 -21.74 -43.78 34.33
C ASN E 336 -21.81 -42.32 34.78
N VAL E 337 -23.01 -41.79 34.72
CA VAL E 337 -23.34 -40.48 35.24
C VAL E 337 -23.94 -40.67 36.63
N SER E 338 -23.49 -39.88 37.60
CA SER E 338 -23.95 -40.00 38.98
C SER E 338 -25.46 -39.82 39.09
N LYS E 339 -26.14 -40.74 39.79
CA LYS E 339 -27.60 -40.75 39.81
C LYS E 339 -28.19 -39.54 40.53
N ALA E 340 -27.69 -39.27 41.74
CA ALA E 340 -28.23 -38.18 42.55
C ALA E 340 -27.94 -36.82 41.92
N THR E 341 -26.72 -36.65 41.39
CA THR E 341 -26.32 -35.38 40.79
C THR E 341 -27.13 -35.10 39.53
N TRP E 342 -27.31 -36.12 38.68
CA TRP E 342 -28.14 -35.97 37.49
C TRP E 342 -29.59 -35.66 37.85
N ASN E 343 -30.11 -36.29 38.91
CA ASN E 343 -31.51 -36.06 39.26
C ASN E 343 -31.72 -34.64 39.78
N GLU E 344 -30.88 -34.22 40.74
CA GLU E 344 -30.93 -32.85 41.27
C GLU E 344 -30.81 -31.82 40.15
N THR E 345 -29.89 -32.06 39.20
CA THR E 345 -29.67 -31.14 38.09
C THR E 345 -30.90 -31.07 37.19
N LEU E 346 -31.50 -32.23 36.91
CA LEU E 346 -32.71 -32.28 36.09
C LEU E 346 -33.87 -31.58 36.79
N GLY E 347 -33.93 -31.70 38.13
CA GLY E 347 -34.92 -30.97 38.90
C GLY E 347 -34.75 -29.47 38.79
N LYS E 348 -33.49 -29.00 38.79
CA LYS E 348 -33.21 -27.59 38.59
C LYS E 348 -33.66 -27.14 37.19
N VAL E 349 -33.42 -28.00 36.19
CA VAL E 349 -33.84 -27.71 34.82
C VAL E 349 -35.36 -27.57 34.74
N VAL E 350 -36.09 -28.47 35.42
CA VAL E 350 -37.55 -28.39 35.45
C VAL E 350 -38.01 -27.12 36.16
N LYS E 351 -37.37 -26.78 37.29
CA LYS E 351 -37.70 -25.57 38.04
C LYS E 351 -37.55 -24.33 37.18
N GLN E 352 -36.52 -24.28 36.35
CA GLN E 352 -36.33 -23.13 35.47
C GLN E 352 -37.30 -23.16 34.28
N LEU E 353 -37.62 -24.34 33.75
CA LEU E 353 -38.59 -24.43 32.66
C LEU E 353 -39.99 -24.00 33.10
N ARG E 354 -40.34 -24.24 34.37
CA ARG E 354 -41.65 -23.83 34.88
C ARG E 354 -41.85 -22.32 34.83
N LYS E 355 -40.77 -21.53 34.82
CA LYS E 355 -40.88 -20.08 34.70
C LYS E 355 -41.38 -19.65 33.32
N HIS E 356 -41.25 -20.52 32.32
CA HIS E 356 -41.71 -20.22 30.97
C HIS E 356 -42.96 -20.99 30.59
N PHE E 357 -43.17 -22.17 31.18
CA PHE E 357 -44.29 -23.02 30.80
C PHE E 357 -45.39 -23.09 31.84
N GLY E 358 -45.16 -22.59 33.05
CA GLY E 358 -46.21 -22.60 34.06
C GLY E 358 -45.87 -23.47 35.26
N ASN E 359 -46.26 -23.02 36.45
CA ASN E 359 -45.92 -23.74 37.68
C ASN E 359 -46.71 -25.04 37.80
N ASN E 360 -47.89 -25.11 37.20
CA ASN E 360 -48.75 -26.28 37.27
C ASN E 360 -48.77 -27.08 35.98
N THR E 361 -47.79 -26.87 35.11
CA THR E 361 -47.69 -27.61 33.85
C THR E 361 -46.81 -28.83 34.05
N ILE E 362 -47.27 -29.98 33.58
CA ILE E 362 -46.53 -31.23 33.74
C ILE E 362 -45.41 -31.25 32.72
N ILE E 363 -44.18 -31.38 33.20
CA ILE E 363 -43.00 -31.47 32.34
C ILE E 363 -42.53 -32.90 32.35
N ARG E 364 -42.44 -33.50 31.17
CA ARG E 364 -42.02 -34.88 31.01
C ARG E 364 -40.78 -34.91 30.13
N PHE E 365 -39.93 -35.91 30.36
CA PHE E 365 -38.76 -36.14 29.53
C PHE E 365 -38.90 -37.51 28.89
N ALA E 366 -38.46 -37.61 27.65
CA ALA E 366 -38.50 -38.85 26.88
C ALA E 366 -37.25 -38.86 26.03
N ASN E 367 -37.05 -39.95 25.30
CA ASN E 367 -35.84 -40.05 24.51
C ASN E 367 -36.13 -39.54 23.09
N SER E 368 -35.13 -39.66 22.22
CA SER E 368 -35.24 -39.12 20.86
C SER E 368 -36.29 -39.87 20.06
N SER E 369 -36.79 -39.23 19.01
CA SER E 369 -37.90 -39.77 18.24
C SER E 369 -37.54 -40.19 16.82
N GLY E 370 -36.38 -39.81 16.31
CA GLY E 370 -36.04 -40.17 14.94
C GLY E 370 -34.77 -39.47 14.50
N GLY E 371 -34.31 -39.89 13.34
CA GLY E 371 -33.06 -39.39 12.77
C GLY E 371 -32.00 -40.46 12.78
N ASP E 372 -30.78 -40.05 12.42
CA ASP E 372 -29.65 -40.96 12.33
C ASP E 372 -29.05 -41.18 13.71
N LEU E 373 -27.99 -42.01 13.75
CA LEU E 373 -27.37 -42.37 15.02
C LEU E 373 -26.74 -41.17 15.72
N GLU E 374 -26.21 -40.22 14.94
CA GLU E 374 -25.56 -39.04 15.52
C GLU E 374 -26.52 -38.20 16.34
N VAL E 375 -27.79 -38.11 15.93
CA VAL E 375 -28.76 -37.25 16.59
C VAL E 375 -29.69 -38.03 17.54
N THR E 376 -29.89 -39.33 17.33
CA THR E 376 -30.72 -40.11 18.24
C THR E 376 -29.94 -40.62 19.45
N THR E 377 -28.63 -40.71 19.34
CA THR E 377 -27.80 -41.12 20.46
C THR E 377 -26.81 -40.01 20.78
N HIS E 378 -26.24 -40.07 21.98
CA HIS E 378 -25.24 -39.10 22.37
C HIS E 378 -23.93 -39.48 21.70
N SER E 379 -23.42 -38.58 20.88
CA SER E 379 -22.17 -38.80 20.16
C SER E 379 -21.10 -37.99 20.85
N PHE E 380 -19.94 -38.58 21.03
CA PHE E 380 -18.78 -37.82 21.51
C PHE E 380 -17.52 -38.59 21.15
N ASN E 381 -16.39 -37.95 21.40
CA ASN E 381 -15.09 -38.51 21.07
C ASN E 381 -14.18 -38.37 22.28
N CYS E 382 -13.78 -39.48 22.86
CA CYS E 382 -12.80 -39.42 23.93
C CYS E 382 -11.81 -40.55 23.74
N GLY E 383 -10.56 -40.28 24.08
CA GLY E 383 -9.51 -41.28 23.96
C GLY E 383 -9.09 -41.59 22.54
N GLY E 384 -9.65 -40.89 21.56
CA GLY E 384 -9.49 -41.22 20.16
C GLY E 384 -10.59 -42.08 19.58
N GLU E 385 -11.59 -42.47 20.38
CA GLU E 385 -12.71 -43.25 19.88
C GLU E 385 -14.02 -42.47 19.97
N PHE E 386 -14.87 -42.75 18.99
CA PHE E 386 -16.17 -42.11 18.82
C PHE E 386 -17.27 -43.02 19.38
N PHE E 387 -17.87 -42.54 20.46
CA PHE E 387 -18.88 -43.23 21.24
C PHE E 387 -20.27 -42.70 20.90
N TYR E 388 -21.23 -43.61 20.81
CA TYR E 388 -22.65 -43.32 20.58
C TYR E 388 -23.42 -44.01 21.70
N CYS E 389 -23.78 -43.26 22.73
CA CYS E 389 -24.39 -43.78 23.94
C CYS E 389 -25.90 -43.62 23.87
N ASN E 390 -26.62 -44.54 24.53
CA ASN E 390 -28.08 -44.65 24.42
C ASN E 390 -28.82 -43.38 24.80
N THR E 391 -28.50 -42.79 25.97
CA THR E 391 -29.18 -41.60 26.53
C THR E 391 -30.70 -41.74 26.51
N SER E 392 -31.18 -42.86 27.03
CA SER E 392 -32.62 -43.07 27.20
C SER E 392 -32.92 -43.51 28.63
N GLY E 393 -31.89 -43.67 29.45
CA GLY E 393 -31.99 -43.83 30.88
C GLY E 393 -31.75 -42.53 31.61
N LEU E 394 -31.45 -41.44 30.88
CA LEU E 394 -31.11 -40.17 31.50
C LEU E 394 -32.19 -39.14 31.32
N PHE E 395 -33.13 -39.37 30.41
CA PHE E 395 -34.22 -38.47 30.11
C PHE E 395 -35.53 -39.22 30.15
N ASN E 396 -35.78 -39.94 31.22
CA ASN E 396 -36.99 -40.76 31.34
C ASN E 396 -37.63 -40.48 32.69
N SER E 397 -38.24 -39.30 32.81
CA SER E 397 -38.84 -38.88 34.07
C SER E 397 -40.00 -37.93 33.80
N THR E 398 -40.92 -37.87 34.76
CA THR E 398 -42.04 -36.96 34.78
C THR E 398 -41.95 -36.08 36.01
N TRP E 399 -42.01 -34.76 35.81
CA TRP E 399 -42.00 -33.64 36.76
C TRP E 399 -40.62 -33.30 37.32
N ILE E 400 -39.57 -34.02 36.93
CA ILE E 400 -38.17 -33.86 37.35
C ILE E 400 -37.34 -34.68 36.38
N ASP E 415 -26.25 -46.19 42.91
CA ASP E 415 -25.89 -44.79 42.79
C ASP E 415 -25.30 -44.47 41.42
N SER E 416 -25.66 -45.27 40.42
CA SER E 416 -25.24 -44.99 39.05
C SER E 416 -26.32 -45.46 38.09
N ILE E 417 -26.36 -44.83 36.91
CA ILE E 417 -27.29 -45.19 35.84
C ILE E 417 -26.49 -45.47 34.56
N THR E 418 -26.02 -46.71 34.47
CA THR E 418 -25.14 -47.15 33.38
C THR E 418 -25.79 -46.95 32.01
N LEU E 419 -25.06 -46.26 31.14
CA LEU E 419 -25.47 -46.02 29.76
C LEU E 419 -24.65 -46.89 28.84
N PRO E 420 -25.26 -47.78 28.06
CA PRO E 420 -24.48 -48.59 27.12
C PRO E 420 -24.14 -47.76 25.90
N CYS E 421 -22.97 -48.02 25.35
CA CYS E 421 -22.46 -47.22 24.25
C CYS E 421 -21.91 -48.11 23.15
N ARG E 422 -22.18 -47.73 21.91
CA ARG E 422 -21.63 -48.40 20.75
C ARG E 422 -20.53 -47.49 20.20
N ILE E 423 -19.58 -48.09 19.49
CA ILE E 423 -18.41 -47.35 19.03
C ILE E 423 -18.31 -47.49 17.51
N LYS E 424 -17.96 -46.40 16.84
CA LYS E 424 -17.78 -46.45 15.39
C LYS E 424 -16.37 -46.04 15.00
N GLN E 425 -15.91 -46.59 13.89
CA GLN E 425 -14.65 -46.21 13.26
C GLN E 425 -14.82 -45.49 11.95
N ILE E 426 -15.93 -45.72 11.25
CA ILE E 426 -16.23 -45.07 9.97
C ILE E 426 -17.26 -44.00 10.26
N ILE E 427 -16.83 -42.75 10.15
CA ILE E 427 -17.58 -41.59 10.60
C ILE E 427 -17.86 -40.67 9.44
N ASN E 428 -19.13 -40.35 9.21
CA ASN E 428 -19.51 -39.28 8.30
C ASN E 428 -19.67 -38.04 9.16
N MET E 429 -18.62 -37.21 9.20
CA MET E 429 -18.54 -36.13 10.18
C MET E 429 -19.40 -34.96 9.72
N TRP E 430 -19.86 -34.18 10.71
CA TRP E 430 -20.71 -32.99 10.54
C TRP E 430 -22.02 -33.48 9.92
N GLN E 431 -22.50 -32.88 8.84
CA GLN E 431 -23.69 -33.37 8.16
C GLN E 431 -23.41 -33.59 6.68
N ARG E 432 -22.16 -33.84 6.34
CA ARG E 432 -21.75 -34.05 4.96
C ARG E 432 -21.85 -35.52 4.59
N ILE E 433 -22.03 -35.78 3.31
CA ILE E 433 -22.11 -37.14 2.79
C ILE E 433 -21.03 -37.46 1.78
N GLY E 434 -20.23 -36.48 1.37
CA GLY E 434 -19.20 -36.74 0.39
C GLY E 434 -17.86 -37.15 0.96
N GLN E 435 -17.70 -37.15 2.28
CA GLN E 435 -16.46 -37.53 2.91
C GLN E 435 -16.75 -38.48 4.06
N ALA E 436 -15.77 -39.33 4.37
CA ALA E 436 -15.85 -40.22 5.51
C ALA E 436 -14.45 -40.40 6.06
N MET E 437 -14.32 -40.38 7.38
CA MET E 437 -13.05 -40.56 8.05
C MET E 437 -13.01 -41.93 8.72
N TYR E 438 -11.87 -42.61 8.63
CA TYR E 438 -11.65 -43.85 9.36
C TYR E 438 -10.82 -43.53 10.60
N ALA E 439 -11.35 -43.90 11.76
CA ALA E 439 -10.65 -43.70 13.02
C ALA E 439 -9.79 -44.90 13.34
N PRO E 440 -8.47 -44.76 13.42
CA PRO E 440 -7.60 -45.89 13.79
C PRO E 440 -7.94 -46.41 15.17
N PRO E 441 -7.86 -47.73 15.39
CA PRO E 441 -8.13 -48.29 16.72
C PRO E 441 -7.12 -47.80 17.76
N ILE E 442 -7.64 -47.49 18.95
CA ILE E 442 -6.82 -47.02 20.06
C ILE E 442 -6.37 -48.21 20.88
N GLN E 443 -5.06 -48.43 20.95
CA GLN E 443 -4.50 -49.54 21.72
C GLN E 443 -4.71 -49.29 23.21
N GLY E 444 -5.01 -50.37 23.93
CA GLY E 444 -5.20 -50.28 25.37
C GLY E 444 -6.65 -50.14 25.77
N VAL E 445 -6.83 -49.57 26.96
CA VAL E 445 -8.15 -49.41 27.58
C VAL E 445 -8.46 -47.93 27.65
N ILE E 446 -9.69 -47.57 27.29
CA ILE E 446 -10.02 -46.15 27.21
C ILE E 446 -10.81 -45.79 28.45
N ARG E 447 -10.37 -44.75 29.14
CA ARG E 447 -11.10 -44.15 30.24
C ARG E 447 -11.05 -42.64 30.07
N CYS E 448 -12.21 -42.01 30.10
CA CYS E 448 -12.30 -40.57 30.02
C CYS E 448 -13.32 -40.09 31.03
N VAL E 449 -13.02 -38.97 31.68
CA VAL E 449 -13.91 -38.35 32.65
C VAL E 449 -14.17 -36.94 32.19
N SER E 450 -15.44 -36.57 32.06
CA SER E 450 -15.80 -35.26 31.53
C SER E 450 -16.94 -34.67 32.35
N ASN E 451 -17.24 -33.41 32.04
CA ASN E 451 -18.27 -32.65 32.72
C ASN E 451 -19.41 -32.36 31.77
N ILE E 452 -20.63 -32.60 32.23
CA ILE E 452 -21.83 -32.23 31.47
C ILE E 452 -22.19 -30.83 31.98
N THR E 453 -22.13 -29.86 31.08
CA THR E 453 -22.36 -28.46 31.40
C THR E 453 -23.60 -27.91 30.74
N GLY E 454 -24.39 -28.76 30.10
CA GLY E 454 -25.60 -28.29 29.48
C GLY E 454 -26.21 -29.33 28.57
N LEU E 455 -27.42 -29.02 28.12
CA LEU E 455 -28.24 -29.91 27.30
C LEU E 455 -28.73 -29.17 26.08
N ILE E 456 -29.01 -29.93 25.02
CA ILE E 456 -29.77 -29.43 23.87
C ILE E 456 -31.07 -30.22 23.85
N LEU E 457 -32.17 -29.53 24.10
CA LEU E 457 -33.49 -30.15 24.20
C LEU E 457 -34.40 -29.61 23.09
N THR E 458 -35.36 -30.41 22.69
CA THR E 458 -36.41 -30.00 21.78
C THR E 458 -37.77 -30.31 22.38
N ARG E 459 -38.73 -29.45 22.09
CA ARG E 459 -40.12 -29.63 22.48
C ARG E 459 -40.91 -30.19 21.31
N ASP E 460 -41.80 -31.14 21.58
CA ASP E 460 -42.62 -31.72 20.53
C ASP E 460 -43.85 -30.85 20.21
N SER E 466 -52.89 -30.63 26.10
CA SER E 466 -52.50 -29.22 26.14
C SER E 466 -52.12 -28.81 27.56
N THR E 467 -52.03 -29.79 28.46
CA THR E 467 -51.68 -29.56 29.85
C THR E 467 -50.29 -30.08 30.20
N THR E 468 -49.59 -30.69 29.25
CA THR E 468 -48.26 -31.24 29.50
C THR E 468 -47.31 -30.84 28.38
N GLU E 469 -46.03 -30.86 28.71
CA GLU E 469 -44.95 -30.62 27.74
C GLU E 469 -43.94 -31.74 27.86
N THR E 470 -43.49 -32.25 26.73
CA THR E 470 -42.51 -33.33 26.67
C THR E 470 -41.25 -32.83 25.98
N PHE E 471 -40.11 -33.00 26.63
CA PHE E 471 -38.83 -32.57 26.09
C PHE E 471 -37.97 -33.79 25.77
N ARG E 472 -37.30 -33.73 24.63
CA ARG E 472 -36.47 -34.81 24.13
C ARG E 472 -35.09 -34.26 23.84
N PRO E 473 -34.05 -35.07 23.97
CA PRO E 473 -32.73 -34.65 23.51
C PRO E 473 -32.71 -34.38 22.02
N GLY E 474 -31.96 -33.34 21.63
CA GLY E 474 -31.81 -32.99 20.24
C GLY E 474 -30.36 -32.77 19.87
N GLY E 475 -30.10 -32.18 18.71
CA GLY E 475 -28.74 -31.93 18.28
C GLY E 475 -28.56 -32.27 16.82
N GLY E 476 -27.29 -32.33 16.41
CA GLY E 476 -26.90 -32.60 15.06
C GLY E 476 -26.43 -31.38 14.29
N ASP E 477 -26.91 -30.20 14.69
CA ASP E 477 -26.45 -28.91 14.17
C ASP E 477 -25.41 -28.42 15.17
N MET E 478 -24.13 -28.52 14.82
CA MET E 478 -23.05 -28.25 15.75
C MET E 478 -22.92 -26.79 16.15
N ARG E 479 -23.59 -25.87 15.45
CA ARG E 479 -23.58 -24.46 15.81
C ARG E 479 -24.13 -24.24 17.20
N ASP E 480 -25.09 -25.07 17.62
CA ASP E 480 -25.69 -24.96 18.94
C ASP E 480 -24.71 -25.34 20.04
N ASN E 481 -23.62 -26.02 19.70
CA ASN E 481 -22.57 -26.20 20.69
C ASN E 481 -21.76 -24.92 20.83
N TRP E 482 -21.46 -24.28 19.69
CA TRP E 482 -20.68 -23.05 19.68
C TRP E 482 -21.46 -21.91 20.35
N ARG E 483 -22.78 -21.89 20.18
CA ARG E 483 -23.64 -20.92 20.85
C ARG E 483 -23.67 -21.13 22.36
N SER E 484 -23.20 -22.27 22.86
CA SER E 484 -23.20 -22.53 24.29
C SER E 484 -22.04 -21.86 25.00
N GLU E 485 -21.02 -21.43 24.25
CA GLU E 485 -19.90 -20.65 24.78
C GLU E 485 -19.82 -19.25 24.19
N LEU E 486 -20.08 -19.11 22.88
CA LEU E 486 -20.10 -17.80 22.23
C LEU E 486 -21.50 -17.20 22.36
N TYR E 487 -21.91 -16.97 23.61
CA TYR E 487 -23.16 -16.29 23.88
C TYR E 487 -22.96 -14.97 24.59
N LYS E 488 -21.81 -14.75 25.21
CA LYS E 488 -21.51 -13.48 25.85
C LYS E 488 -20.83 -12.50 24.92
N TYR E 489 -20.41 -12.95 23.74
CA TYR E 489 -19.52 -12.16 22.90
C TYR E 489 -20.24 -11.60 21.68
N LYS E 490 -19.94 -10.34 21.37
CA LYS E 490 -20.42 -9.64 20.20
C LYS E 490 -19.25 -8.94 19.53
N VAL E 491 -19.21 -8.96 18.21
CA VAL E 491 -18.15 -8.28 17.45
C VAL E 491 -18.69 -6.96 16.94
N VAL E 492 -17.96 -5.87 17.23
CA VAL E 492 -18.35 -4.53 16.81
C VAL E 492 -17.20 -3.86 16.10
N LYS E 493 -17.54 -2.88 15.26
CA LYS E 493 -16.57 -2.09 14.51
C LYS E 493 -16.49 -0.69 15.10
N ILE E 494 -15.26 -0.22 15.31
CA ILE E 494 -15.03 1.10 15.87
C ILE E 494 -14.96 2.09 14.72
N GLU E 495 -15.66 3.21 14.87
CA GLU E 495 -15.65 4.30 13.88
C GLU E 495 -15.12 5.54 14.60
N PRO E 496 -13.80 5.67 14.72
CA PRO E 496 -13.23 6.68 15.63
C PRO E 496 -13.45 8.13 15.21
N LEU E 497 -13.96 8.38 14.01
CA LEU E 497 -14.14 9.72 13.50
C LEU E 497 -15.57 10.19 13.76
N GLY E 498 -15.71 11.43 14.21
CA GLY E 498 -17.04 11.99 14.45
C GLY E 498 -16.97 13.50 14.52
N VAL E 499 -18.15 14.12 14.61
CA VAL E 499 -18.26 15.57 14.66
C VAL E 499 -19.14 15.95 15.83
N ALA E 500 -18.96 17.17 16.32
CA ALA E 500 -19.79 17.70 17.40
C ALA E 500 -19.69 19.22 17.40
N PRO E 501 -20.70 19.94 17.87
CA PRO E 501 -20.58 21.39 17.98
C PRO E 501 -19.71 21.80 19.16
N THR E 502 -18.91 22.83 18.94
CA THR E 502 -18.16 23.52 20.00
C THR E 502 -18.22 25.00 19.71
N ARG E 503 -17.64 25.81 20.58
CA ARG E 503 -17.61 27.24 20.35
C ARG E 503 -16.36 27.70 19.63
N CYS E 504 -15.49 26.79 19.21
CA CYS E 504 -14.22 27.17 18.64
C CYS E 504 -14.33 27.35 17.12
N LYS E 505 -13.58 28.32 16.61
CA LYS E 505 -13.55 28.66 15.20
C LYS E 505 -12.12 28.61 14.71
N ARG E 506 -11.92 28.09 13.50
CA ARG E 506 -10.56 27.98 12.92
C ARG E 506 -9.83 29.31 13.09
N LEU F 9 -9.04 4.55 32.32
CA LEU F 9 -9.37 3.28 31.68
C LEU F 9 -8.87 3.23 30.25
N GLY F 10 -8.44 2.04 29.81
CA GLY F 10 -7.91 1.83 28.49
C GLY F 10 -8.93 1.88 27.36
N PHE F 11 -8.72 1.02 26.35
CA PHE F 11 -9.49 0.99 25.11
C PHE F 11 -10.99 0.91 25.35
N LEU F 12 -11.71 1.90 24.79
CA LEU F 12 -13.16 2.08 24.92
C LEU F 12 -13.61 2.32 26.36
N GLY F 13 -12.67 2.65 27.25
CA GLY F 13 -13.02 2.87 28.65
C GLY F 13 -14.01 4.00 28.87
N ALA F 14 -13.86 5.08 28.13
CA ALA F 14 -14.78 6.21 28.21
C ALA F 14 -15.94 6.06 27.23
N ALA F 15 -16.63 4.92 27.29
CA ALA F 15 -17.76 4.63 26.42
C ALA F 15 -19.07 5.09 27.02
N GLY F 16 -19.23 4.94 28.33
CA GLY F 16 -20.39 5.40 29.04
C GLY F 16 -20.20 6.77 29.66
N SER F 17 -19.04 7.37 29.47
CA SER F 17 -18.79 8.70 29.98
C SER F 17 -19.40 9.75 29.06
N THR F 18 -19.45 10.98 29.54
CA THR F 18 -19.98 12.05 28.72
C THR F 18 -18.94 12.38 27.67
N MET F 19 -19.36 13.00 26.57
CA MET F 19 -18.38 13.35 25.51
C MET F 19 -17.33 14.35 25.98
N GLY F 20 -17.69 15.23 26.92
CA GLY F 20 -16.69 16.12 27.51
C GLY F 20 -15.57 15.34 28.17
N ALA F 21 -15.94 14.39 29.05
CA ALA F 21 -14.93 13.54 29.68
C ALA F 21 -14.26 12.61 28.68
N ALA F 22 -15.04 12.06 27.73
CA ALA F 22 -14.48 11.10 26.77
C ALA F 22 -13.52 11.74 25.78
N SER F 23 -13.67 13.04 25.51
CA SER F 23 -12.81 13.74 24.56
C SER F 23 -11.36 13.86 25.02
N MET F 24 -11.07 13.60 26.30
CA MET F 24 -9.72 13.70 26.81
C MET F 24 -8.96 12.39 26.70
N THR F 25 -9.59 11.34 26.17
CA THR F 25 -8.97 10.02 26.04
C THR F 25 -8.83 9.58 24.59
N LEU F 26 -8.92 10.51 23.62
CA LEU F 26 -8.95 10.17 22.20
C LEU F 26 -7.72 9.40 21.73
N THR F 27 -6.55 9.69 22.31
CA THR F 27 -5.33 8.96 21.97
C THR F 27 -5.46 7.47 22.27
N VAL F 28 -6.18 7.11 23.35
CA VAL F 28 -6.32 5.71 23.75
C VAL F 28 -7.07 4.91 22.69
N GLN F 29 -8.13 5.49 22.11
CA GLN F 29 -8.86 4.78 21.06
C GLN F 29 -8.28 5.04 19.68
N ALA F 30 -7.27 5.91 19.57
CA ALA F 30 -6.63 6.14 18.29
C ALA F 30 -5.52 5.14 18.02
N ARG F 31 -4.80 4.72 19.07
CA ARG F 31 -3.69 3.81 18.91
C ARG F 31 -4.10 2.36 18.69
N ASN F 32 -5.40 2.04 18.81
CA ASN F 32 -5.88 0.68 18.67
C ASN F 32 -6.47 0.40 17.29
N LEU F 33 -6.19 1.26 16.32
CA LEU F 33 -6.63 1.04 14.95
C LEU F 33 -5.60 0.28 14.13
N LEU F 34 -4.34 0.28 14.56
CA LEU F 34 -3.27 -0.46 13.89
C LEU F 34 -2.76 -1.51 14.87
N SER F 35 -2.79 -2.78 14.43
CA SER F 35 -2.42 -4.01 15.17
C SER F 35 -2.47 -4.01 16.70
N THR F 58 -3.02 -22.17 3.20
CA THR F 58 -2.85 -20.75 2.93
C THR F 58 -4.15 -20.00 3.13
N VAL F 59 -5.18 -20.72 3.58
CA VAL F 59 -6.50 -20.12 3.82
C VAL F 59 -6.42 -19.11 4.96
N TRP F 60 -5.72 -19.43 6.04
CA TRP F 60 -5.60 -18.47 7.12
C TRP F 60 -4.62 -17.37 6.77
N GLY F 61 -3.64 -17.65 5.91
CA GLY F 61 -2.76 -16.60 5.43
C GLY F 61 -3.52 -15.54 4.64
N ILE F 62 -4.36 -15.99 3.71
CA ILE F 62 -5.13 -15.05 2.89
C ILE F 62 -6.18 -14.34 3.75
N LYS F 63 -6.79 -15.05 4.72
CA LYS F 63 -7.78 -14.43 5.60
C LYS F 63 -7.16 -13.34 6.47
N GLN F 64 -5.97 -13.59 7.04
CA GLN F 64 -5.37 -12.61 7.93
C GLN F 64 -4.80 -11.44 7.16
N LEU F 65 -4.26 -11.68 5.97
CA LEU F 65 -3.80 -10.55 5.17
C LEU F 65 -4.98 -9.69 4.71
N GLN F 66 -6.13 -10.31 4.39
CA GLN F 66 -7.31 -9.51 4.05
C GLN F 66 -7.79 -8.69 5.24
N ALA F 67 -7.77 -9.26 6.45
CA ALA F 67 -8.18 -8.50 7.63
C ALA F 67 -7.23 -7.34 7.92
N ARG F 68 -5.93 -7.58 7.78
CA ARG F 68 -4.95 -6.54 8.06
C ARG F 68 -5.01 -5.42 7.02
N VAL F 69 -5.17 -5.78 5.73
CA VAL F 69 -5.31 -4.78 4.68
C VAL F 69 -6.60 -4.00 4.84
N LEU F 70 -7.68 -4.67 5.29
CA LEU F 70 -8.93 -3.97 5.56
C LEU F 70 -8.76 -2.93 6.66
N ALA F 71 -8.08 -3.30 7.75
CA ALA F 71 -7.83 -2.36 8.84
C ALA F 71 -6.98 -1.17 8.37
N VAL F 72 -5.95 -1.46 7.56
CA VAL F 72 -5.07 -0.41 7.04
C VAL F 72 -5.84 0.54 6.12
N GLU F 73 -6.68 -0.02 5.23
CA GLU F 73 -7.45 0.81 4.31
C GLU F 73 -8.46 1.67 5.04
N ARG F 74 -9.10 1.14 6.09
CA ARG F 74 -10.06 1.94 6.84
C ARG F 74 -9.35 3.09 7.56
N TYR F 75 -8.19 2.80 8.16
CA TYR F 75 -7.40 3.85 8.81
C TYR F 75 -6.98 4.92 7.81
N LEU F 76 -6.49 4.51 6.63
CA LEU F 76 -6.04 5.48 5.64
C LEU F 76 -7.19 6.28 5.05
N ARG F 77 -8.37 5.67 4.91
CA ARG F 77 -9.53 6.44 4.46
C ARG F 77 -9.90 7.49 5.48
N ASP F 78 -9.83 7.15 6.78
CA ASP F 78 -10.10 8.14 7.82
C ASP F 78 -9.04 9.25 7.81
N GLN F 79 -7.77 8.89 7.63
CA GLN F 79 -6.71 9.89 7.62
C GLN F 79 -6.77 10.78 6.38
N GLN F 80 -7.13 10.21 5.23
CA GLN F 80 -7.31 11.01 4.02
C GLN F 80 -8.50 11.94 4.17
N LEU F 81 -9.57 11.46 4.79
CA LEU F 81 -10.76 12.27 5.01
C LEU F 81 -10.45 13.44 5.94
N LEU F 82 -9.66 13.19 6.98
CA LEU F 82 -9.19 14.28 7.83
C LEU F 82 -8.28 15.23 7.06
N GLY F 83 -7.44 14.69 6.18
CA GLY F 83 -6.53 15.51 5.38
C GLY F 83 -7.25 16.49 4.47
N ILE F 84 -8.28 16.03 3.77
CA ILE F 84 -9.04 16.92 2.90
C ILE F 84 -9.94 17.88 3.66
N TRP F 85 -10.04 17.75 4.99
CA TRP F 85 -10.71 18.71 5.84
C TRP F 85 -9.75 19.69 6.50
N GLY F 86 -8.44 19.56 6.28
CA GLY F 86 -7.49 20.41 6.95
C GLY F 86 -7.23 20.03 8.38
N CYS F 87 -7.52 18.79 8.77
CA CYS F 87 -7.36 18.33 10.14
C CYS F 87 -6.28 17.26 10.28
N SER F 88 -5.36 17.17 9.32
CA SER F 88 -4.31 16.16 9.34
C SER F 88 -3.39 16.37 10.54
N GLY F 89 -3.10 15.27 11.25
CA GLY F 89 -2.21 15.32 12.38
C GLY F 89 -2.86 15.74 13.67
N LYS F 90 -4.17 15.96 13.68
CA LYS F 90 -4.89 16.43 14.86
C LYS F 90 -5.94 15.42 15.28
N LEU F 91 -6.17 15.36 16.59
CA LEU F 91 -7.25 14.59 17.16
C LEU F 91 -8.47 15.44 17.50
N ILE F 92 -8.24 16.68 17.92
CA ILE F 92 -9.30 17.65 18.15
C ILE F 92 -9.05 18.79 17.18
N CYS F 93 -9.90 18.91 16.17
CA CYS F 93 -9.69 19.86 15.08
C CYS F 93 -10.89 20.78 14.99
N CYS F 94 -10.66 22.08 15.21
CA CYS F 94 -11.70 23.06 15.03
C CYS F 94 -11.78 23.44 13.55
N THR F 95 -12.99 23.67 13.07
CA THR F 95 -13.21 23.98 11.66
C THR F 95 -13.99 25.29 11.56
N ASN F 96 -14.24 25.71 10.32
CA ASN F 96 -14.91 26.98 10.04
C ASN F 96 -16.32 26.79 9.50
N VAL F 97 -16.94 25.66 9.82
CA VAL F 97 -18.31 25.36 9.39
C VAL F 97 -19.24 25.64 10.56
N PRO F 98 -20.20 26.57 10.42
CA PRO F 98 -21.16 26.80 11.50
C PRO F 98 -22.03 25.57 11.75
N TRP F 99 -22.56 25.49 12.96
CA TRP F 99 -23.49 24.44 13.31
C TRP F 99 -24.90 24.88 12.96
N ASN F 100 -25.68 23.95 12.42
CA ASN F 100 -27.04 24.21 11.99
C ASN F 100 -28.00 23.59 12.99
N SER F 101 -28.85 24.43 13.58
CA SER F 101 -29.80 24.01 14.62
C SER F 101 -30.70 22.86 14.17
N SER F 102 -30.99 22.79 12.86
CA SER F 102 -31.81 21.73 12.29
C SER F 102 -31.24 20.35 12.59
N TRP F 103 -29.90 20.22 12.53
CA TRP F 103 -29.26 18.94 12.82
C TRP F 103 -29.51 18.50 14.25
N SER F 104 -29.35 19.43 15.19
CA SER F 104 -29.72 19.25 16.60
C SER F 104 -29.70 20.60 17.29
N ASN F 105 -30.76 20.91 18.03
CA ASN F 105 -30.92 22.23 18.65
C ASN F 105 -30.54 22.20 20.12
N ARG F 106 -29.85 21.15 20.55
CA ARG F 106 -29.46 20.98 21.94
C ARG F 106 -28.39 21.98 22.34
N ASN F 107 -28.38 22.33 23.63
CA ASN F 107 -27.41 23.30 24.12
C ASN F 107 -26.20 22.54 24.67
N LEU F 108 -25.06 23.23 24.75
CA LEU F 108 -23.80 22.59 25.14
C LEU F 108 -23.81 22.02 26.54
N SER F 109 -24.76 22.45 27.40
CA SER F 109 -24.86 21.90 28.73
C SER F 109 -25.51 20.52 28.75
N GLU F 110 -26.10 20.11 27.63
CA GLU F 110 -26.64 18.77 27.43
C GLU F 110 -25.77 17.94 26.51
N ILE F 111 -25.22 18.56 25.47
CA ILE F 111 -24.42 17.85 24.48
C ILE F 111 -23.17 17.28 25.12
N TRP F 112 -22.43 18.11 25.85
CA TRP F 112 -21.12 17.72 26.36
C TRP F 112 -21.16 17.21 27.78
N ASP F 113 -22.10 17.67 28.59
CA ASP F 113 -22.14 17.31 30.00
C ASP F 113 -23.16 16.23 30.35
N ASN F 114 -24.19 16.01 29.52
CA ASN F 114 -25.25 15.06 29.83
C ASN F 114 -25.48 14.06 28.70
N MET F 115 -24.48 13.80 27.86
CA MET F 115 -24.67 12.87 26.76
C MET F 115 -23.37 12.13 26.47
N THR F 116 -23.51 10.87 26.03
CA THR F 116 -22.41 10.03 25.61
C THR F 116 -22.23 10.13 24.10
N TRP F 117 -21.09 9.63 23.62
CA TRP F 117 -20.82 9.69 22.18
C TRP F 117 -21.73 8.75 21.39
N LEU F 118 -22.17 7.64 21.99
CA LEU F 118 -23.04 6.70 21.28
C LEU F 118 -24.41 7.31 20.98
N GLN F 119 -25.00 7.98 21.98
CA GLN F 119 -26.30 8.62 21.80
C GLN F 119 -26.22 9.78 20.82
N TRP F 120 -25.12 10.53 20.89
CA TRP F 120 -24.86 11.61 19.95
C TRP F 120 -24.77 11.10 18.52
N ASP F 121 -23.84 10.17 18.29
CA ASP F 121 -23.63 9.58 16.98
C ASP F 121 -24.92 9.01 16.40
N LYS F 122 -25.76 8.41 17.25
CA LYS F 122 -27.08 7.98 16.78
C LYS F 122 -27.95 9.17 16.41
N GLU F 123 -27.81 10.30 17.12
CA GLU F 123 -28.68 11.45 16.87
C GLU F 123 -28.31 12.17 15.57
N ILE F 124 -27.02 12.33 15.29
CA ILE F 124 -26.58 13.02 14.08
C ILE F 124 -26.12 12.03 13.01
N SER F 125 -26.73 10.84 12.99
CA SER F 125 -26.42 9.88 11.95
C SER F 125 -26.99 10.31 10.61
N ASN F 126 -28.21 10.85 10.61
CA ASN F 126 -28.88 11.24 9.38
C ASN F 126 -28.29 12.47 8.72
N TYR F 127 -27.41 13.21 9.42
CA TYR F 127 -26.86 14.46 8.92
C TYR F 127 -25.36 14.40 8.67
N THR F 128 -24.75 13.22 8.82
CA THR F 128 -23.28 13.09 8.75
C THR F 128 -22.73 13.47 7.38
N GLN F 129 -23.38 13.02 6.31
CA GLN F 129 -22.88 13.24 4.95
C GLN F 129 -22.89 14.72 4.58
N ILE F 130 -23.92 15.45 5.04
CA ILE F 130 -24.05 16.88 4.77
C ILE F 130 -22.90 17.63 5.44
N ILE F 131 -22.60 17.25 6.69
CA ILE F 131 -21.51 17.86 7.45
C ILE F 131 -20.18 17.60 6.76
N TYR F 132 -19.97 16.37 6.29
CA TYR F 132 -18.72 16.02 5.61
C TYR F 132 -18.55 16.82 4.32
N GLY F 133 -19.63 16.98 3.55
CA GLY F 133 -19.57 17.80 2.34
C GLY F 133 -19.25 19.26 2.63
N LEU F 134 -19.87 19.82 3.68
CA LEU F 134 -19.61 21.20 4.05
C LEU F 134 -18.16 21.39 4.51
N LEU F 135 -17.62 20.41 5.24
CA LEU F 135 -16.23 20.49 5.69
C LEU F 135 -15.28 20.45 4.50
N GLU F 136 -15.57 19.59 3.52
CA GLU F 136 -14.74 19.49 2.32
C GLU F 136 -14.74 20.80 1.54
N GLU F 137 -15.93 21.41 1.36
CA GLU F 137 -16.01 22.66 0.61
C GLU F 137 -15.33 23.80 1.35
N SER F 138 -15.47 23.83 2.69
CA SER F 138 -14.81 24.85 3.50
C SER F 138 -13.30 24.76 3.40
N GLN F 139 -12.74 23.54 3.45
CA GLN F 139 -11.29 23.40 3.31
C GLN F 139 -10.81 23.79 1.93
N ASN F 140 -11.58 23.47 0.88
CA ASN F 140 -11.17 23.87 -0.47
C ASN F 140 -11.13 25.39 -0.61
N GLN F 141 -12.12 26.08 -0.03
CA GLN F 141 -12.12 27.54 -0.07
C GLN F 141 -10.96 28.11 0.75
N GLN F 142 -10.67 27.50 1.91
CA GLN F 142 -9.56 27.96 2.73
C GLN F 142 -8.20 27.75 2.05
N GLU F 143 -8.03 26.64 1.34
CA GLU F 143 -6.76 26.39 0.65
C GLU F 143 -6.55 27.37 -0.49
N LYS F 144 -7.63 27.68 -1.23
CA LYS F 144 -7.51 28.72 -2.26
C LYS F 144 -7.19 30.08 -1.65
N ASN F 145 -7.82 30.38 -0.50
CA ASN F 145 -7.60 31.66 0.16
C ASN F 145 -6.16 31.78 0.66
N GLU F 146 -5.62 30.70 1.24
CA GLU F 146 -4.25 30.70 1.72
C GLU F 146 -3.28 30.84 0.56
N GLN F 147 -3.57 30.18 -0.58
CA GLN F 147 -2.68 30.29 -1.73
C GLN F 147 -2.63 31.73 -2.23
N ASP F 148 -3.80 32.39 -2.30
CA ASP F 148 -3.84 33.79 -2.74
C ASP F 148 -3.11 34.70 -1.75
N LEU F 149 -3.25 34.43 -0.44
CA LEU F 149 -2.58 35.27 0.56
C LEU F 149 -1.06 35.18 0.48
N LEU F 150 -0.54 34.10 -0.12
CA LEU F 150 0.92 34.01 -0.35
C LEU F 150 1.29 34.63 -1.71
N ALA F 151 0.36 34.74 -2.67
CA ALA F 151 0.63 35.39 -3.97
C ALA F 151 1.02 36.84 -3.71
N LEU F 152 0.13 37.64 -3.12
CA LEU F 152 0.51 38.97 -2.67
C LEU F 152 1.99 39.06 -2.29
N ASP F 153 2.67 40.07 -2.81
CA ASP F 153 4.10 40.20 -2.58
C ASP F 153 4.36 40.80 -1.19
N GLU G 1 -23.93 27.25 49.29
CA GLU G 1 -23.57 28.67 49.14
C GLU G 1 -22.12 28.79 48.69
N VAL G 2 -21.90 29.50 47.59
CA VAL G 2 -20.57 29.70 47.04
C VAL G 2 -19.91 30.86 47.77
N GLN G 3 -18.64 30.69 48.15
CA GLN G 3 -17.89 31.77 48.77
C GLN G 3 -16.42 31.61 48.46
N LEU G 4 -15.75 32.74 48.29
CA LEU G 4 -14.32 32.80 48.00
C LEU G 4 -13.65 33.68 49.03
N VAL G 5 -12.62 33.15 49.69
CA VAL G 5 -11.92 33.84 50.77
C VAL G 5 -10.48 34.15 50.32
N GLU G 6 -10.17 35.44 50.25
CA GLU G 6 -8.83 35.92 49.96
C GLU G 6 -8.03 36.03 51.25
N THR G 7 -6.96 35.23 51.37
CA THR G 7 -6.15 35.18 52.57
C THR G 7 -4.74 35.63 52.18
N GLY G 8 -4.59 36.94 52.01
CA GLY G 8 -3.30 37.52 51.69
C GLY G 8 -3.32 39.01 51.87
N GLY G 9 -2.29 39.66 51.37
CA GLY G 9 -2.25 41.10 51.30
C GLY G 9 -1.63 41.75 52.53
N GLY G 10 -1.42 43.06 52.41
CA GLY G 10 -0.80 43.84 53.46
C GLY G 10 0.10 44.95 52.95
N LEU G 11 0.77 45.62 53.88
CA LEU G 11 1.78 46.61 53.53
C LEU G 11 2.97 45.93 52.88
N VAL G 12 3.56 46.59 51.89
CA VAL G 12 4.77 46.08 51.25
C VAL G 12 5.57 47.26 50.72
N GLN G 13 6.88 47.16 50.84
CA GLN G 13 7.75 48.20 50.32
C GLN G 13 7.97 47.99 48.83
N PRO G 14 8.23 49.06 48.07
CA PRO G 14 8.60 48.91 46.65
C PRO G 14 9.86 48.07 46.49
N GLY G 15 9.84 47.20 45.47
CA GLY G 15 10.88 46.22 45.27
C GLY G 15 10.49 44.85 45.77
N GLY G 16 9.72 44.79 46.84
CA GLY G 16 9.27 43.54 47.43
C GLY G 16 8.14 42.92 46.63
N SER G 17 7.84 41.68 46.98
CA SER G 17 6.83 40.89 46.27
C SER G 17 5.79 40.39 47.26
N LEU G 18 4.59 40.15 46.76
CA LEU G 18 3.52 39.63 47.61
C LEU G 18 2.75 38.54 46.91
N LYS G 19 2.19 37.60 47.68
CA LYS G 19 1.39 36.52 47.13
C LYS G 19 0.01 36.50 47.77
N LEU G 20 -1.04 36.46 46.94
CA LEU G 20 -2.41 36.42 47.39
C LEU G 20 -3.02 35.05 47.07
N SER G 21 -3.64 34.43 48.07
CA SER G 21 -4.28 33.13 47.89
C SER G 21 -5.78 33.27 48.12
N CYS G 22 -6.57 32.81 47.16
CA CYS G 22 -8.03 32.86 47.20
C CYS G 22 -8.57 31.43 47.17
N ARG G 23 -8.97 30.93 48.34
CA ARG G 23 -9.63 29.63 48.40
C ARG G 23 -11.08 29.79 47.98
N ALA G 24 -11.66 28.71 47.45
CA ALA G 24 -13.05 28.70 47.00
C ALA G 24 -13.77 27.52 47.63
N SER G 25 -15.04 27.71 47.98
CA SER G 25 -15.81 26.65 48.60
C SER G 25 -17.27 26.78 48.22
N GLY G 26 -17.91 25.65 47.93
CA GLY G 26 -19.32 25.62 47.62
C GLY G 26 -19.64 25.27 46.18
N TYR G 27 -18.64 25.02 45.35
CA TYR G 27 -18.86 24.67 43.96
C TYR G 27 -17.65 23.89 43.48
N THR G 28 -17.77 23.30 42.30
CA THR G 28 -16.66 22.56 41.70
C THR G 28 -15.64 23.55 41.18
N PHE G 29 -14.47 23.59 41.83
CA PHE G 29 -13.44 24.58 41.49
C PHE G 29 -12.87 24.36 40.10
N SER G 30 -12.56 23.11 39.75
CA SER G 30 -11.87 22.79 38.50
C SER G 30 -12.70 23.03 37.25
N SER G 31 -13.99 23.32 37.36
CA SER G 31 -14.83 23.55 36.19
C SER G 31 -14.98 25.02 35.79
N PHE G 32 -14.47 25.97 36.58
CA PHE G 32 -14.63 27.38 36.31
C PHE G 32 -13.27 28.06 36.11
N ALA G 33 -13.22 28.98 35.16
CA ALA G 33 -12.09 29.88 35.02
C ALA G 33 -12.15 30.96 36.10
N MET G 34 -10.99 31.52 36.42
CA MET G 34 -10.90 32.47 37.51
C MET G 34 -10.11 33.69 37.07
N SER G 35 -10.32 34.78 37.79
CA SER G 35 -9.65 36.02 37.43
C SER G 35 -9.33 36.83 38.69
N TRP G 36 -8.42 37.79 38.53
CA TRP G 36 -8.15 38.80 39.53
C TRP G 36 -8.49 40.16 38.95
N VAL G 37 -9.23 40.95 39.74
CA VAL G 37 -9.72 42.28 39.39
C VAL G 37 -9.26 43.24 40.48
N ARG G 38 -8.73 44.39 40.07
CA ARG G 38 -8.15 45.36 40.99
C ARG G 38 -9.05 46.59 41.12
N GLN G 39 -9.22 47.06 42.36
CA GLN G 39 -9.95 48.28 42.65
C GLN G 39 -9.07 49.17 43.53
N ALA G 40 -8.58 50.27 42.95
CA ALA G 40 -7.82 51.24 43.72
C ALA G 40 -8.76 51.92 44.73
N PRO G 41 -8.21 52.42 45.88
CA PRO G 41 -9.07 53.03 46.90
C PRO G 41 -9.98 54.16 46.42
N GLY G 42 -9.51 54.98 45.48
CA GLY G 42 -10.30 56.08 44.96
C GLY G 42 -10.79 55.90 43.54
N LYS G 43 -10.65 54.71 42.96
CA LYS G 43 -11.01 54.47 41.57
C LYS G 43 -12.01 53.32 41.48
N GLY G 44 -12.35 52.97 40.24
CA GLY G 44 -13.24 51.87 39.95
C GLY G 44 -12.50 50.56 39.82
N LEU G 45 -13.14 49.62 39.12
CA LEU G 45 -12.62 48.27 38.97
C LEU G 45 -11.74 48.18 37.74
N GLU G 46 -10.68 47.39 37.84
CA GLU G 46 -9.80 47.12 36.70
C GLU G 46 -9.48 45.63 36.67
N TRP G 47 -9.69 44.99 35.52
CA TRP G 47 -9.29 43.61 35.35
C TRP G 47 -7.77 43.50 35.26
N VAL G 48 -7.20 42.51 35.95
CA VAL G 48 -5.76 42.31 35.99
C VAL G 48 -5.35 41.02 35.30
N SER G 49 -5.97 39.89 35.65
CA SER G 49 -5.46 38.63 35.12
C SER G 49 -6.56 37.59 35.05
N LEU G 50 -6.36 36.62 34.17
CA LEU G 50 -7.32 35.56 33.89
C LEU G 50 -6.61 34.23 33.69
N ILE G 51 -7.13 33.18 34.33
CA ILE G 51 -6.60 31.82 34.18
C ILE G 51 -7.78 30.89 33.88
N ASN G 52 -7.53 29.88 33.03
CA ASN G 52 -8.54 28.93 32.61
C ASN G 52 -8.84 27.95 33.76
N ASP G 53 -9.80 27.04 33.54
CA ASP G 53 -10.17 26.10 34.59
C ASP G 53 -9.08 25.05 34.80
N ARG G 54 -8.43 24.62 33.71
CA ARG G 54 -7.33 23.67 33.86
C ARG G 54 -6.10 24.34 34.48
N GLY G 55 -5.88 25.62 34.18
CA GLY G 55 -4.78 26.38 34.74
C GLY G 55 -3.60 26.57 33.83
N GLY G 56 -3.61 25.96 32.64
CA GLY G 56 -2.49 26.03 31.72
C GLY G 56 -2.34 27.35 30.99
N LEU G 57 -3.40 28.13 30.88
CA LEU G 57 -3.40 29.36 30.10
C LEU G 57 -3.56 30.56 31.02
N THR G 58 -2.69 31.56 30.84
CA THR G 58 -2.74 32.77 31.65
C THR G 58 -2.75 34.00 30.75
N PHE G 59 -3.52 35.02 31.15
CA PHE G 59 -3.58 36.28 30.43
C PHE G 59 -3.53 37.45 31.41
N TYR G 60 -2.87 38.54 30.98
CA TYR G 60 -2.65 39.71 31.81
C TYR G 60 -2.88 40.98 30.99
N VAL G 61 -3.14 42.09 31.69
CA VAL G 61 -3.06 43.40 31.04
C VAL G 61 -1.60 43.70 30.76
N ASP G 62 -1.37 44.55 29.75
CA ASP G 62 -0.02 44.90 29.30
C ASP G 62 0.84 45.48 30.42
N SER G 63 0.22 46.19 31.38
CA SER G 63 0.96 46.84 32.45
C SER G 63 1.67 45.85 33.36
N VAL G 64 0.99 44.75 33.71
CA VAL G 64 1.54 43.79 34.66
C VAL G 64 1.96 42.50 33.99
N LYS G 65 2.26 42.57 32.69
CA LYS G 65 2.52 41.37 31.88
C LYS G 65 3.73 40.59 32.38
N GLY G 66 4.81 41.29 32.71
CA GLY G 66 6.05 40.65 33.12
C GLY G 66 6.26 40.59 34.60
N ARG G 67 5.38 41.19 35.40
CA ARG G 67 5.56 41.27 36.84
C ARG G 67 4.65 40.35 37.65
N PHE G 68 3.50 39.97 37.12
CA PHE G 68 2.52 39.18 37.85
C PHE G 68 2.50 37.74 37.33
N THR G 69 2.15 36.81 38.22
CA THR G 69 2.03 35.41 37.81
C THR G 69 0.83 34.80 38.52
N ILE G 70 -0.17 34.42 37.75
CA ILE G 70 -1.38 33.78 38.26
C ILE G 70 -1.21 32.26 38.16
N SER G 71 -1.77 31.53 39.14
CA SER G 71 -1.63 30.09 39.16
C SER G 71 -2.83 29.45 39.84
N ARG G 72 -3.03 28.16 39.55
CA ARG G 72 -4.16 27.38 40.04
C ARG G 72 -3.73 25.95 40.30
N ASP G 73 -3.95 25.49 41.52
CA ASP G 73 -3.80 24.10 41.93
C ASP G 73 -5.20 23.56 42.14
N ASN G 74 -5.74 22.86 41.14
CA ASN G 74 -7.12 22.38 41.19
C ASN G 74 -7.39 21.48 42.39
N SER G 75 -6.43 20.62 42.77
CA SER G 75 -6.65 19.60 43.78
C SER G 75 -6.95 20.20 45.16
N LYS G 76 -6.07 21.05 45.67
CA LYS G 76 -6.32 21.82 46.89
C LYS G 76 -6.78 23.21 46.43
N ASN G 77 -8.10 23.45 46.51
CA ASN G 77 -8.72 24.68 45.99
C ASN G 77 -8.03 25.95 46.46
N THR G 78 -7.40 26.66 45.51
CA THR G 78 -6.63 27.88 45.72
C THR G 78 -6.27 28.54 44.38
N LEU G 79 -6.61 29.81 44.23
CA LEU G 79 -6.15 30.62 43.11
C LEU G 79 -5.13 31.59 43.67
N SER G 80 -3.89 31.52 43.19
CA SER G 80 -2.82 32.32 43.79
C SER G 80 -2.19 33.25 42.77
N LEU G 81 -2.09 34.53 43.15
CA LEU G 81 -1.42 35.54 42.34
C LEU G 81 -0.16 35.98 43.05
N GLN G 82 0.99 35.80 42.39
CA GLN G 82 2.30 36.18 42.89
C GLN G 82 2.76 37.42 42.15
N MET G 83 2.72 38.57 42.82
CA MET G 83 3.11 39.85 42.24
C MET G 83 4.55 40.15 42.63
N HIS G 84 5.45 40.06 41.65
CA HIS G 84 6.86 40.40 41.80
C HIS G 84 7.00 41.88 41.47
N SER G 85 8.24 42.41 41.56
CA SER G 85 8.59 43.81 41.30
C SER G 85 7.73 44.69 42.20
N LEU G 86 6.68 45.27 41.61
CA LEU G 86 5.59 46.07 42.20
C LEU G 86 5.99 47.54 42.23
N ARG G 87 4.99 48.43 42.34
CA ARG G 87 5.20 49.88 42.31
C ARG G 87 4.11 50.53 43.15
N ASP G 88 4.20 51.86 43.26
CA ASP G 88 3.18 52.64 43.98
C ASP G 88 1.83 52.59 43.29
N GLY G 89 1.82 52.48 41.95
CA GLY G 89 0.56 52.47 41.21
C GLY G 89 -0.37 51.34 41.61
N ASP G 90 0.21 50.15 41.87
CA ASP G 90 -0.58 48.96 42.19
C ASP G 90 -0.97 48.91 43.68
N THR G 91 -1.65 49.96 44.13
CA THR G 91 -2.20 50.04 45.48
C THR G 91 -3.69 49.81 45.31
N ALA G 92 -4.20 48.69 45.86
CA ALA G 92 -5.59 48.31 45.61
C ALA G 92 -6.12 47.08 46.34
N VAL G 93 -7.44 47.08 46.55
CA VAL G 93 -8.13 45.85 46.90
C VAL G 93 -8.12 44.93 45.68
N TYR G 94 -7.68 43.70 45.87
CA TYR G 94 -7.60 42.69 44.82
C TYR G 94 -8.67 41.64 45.09
N TYR G 95 -9.61 41.51 44.16
CA TYR G 95 -10.69 40.55 44.24
C TYR G 95 -10.41 39.38 43.32
N CYS G 96 -10.73 38.18 43.78
CA CYS G 96 -10.77 37.01 42.91
C CYS G 96 -12.21 36.77 42.48
N ALA G 97 -12.38 36.25 41.27
CA ALA G 97 -13.72 36.01 40.77
C ALA G 97 -13.71 34.77 39.90
N THR G 98 -14.90 34.20 39.71
CA THR G 98 -15.06 32.95 38.96
C THR G 98 -15.64 33.25 37.60
N GLY G 99 -14.80 33.64 36.66
CA GLY G 99 -15.30 33.83 35.31
C GLY G 99 -14.26 34.44 34.42
N GLY G 100 -14.71 34.78 33.21
CA GLY G 100 -13.87 35.38 32.21
C GLY G 100 -13.45 34.46 31.08
N MET G 101 -13.66 33.16 31.20
CA MET G 101 -13.31 32.22 30.15
C MET G 101 -14.15 30.96 30.33
N SER G 102 -14.23 30.15 29.28
CA SER G 102 -14.93 28.88 29.36
C SER G 102 -14.11 27.80 28.68
N SER G 103 -14.49 26.55 28.97
CA SER G 103 -13.74 25.36 28.57
C SER G 103 -13.70 25.13 27.06
N ALA G 104 -14.63 25.73 26.29
CA ALA G 104 -14.89 25.64 24.84
C ALA G 104 -15.79 24.45 24.55
N LEU G 105 -16.27 23.80 25.61
CA LEU G 105 -17.25 22.73 25.50
C LEU G 105 -18.51 23.05 26.28
N GLN G 106 -18.53 24.17 26.97
CA GLN G 106 -19.65 24.67 27.74
C GLN G 106 -20.02 26.04 27.20
N SER G 107 -21.05 26.65 27.78
CA SER G 107 -21.51 27.94 27.29
C SER G 107 -20.47 29.02 27.57
N SER G 108 -20.65 30.17 26.92
CA SER G 108 -19.69 31.25 27.05
C SER G 108 -19.97 32.03 28.31
N LYS G 109 -18.91 32.36 29.06
CA LYS G 109 -19.17 33.14 30.25
C LYS G 109 -18.99 34.62 29.94
N TYR G 110 -17.73 35.06 29.85
CA TYR G 110 -17.36 36.48 29.65
C TYR G 110 -17.97 37.43 30.69
N TYR G 111 -18.28 36.91 31.89
CA TYR G 111 -18.68 37.73 33.03
C TYR G 111 -18.00 37.18 34.27
N PHE G 112 -18.08 37.91 35.37
CA PHE G 112 -17.43 37.49 36.62
C PHE G 112 -18.48 37.31 37.71
N ASP G 113 -19.19 36.19 37.70
CA ASP G 113 -20.11 35.89 38.79
C ASP G 113 -19.35 35.24 39.94
N PHE G 114 -19.97 35.21 41.13
CA PHE G 114 -19.39 34.65 42.35
C PHE G 114 -18.10 35.35 42.72
N TRP G 115 -18.19 36.47 43.43
CA TRP G 115 -17.05 37.32 43.74
C TRP G 115 -16.57 37.03 45.16
N GLY G 116 -15.28 37.27 45.39
CA GLY G 116 -14.68 37.08 46.69
C GLY G 116 -14.88 38.30 47.56
N GLN G 117 -14.13 38.34 48.67
CA GLN G 117 -14.28 39.50 49.56
C GLN G 117 -13.30 40.61 49.22
N GLY G 118 -12.03 40.27 48.96
CA GLY G 118 -11.05 41.23 48.51
C GLY G 118 -9.95 41.44 49.52
N ALA G 119 -8.69 41.25 49.11
CA ALA G 119 -7.55 41.51 49.98
C ALA G 119 -6.98 42.88 49.68
N LEU G 120 -6.49 43.56 50.70
CA LEU G 120 -5.97 44.92 50.55
C LEU G 120 -4.46 44.84 50.38
N VAL G 121 -3.96 45.36 49.26
CA VAL G 121 -2.52 45.41 48.99
C VAL G 121 -2.11 46.87 48.97
N THR G 122 -1.24 47.26 49.90
CA THR G 122 -0.79 48.65 50.02
C THR G 122 0.72 48.71 49.81
N VAL G 123 1.17 49.61 48.94
CA VAL G 123 2.57 49.77 48.59
C VAL G 123 3.01 51.15 49.03
N SER G 124 4.07 51.21 49.84
CA SER G 124 4.62 52.45 50.38
C SER G 124 5.09 53.43 49.29
N ALA H 1 -10.30 52.47 28.50
CA ALA H 1 -11.40 52.50 29.45
C ALA H 1 -12.70 52.88 28.76
N LEU H 2 -13.82 52.55 29.38
CA LEU H 2 -15.12 52.95 28.87
C LEU H 2 -15.57 54.24 29.53
N THR H 3 -16.37 55.02 28.79
CA THR H 3 -16.93 56.25 29.33
C THR H 3 -18.30 55.97 29.93
N GLN H 4 -18.52 56.46 31.16
CA GLN H 4 -19.75 56.23 31.87
C GLN H 4 -19.97 57.45 32.76
N PRO H 5 -21.21 57.96 32.88
CA PRO H 5 -21.47 59.18 33.70
C PRO H 5 -21.00 59.04 35.14
N PRO H 6 -20.40 60.09 35.72
CA PRO H 6 -19.91 60.00 37.11
C PRO H 6 -20.98 59.68 38.15
N SER H 7 -22.20 60.19 37.99
CA SER H 7 -23.25 59.91 38.96
C SER H 7 -24.59 60.18 38.30
N VAL H 8 -25.63 59.55 38.86
CA VAL H 8 -27.01 59.80 38.49
C VAL H 8 -27.81 59.94 39.77
N SER H 9 -29.00 60.52 39.66
CA SER H 9 -29.87 60.67 40.82
C SER H 9 -31.29 60.30 40.43
N GLY H 10 -31.91 59.41 41.22
CA GLY H 10 -33.24 58.94 40.92
C GLY H 10 -34.17 59.05 42.11
N SER H 11 -35.46 59.07 41.80
CA SER H 11 -36.55 59.16 42.75
C SER H 11 -37.27 57.83 42.81
N PRO H 12 -37.58 57.31 44.01
CA PRO H 12 -38.26 56.02 44.15
C PRO H 12 -39.53 55.92 43.30
N GLY H 13 -39.61 54.83 42.53
CA GLY H 13 -40.71 54.59 41.63
C GLY H 13 -40.48 55.07 40.20
N GLN H 14 -39.50 55.95 39.99
CA GLN H 14 -39.15 56.42 38.64
C GLN H 14 -37.95 55.66 38.12
N SER H 15 -38.06 55.17 36.88
CA SER H 15 -37.00 54.39 36.26
C SER H 15 -35.80 55.28 35.88
N VAL H 16 -34.60 54.76 36.12
CA VAL H 16 -33.35 55.45 35.82
C VAL H 16 -32.52 54.59 34.86
N THR H 17 -32.02 55.22 33.80
CA THR H 17 -31.24 54.54 32.78
C THR H 17 -29.77 54.94 32.93
N ILE H 18 -28.96 54.02 33.45
CA ILE H 18 -27.52 54.23 33.57
C ILE H 18 -26.86 53.77 32.28
N SER H 19 -26.16 54.68 31.61
CA SER H 19 -25.61 54.40 30.30
C SER H 19 -24.14 54.02 30.35
N CYS H 20 -23.64 53.59 29.20
CA CYS H 20 -22.24 53.18 29.02
C CYS H 20 -21.91 53.31 27.54
N THR H 21 -20.76 53.92 27.23
CA THR H 21 -20.34 54.12 25.85
C THR H 21 -18.90 53.67 25.67
N GLY H 22 -18.63 52.98 24.56
CA GLY H 22 -17.30 52.52 24.22
C GLY H 22 -16.93 52.88 22.80
N THR H 23 -16.20 51.96 22.15
CA THR H 23 -15.72 52.10 20.79
C THR H 23 -16.23 50.93 19.95
N SER H 24 -16.07 51.04 18.63
CA SER H 24 -16.65 50.03 17.74
C SER H 24 -15.92 48.70 17.82
N SER H 25 -14.63 48.71 18.10
CA SER H 25 -13.85 47.48 18.16
C SER H 25 -14.10 46.66 19.41
N ASP H 26 -14.70 47.25 20.45
CA ASP H 26 -14.83 46.58 21.74
C ASP H 26 -16.28 46.26 22.08
N ILE H 27 -17.10 47.25 22.44
CA ILE H 27 -18.46 46.96 22.88
C ILE H 27 -19.35 46.58 21.69
N GLY H 28 -19.13 47.22 20.54
CA GLY H 28 -19.92 46.98 19.35
C GLY H 28 -19.77 45.60 18.74
N SER H 29 -18.52 45.23 18.42
CA SER H 29 -18.27 43.95 17.77
C SER H 29 -18.56 42.77 18.69
N TYR H 30 -18.25 42.92 19.97
CA TYR H 30 -18.36 41.85 20.95
C TYR H 30 -19.64 42.03 21.74
N ASN H 31 -20.61 41.16 21.48
CA ASN H 31 -21.93 41.20 22.09
C ASN H 31 -21.91 40.63 23.53
N TYR H 32 -20.98 41.12 24.38
CA TYR H 32 -20.87 40.70 25.79
C TYR H 32 -20.69 41.92 26.71
N VAL H 33 -21.78 42.62 26.98
CA VAL H 33 -21.78 43.71 27.95
C VAL H 33 -22.10 43.11 29.33
N SER H 34 -21.70 43.77 30.41
CA SER H 34 -22.00 43.25 31.74
C SER H 34 -22.09 44.38 32.74
N TRP H 35 -23.10 44.30 33.61
CA TRP H 35 -23.33 45.33 34.62
C TRP H 35 -23.22 44.75 36.02
N TYR H 36 -22.49 45.47 36.88
CA TYR H 36 -22.21 45.05 38.25
C TYR H 36 -22.67 46.12 39.23
N GLN H 37 -23.15 45.67 40.38
CA GLN H 37 -23.55 46.54 41.49
C GLN H 37 -22.62 46.32 42.68
N GLN H 38 -21.95 47.39 43.11
CA GLN H 38 -21.03 47.37 44.24
C GLN H 38 -21.52 48.27 45.36
N HIS H 39 -21.92 47.69 46.49
CA HIS H 39 -22.27 48.50 47.64
C HIS H 39 -20.99 49.14 48.21
N PRO H 40 -21.11 50.33 48.86
CA PRO H 40 -19.91 51.07 49.34
C PRO H 40 -18.95 50.29 50.23
N GLY H 41 -19.47 49.42 51.09
CA GLY H 41 -18.63 48.64 51.99
C GLY H 41 -18.53 47.18 51.60
N LYS H 42 -19.01 46.80 50.42
CA LYS H 42 -19.07 45.41 50.00
C LYS H 42 -18.37 45.23 48.66
N ALA H 43 -17.98 43.98 48.41
CA ALA H 43 -17.42 43.60 47.14
C ALA H 43 -18.49 43.66 46.05
N PRO H 44 -18.12 43.93 44.79
CA PRO H 44 -19.11 43.98 43.72
C PRO H 44 -19.78 42.63 43.53
N LYS H 45 -20.98 42.67 42.97
CA LYS H 45 -21.70 41.48 42.55
C LYS H 45 -22.29 41.78 41.19
N LEU H 46 -22.86 40.77 40.55
CA LEU H 46 -23.24 40.86 39.15
C LEU H 46 -24.75 40.97 39.03
N MET H 47 -25.19 42.02 38.34
CA MET H 47 -26.62 42.26 38.07
C MET H 47 -27.02 41.80 36.68
N ILE H 48 -26.29 42.19 35.64
CA ILE H 48 -26.62 41.81 34.26
C ILE H 48 -25.44 41.07 33.66
N TYR H 49 -25.66 39.84 33.22
CA TYR H 49 -24.64 39.03 32.56
C TYR H 49 -25.10 38.92 31.12
N ASP H 50 -24.21 39.30 30.18
CA ASP H 50 -24.49 39.44 28.75
C ASP H 50 -25.38 40.68 28.63
N VAL H 51 -25.84 41.02 27.43
CA VAL H 51 -26.56 42.29 27.27
C VAL H 51 -27.88 42.28 28.03
N THR H 52 -28.68 41.21 27.91
CA THR H 52 -30.04 41.23 28.42
C THR H 52 -30.34 40.17 29.48
N GLN H 53 -29.44 39.22 29.74
CA GLN H 53 -29.80 38.15 30.66
C GLN H 53 -29.67 38.62 32.10
N ARG H 54 -30.22 37.81 33.01
CA ARG H 54 -30.19 38.11 34.43
C ARG H 54 -29.98 36.84 35.26
N PRO H 55 -29.01 36.83 36.18
CA PRO H 55 -28.75 35.62 36.97
C PRO H 55 -29.82 35.39 38.02
N SER H 56 -30.12 34.11 38.25
CA SER H 56 -31.01 33.70 39.33
C SER H 56 -30.62 34.32 40.67
N GLY H 57 -31.63 34.78 41.41
CA GLY H 57 -31.42 35.41 42.69
C GLY H 57 -31.42 36.92 42.63
N VAL H 58 -31.31 37.50 41.44
CA VAL H 58 -31.31 38.94 41.23
C VAL H 58 -32.72 39.37 40.87
N SER H 59 -33.20 40.43 41.50
CA SER H 59 -34.57 40.92 41.32
C SER H 59 -34.85 41.28 39.87
N ASP H 60 -36.08 40.98 39.42
CA ASP H 60 -36.50 41.17 38.03
C ASP H 60 -36.55 42.64 37.59
N ARG H 61 -36.42 43.59 38.51
CA ARG H 61 -36.40 45.01 38.14
C ARG H 61 -35.19 45.35 37.29
N PHE H 62 -34.09 44.61 37.45
CA PHE H 62 -32.85 44.89 36.75
C PHE H 62 -32.88 44.26 35.36
N SER H 63 -32.62 45.08 34.34
CA SER H 63 -32.55 44.61 32.96
C SER H 63 -31.68 45.59 32.19
N GLY H 64 -31.36 45.23 30.96
CA GLY H 64 -30.56 46.16 30.19
C GLY H 64 -30.58 45.79 28.72
N SER H 65 -29.90 46.63 27.94
CA SER H 65 -29.88 46.47 26.49
C SER H 65 -28.68 47.23 25.95
N LYS H 66 -28.43 47.06 24.65
CA LYS H 66 -27.44 47.85 23.96
C LYS H 66 -27.98 48.24 22.61
N SER H 67 -27.46 49.34 22.08
CA SER H 67 -27.85 49.82 20.76
C SER H 67 -26.68 50.62 20.21
N GLY H 68 -26.31 50.35 18.96
CA GLY H 68 -25.20 51.06 18.34
C GLY H 68 -23.92 50.78 19.10
N ASN H 69 -23.30 51.87 19.55
CA ASN H 69 -22.08 51.79 20.33
C ASN H 69 -22.31 52.09 21.80
N THR H 70 -23.57 52.02 22.26
CA THR H 70 -23.88 52.32 23.65
C THR H 70 -24.64 51.15 24.26
N ALA H 71 -24.79 51.23 25.58
CA ALA H 71 -25.51 50.23 26.35
C ALA H 71 -26.18 50.95 27.50
N SER H 72 -27.23 50.33 28.04
CA SER H 72 -28.00 50.96 29.11
C SER H 72 -28.55 49.92 30.07
N LEU H 73 -28.54 50.28 31.34
CA LEU H 73 -29.10 49.51 32.44
C LEU H 73 -30.34 50.23 32.96
N THR H 74 -31.46 49.51 32.97
CA THR H 74 -32.73 50.01 33.51
C THR H 74 -33.05 49.17 34.73
N ILE H 75 -33.36 49.83 35.84
CA ILE H 75 -33.58 49.13 37.11
C ILE H 75 -35.01 49.31 37.62
N SER H 76 -35.94 49.70 36.72
CA SER H 76 -37.37 49.91 37.00
C SER H 76 -37.60 50.84 38.18
N GLY H 77 -38.65 50.58 38.96
CA GLY H 77 -38.95 51.42 40.11
C GLY H 77 -37.86 51.32 41.16
N LEU H 78 -37.31 52.47 41.55
CA LEU H 78 -36.25 52.51 42.55
C LEU H 78 -36.74 52.07 43.93
N GLN H 79 -35.94 51.25 44.58
CA GLN H 79 -36.15 50.82 45.95
C GLN H 79 -35.10 51.46 46.84
N ALA H 80 -35.41 51.53 48.14
CA ALA H 80 -34.49 52.09 49.12
C ALA H 80 -33.17 51.33 49.22
N ASP H 81 -33.20 50.02 48.95
CA ASP H 81 -32.03 49.18 49.12
C ASP H 81 -31.02 49.29 47.99
N ASP H 82 -31.37 49.95 46.88
CA ASP H 82 -30.48 50.02 45.72
C ASP H 82 -29.56 51.25 45.77
N GLU H 83 -28.86 51.43 46.88
CA GLU H 83 -27.88 52.50 47.06
C GLU H 83 -26.49 51.90 46.91
N ALA H 84 -25.89 52.08 45.72
CA ALA H 84 -24.61 51.43 45.40
C ALA H 84 -24.01 52.08 44.16
N ASP H 85 -22.72 51.78 43.94
CA ASP H 85 -22.05 52.09 42.68
C ASP H 85 -22.42 51.08 41.62
N TYR H 86 -22.54 51.54 40.37
CA TYR H 86 -22.76 50.64 39.24
C TYR H 86 -21.60 50.74 38.26
N TYR H 87 -21.23 49.60 37.68
CA TYR H 87 -20.16 49.55 36.70
C TYR H 87 -20.60 48.78 35.46
N CYS H 88 -20.18 49.25 34.29
CA CYS H 88 -20.30 48.49 33.06
C CYS H 88 -18.93 47.93 32.71
N SER H 89 -18.94 46.79 32.05
CA SER H 89 -17.72 46.18 31.53
C SER H 89 -18.06 45.50 30.21
N ALA H 90 -17.02 45.22 29.44
CA ALA H 90 -17.23 44.64 28.13
C ALA H 90 -15.99 43.87 27.70
N TYR H 91 -16.23 42.69 27.13
CA TYR H 91 -15.14 41.93 26.53
C TYR H 91 -14.69 42.67 25.29
N ALA H 92 -13.38 42.89 25.15
CA ALA H 92 -12.85 43.68 24.06
C ALA H 92 -11.94 42.91 23.12
N GLY H 93 -11.86 41.60 23.24
CA GLY H 93 -11.06 40.79 22.33
C GLY H 93 -9.97 40.03 23.05
N ARG H 94 -9.29 39.15 22.32
CA ARG H 94 -8.26 38.29 22.95
C ARG H 94 -7.01 39.09 23.34
N GLN H 95 -6.93 40.38 23.01
CA GLN H 95 -5.76 41.12 23.46
C GLN H 95 -6.12 41.83 24.76
N THR H 96 -6.73 43.01 24.66
CA THR H 96 -7.30 43.66 25.83
C THR H 96 -8.58 42.91 26.18
N PHE H 97 -8.54 42.09 27.21
CA PHE H 97 -9.67 41.20 27.52
C PHE H 97 -10.94 41.91 27.96
N TYR H 98 -10.93 42.52 29.14
CA TYR H 98 -12.14 43.14 29.69
C TYR H 98 -11.86 44.56 30.10
N ILE H 99 -12.69 45.48 29.64
CA ILE H 99 -12.58 46.89 29.98
C ILE H 99 -13.78 47.29 30.83
N PHE H 100 -13.49 47.92 31.97
CA PHE H 100 -14.49 48.33 32.95
C PHE H 100 -14.69 49.83 32.89
N GLY H 101 -15.94 50.25 32.78
CA GLY H 101 -16.26 51.65 32.83
C GLY H 101 -16.17 52.18 34.25
N GLY H 102 -16.11 53.51 34.38
CA GLY H 102 -16.03 54.16 35.67
C GLY H 102 -17.25 53.95 36.55
N GLY H 103 -17.32 54.59 37.71
CA GLY H 103 -18.40 54.34 38.63
C GLY H 103 -19.49 55.39 38.53
N THR H 104 -20.72 54.94 38.75
CA THR H 104 -21.90 55.80 38.74
C THR H 104 -22.55 55.73 40.12
N ARG H 105 -22.47 56.82 40.87
CA ARG H 105 -23.10 56.87 42.18
C ARG H 105 -24.59 57.07 41.97
N LEU H 106 -25.41 56.14 42.46
CA LEU H 106 -26.86 56.23 42.30
C LEU H 106 -27.41 56.84 43.58
N THR H 107 -27.89 58.08 43.49
CA THR H 107 -28.45 58.79 44.62
C THR H 107 -29.96 58.63 44.62
N VAL H 108 -30.51 58.24 45.77
CA VAL H 108 -31.94 58.09 45.95
C VAL H 108 -32.39 59.18 46.91
N LEU H 109 -33.15 60.15 46.40
CA LEU H 109 -33.64 61.24 47.24
C LEU H 109 -34.84 60.78 48.05
N ASN I 38 18.86 23.71 30.12
CA ASN I 38 17.52 23.79 29.55
C ASN I 38 17.43 23.06 28.21
N LEU I 39 17.42 21.74 28.27
CA LEU I 39 17.30 20.91 27.08
C LEU I 39 15.90 20.34 26.98
N TRP I 40 15.44 20.11 25.75
CA TRP I 40 14.10 19.65 25.49
C TRP I 40 14.14 18.44 24.57
N VAL I 41 13.11 17.61 24.66
CA VAL I 41 13.02 16.42 23.82
C VAL I 41 12.69 16.85 22.39
N THR I 42 13.49 16.42 21.43
CA THR I 42 13.23 16.63 20.02
C THR I 42 13.12 15.27 19.34
N VAL I 43 12.08 15.10 18.52
CA VAL I 43 11.79 13.84 17.85
C VAL I 43 12.40 13.86 16.46
N TYR I 44 13.14 12.81 16.13
CA TYR I 44 13.81 12.65 14.85
C TYR I 44 13.28 11.41 14.16
N TYR I 45 12.90 11.55 12.89
CA TYR I 45 12.42 10.44 12.07
C TYR I 45 13.40 10.23 10.94
N GLY I 46 13.81 8.98 10.72
CA GLY I 46 14.88 8.66 9.78
C GLY I 46 16.23 8.39 10.43
N VAL I 47 16.24 8.03 11.71
CA VAL I 47 17.44 7.86 12.53
C VAL I 47 18.22 6.62 12.11
N PRO I 48 19.57 6.68 11.95
CA PRO I 48 20.36 5.50 11.54
C PRO I 48 20.64 4.52 12.68
N VAL I 49 19.59 3.85 13.17
CA VAL I 49 19.76 2.78 14.13
C VAL I 49 18.99 1.56 13.64
N TRP I 50 19.37 0.40 14.17
CA TRP I 50 18.76 -0.85 13.78
C TRP I 50 18.86 -1.84 14.93
N LYS I 51 18.02 -2.87 14.84
CA LYS I 51 18.02 -3.97 15.80
C LYS I 51 18.11 -5.29 15.05
N ASP I 52 18.61 -6.31 15.74
CA ASP I 52 18.62 -7.66 15.19
C ASP I 52 17.18 -8.14 14.99
N ALA I 53 16.93 -8.80 13.86
CA ALA I 53 15.57 -9.24 13.59
C ALA I 53 15.56 -10.42 12.63
N GLU I 54 14.45 -11.15 12.64
CA GLU I 54 14.17 -12.22 11.70
C GLU I 54 12.98 -11.80 10.82
N THR I 55 13.18 -11.83 9.50
CA THR I 55 12.13 -11.47 8.57
C THR I 55 12.14 -12.43 7.38
N THR I 56 11.16 -12.26 6.49
CA THR I 56 11.04 -13.04 5.26
C THR I 56 11.73 -12.27 4.13
N LEU I 57 12.63 -12.94 3.42
CA LEU I 57 13.39 -12.31 2.35
C LEU I 57 12.79 -12.58 0.96
N PHE I 58 13.10 -11.68 0.03
CA PHE I 58 12.58 -11.70 -1.32
C PHE I 58 13.58 -12.29 -2.30
N CYS I 59 13.04 -12.72 -3.44
CA CYS I 59 13.76 -13.40 -4.52
C CYS I 59 14.12 -12.44 -5.63
N ALA I 60 15.39 -12.45 -6.04
CA ALA I 60 15.83 -11.65 -7.18
C ALA I 60 16.75 -12.48 -8.05
N SER I 61 16.59 -12.37 -9.36
CA SER I 61 17.43 -13.08 -10.32
C SER I 61 17.29 -12.49 -11.72
N ASN I 72 13.57 -23.06 -13.71
CA ASN I 72 14.41 -24.12 -13.18
C ASN I 72 13.69 -24.71 -11.98
N VAL I 73 14.37 -25.59 -11.22
CA VAL I 73 13.78 -26.07 -9.96
C VAL I 73 13.55 -24.91 -9.02
N TRP I 74 14.54 -24.05 -8.90
CA TRP I 74 14.47 -22.83 -8.14
C TRP I 74 14.19 -21.69 -9.12
N ALA I 75 14.26 -20.46 -8.62
CA ALA I 75 14.10 -19.22 -9.39
C ALA I 75 12.83 -19.24 -10.25
N THR I 76 11.72 -19.67 -9.63
CA THR I 76 10.40 -19.79 -10.25
C THR I 76 9.94 -18.49 -10.91
N HIS I 77 9.02 -18.60 -11.88
CA HIS I 77 8.56 -17.48 -12.72
C HIS I 77 8.13 -16.24 -11.91
N ALA I 78 7.75 -16.40 -10.64
CA ALA I 78 7.30 -15.28 -9.84
C ALA I 78 8.35 -14.84 -8.83
N CYS I 79 9.62 -15.19 -9.07
CA CYS I 79 10.74 -14.60 -8.34
C CYS I 79 11.05 -13.28 -9.02
N VAL I 80 10.81 -12.18 -8.29
CA VAL I 80 10.86 -10.80 -8.77
C VAL I 80 12.16 -10.52 -9.53
N PRO I 81 12.12 -9.96 -10.74
CA PRO I 81 13.35 -9.69 -11.47
C PRO I 81 14.25 -8.69 -10.76
N THR I 82 15.55 -8.89 -10.89
CA THR I 82 16.49 -8.07 -10.16
C THR I 82 16.71 -6.73 -10.86
N ASP I 83 17.57 -5.92 -10.29
CA ASP I 83 17.95 -4.66 -10.87
C ASP I 83 19.38 -4.80 -11.38
N PRO I 84 19.74 -4.23 -12.53
CA PRO I 84 21.11 -4.42 -13.05
C PRO I 84 22.20 -3.73 -12.24
N ASN I 85 22.04 -2.44 -11.91
CA ASN I 85 23.08 -1.69 -11.23
C ASN I 85 22.81 -1.73 -9.74
N PRO I 86 23.59 -2.46 -8.95
CA PRO I 86 23.27 -2.56 -7.52
C PRO I 86 24.00 -1.50 -6.70
N GLN I 87 23.85 -1.56 -5.39
CA GLN I 87 24.44 -0.55 -4.52
C GLN I 87 25.18 -1.23 -3.38
N GLU I 88 26.16 -0.51 -2.84
CA GLU I 88 26.90 -1.00 -1.67
C GLU I 88 27.33 0.22 -0.88
N ILE I 89 26.46 0.66 0.02
CA ILE I 89 26.67 1.88 0.77
C ILE I 89 27.58 1.56 1.94
N HIS I 90 28.89 1.67 1.73
CA HIS I 90 29.89 1.36 2.75
C HIS I 90 29.64 2.17 4.02
N LEU I 91 29.61 1.48 5.15
CA LEU I 91 29.37 2.11 6.45
C LEU I 91 30.71 2.26 7.17
N GLU I 92 31.15 3.50 7.33
CA GLU I 92 32.43 3.74 7.99
C GLU I 92 32.16 3.99 9.47
N ASN I 93 33.21 3.76 10.28
CA ASN I 93 33.15 3.90 11.74
C ASN I 93 32.06 3.02 12.36
N VAL I 94 31.87 1.82 11.81
CA VAL I 94 30.86 0.87 12.28
C VAL I 94 31.54 -0.46 12.55
N THR I 95 31.29 -1.04 13.72
CA THR I 95 31.84 -2.33 14.14
C THR I 95 30.63 -3.12 14.65
N GLU I 96 30.05 -3.92 13.77
CA GLU I 96 28.83 -4.67 14.08
C GLU I 96 29.18 -6.10 14.46
N GLU I 97 28.34 -6.72 15.29
CA GLU I 97 28.56 -8.08 15.74
C GLU I 97 27.79 -9.05 14.86
N PHE I 98 28.50 -9.98 14.23
CA PHE I 98 27.94 -10.99 13.34
C PHE I 98 28.02 -12.35 14.01
N ASN I 99 27.08 -13.24 13.66
CA ASN I 99 27.09 -14.60 14.17
C ASN I 99 26.56 -15.51 13.07
N MET I 100 27.47 -16.24 12.40
CA MET I 100 27.07 -17.11 11.30
C MET I 100 26.24 -18.31 11.77
N TRP I 101 26.32 -18.70 13.04
CA TRP I 101 25.65 -19.89 13.52
C TRP I 101 24.25 -19.62 14.05
N LYS I 102 23.85 -18.36 14.15
CA LYS I 102 22.51 -17.98 14.59
C LYS I 102 21.83 -17.12 13.53
N ASN I 103 22.29 -17.21 12.29
CA ASN I 103 21.78 -16.40 11.19
C ASN I 103 20.53 -17.09 10.65
N ASN I 104 19.38 -16.43 10.79
CA ASN I 104 18.11 -17.01 10.35
C ASN I 104 17.94 -17.00 8.84
N MET I 105 18.86 -16.36 8.09
CA MET I 105 18.84 -16.44 6.63
C MET I 105 19.14 -17.85 6.17
N VAL I 106 19.89 -18.61 6.97
CA VAL I 106 20.23 -19.98 6.62
C VAL I 106 19.01 -20.88 6.71
N GLU I 107 18.24 -20.76 7.81
CA GLU I 107 17.03 -21.54 7.98
C GLU I 107 15.97 -21.14 6.95
N GLN I 108 15.88 -19.83 6.67
CA GLN I 108 14.92 -19.36 5.68
C GLN I 108 15.27 -19.86 4.29
N MET I 109 16.57 -19.86 3.94
CA MET I 109 17.01 -20.39 2.65
C MET I 109 16.76 -21.89 2.55
N HIS I 110 17.08 -22.66 3.60
CA HIS I 110 16.81 -24.09 3.64
C HIS I 110 15.35 -24.39 3.38
N THR I 111 14.45 -23.68 4.09
CA THR I 111 13.02 -23.86 3.92
C THR I 111 12.60 -23.48 2.50
N ASP I 112 13.17 -22.41 1.95
CA ASP I 112 12.85 -22.00 0.58
C ASP I 112 13.27 -23.04 -0.45
N ILE I 113 14.45 -23.63 -0.27
CA ILE I 113 14.93 -24.65 -1.21
C ILE I 113 14.06 -25.89 -1.15
N ILE I 114 13.67 -26.31 0.06
CA ILE I 114 12.79 -27.47 0.21
C ILE I 114 11.42 -27.18 -0.42
N SER I 115 10.89 -25.98 -0.18
CA SER I 115 9.58 -25.59 -0.73
C SER I 115 9.60 -25.57 -2.26
N LEU I 116 10.65 -24.98 -2.85
CA LEU I 116 10.78 -24.95 -4.31
C LEU I 116 10.93 -26.34 -4.89
N TRP I 117 11.69 -27.21 -4.22
CA TRP I 117 11.86 -28.60 -4.64
C TRP I 117 10.51 -29.33 -4.66
N ASP I 118 9.76 -29.20 -3.56
CA ASP I 118 8.46 -29.87 -3.47
C ASP I 118 7.47 -29.30 -4.47
N GLN I 119 7.51 -27.98 -4.69
CA GLN I 119 6.62 -27.35 -5.66
C GLN I 119 6.99 -27.69 -7.09
N SER I 120 8.22 -28.12 -7.32
CA SER I 120 8.69 -28.48 -8.65
C SER I 120 8.36 -29.92 -9.00
N LEU I 121 8.54 -30.85 -8.05
CA LEU I 121 8.23 -32.25 -8.35
C LEU I 121 6.73 -32.50 -8.44
N LYS I 122 5.94 -31.83 -7.58
CA LYS I 122 4.48 -32.02 -7.42
C LYS I 122 3.67 -32.18 -8.71
N PRO I 123 3.73 -31.26 -9.73
CA PRO I 123 2.84 -31.45 -10.89
C PRO I 123 3.48 -32.35 -11.95
N CYS I 124 3.85 -33.57 -11.56
CA CYS I 124 4.49 -34.48 -12.48
C CYS I 124 4.13 -35.92 -12.12
N VAL I 125 4.39 -36.81 -13.09
CA VAL I 125 3.97 -38.22 -13.05
C VAL I 125 4.43 -38.93 -11.78
N LYS I 126 3.48 -39.62 -11.14
CA LYS I 126 3.76 -40.40 -9.95
C LYS I 126 4.03 -41.85 -10.35
N LEU I 127 5.24 -42.34 -10.11
CA LEU I 127 5.59 -43.68 -10.55
C LEU I 127 5.08 -44.77 -9.61
N THR I 128 3.79 -44.75 -9.27
CA THR I 128 3.21 -45.84 -8.48
C THR I 128 3.26 -47.18 -9.22
N PRO I 129 2.82 -47.32 -10.55
CA PRO I 129 3.02 -48.58 -11.28
C PRO I 129 4.41 -49.24 -11.24
N LEU I 130 5.47 -48.46 -11.00
CA LEU I 130 6.82 -48.98 -11.10
C LEU I 130 7.25 -49.80 -9.89
N CYS I 131 6.50 -49.75 -8.78
CA CYS I 131 6.81 -50.60 -7.63
C CYS I 131 6.12 -51.93 -7.87
N VAL I 132 6.74 -52.73 -8.74
CA VAL I 132 6.24 -54.00 -9.21
C VAL I 132 7.39 -54.99 -9.12
N THR I 133 7.06 -56.28 -9.01
CA THR I 133 8.08 -57.33 -8.96
C THR I 133 8.94 -57.30 -10.22
N LEU I 134 10.25 -57.28 -10.02
CA LEU I 134 11.19 -57.19 -11.12
C LEU I 134 11.90 -58.52 -11.29
N GLN I 135 12.17 -58.88 -12.54
CA GLN I 135 13.02 -60.03 -12.87
C GLN I 135 14.31 -59.47 -13.44
N CYS I 136 15.39 -59.50 -12.67
CA CYS I 136 16.61 -58.81 -13.01
C CYS I 136 17.77 -59.80 -13.12
N THR I 137 18.60 -59.59 -14.13
CA THR I 137 19.83 -60.35 -14.33
C THR I 137 20.99 -59.37 -14.46
N ASN I 138 22.20 -59.89 -14.46
CA ASN I 138 23.36 -59.03 -14.57
C ASN I 138 23.64 -58.66 -16.02
N VAL I 139 24.04 -57.41 -16.24
CA VAL I 139 24.50 -56.96 -17.54
C VAL I 139 25.98 -57.33 -17.68
N THR I 140 26.35 -57.91 -18.82
CA THR I 140 27.73 -58.30 -19.08
C THR I 140 28.19 -57.87 -20.47
N ASN I 141 27.51 -56.92 -21.08
CA ASN I 141 27.90 -56.37 -22.37
C ASN I 141 29.15 -55.53 -22.18
N ASN I 142 30.32 -56.13 -22.46
CA ASN I 142 31.65 -55.51 -22.38
C ASN I 142 31.88 -54.80 -21.04
N ILE I 143 31.75 -55.56 -19.97
CA ILE I 143 31.92 -55.01 -18.63
C ILE I 143 33.39 -54.90 -18.28
N THR I 144 33.65 -53.99 -17.33
CA THR I 144 35.02 -53.85 -16.77
C THR I 144 35.01 -54.64 -15.47
N ASP I 145 36.15 -54.90 -14.85
CA ASP I 145 36.05 -55.74 -13.63
C ASP I 145 35.22 -54.93 -12.64
N ASP I 146 35.50 -53.65 -12.54
CA ASP I 146 34.69 -52.78 -11.69
C ASP I 146 33.42 -52.52 -12.49
N MET I 147 32.36 -52.12 -11.83
CA MET I 147 31.06 -51.91 -12.50
C MET I 147 30.56 -53.34 -12.73
N ARG I 148 31.16 -54.29 -12.04
CA ARG I 148 30.61 -55.64 -12.08
C ARG I 148 29.46 -55.65 -11.09
N GLY I 149 28.50 -56.50 -11.30
CA GLY I 149 27.27 -56.58 -10.53
C GLY I 149 26.81 -55.24 -10.01
N GLU I 150 26.87 -54.22 -10.85
CA GLU I 150 26.41 -52.88 -10.50
C GLU I 150 25.34 -52.33 -11.42
N LEU I 151 25.25 -52.84 -12.65
CA LEU I 151 24.18 -52.47 -13.57
C LEU I 151 23.36 -53.72 -13.90
N LYS I 152 22.09 -53.70 -13.52
CA LYS I 152 21.19 -54.84 -13.63
C LYS I 152 20.12 -54.61 -14.69
N ASN I 153 19.96 -55.59 -15.58
CA ASN I 153 18.93 -55.59 -16.61
C ASN I 153 17.66 -56.14 -15.96
N CYS I 154 16.61 -55.33 -15.92
CA CYS I 154 15.39 -55.67 -15.19
C CYS I 154 14.20 -55.67 -16.12
N SER I 155 13.38 -56.71 -16.03
CA SER I 155 12.20 -56.86 -16.88
C SER I 155 10.98 -56.93 -15.96
N PHE I 156 9.89 -56.30 -16.39
CA PHE I 156 8.71 -56.21 -15.54
C PHE I 156 7.45 -55.94 -16.36
N ASN I 157 6.31 -56.10 -15.69
CA ASN I 157 4.98 -55.97 -16.30
C ASN I 157 4.45 -54.57 -15.98
N MET I 158 4.56 -53.67 -16.94
CA MET I 158 4.15 -52.30 -16.76
C MET I 158 2.77 -52.11 -17.39
N THR I 159 2.01 -51.17 -16.84
CA THR I 159 0.70 -50.85 -17.38
C THR I 159 0.84 -50.04 -18.66
N THR I 160 -0.26 -49.97 -19.42
CA THR I 160 -0.34 -49.25 -20.68
C THR I 160 -1.55 -48.33 -20.63
N GLU I 161 -1.83 -47.65 -21.75
CA GLU I 161 -2.91 -46.66 -21.82
C GLU I 161 -4.26 -47.26 -21.43
N LEU I 162 -4.49 -48.51 -21.83
CA LEU I 162 -5.71 -49.23 -21.52
C LEU I 162 -5.49 -50.10 -20.29
N ARG I 163 -6.43 -50.07 -19.35
CA ARG I 163 -6.31 -50.90 -18.15
C ARG I 163 -6.33 -52.39 -18.46
N ASP I 164 -7.08 -52.79 -19.50
CA ASP I 164 -7.25 -54.21 -19.83
C ASP I 164 -5.96 -54.87 -20.31
N LYS I 165 -4.99 -54.08 -20.79
CA LYS I 165 -3.77 -54.62 -21.36
C LYS I 165 -2.57 -54.31 -20.44
N LYS I 166 -1.54 -55.13 -20.58
CA LYS I 166 -0.27 -54.96 -19.89
C LYS I 166 0.85 -55.16 -20.91
N GLN I 167 2.03 -54.63 -20.59
CA GLN I 167 3.18 -54.78 -21.47
C GLN I 167 4.37 -55.27 -20.68
N LYS I 168 5.21 -56.07 -21.33
CA LYS I 168 6.48 -56.49 -20.75
C LYS I 168 7.58 -55.58 -21.25
N VAL I 169 8.23 -54.86 -20.34
CA VAL I 169 9.26 -53.89 -20.69
C VAL I 169 10.50 -54.19 -19.87
N TYR I 170 11.60 -53.54 -20.25
CA TYR I 170 12.86 -53.69 -19.54
C TYR I 170 13.52 -52.33 -19.34
N SER I 171 14.38 -52.27 -18.35
CA SER I 171 15.17 -51.08 -18.05
C SER I 171 16.44 -51.50 -17.34
N LEU I 172 17.42 -50.61 -17.33
CA LEU I 172 18.64 -50.83 -16.58
C LEU I 172 18.58 -50.05 -15.28
N PHE I 173 18.95 -50.71 -14.18
CA PHE I 173 18.97 -50.08 -12.88
C PHE I 173 20.33 -50.30 -12.24
N TYR I 174 20.68 -49.40 -11.32
CA TYR I 174 21.92 -49.53 -10.59
C TYR I 174 21.69 -50.41 -9.36
N ARG I 175 22.80 -50.98 -8.86
CA ARG I 175 22.76 -51.81 -7.65
C ARG I 175 22.15 -51.08 -6.46
N LEU I 176 22.33 -49.77 -6.38
CA LEU I 176 21.80 -48.96 -5.29
C LEU I 176 20.32 -48.63 -5.48
N ASP I 177 19.75 -48.98 -6.64
CA ASP I 177 18.37 -48.70 -6.94
C ASP I 177 17.44 -49.87 -6.62
N VAL I 178 17.97 -51.08 -6.57
CA VAL I 178 17.18 -52.30 -6.39
C VAL I 178 17.71 -53.08 -5.20
N VAL I 179 16.80 -53.80 -4.54
CA VAL I 179 17.12 -54.68 -3.43
C VAL I 179 16.47 -56.04 -3.70
N GLN I 180 17.22 -57.11 -3.45
CA GLN I 180 16.71 -58.45 -3.69
C GLN I 180 15.62 -58.83 -2.70
N ILE I 181 14.55 -59.43 -3.21
CA ILE I 181 13.44 -59.93 -2.40
C ILE I 181 13.45 -61.45 -2.44
N ASN I 182 13.37 -62.08 -1.26
CA ASN I 182 13.36 -63.53 -1.07
C ASN I 182 14.57 -64.24 -1.68
N LYS I 194 16.01 -64.25 -7.69
CA LYS I 194 16.55 -63.48 -8.80
C LYS I 194 15.51 -62.34 -9.00
N GLU I 195 14.63 -62.24 -8.01
CA GLU I 195 13.59 -61.22 -8.01
C GLU I 195 14.05 -60.02 -7.18
N TYR I 196 13.74 -58.82 -7.68
CA TYR I 196 14.15 -57.59 -7.03
C TYR I 196 12.97 -56.63 -6.92
N ARG I 197 13.09 -55.70 -5.99
CA ARG I 197 12.13 -54.61 -5.82
C ARG I 197 12.92 -53.32 -5.68
N LEU I 198 12.24 -52.19 -5.84
CA LEU I 198 12.90 -50.90 -5.67
C LEU I 198 13.11 -50.60 -4.19
N ILE I 199 14.20 -49.89 -3.89
CA ILE I 199 14.58 -49.60 -2.51
C ILE I 199 13.55 -48.74 -1.79
N ASN I 200 12.79 -47.92 -2.52
CA ASN I 200 11.80 -47.04 -1.91
C ASN I 200 10.47 -47.72 -1.66
N CYS I 201 10.26 -48.93 -2.18
CA CYS I 201 8.94 -49.57 -2.17
C CYS I 201 8.38 -49.82 -0.79
N ASN I 202 9.21 -49.99 0.22
CA ASN I 202 8.69 -50.30 1.54
C ASN I 202 8.68 -49.08 2.44
N THR I 203 9.34 -47.98 2.03
CA THR I 203 9.52 -46.81 2.86
C THR I 203 8.87 -45.54 2.32
N SER I 204 8.71 -45.38 1.01
CA SER I 204 8.31 -44.07 0.50
C SER I 204 7.65 -44.17 -0.87
N ALA I 205 6.93 -43.10 -1.22
CA ALA I 205 6.39 -42.93 -2.56
C ALA I 205 7.47 -42.39 -3.49
N ILE I 206 7.33 -42.69 -4.78
CA ILE I 206 8.31 -42.33 -5.80
C ILE I 206 7.64 -41.46 -6.85
N THR I 207 8.15 -40.24 -7.02
CA THR I 207 7.69 -39.34 -8.07
C THR I 207 8.83 -39.12 -9.07
N GLN I 208 8.50 -39.18 -10.35
CA GLN I 208 9.52 -38.95 -11.37
C GLN I 208 9.78 -37.46 -11.50
N ALA I 209 11.06 -37.10 -11.63
CA ALA I 209 11.43 -35.71 -11.88
C ALA I 209 10.91 -35.28 -13.24
N CYS I 210 10.50 -34.02 -13.32
CA CYS I 210 9.91 -33.48 -14.55
C CYS I 210 10.97 -33.43 -15.64
N PRO I 211 10.73 -34.05 -16.80
CA PRO I 211 11.80 -34.19 -17.81
C PRO I 211 12.26 -32.88 -18.44
N LYS I 212 11.50 -31.81 -18.31
CA LYS I 212 11.80 -30.55 -18.99
C LYS I 212 12.42 -29.51 -18.07
N VAL I 213 12.73 -29.89 -16.83
CA VAL I 213 13.32 -28.98 -15.86
C VAL I 213 14.74 -29.45 -15.55
N SER I 214 15.70 -28.54 -15.75
CA SER I 214 17.08 -28.86 -15.43
C SER I 214 17.31 -28.67 -13.94
N PHE I 215 18.40 -29.24 -13.44
CA PHE I 215 18.78 -29.09 -12.04
C PHE I 215 19.97 -28.16 -11.87
N GLU I 216 20.28 -27.38 -12.90
CA GLU I 216 21.42 -26.49 -12.87
C GLU I 216 21.24 -25.39 -11.84
N PRO I 217 22.13 -25.25 -10.86
CA PRO I 217 22.01 -24.13 -9.93
C PRO I 217 22.38 -22.82 -10.60
N ILE I 218 21.56 -21.81 -10.35
CA ILE I 218 21.81 -20.46 -10.87
C ILE I 218 21.77 -19.51 -9.67
N PRO I 219 22.41 -18.34 -9.75
CA PRO I 219 22.42 -17.43 -8.60
C PRO I 219 21.02 -16.93 -8.24
N ILE I 220 20.74 -16.92 -6.95
CA ILE I 220 19.54 -16.28 -6.39
C ILE I 220 19.98 -15.24 -5.37
N HIS I 221 19.46 -14.03 -5.52
CA HIS I 221 19.76 -12.93 -4.63
C HIS I 221 18.63 -12.81 -3.62
N TYR I 222 18.98 -12.78 -2.33
CA TYR I 222 18.00 -12.57 -1.28
C TYR I 222 17.99 -11.09 -0.93
N CYS I 223 16.80 -10.48 -1.01
CA CYS I 223 16.68 -9.04 -0.84
C CYS I 223 15.82 -8.74 0.37
N ALA I 224 16.20 -7.70 1.10
CA ALA I 224 15.43 -7.30 2.26
C ALA I 224 14.14 -6.59 1.83
N PRO I 225 13.06 -6.77 2.58
CA PRO I 225 11.90 -5.90 2.42
C PRO I 225 12.19 -4.50 2.90
N ALA I 226 11.33 -3.56 2.47
CA ALA I 226 11.42 -2.19 2.94
C ALA I 226 11.27 -2.16 4.46
N GLY I 227 12.06 -1.32 5.10
CA GLY I 227 12.13 -1.28 6.54
C GLY I 227 13.21 -2.17 7.14
N PHE I 228 13.82 -3.02 6.34
CA PHE I 228 14.89 -3.90 6.77
C PHE I 228 16.11 -3.65 5.90
N ALA I 229 17.27 -4.10 6.39
CA ALA I 229 18.52 -3.93 5.65
C ALA I 229 19.40 -5.15 5.82
N ILE I 230 20.23 -5.41 4.82
CA ILE I 230 21.21 -6.47 4.88
C ILE I 230 22.58 -5.83 5.06
N LEU I 231 23.28 -6.23 6.11
CA LEU I 231 24.63 -5.76 6.41
C LEU I 231 25.62 -6.82 5.98
N LYS I 232 26.57 -6.41 5.15
CA LYS I 232 27.60 -7.26 4.59
C LYS I 232 28.91 -6.95 5.30
N CYS I 233 29.56 -8.01 5.80
CA CYS I 233 30.87 -7.90 6.42
C CYS I 233 31.94 -8.11 5.36
N LYS I 234 32.72 -7.07 5.10
CA LYS I 234 33.79 -7.15 4.11
C LYS I 234 35.16 -7.36 4.74
N ASP I 235 35.23 -7.42 6.06
CA ASP I 235 36.48 -7.58 6.78
C ASP I 235 37.14 -8.92 6.48
N LYS I 236 38.24 -8.91 5.73
CA LYS I 236 38.96 -10.14 5.43
C LYS I 236 39.56 -10.71 6.72
N LYS I 237 39.82 -12.02 6.71
CA LYS I 237 40.27 -12.78 7.89
C LYS I 237 39.22 -12.67 9.00
N PHE I 238 38.01 -13.09 8.68
CA PHE I 238 36.89 -13.06 9.61
C PHE I 238 36.40 -14.48 9.85
N ASN I 239 36.14 -14.82 11.11
CA ASN I 239 35.79 -16.18 11.48
C ASN I 239 34.29 -16.41 11.53
N GLY I 240 33.49 -15.42 11.14
CA GLY I 240 32.05 -15.56 11.06
C GLY I 240 31.30 -15.44 12.37
N THR I 241 31.99 -15.36 13.50
CA THR I 241 31.32 -15.34 14.81
C THR I 241 31.95 -14.26 15.69
N GLY I 242 32.32 -13.13 15.10
CA GLY I 242 32.96 -12.07 15.85
C GLY I 242 32.66 -10.68 15.35
N PRO I 243 33.09 -9.66 16.12
CA PRO I 243 32.94 -8.27 15.69
C PRO I 243 33.61 -7.98 14.34
N CYS I 244 32.86 -7.33 13.46
CA CYS I 244 33.27 -7.00 12.10
C CYS I 244 33.31 -5.51 11.88
N PRO I 245 34.47 -4.90 11.68
CA PRO I 245 34.53 -3.52 11.19
C PRO I 245 34.28 -3.51 9.69
N SER I 246 34.18 -2.30 9.12
CA SER I 246 33.99 -2.08 7.68
C SER I 246 32.74 -2.80 7.16
N VAL I 247 31.62 -2.56 7.86
CA VAL I 247 30.33 -3.07 7.43
C VAL I 247 29.85 -2.26 6.22
N SER I 248 28.99 -2.87 5.41
CA SER I 248 28.41 -2.15 4.28
C SER I 248 26.99 -2.61 4.08
N THR I 249 26.14 -1.72 3.58
CA THR I 249 24.72 -2.03 3.40
C THR I 249 24.51 -2.48 1.96
N VAL I 250 23.79 -3.59 1.78
CA VAL I 250 23.50 -4.15 0.46
C VAL I 250 21.99 -4.35 0.34
N GLN I 251 21.44 -3.93 -0.79
CA GLN I 251 20.02 -4.17 -1.06
C GLN I 251 19.75 -5.67 -1.15
N CYS I 252 20.66 -6.43 -1.75
CA CYS I 252 20.48 -7.87 -1.95
C CYS I 252 21.84 -8.53 -1.81
N THR I 253 21.83 -9.86 -1.67
CA THR I 253 23.06 -10.62 -1.58
C THR I 253 23.76 -10.71 -2.93
N HIS I 254 25.00 -11.22 -2.90
CA HIS I 254 25.85 -11.23 -4.10
C HIS I 254 25.38 -12.21 -5.17
N GLY I 255 24.45 -13.10 -4.86
CA GLY I 255 24.01 -14.10 -5.80
C GLY I 255 24.56 -15.45 -5.42
N ILE I 256 23.71 -16.27 -4.81
CA ILE I 256 24.13 -17.53 -4.23
C ILE I 256 23.57 -18.66 -5.07
N LYS I 257 24.45 -19.53 -5.55
CA LYS I 257 23.99 -20.70 -6.28
C LYS I 257 23.63 -21.79 -5.28
N PRO I 258 22.41 -22.31 -5.30
CA PRO I 258 22.03 -23.34 -4.32
C PRO I 258 22.59 -24.70 -4.68
N VAL I 259 23.90 -24.83 -4.58
CA VAL I 259 24.57 -26.07 -4.94
C VAL I 259 24.36 -27.05 -3.79
N VAL I 260 23.83 -28.22 -4.10
CA VAL I 260 23.55 -29.22 -3.09
C VAL I 260 24.62 -30.30 -3.22
N SER I 261 25.43 -30.42 -2.18
CA SER I 261 26.49 -31.41 -2.14
C SER I 261 26.85 -31.63 -0.69
N THR I 262 27.59 -32.70 -0.43
CA THR I 262 28.14 -32.98 0.88
C THR I 262 29.63 -33.16 0.78
N GLN I 263 30.32 -32.90 1.90
CA GLN I 263 31.75 -33.07 2.16
C GLN I 263 32.68 -32.16 1.37
N LEU I 264 32.37 -31.87 0.12
CA LEU I 264 33.10 -30.92 -0.69
C LEU I 264 32.14 -29.81 -1.08
N LEU I 265 32.58 -28.56 -0.98
CA LEU I 265 31.74 -27.45 -1.41
C LEU I 265 32.09 -27.11 -2.85
N LEU I 266 31.09 -27.14 -3.73
CA LEU I 266 31.31 -26.92 -5.15
C LEU I 266 30.71 -25.59 -5.57
N ASN I 267 31.39 -24.92 -6.51
CA ASN I 267 30.93 -23.65 -7.13
C ASN I 267 30.62 -22.56 -6.12
N GLY I 268 31.34 -22.52 -5.00
CA GLY I 268 31.08 -21.57 -3.95
C GLY I 268 31.94 -20.33 -4.08
N SER I 269 31.91 -19.52 -3.03
CA SER I 269 32.72 -18.30 -2.97
C SER I 269 34.12 -18.62 -2.46
N LEU I 270 35.08 -17.83 -2.90
CA LEU I 270 36.46 -18.00 -2.50
C LEU I 270 36.80 -17.02 -1.39
N ALA I 271 37.72 -17.44 -0.52
CA ALA I 271 38.25 -16.56 0.51
C ALA I 271 39.10 -15.48 -0.15
N GLU I 272 39.03 -14.27 0.41
CA GLU I 272 39.69 -13.12 -0.20
C GLU I 272 41.21 -13.24 -0.19
N GLU I 273 41.81 -13.65 0.94
CA GLU I 273 43.27 -13.70 1.02
C GLU I 273 43.82 -15.07 1.37
N GLU I 274 43.30 -15.73 2.40
CA GLU I 274 43.87 -16.96 2.92
C GLU I 274 42.74 -17.90 3.31
N VAL I 275 43.09 -19.18 3.44
CA VAL I 275 42.12 -20.22 3.80
C VAL I 275 41.54 -19.94 5.18
N MET I 276 40.21 -19.99 5.27
CA MET I 276 39.50 -19.68 6.50
C MET I 276 38.98 -20.94 7.16
N ILE I 277 39.16 -21.03 8.48
CA ILE I 277 38.63 -22.11 9.30
C ILE I 277 37.56 -21.52 10.19
N ARG I 278 36.34 -22.02 10.07
CA ARG I 278 35.20 -21.50 10.83
C ARG I 278 34.52 -22.62 11.58
N SER I 279 34.21 -22.40 12.85
CA SER I 279 33.49 -23.36 13.65
C SER I 279 32.75 -22.63 14.75
N GLU I 280 31.65 -23.24 15.22
CA GLU I 280 30.92 -22.66 16.35
C GLU I 280 31.72 -22.74 17.63
N ASN I 281 32.38 -23.88 17.86
CA ASN I 281 33.16 -24.10 19.09
C ASN I 281 34.25 -25.10 18.69
N ILE I 282 35.44 -24.58 18.34
CA ILE I 282 36.49 -25.39 17.74
C ILE I 282 36.98 -26.51 18.65
N THR I 283 36.91 -26.33 19.96
CA THR I 283 37.33 -27.35 20.91
C THR I 283 36.28 -28.43 21.10
N ASN I 284 35.05 -28.22 20.61
CA ASN I 284 33.98 -29.21 20.68
C ASN I 284 34.06 -30.09 19.44
N ASN I 285 34.34 -31.37 19.64
CA ASN I 285 34.54 -32.29 18.52
C ASN I 285 33.24 -32.58 17.76
N ALA I 286 32.08 -32.42 18.39
CA ALA I 286 30.80 -32.72 17.76
C ALA I 286 30.22 -31.53 17.04
N LYS I 287 31.03 -30.90 16.18
CA LYS I 287 30.62 -29.74 15.40
C LYS I 287 31.28 -29.84 14.03
N ASN I 288 30.59 -29.31 13.02
CA ASN I 288 31.17 -29.24 11.69
C ASN I 288 32.09 -28.05 11.58
N ILE I 289 33.22 -28.26 10.91
CA ILE I 289 34.20 -27.20 10.66
C ILE I 289 34.16 -26.86 9.19
N LEU I 290 33.93 -25.59 8.88
CA LEU I 290 33.85 -25.13 7.50
C LEU I 290 35.18 -24.54 7.09
N VAL I 291 35.76 -25.09 6.03
CA VAL I 291 37.04 -24.65 5.50
C VAL I 291 36.76 -23.97 4.18
N GLN I 292 37.13 -22.71 4.06
CA GLN I 292 36.91 -21.94 2.84
C GLN I 292 38.26 -21.71 2.16
N PHE I 293 38.36 -22.12 0.90
CA PHE I 293 39.60 -22.02 0.15
C PHE I 293 39.74 -20.63 -0.47
N ASN I 294 40.97 -20.14 -0.54
CA ASN I 294 41.22 -18.89 -1.26
C ASN I 294 41.42 -19.14 -2.75
N THR I 295 41.87 -20.32 -3.12
CA THR I 295 42.05 -20.74 -4.50
C THR I 295 41.23 -22.00 -4.75
N PRO I 296 40.42 -22.03 -5.80
CA PRO I 296 39.59 -23.20 -6.07
C PRO I 296 40.43 -24.36 -6.58
N VAL I 297 39.91 -25.57 -6.36
CA VAL I 297 40.54 -26.80 -6.85
C VAL I 297 39.67 -27.36 -7.96
N GLN I 298 40.22 -27.42 -9.17
CA GLN I 298 39.42 -27.87 -10.32
C GLN I 298 39.16 -29.37 -10.19
N ILE I 299 37.90 -29.77 -10.35
CA ILE I 299 37.50 -31.17 -10.39
C ILE I 299 36.71 -31.43 -11.67
N ASN I 300 37.12 -32.46 -12.41
CA ASN I 300 36.41 -32.82 -13.64
C ASN I 300 35.79 -34.21 -13.45
N CYS I 301 34.47 -34.27 -13.44
CA CYS I 301 33.70 -35.47 -13.16
C CYS I 301 32.99 -35.95 -14.42
N THR I 302 33.10 -37.23 -14.74
CA THR I 302 32.58 -37.69 -16.02
C THR I 302 31.90 -39.05 -15.90
N ARG I 303 30.65 -39.12 -16.39
CA ARG I 303 29.91 -40.36 -16.58
C ARG I 303 30.16 -40.76 -18.03
N PRO I 304 31.02 -41.76 -18.27
CA PRO I 304 31.40 -42.13 -19.64
C PRO I 304 30.29 -42.75 -20.49
N ASN I 305 29.43 -43.58 -19.89
CA ASN I 305 28.43 -44.37 -20.61
C ASN I 305 27.54 -43.53 -21.53
N ASN I 306 27.37 -44.00 -22.77
CA ASN I 306 26.50 -43.36 -23.74
C ASN I 306 25.08 -43.88 -23.53
N ASN I 307 24.43 -43.37 -22.49
CA ASN I 307 23.14 -43.90 -22.06
C ASN I 307 22.04 -43.47 -23.02
N THR I 308 21.21 -44.42 -23.42
CA THR I 308 20.01 -44.12 -24.19
C THR I 308 18.81 -43.99 -23.26
N ARG I 309 17.74 -43.41 -23.79
CA ARG I 309 16.50 -43.22 -23.05
C ARG I 309 15.35 -43.75 -23.90
N LYS I 310 14.45 -44.51 -23.27
CA LYS I 310 13.22 -44.94 -23.91
C LYS I 310 12.04 -44.43 -23.10
N SER I 311 10.99 -44.03 -23.81
CA SER I 311 9.77 -43.55 -23.18
C SER I 311 8.73 -44.67 -23.18
N ILE I 312 8.35 -45.13 -21.99
CA ILE I 312 7.37 -46.18 -21.82
C ILE I 312 6.10 -45.52 -21.31
N ARG I 313 5.03 -45.61 -22.09
CA ARG I 313 3.76 -45.02 -21.68
C ARG I 313 3.14 -45.90 -20.61
N ILE I 314 2.71 -45.30 -19.51
CA ILE I 314 2.18 -46.06 -18.38
C ILE I 314 0.73 -45.72 -18.07
N GLY I 315 0.17 -44.70 -18.70
CA GLY I 315 -1.20 -44.33 -18.46
C GLY I 315 -1.65 -43.24 -19.40
N PRO I 316 -2.83 -42.68 -19.16
CA PRO I 316 -3.39 -41.69 -20.08
C PRO I 316 -2.67 -40.35 -20.00
N GLY I 317 -1.54 -40.24 -20.70
CA GLY I 317 -0.71 -39.06 -20.65
C GLY I 317 0.43 -39.13 -19.67
N GLN I 318 0.71 -40.29 -19.09
CA GLN I 318 1.79 -40.50 -18.14
C GLN I 318 2.85 -41.35 -18.81
N ALA I 319 4.12 -40.96 -18.66
CA ALA I 319 5.21 -41.71 -19.27
C ALA I 319 6.39 -41.83 -18.31
N PHE I 320 7.00 -43.01 -18.34
CA PHE I 320 8.19 -43.34 -17.56
C PHE I 320 9.38 -43.32 -18.51
N TYR I 321 10.47 -42.72 -18.08
CA TYR I 321 11.70 -42.64 -18.88
C TYR I 321 12.67 -43.68 -18.34
N ALA I 322 12.90 -44.72 -19.13
CA ALA I 322 13.73 -45.86 -18.75
C ALA I 322 15.07 -45.82 -19.46
N THR I 323 16.10 -46.32 -18.78
CA THR I 323 17.38 -46.51 -19.46
C THR I 323 17.24 -47.63 -20.48
N GLY I 324 17.58 -47.35 -21.73
CA GLY I 324 17.42 -48.38 -22.73
C GLY I 324 18.59 -49.34 -22.81
N ASP I 325 19.70 -48.85 -23.36
CA ASP I 325 20.92 -49.62 -23.49
C ASP I 325 22.10 -48.67 -23.46
N ILE I 326 23.30 -49.23 -23.46
CA ILE I 326 24.52 -48.46 -23.57
C ILE I 326 25.20 -48.87 -24.87
N ILE I 327 25.25 -47.93 -25.80
CA ILE I 327 25.78 -48.19 -27.14
C ILE I 327 27.28 -47.88 -27.07
N GLY I 328 28.02 -48.86 -26.60
CA GLY I 328 29.45 -48.77 -26.43
C GLY I 328 29.88 -49.54 -25.20
N ASP I 329 31.16 -49.39 -24.85
CA ASP I 329 31.71 -50.06 -23.69
C ASP I 329 31.15 -49.41 -22.42
N ILE I 330 31.09 -50.20 -21.35
CA ILE I 330 30.57 -49.75 -20.06
C ILE I 330 31.75 -49.49 -19.14
N ARG I 331 31.86 -48.25 -18.65
CA ARG I 331 32.93 -47.86 -17.73
C ARG I 331 32.34 -47.08 -16.57
N GLN I 332 33.07 -47.09 -15.45
CA GLN I 332 32.60 -46.47 -14.22
C GLN I 332 32.77 -44.96 -14.29
N ALA I 333 31.78 -44.23 -13.76
CA ALA I 333 31.90 -42.78 -13.62
C ALA I 333 33.01 -42.42 -12.65
N HIS I 334 33.74 -41.36 -12.98
CA HIS I 334 34.91 -41.00 -12.19
C HIS I 334 34.99 -39.50 -11.99
N CYS I 335 35.94 -39.08 -11.16
CA CYS I 335 36.22 -37.68 -10.92
C CYS I 335 37.72 -37.51 -10.72
N ASN I 336 38.32 -36.57 -11.44
CA ASN I 336 39.75 -36.34 -11.40
C ASN I 336 40.00 -35.00 -10.72
N VAL I 337 40.75 -35.04 -9.63
CA VAL I 337 41.22 -33.88 -8.89
C VAL I 337 42.73 -33.86 -9.00
N SER I 338 43.30 -32.70 -9.37
CA SER I 338 44.73 -32.58 -9.58
C SER I 338 45.49 -32.83 -8.27
N LYS I 339 46.56 -33.63 -8.34
CA LYS I 339 47.29 -34.02 -7.14
C LYS I 339 48.03 -32.84 -6.51
N ALA I 340 48.75 -32.06 -7.33
CA ALA I 340 49.52 -30.93 -6.83
C ALA I 340 48.62 -29.88 -6.20
N THR I 341 47.54 -29.53 -6.89
CA THR I 341 46.60 -28.52 -6.40
C THR I 341 45.77 -29.03 -5.22
N TRP I 342 45.78 -30.34 -4.94
CA TRP I 342 45.14 -30.86 -3.74
C TRP I 342 46.14 -31.17 -2.64
N ASN I 343 47.43 -31.05 -2.92
CA ASN I 343 48.41 -31.15 -1.84
C ASN I 343 48.83 -29.79 -1.33
N GLU I 344 48.92 -28.80 -2.23
CA GLU I 344 49.16 -27.42 -1.80
C GLU I 344 47.97 -26.89 -0.99
N THR I 345 46.75 -27.23 -1.43
CA THR I 345 45.56 -26.77 -0.73
C THR I 345 45.47 -27.39 0.67
N LEU I 346 45.76 -28.68 0.79
CA LEU I 346 45.76 -29.30 2.12
C LEU I 346 46.92 -28.80 2.97
N GLY I 347 48.04 -28.42 2.35
CA GLY I 347 49.10 -27.75 3.10
C GLY I 347 48.63 -26.44 3.69
N LYS I 348 47.86 -25.67 2.91
CA LYS I 348 47.30 -24.42 3.41
C LYS I 348 46.29 -24.69 4.52
N VAL I 349 45.47 -25.72 4.34
CA VAL I 349 44.45 -26.07 5.33
C VAL I 349 45.08 -26.49 6.65
N VAL I 350 46.13 -27.32 6.59
CA VAL I 350 46.79 -27.76 7.83
C VAL I 350 47.54 -26.60 8.48
N LYS I 351 48.13 -25.71 7.66
CA LYS I 351 48.78 -24.50 8.17
C LYS I 351 47.79 -23.64 8.95
N GLN I 352 46.55 -23.53 8.45
CA GLN I 352 45.55 -22.74 9.17
C GLN I 352 45.00 -23.48 10.37
N LEU I 353 44.85 -24.81 10.27
CA LEU I 353 44.34 -25.60 11.39
C LEU I 353 45.27 -25.57 12.58
N ARG I 354 46.59 -25.53 12.35
CA ARG I 354 47.56 -25.48 13.46
C ARG I 354 47.35 -24.26 14.37
N LYS I 355 46.80 -23.16 13.83
CA LYS I 355 46.57 -21.95 14.60
C LYS I 355 45.59 -22.15 15.76
N HIS I 356 44.72 -23.15 15.68
CA HIS I 356 43.72 -23.41 16.71
C HIS I 356 44.11 -24.56 17.64
N PHE I 357 45.17 -25.30 17.31
CA PHE I 357 45.59 -26.45 18.09
C PHE I 357 47.04 -26.40 18.52
N GLY I 358 47.90 -25.65 17.84
CA GLY I 358 49.31 -25.59 18.17
C GLY I 358 50.18 -25.93 16.98
N ASN I 359 51.41 -25.43 16.99
CA ASN I 359 52.35 -25.64 15.89
C ASN I 359 53.24 -26.86 16.11
N ASN I 360 53.01 -27.62 17.19
CA ASN I 360 53.83 -28.78 17.54
C ASN I 360 53.01 -30.05 17.53
N THR I 361 51.91 -30.09 16.79
CA THR I 361 51.05 -31.26 16.75
C THR I 361 51.06 -31.85 15.35
N ILE I 362 50.47 -33.04 15.25
CA ILE I 362 50.38 -33.78 14.01
C ILE I 362 48.91 -33.87 13.62
N ILE I 363 48.60 -33.50 12.38
CA ILE I 363 47.22 -33.48 11.90
C ILE I 363 47.06 -34.51 10.79
N ARG I 364 46.09 -35.40 10.95
CA ARG I 364 45.86 -36.48 10.00
C ARG I 364 44.53 -36.24 9.29
N PHE I 365 44.53 -36.39 7.98
CA PHE I 365 43.31 -36.40 7.20
C PHE I 365 43.02 -37.84 6.81
N ALA I 366 41.81 -38.29 7.09
CA ALA I 366 41.39 -39.67 6.86
C ALA I 366 40.00 -39.65 6.27
N ASN I 367 39.47 -40.83 6.00
CA ASN I 367 38.22 -40.95 5.28
C ASN I 367 37.03 -40.89 6.24
N SER I 368 35.87 -40.53 5.69
CA SER I 368 34.64 -40.37 6.46
C SER I 368 34.27 -41.65 7.21
N SER I 369 33.39 -41.48 8.20
CA SER I 369 32.96 -42.61 9.01
C SER I 369 31.70 -43.22 8.41
N GLY I 370 31.00 -44.05 9.18
CA GLY I 370 29.84 -44.76 8.69
C GLY I 370 28.62 -43.87 8.58
N GLY I 371 27.55 -44.44 8.03
CA GLY I 371 26.34 -43.70 7.78
C GLY I 371 25.77 -44.06 6.43
N ASP I 372 24.90 -43.17 5.93
CA ASP I 372 24.30 -43.36 4.62
C ASP I 372 25.28 -42.88 3.54
N LEU I 373 24.87 -42.96 2.27
CA LEU I 373 25.76 -42.57 1.18
C LEU I 373 26.02 -41.07 1.16
N GLU I 374 25.02 -40.26 1.53
CA GLU I 374 25.16 -38.81 1.54
C GLU I 374 26.25 -38.37 2.53
N VAL I 375 26.31 -39.00 3.70
CA VAL I 375 27.34 -38.62 4.67
C VAL I 375 28.66 -39.33 4.36
N THR I 376 28.62 -40.63 4.07
CA THR I 376 29.86 -41.39 3.87
C THR I 376 30.62 -40.96 2.62
N THR I 377 29.91 -40.74 1.52
CA THR I 377 30.53 -40.42 0.24
C THR I 377 30.28 -38.96 -0.13
N HIS I 378 30.91 -38.53 -1.22
CA HIS I 378 30.72 -37.19 -1.77
C HIS I 378 29.52 -37.24 -2.72
N SER I 379 28.38 -36.73 -2.28
CA SER I 379 27.19 -36.71 -3.12
C SER I 379 27.10 -35.38 -3.83
N PHE I 380 26.61 -35.40 -5.07
CA PHE I 380 26.29 -34.16 -5.78
C PHE I 380 25.40 -34.45 -6.98
N ASN I 381 24.69 -33.41 -7.39
CA ASN I 381 23.78 -33.41 -8.53
C ASN I 381 24.45 -32.65 -9.65
N CYS I 382 24.80 -33.33 -10.74
CA CYS I 382 25.41 -32.63 -11.87
C CYS I 382 24.93 -33.30 -13.16
N GLY I 383 24.52 -32.47 -14.11
CA GLY I 383 24.11 -32.95 -15.41
C GLY I 383 22.78 -33.64 -15.45
N GLY I 384 22.07 -33.70 -14.32
CA GLY I 384 20.90 -34.50 -14.17
C GLY I 384 21.14 -35.83 -13.49
N GLU I 385 22.40 -36.19 -13.23
CA GLU I 385 22.72 -37.42 -12.52
C GLU I 385 23.19 -37.13 -11.11
N PHE I 386 22.96 -38.10 -10.23
CA PHE I 386 23.34 -38.01 -8.82
C PHE I 386 24.50 -38.94 -8.55
N PHE I 387 25.67 -38.33 -8.34
CA PHE I 387 26.93 -39.03 -8.15
C PHE I 387 27.19 -39.14 -6.66
N TYR I 388 27.77 -40.28 -6.26
CA TYR I 388 28.21 -40.57 -4.90
C TYR I 388 29.63 -41.10 -5.03
N CYS I 389 30.59 -40.19 -4.92
CA CYS I 389 32.00 -40.42 -5.16
C CYS I 389 32.73 -40.92 -3.92
N ASN I 390 33.69 -41.83 -4.15
CA ASN I 390 34.38 -42.58 -3.09
C ASN I 390 35.08 -41.66 -2.10
N THR I 391 35.78 -40.62 -2.62
CA THR I 391 36.44 -39.53 -1.87
C THR I 391 37.33 -40.02 -0.73
N SER I 392 37.95 -41.19 -0.90
CA SER I 392 38.89 -41.69 0.08
C SER I 392 40.33 -41.36 -0.27
N GLY I 393 40.60 -41.07 -1.55
CA GLY I 393 41.94 -40.67 -1.96
C GLY I 393 42.25 -39.22 -1.70
N LEU I 394 41.25 -38.44 -1.33
CA LEU I 394 41.42 -37.00 -1.11
C LEU I 394 41.63 -36.67 0.35
N PHE I 395 41.70 -37.68 1.23
CA PHE I 395 41.97 -37.52 2.66
C PHE I 395 42.67 -38.81 3.09
N ASN I 396 43.98 -38.87 2.84
CA ASN I 396 44.75 -40.06 3.14
C ASN I 396 46.17 -39.65 3.52
N SER I 397 46.31 -38.75 4.49
CA SER I 397 47.67 -38.25 4.74
C SER I 397 47.86 -37.84 6.19
N THR I 398 49.11 -37.90 6.62
CA THR I 398 49.54 -37.46 7.94
C THR I 398 50.48 -36.28 7.75
N TRP I 399 50.15 -35.15 8.35
CA TRP I 399 50.93 -33.92 8.23
C TRP I 399 51.63 -33.61 9.55
N ILE I 400 52.94 -33.40 9.48
CA ILE I 400 53.75 -33.13 10.66
C ILE I 400 54.43 -31.78 10.51
N ASP I 415 49.43 -35.65 -12.50
CA ASP I 415 48.83 -36.81 -11.86
C ASP I 415 47.40 -36.43 -11.47
N SER I 416 46.57 -37.42 -11.12
CA SER I 416 45.20 -37.16 -10.72
C SER I 416 44.79 -38.19 -9.68
N ILE I 417 44.01 -37.75 -8.71
CA ILE I 417 43.45 -38.66 -7.69
C ILE I 417 42.10 -39.10 -8.23
N THR I 418 42.13 -40.12 -9.08
CA THR I 418 40.92 -40.65 -9.68
C THR I 418 40.00 -41.20 -8.59
N LEU I 419 38.78 -40.67 -8.52
CA LEU I 419 37.81 -41.03 -7.50
C LEU I 419 36.70 -41.89 -8.10
N PRO I 420 36.55 -43.16 -7.69
CA PRO I 420 35.39 -43.94 -8.13
C PRO I 420 34.09 -43.27 -7.70
N CYS I 421 33.06 -43.36 -8.53
CA CYS I 421 31.78 -42.77 -8.19
C CYS I 421 30.65 -43.71 -8.58
N ARG I 422 29.66 -43.80 -7.71
CA ARG I 422 28.45 -44.57 -7.96
C ARG I 422 27.35 -43.59 -8.34
N ILE I 423 26.30 -44.09 -8.99
CA ILE I 423 25.22 -43.23 -9.45
C ILE I 423 23.90 -43.79 -8.94
N LYS I 424 23.03 -42.90 -8.47
CA LYS I 424 21.70 -43.32 -8.05
C LYS I 424 20.64 -42.62 -8.89
N GLN I 425 19.51 -43.31 -9.08
CA GLN I 425 18.34 -42.74 -9.71
C GLN I 425 17.18 -42.52 -8.76
N ILE I 426 17.03 -43.35 -7.72
CA ILE I 426 15.97 -43.16 -6.74
C ILE I 426 16.63 -42.36 -5.62
N ILE I 427 16.23 -41.09 -5.50
CA ILE I 427 16.95 -40.12 -4.68
C ILE I 427 16.07 -39.74 -3.50
N ASN I 428 16.66 -39.74 -2.31
CA ASN I 428 15.99 -39.28 -1.10
C ASN I 428 16.79 -38.07 -0.61
N MET I 429 16.44 -36.90 -1.12
CA MET I 429 17.22 -35.71 -0.81
C MET I 429 16.85 -35.24 0.59
N TRP I 430 17.87 -34.78 1.33
CA TRP I 430 17.81 -34.31 2.71
C TRP I 430 17.53 -35.51 3.60
N GLN I 431 17.23 -35.28 4.87
CA GLN I 431 17.04 -36.38 5.81
C GLN I 431 15.59 -36.84 5.90
N ARG I 432 14.72 -36.35 5.00
CA ARG I 432 13.31 -36.70 5.05
C ARG I 432 13.10 -38.15 4.62
N ILE I 433 12.09 -38.77 5.22
CA ILE I 433 11.61 -40.11 4.85
C ILE I 433 10.15 -39.98 4.48
N GLY I 434 9.77 -40.57 3.35
CA GLY I 434 8.41 -40.52 2.85
C GLY I 434 8.29 -40.00 1.43
N GLN I 435 9.33 -39.34 0.93
CA GLN I 435 9.37 -38.86 -0.45
C GLN I 435 10.59 -39.44 -1.14
N ALA I 436 10.46 -39.72 -2.43
CA ALA I 436 11.60 -40.14 -3.22
C ALA I 436 11.38 -39.67 -4.65
N MET I 437 12.49 -39.37 -5.32
CA MET I 437 12.45 -38.89 -6.69
C MET I 437 13.20 -39.86 -7.58
N TYR I 438 12.66 -40.09 -8.77
CA TYR I 438 13.34 -40.86 -9.79
C TYR I 438 13.91 -39.87 -10.79
N ALA I 439 15.23 -39.83 -10.89
CA ALA I 439 15.88 -38.98 -11.86
C ALA I 439 15.91 -39.69 -13.19
N PRO I 440 15.32 -39.13 -14.26
CA PRO I 440 15.31 -39.83 -15.54
C PRO I 440 16.70 -39.91 -16.13
N PRO I 441 16.97 -40.92 -16.97
CA PRO I 441 18.28 -41.03 -17.61
C PRO I 441 18.61 -39.85 -18.50
N ILE I 442 19.86 -39.43 -18.47
CA ILE I 442 20.36 -38.36 -19.31
C ILE I 442 21.09 -38.96 -20.49
N GLN I 443 20.73 -38.55 -21.70
CA GLN I 443 21.29 -39.10 -22.92
C GLN I 443 22.70 -38.57 -23.15
N GLY I 444 23.60 -39.47 -23.54
CA GLY I 444 24.96 -39.07 -23.87
C GLY I 444 25.93 -39.12 -22.72
N VAL I 445 27.12 -38.59 -23.00
CA VAL I 445 28.23 -38.58 -22.06
C VAL I 445 28.15 -37.34 -21.19
N ILE I 446 28.29 -37.51 -19.88
CA ILE I 446 28.14 -36.37 -18.97
C ILE I 446 29.52 -35.94 -18.51
N ARG I 447 29.81 -34.64 -18.66
CA ARG I 447 31.04 -34.06 -18.17
C ARG I 447 30.71 -32.84 -17.32
N CYS I 448 31.33 -32.73 -16.15
CA CYS I 448 31.12 -31.64 -15.22
C CYS I 448 32.46 -31.09 -14.77
N VAL I 449 32.76 -29.84 -15.10
CA VAL I 449 33.96 -29.18 -14.63
C VAL I 449 33.53 -28.14 -13.60
N SER I 450 34.04 -28.30 -12.37
CA SER I 450 33.59 -27.46 -11.27
C SER I 450 34.75 -27.15 -10.35
N ASN I 451 34.51 -26.25 -9.40
CA ASN I 451 35.53 -25.73 -8.50
C ASN I 451 35.22 -26.14 -7.07
N ILE I 452 36.18 -26.76 -6.40
CA ILE I 452 36.07 -27.08 -4.99
C ILE I 452 36.55 -25.85 -4.22
N THR I 453 35.63 -25.25 -3.46
CA THR I 453 35.87 -24.02 -2.73
C THR I 453 35.82 -24.18 -1.22
N GLY I 454 35.64 -25.39 -0.70
CA GLY I 454 35.58 -25.55 0.74
C GLY I 454 35.33 -27.00 1.13
N LEU I 455 35.41 -27.22 2.44
CA LEU I 455 35.27 -28.54 3.03
C LEU I 455 34.45 -28.48 4.31
N ILE I 456 33.67 -29.53 4.56
CA ILE I 456 32.97 -29.70 5.83
C ILE I 456 33.70 -30.82 6.57
N LEU I 457 34.53 -30.47 7.55
CA LEU I 457 35.37 -31.43 8.25
C LEU I 457 34.95 -31.55 9.71
N THR I 458 34.59 -32.76 10.13
CA THR I 458 34.42 -33.07 11.53
C THR I 458 35.76 -33.47 12.12
N ARG I 459 35.86 -33.39 13.45
CA ARG I 459 37.10 -33.65 14.16
C ARG I 459 36.93 -34.88 15.04
N ASP I 460 37.90 -35.80 14.95
CA ASP I 460 37.89 -37.00 15.78
C ASP I 460 38.06 -36.59 17.25
N GLY I 461 37.38 -37.33 18.13
CA GLY I 461 37.42 -37.16 19.58
C GLY I 461 38.70 -36.77 20.30
N SER I 466 46.52 -37.84 22.71
CA SER I 466 46.14 -36.50 23.12
C SER I 466 47.00 -35.45 22.45
N THR I 467 47.98 -35.90 21.68
CA THR I 467 48.91 -35.01 20.99
C THR I 467 48.67 -34.93 19.49
N THR I 468 47.67 -35.64 18.96
CA THR I 468 47.35 -35.62 17.54
C THR I 468 45.86 -35.42 17.36
N GLU I 469 45.49 -34.87 16.20
CA GLU I 469 44.10 -34.69 15.82
C GLU I 469 43.89 -35.31 14.45
N THR I 470 42.70 -35.85 14.23
CA THR I 470 42.32 -36.45 12.96
C THR I 470 41.05 -35.78 12.47
N PHE I 471 41.05 -35.37 11.21
CA PHE I 471 39.89 -34.73 10.59
C PHE I 471 39.31 -35.63 9.52
N ARG I 472 37.98 -35.70 9.48
CA ARG I 472 37.26 -36.53 8.53
C ARG I 472 36.22 -35.66 7.86
N PRO I 473 35.84 -35.99 6.62
CA PRO I 473 34.73 -35.27 6.00
C PRO I 473 33.42 -35.43 6.76
N GLY I 474 32.65 -34.36 6.80
CA GLY I 474 31.34 -34.38 7.43
C GLY I 474 30.26 -33.89 6.48
N GLY I 475 29.05 -33.71 6.98
CA GLY I 475 27.95 -33.30 6.15
C GLY I 475 26.68 -33.99 6.58
N GLY I 476 25.68 -33.98 5.68
CA GLY I 476 24.39 -34.54 5.97
C GLY I 476 23.35 -33.52 6.38
N ASP I 477 23.77 -32.29 6.65
CA ASP I 477 22.88 -31.19 7.01
C ASP I 477 23.25 -30.09 6.02
N MET I 478 22.37 -29.88 5.03
CA MET I 478 22.67 -28.97 3.93
C MET I 478 22.74 -27.51 4.35
N ARG I 479 22.25 -27.16 5.55
CA ARG I 479 22.23 -25.77 6.00
C ARG I 479 23.64 -25.20 6.13
N ASP I 480 24.62 -26.06 6.39
CA ASP I 480 25.98 -25.61 6.55
C ASP I 480 26.55 -25.14 5.23
N ASN I 481 26.03 -25.68 4.12
CA ASN I 481 26.46 -25.24 2.80
C ASN I 481 26.05 -23.80 2.59
N TRP I 482 24.84 -23.47 3.07
CA TRP I 482 24.32 -22.12 2.96
C TRP I 482 25.15 -21.16 3.79
N ARG I 483 25.66 -21.64 4.94
CA ARG I 483 26.49 -20.81 5.80
C ARG I 483 27.73 -20.38 5.07
N SER I 484 28.29 -21.28 4.23
CA SER I 484 29.48 -21.01 3.44
C SER I 484 29.31 -19.78 2.57
N GLU I 485 28.08 -19.55 2.09
CA GLU I 485 27.79 -18.36 1.31
C GLU I 485 27.24 -17.22 2.16
N LEU I 486 26.52 -17.54 3.24
CA LEU I 486 25.83 -16.54 4.04
C LEU I 486 26.61 -16.01 5.23
N TYR I 487 27.86 -16.45 5.42
CA TYR I 487 28.65 -16.07 6.59
C TYR I 487 28.83 -14.57 6.75
N LYS I 488 28.88 -13.83 5.65
CA LYS I 488 29.15 -12.40 5.72
C LYS I 488 27.90 -11.53 5.73
N TYR I 489 26.70 -12.10 5.71
CA TYR I 489 25.47 -11.31 5.66
C TYR I 489 24.68 -11.42 6.96
N LYS I 490 24.07 -10.31 7.35
CA LYS I 490 23.17 -10.24 8.51
C LYS I 490 21.96 -9.41 8.13
N VAL I 491 20.78 -9.78 8.61
CA VAL I 491 19.57 -9.01 8.36
C VAL I 491 19.20 -8.25 9.63
N VAL I 492 18.95 -6.94 9.49
CA VAL I 492 18.57 -6.07 10.59
C VAL I 492 17.30 -5.31 10.25
N LYS I 493 16.61 -4.87 11.30
CA LYS I 493 15.39 -4.08 11.20
C LYS I 493 15.72 -2.63 11.48
N ILE I 494 15.29 -1.75 10.58
CA ILE I 494 15.55 -0.32 10.71
C ILE I 494 14.49 0.29 11.61
N GLU I 495 14.95 1.00 12.64
CA GLU I 495 14.08 1.69 13.59
C GLU I 495 14.29 3.18 13.41
N PRO I 496 13.57 3.83 12.49
CA PRO I 496 13.93 5.19 12.11
C PRO I 496 13.42 6.29 13.03
N LEU I 497 12.90 5.94 14.20
CA LEU I 497 12.32 6.91 15.12
C LEU I 497 13.16 7.00 16.38
N GLY I 498 13.49 8.22 16.80
CA GLY I 498 14.15 8.39 18.08
C GLY I 498 13.93 9.77 18.63
N VAL I 499 14.48 10.00 19.82
CA VAL I 499 14.38 11.26 20.52
C VAL I 499 15.79 11.66 20.94
N ALA I 500 15.99 12.96 21.15
CA ALA I 500 17.29 13.45 21.60
C ALA I 500 17.11 14.82 22.22
N PRO I 501 17.99 15.23 23.14
CA PRO I 501 17.89 16.58 23.74
C PRO I 501 18.48 17.66 22.83
N THR I 502 17.63 18.60 22.45
CA THR I 502 18.05 19.80 21.74
C THR I 502 17.46 21.00 22.45
N ARG I 503 18.09 22.16 22.25
CA ARG I 503 17.66 23.35 22.98
C ARG I 503 16.35 23.92 22.45
N CYS I 504 15.88 23.46 21.29
CA CYS I 504 14.67 24.01 20.69
C CYS I 504 13.43 23.57 21.48
N LYS I 505 12.46 24.48 21.56
CA LYS I 505 11.20 24.24 22.25
C LYS I 505 10.06 24.62 21.30
N ARG I 506 9.03 23.77 21.24
CA ARG I 506 7.86 24.07 20.41
C ARG I 506 7.12 25.32 20.85
N LEU J 9 26.34 10.36 0.59
CA LEU J 9 26.07 9.22 1.46
C LEU J 9 24.66 8.68 1.18
N GLY J 10 24.59 7.39 0.86
CA GLY J 10 23.31 6.74 0.57
C GLY J 10 22.60 6.27 1.81
N PHE J 11 21.76 5.25 1.63
CA PHE J 11 20.97 4.67 2.71
C PHE J 11 21.85 4.14 3.83
N LEU J 12 21.61 4.63 5.05
CA LEU J 12 22.36 4.35 6.27
C LEU J 12 23.82 4.78 6.21
N GLY J 13 24.21 5.59 5.22
CA GLY J 13 25.61 6.00 5.08
C GLY J 13 26.18 6.74 6.28
N ALA J 14 25.33 7.42 7.04
CA ALA J 14 25.71 8.16 8.22
C ALA J 14 25.66 7.33 9.50
N ALA J 15 25.49 6.00 9.40
CA ALA J 15 25.28 5.16 10.58
C ALA J 15 26.42 5.25 11.59
N GLY J 16 27.65 5.36 11.11
CA GLY J 16 28.78 5.55 11.98
C GLY J 16 29.17 7.00 12.15
N SER J 17 28.39 7.91 11.59
CA SER J 17 28.73 9.32 11.61
C SER J 17 28.22 9.98 12.88
N THR J 18 28.75 11.17 13.12
CA THR J 18 28.34 12.02 14.22
C THR J 18 26.85 12.35 14.12
N MET J 19 26.16 12.33 15.28
CA MET J 19 24.72 12.63 15.33
C MET J 19 24.38 13.96 14.69
N GLY J 20 25.21 14.98 14.92
CA GLY J 20 24.99 16.27 14.29
C GLY J 20 25.22 16.27 12.79
N ALA J 21 25.94 15.27 12.28
CA ALA J 21 26.13 15.07 10.85
C ALA J 21 25.09 14.12 10.30
N ALA J 22 24.75 13.08 11.07
CA ALA J 22 23.73 12.12 10.65
C ALA J 22 22.35 12.74 10.58
N SER J 23 22.09 13.78 11.39
CA SER J 23 20.80 14.47 11.41
C SER J 23 20.50 15.26 10.13
N MET J 24 21.41 15.33 9.16
CA MET J 24 21.16 15.96 7.87
C MET J 24 20.78 14.94 6.80
N THR J 25 20.83 13.64 7.10
CA THR J 25 20.56 12.58 6.14
C THR J 25 19.27 11.82 6.44
N LEU J 26 18.32 12.46 7.12
CA LEU J 26 17.09 11.78 7.52
C LEU J 26 16.28 11.31 6.32
N THR J 27 16.25 12.11 5.25
CA THR J 27 15.41 11.84 4.09
C THR J 27 15.79 10.54 3.39
N VAL J 28 17.09 10.25 3.26
CA VAL J 28 17.55 9.06 2.53
C VAL J 28 17.06 7.80 3.25
N GLN J 29 17.02 7.83 4.58
CA GLN J 29 16.60 6.70 5.40
C GLN J 29 15.13 6.74 5.71
N ALA J 30 14.42 7.77 5.25
CA ALA J 30 12.98 7.82 5.38
C ALA J 30 12.30 7.39 4.09
N ARG J 31 12.92 7.67 2.94
CA ARG J 31 12.39 7.23 1.65
C ARG J 31 12.50 5.73 1.46
N ASN J 32 13.43 5.07 2.15
CA ASN J 32 13.66 3.63 2.00
C ASN J 32 12.88 2.81 3.02
N LEU J 33 11.99 3.44 3.77
CA LEU J 33 11.17 2.77 4.76
C LEU J 33 9.87 2.26 4.15
N LEU J 34 9.70 2.46 2.84
CA LEU J 34 8.49 2.06 2.15
C LEU J 34 8.73 1.80 0.67
N THR J 58 1.82 -19.82 -4.81
CA THR J 58 0.88 -19.05 -4.01
C THR J 58 1.50 -18.73 -2.66
N VAL J 59 2.28 -19.69 -2.14
CA VAL J 59 2.90 -19.56 -0.82
C VAL J 59 3.87 -18.38 -0.81
N TRP J 60 4.65 -18.24 -1.88
CA TRP J 60 5.59 -17.13 -2.00
C TRP J 60 4.89 -15.80 -2.13
N GLY J 61 3.72 -15.79 -2.80
CA GLY J 61 2.92 -14.59 -2.85
C GLY J 61 2.43 -14.19 -1.48
N ILE J 62 2.01 -15.18 -0.67
CA ILE J 62 1.58 -14.92 0.69
C ILE J 62 2.74 -14.40 1.54
N LYS J 63 3.94 -14.98 1.38
CA LYS J 63 5.12 -14.53 2.12
C LYS J 63 5.46 -13.08 1.79
N GLN J 64 5.48 -12.74 0.49
CA GLN J 64 5.83 -11.39 0.08
C GLN J 64 4.75 -10.39 0.51
N LEU J 65 3.48 -10.78 0.45
CA LEU J 65 2.42 -9.90 0.91
C LEU J 65 2.48 -9.70 2.42
N GLN J 66 2.84 -10.74 3.19
CA GLN J 66 3.01 -10.57 4.63
C GLN J 66 4.13 -9.60 4.93
N ALA J 67 5.25 -9.69 4.18
CA ALA J 67 6.35 -8.76 4.40
C ALA J 67 5.96 -7.32 4.04
N ARG J 68 5.22 -7.15 2.94
CA ARG J 68 4.84 -5.80 2.51
C ARG J 68 3.81 -5.19 3.46
N VAL J 69 2.84 -5.98 3.91
CA VAL J 69 1.84 -5.51 4.86
C VAL J 69 2.50 -5.18 6.19
N LEU J 70 3.49 -5.99 6.61
CA LEU J 70 4.21 -5.71 7.84
C LEU J 70 4.98 -4.39 7.74
N ALA J 71 5.63 -4.14 6.59
CA ALA J 71 6.33 -2.88 6.39
C ALA J 71 5.37 -1.70 6.42
N VAL J 72 4.19 -1.86 5.80
CA VAL J 72 3.18 -0.80 5.79
C VAL J 72 2.66 -0.53 7.20
N GLU J 73 2.40 -1.60 7.97
CA GLU J 73 1.89 -1.43 9.33
C GLU J 73 2.93 -0.77 10.23
N ARG J 74 4.22 -1.12 10.07
CA ARG J 74 5.25 -0.48 10.88
C ARG J 74 5.37 1.00 10.55
N TYR J 75 5.32 1.33 9.24
CA TYR J 75 5.33 2.73 8.81
C TYR J 75 4.13 3.49 9.39
N LEU J 76 2.94 2.90 9.32
CA LEU J 76 1.74 3.57 9.80
C LEU J 76 1.75 3.71 11.32
N ARG J 77 2.29 2.73 12.05
CA ARG J 77 2.41 2.89 13.50
C ARG J 77 3.37 4.01 13.86
N ASP J 78 4.48 4.13 13.12
CA ASP J 78 5.41 5.23 13.39
C ASP J 78 4.78 6.58 13.04
N GLN J 79 4.01 6.63 11.94
CA GLN J 79 3.36 7.88 11.55
C GLN J 79 2.23 8.27 12.50
N GLN J 80 1.47 7.29 12.99
CA GLN J 80 0.44 7.57 13.98
C GLN J 80 1.06 8.05 15.29
N LEU J 81 2.18 7.44 15.67
CA LEU J 81 2.88 7.83 16.89
C LEU J 81 3.41 9.26 16.77
N LEU J 82 3.92 9.63 15.59
CA LEU J 82 4.28 11.02 15.34
C LEU J 82 3.07 11.93 15.37
N GLY J 83 1.94 11.45 14.81
CA GLY J 83 0.72 12.25 14.76
C GLY J 83 0.18 12.61 16.13
N ILE J 84 0.07 11.63 17.01
CA ILE J 84 -0.45 11.88 18.36
C ILE J 84 0.47 12.76 19.18
N TRP J 85 1.75 12.87 18.81
CA TRP J 85 2.67 13.82 19.43
C TRP J 85 2.57 15.22 18.84
N GLY J 86 1.79 15.41 17.78
CA GLY J 86 1.73 16.69 17.12
C GLY J 86 2.87 16.95 16.17
N CYS J 87 3.54 15.90 15.70
CA CYS J 87 4.71 16.03 14.83
C CYS J 87 4.46 15.49 13.43
N SER J 88 3.19 15.39 13.02
CA SER J 88 2.85 14.84 11.72
C SER J 88 3.40 15.70 10.59
N GLY J 89 4.00 15.04 9.59
CA GLY J 89 4.53 15.73 8.44
C GLY J 89 5.92 16.31 8.63
N LYS J 90 6.55 16.08 9.77
CA LYS J 90 7.87 16.61 10.05
C LYS J 90 8.87 15.48 10.25
N LEU J 91 10.13 15.78 9.98
CA LEU J 91 11.23 14.89 10.30
C LEU J 91 12.01 15.33 11.53
N ILE J 92 12.09 16.64 11.75
CA ILE J 92 12.74 17.22 12.92
C ILE J 92 11.66 18.01 13.64
N CYS J 93 11.16 17.48 14.75
CA CYS J 93 10.03 18.06 15.45
C CYS J 93 10.45 18.43 16.87
N CYS J 94 10.40 19.73 17.18
CA CYS J 94 10.66 20.16 18.54
C CYS J 94 9.40 19.94 19.38
N THR J 95 9.59 19.66 20.68
CA THR J 95 8.49 19.41 21.59
C THR J 95 8.62 20.28 22.83
N ASN J 96 7.64 20.18 23.72
CA ASN J 96 7.59 20.95 24.95
C ASN J 96 7.94 20.14 26.18
N VAL J 97 8.47 18.93 26.02
CA VAL J 97 8.82 18.06 27.14
C VAL J 97 10.28 18.35 27.52
N PRO J 98 10.56 18.76 28.74
CA PRO J 98 11.94 19.02 29.12
C PRO J 98 12.74 17.74 29.24
N TRP J 99 14.04 17.85 29.00
CA TRP J 99 14.92 16.69 29.13
C TRP J 99 15.28 16.51 30.59
N ASN J 100 15.16 15.29 31.09
CA ASN J 100 15.42 14.97 32.49
C ASN J 100 16.81 14.38 32.59
N SER J 101 17.65 14.99 33.43
CA SER J 101 19.08 14.66 33.55
C SER J 101 19.31 13.18 33.88
N SER J 102 18.34 12.54 34.54
CA SER J 102 18.45 11.12 34.91
C SER J 102 18.60 10.24 33.68
N TRP J 103 17.90 10.58 32.59
CA TRP J 103 18.00 9.83 31.35
C TRP J 103 19.42 9.88 30.79
N SER J 104 20.01 11.06 30.74
CA SER J 104 21.42 11.23 30.34
C SER J 104 21.92 12.56 30.85
N ASN J 105 22.87 12.53 31.79
CA ASN J 105 23.50 13.76 32.29
C ASN J 105 24.75 14.03 31.46
N ARG J 106 24.53 14.30 30.18
CA ARG J 106 25.61 14.56 29.24
C ARG J 106 25.37 15.90 28.57
N ASN J 107 26.43 16.68 28.40
CA ASN J 107 26.28 18.01 27.83
C ASN J 107 26.07 17.83 26.32
N LEU J 108 25.50 18.88 25.70
CA LEU J 108 25.11 18.84 24.30
C LEU J 108 26.27 18.48 23.36
N SER J 109 27.50 18.90 23.69
CA SER J 109 28.65 18.56 22.86
C SER J 109 28.90 17.05 22.83
N GLU J 110 28.86 16.38 24.00
CA GLU J 110 29.12 14.93 24.05
C GLU J 110 28.12 14.10 23.26
N ILE J 111 26.93 14.64 23.00
CA ILE J 111 25.90 13.91 22.30
C ILE J 111 26.00 14.26 20.83
N TRP J 112 25.85 15.53 20.50
CA TRP J 112 25.73 15.93 19.10
C TRP J 112 27.04 16.00 18.35
N ASP J 113 28.18 16.13 19.03
CA ASP J 113 29.46 16.22 18.34
C ASP J 113 30.29 14.94 18.40
N ASN J 114 30.15 14.11 19.43
CA ASN J 114 31.05 12.97 19.62
C ASN J 114 30.40 11.60 19.42
N MET J 115 29.09 11.47 19.61
CA MET J 115 28.44 10.17 19.58
C MET J 115 27.72 9.92 18.26
N THR J 116 27.49 8.64 17.98
CA THR J 116 26.63 8.18 16.90
C THR J 116 25.22 7.91 17.41
N TRP J 117 24.28 7.74 16.49
CA TRP J 117 22.90 7.47 16.88
C TRP J 117 22.74 6.08 17.48
N LEU J 118 23.56 5.11 17.08
CA LEU J 118 23.49 3.77 17.67
C LEU J 118 23.87 3.78 19.14
N GLN J 119 24.94 4.49 19.47
CA GLN J 119 25.39 4.59 20.86
C GLN J 119 24.35 5.32 21.70
N TRP J 120 23.77 6.38 21.15
CA TRP J 120 22.73 7.11 21.85
C TRP J 120 21.48 6.27 22.05
N ASP J 121 21.08 5.52 21.02
CA ASP J 121 19.91 4.64 21.11
C ASP J 121 20.11 3.59 22.19
N LYS J 122 21.34 3.05 22.30
CA LYS J 122 21.63 2.12 23.38
C LYS J 122 21.60 2.82 24.72
N GLU J 123 22.08 4.08 24.77
CA GLU J 123 22.22 4.80 26.04
C GLU J 123 20.88 5.09 26.70
N ILE J 124 19.85 5.41 25.92
CA ILE J 124 18.58 5.81 26.51
C ILE J 124 17.44 4.85 26.18
N SER J 125 17.74 3.59 25.80
CA SER J 125 16.68 2.67 25.41
C SER J 125 15.74 2.38 26.56
N ASN J 126 16.29 2.30 27.79
CA ASN J 126 15.54 1.95 28.99
C ASN J 126 14.41 2.94 29.24
N TYR J 127 14.58 4.18 28.84
CA TYR J 127 13.67 5.25 29.14
C TYR J 127 12.79 5.64 27.97
N THR J 128 12.90 4.97 26.80
CA THR J 128 12.16 5.48 25.63
C THR J 128 10.67 5.33 25.79
N GLN J 129 10.23 4.24 26.45
CA GLN J 129 8.81 4.02 26.65
C GLN J 129 8.25 5.03 27.64
N ILE J 130 9.11 5.55 28.53
CA ILE J 130 8.68 6.63 29.39
C ILE J 130 8.52 7.91 28.58
N ILE J 131 9.53 8.21 27.74
CA ILE J 131 9.62 9.51 27.06
C ILE J 131 8.43 9.70 26.13
N TYR J 132 8.11 8.64 25.38
CA TYR J 132 7.02 8.67 24.41
C TYR J 132 5.70 8.99 25.11
N GLY J 133 5.50 8.38 26.29
CA GLY J 133 4.28 8.61 27.05
C GLY J 133 4.13 10.06 27.43
N LEU J 134 5.23 10.68 27.88
CA LEU J 134 5.20 12.08 28.29
C LEU J 134 4.85 12.96 27.11
N LEU J 135 5.38 12.60 25.92
CA LEU J 135 5.14 13.38 24.72
C LEU J 135 3.66 13.41 24.40
N GLU J 136 3.00 12.25 24.54
CA GLU J 136 1.57 12.15 24.23
C GLU J 136 0.78 13.06 25.14
N GLU J 137 1.16 13.08 26.43
CA GLU J 137 0.44 13.88 27.42
C GLU J 137 0.55 15.34 27.10
N SER J 138 1.75 15.78 26.68
CA SER J 138 1.95 17.20 26.43
C SER J 138 1.13 17.65 25.24
N GLN J 139 1.03 16.78 24.23
CA GLN J 139 0.26 17.14 23.05
C GLN J 139 -1.21 17.24 23.36
N ASN J 140 -1.69 16.35 24.26
CA ASN J 140 -3.09 16.39 24.65
C ASN J 140 -3.40 17.73 25.30
N GLN J 141 -2.49 18.19 26.17
CA GLN J 141 -2.71 19.46 26.85
C GLN J 141 -2.68 20.59 25.85
N GLN J 142 -1.74 20.49 24.90
CA GLN J 142 -1.59 21.51 23.86
C GLN J 142 -2.84 21.60 23.02
N GLU J 143 -3.43 20.44 22.68
CA GLU J 143 -4.61 20.45 21.82
C GLU J 143 -5.76 21.13 22.53
N LYS J 144 -5.91 20.85 23.84
CA LYS J 144 -6.98 21.47 24.61
C LYS J 144 -6.78 22.97 24.67
N ASN J 145 -5.51 23.38 24.79
CA ASN J 145 -5.16 24.79 24.85
C ASN J 145 -5.56 25.47 23.55
N GLU J 146 -5.15 24.86 22.41
CA GLU J 146 -5.47 25.39 21.09
C GLU J 146 -6.98 25.55 20.94
N GLN J 147 -7.73 24.53 21.42
CA GLN J 147 -9.18 24.52 21.26
C GLN J 147 -9.78 25.72 21.97
N ASP J 148 -9.27 26.03 23.16
CA ASP J 148 -9.85 27.14 23.97
C ASP J 148 -9.56 28.48 23.30
N LEU J 149 -8.35 28.65 22.76
CA LEU J 149 -7.98 29.94 22.10
C LEU J 149 -8.89 30.17 20.90
N LEU J 150 -9.17 29.11 20.12
CA LEU J 150 -10.01 29.24 18.90
C LEU J 150 -11.45 29.61 19.30
N ALA J 151 -11.77 29.51 20.59
CA ALA J 151 -13.14 29.83 21.09
C ALA J 151 -13.18 31.18 21.77
N LEU J 152 -12.09 31.59 22.42
CA LEU J 152 -11.88 32.87 23.10
C LEU J 152 -12.05 33.76 21.88
N ASP J 153 -13.17 34.49 21.88
CA ASP J 153 -13.59 35.45 20.87
C ASP J 153 -15.11 35.54 20.83
N GLU K 1 44.87 32.03 18.59
CA GLU K 1 45.41 32.88 17.55
C GLU K 1 44.40 33.06 16.42
N VAL K 2 43.14 33.26 16.79
CA VAL K 2 42.08 33.49 15.84
C VAL K 2 42.25 34.86 15.18
N GLN K 3 42.16 34.90 13.86
CA GLN K 3 42.29 36.14 13.11
C GLN K 3 40.98 36.51 12.45
N LEU K 4 40.65 37.80 12.49
CA LEU K 4 39.53 38.37 11.76
C LEU K 4 40.00 39.70 11.16
N VAL K 5 39.95 39.83 9.84
CA VAL K 5 40.44 41.02 9.15
C VAL K 5 39.32 41.61 8.27
N GLU K 6 38.89 42.82 8.61
CA GLU K 6 37.91 43.54 7.79
C GLU K 6 38.59 44.28 6.65
N THR K 7 37.91 44.32 5.51
CA THR K 7 38.32 45.08 4.34
C THR K 7 37.12 45.85 3.80
N GLY K 8 37.39 46.87 3.00
CA GLY K 8 36.36 47.70 2.42
C GLY K 8 36.70 49.18 2.52
N GLY K 9 36.11 49.98 1.63
CA GLY K 9 36.41 51.41 1.61
C GLY K 9 35.88 52.13 2.84
N GLY K 10 36.62 53.16 3.24
CA GLY K 10 36.27 53.94 4.42
C GLY K 10 35.64 55.30 4.20
N LEU K 11 35.46 55.73 2.95
CA LEU K 11 34.89 57.05 2.67
C LEU K 11 33.75 56.89 1.68
N VAL K 12 32.56 57.33 2.08
CA VAL K 12 31.37 57.22 1.25
C VAL K 12 30.58 58.53 1.32
N GLN K 13 29.94 58.87 0.20
CA GLN K 13 29.04 60.00 0.19
C GLN K 13 27.69 59.59 0.77
N PRO K 14 26.94 60.53 1.35
CA PRO K 14 25.57 60.22 1.79
C PRO K 14 24.69 59.76 0.63
N GLY K 15 23.88 58.74 0.89
CA GLY K 15 22.99 58.20 -0.11
C GLY K 15 23.57 57.07 -0.94
N GLY K 16 24.85 56.77 -0.80
CA GLY K 16 25.50 55.73 -1.58
C GLY K 16 25.40 54.37 -0.93
N SER K 17 26.34 53.49 -1.30
CA SER K 17 26.34 52.12 -0.80
C SER K 17 27.77 51.66 -0.58
N LEU K 18 27.92 50.64 0.25
CA LEU K 18 29.26 50.13 0.56
C LEU K 18 29.21 48.65 0.90
N LYS K 19 30.16 47.88 0.38
CA LYS K 19 30.35 46.48 0.74
C LYS K 19 31.60 46.32 1.60
N LEU K 20 31.43 45.72 2.79
CA LEU K 20 32.55 45.32 3.62
C LEU K 20 32.73 43.81 3.55
N SER K 21 33.98 43.37 3.59
CA SER K 21 34.31 41.96 3.66
C SER K 21 35.05 41.72 4.97
N CYS K 22 35.11 40.45 5.37
CA CYS K 22 35.76 40.12 6.63
C CYS K 22 36.20 38.67 6.51
N ARG K 23 37.52 38.45 6.51
CA ARG K 23 38.10 37.13 6.39
C ARG K 23 38.47 36.61 7.76
N ALA K 24 38.20 35.33 7.99
CA ALA K 24 38.46 34.67 9.25
C ALA K 24 39.47 33.55 9.06
N SER K 25 40.24 33.29 10.12
CA SER K 25 41.13 32.14 10.11
C SER K 25 41.40 31.72 11.55
N GLY K 26 41.88 30.48 11.68
CA GLY K 26 42.19 29.90 12.97
C GLY K 26 41.09 29.05 13.59
N TYR K 27 39.96 28.90 12.92
CA TYR K 27 38.86 28.09 13.46
C TYR K 27 37.99 27.63 12.30
N THR K 28 37.06 26.73 12.60
CA THR K 28 36.11 26.26 11.60
C THR K 28 35.05 27.33 11.41
N PHE K 29 35.09 27.99 10.25
CA PHE K 29 34.23 29.15 9.99
C PHE K 29 32.76 28.78 9.98
N SER K 30 32.41 27.67 9.32
CA SER K 30 31.01 27.26 9.19
C SER K 30 30.37 26.80 10.50
N SER K 31 31.16 26.64 11.56
CA SER K 31 30.62 26.15 12.83
C SER K 31 30.16 27.26 13.76
N PHE K 32 30.40 28.52 13.42
CA PHE K 32 30.08 29.62 14.31
C PHE K 32 29.19 30.65 13.61
N ALA K 33 28.28 31.23 14.38
CA ALA K 33 27.53 32.39 13.93
C ALA K 33 28.41 33.63 13.95
N MET K 34 28.05 34.60 13.11
CA MET K 34 28.85 35.81 12.99
C MET K 34 27.96 37.02 13.14
N SER K 35 28.56 38.15 13.52
CA SER K 35 27.79 39.36 13.70
C SER K 35 28.64 40.58 13.38
N TRP K 36 27.97 41.69 13.12
CA TRP K 36 28.60 42.99 12.98
C TRP K 36 28.10 43.90 14.09
N VAL K 37 29.05 44.58 14.76
CA VAL K 37 28.77 45.52 15.83
C VAL K 37 29.48 46.83 15.50
N ARG K 38 28.80 47.97 15.72
CA ARG K 38 29.37 49.26 15.39
C ARG K 38 29.58 50.10 16.64
N GLN K 39 30.57 50.98 16.55
CA GLN K 39 30.88 51.94 17.61
C GLN K 39 31.08 53.30 16.96
N ALA K 40 30.18 54.23 17.26
CA ALA K 40 30.33 55.60 16.79
C ALA K 40 31.55 56.24 17.45
N PRO K 41 32.19 57.25 16.79
CA PRO K 41 33.42 57.85 17.35
C PRO K 41 33.32 58.36 18.79
N GLY K 42 32.16 58.91 19.18
CA GLY K 42 31.97 59.40 20.52
C GLY K 42 31.03 58.58 21.37
N LYS K 43 30.61 57.40 20.91
CA LYS K 43 29.64 56.58 21.61
C LYS K 43 30.24 55.21 21.92
N GLY K 44 29.42 54.36 22.52
CA GLY K 44 29.79 53.00 22.83
C GLY K 44 29.46 52.04 21.71
N LEU K 45 29.39 50.77 22.07
CA LEU K 45 29.16 49.72 21.08
C LEU K 45 27.68 49.58 20.79
N GLU K 46 27.34 49.41 19.52
CA GLU K 46 25.96 49.18 19.13
C GLU K 46 25.93 48.02 18.14
N TRP K 47 25.07 47.05 18.40
CA TRP K 47 24.98 45.87 17.55
C TRP K 47 24.29 46.25 16.24
N VAL K 48 24.82 45.74 15.13
CA VAL K 48 24.26 46.04 13.81
C VAL K 48 23.46 44.87 13.26
N SER K 49 24.08 43.69 13.21
CA SER K 49 23.38 42.57 12.60
C SER K 49 24.02 41.25 13.03
N LEU K 50 23.28 40.17 12.82
CA LEU K 50 23.76 38.83 13.12
C LEU K 50 23.34 37.87 12.01
N ILE K 51 24.16 36.86 11.77
CA ILE K 51 23.86 35.83 10.79
C ILE K 51 24.23 34.49 11.42
N ASN K 52 23.46 33.46 11.04
CA ASN K 52 23.61 32.09 11.50
C ASN K 52 24.91 31.48 10.95
N ASP K 53 25.29 30.33 11.52
CA ASP K 53 26.48 29.61 11.05
C ASP K 53 26.35 29.16 9.61
N ARG K 54 25.19 28.61 9.23
CA ARG K 54 24.99 28.13 7.87
C ARG K 54 24.71 29.26 6.89
N GLY K 55 24.36 30.44 7.37
CA GLY K 55 24.19 31.60 6.51
C GLY K 55 22.78 31.89 6.05
N GLY K 56 21.78 31.21 6.59
CA GLY K 56 20.42 31.36 6.10
C GLY K 56 19.58 32.35 6.88
N LEU K 57 19.73 32.36 8.20
CA LEU K 57 18.98 33.26 9.07
C LEU K 57 19.77 34.55 9.28
N THR K 58 19.11 35.69 9.11
CA THR K 58 19.72 36.99 9.33
C THR K 58 18.83 37.81 10.23
N PHE K 59 19.43 38.60 11.12
CA PHE K 59 18.69 39.48 12.03
C PHE K 59 19.37 40.84 12.10
N TYR K 60 18.56 41.89 12.27
CA TYR K 60 19.02 43.27 12.20
C TYR K 60 18.36 44.09 13.30
N VAL K 61 18.98 45.24 13.64
CA VAL K 61 18.29 46.24 14.48
C VAL K 61 17.23 46.94 13.64
N ASP K 62 16.21 47.44 14.33
CA ASP K 62 15.05 48.10 13.73
C ASP K 62 15.43 49.20 12.76
N SER K 63 16.46 49.98 13.09
CA SER K 63 16.85 51.11 12.26
C SER K 63 17.42 50.71 10.89
N VAL K 64 17.84 49.45 10.71
CA VAL K 64 18.56 49.08 9.49
C VAL K 64 17.88 47.96 8.70
N LYS K 65 16.64 47.58 9.06
CA LYS K 65 15.97 46.42 8.43
C LYS K 65 15.83 46.56 6.92
N GLY K 66 15.61 47.76 6.43
CA GLY K 66 15.43 47.96 5.01
C GLY K 66 16.67 48.45 4.28
N ARG K 67 17.83 48.46 4.95
CA ARG K 67 19.01 49.06 4.35
C ARG K 67 20.22 48.13 4.29
N PHE K 68 20.38 47.27 5.30
CA PHE K 68 21.59 46.46 5.44
C PHE K 68 21.28 45.01 5.05
N THR K 69 22.23 44.36 4.39
CA THR K 69 22.17 42.92 4.11
C THR K 69 23.47 42.26 4.56
N ILE K 70 23.34 41.23 5.40
CA ILE K 70 24.48 40.45 5.89
C ILE K 70 24.47 39.09 5.20
N SER K 71 25.66 38.64 4.78
CA SER K 71 25.76 37.37 4.10
C SER K 71 27.11 36.76 4.42
N ARG K 72 27.25 35.45 4.16
CA ARG K 72 28.51 34.78 4.38
C ARG K 72 28.68 33.71 3.32
N ASP K 73 29.93 33.34 3.09
CA ASP K 73 30.31 32.24 2.22
C ASP K 73 31.28 31.38 3.02
N ASN K 74 30.80 30.22 3.45
CA ASN K 74 31.60 29.33 4.29
C ASN K 74 32.73 28.69 3.50
N SER K 75 32.55 28.52 2.19
CA SER K 75 33.56 27.88 1.36
C SER K 75 34.74 28.80 1.08
N LYS K 76 34.57 30.11 1.28
CA LYS K 76 35.63 31.08 1.10
C LYS K 76 36.04 31.74 2.40
N ASN K 77 35.46 31.32 3.52
CA ASN K 77 35.67 31.87 4.87
C ASN K 77 35.47 33.39 4.89
N THR K 78 34.38 33.84 4.25
CA THR K 78 34.16 35.27 4.04
C THR K 78 32.82 35.70 4.63
N LEU K 79 32.83 36.77 5.42
CA LEU K 79 31.61 37.43 5.87
C LEU K 79 31.48 38.77 5.16
N SER K 80 30.34 39.01 4.53
CA SER K 80 30.11 40.25 3.79
C SER K 80 28.94 41.02 4.38
N LEU K 81 29.02 42.36 4.27
CA LEU K 81 27.94 43.24 4.69
C LEU K 81 27.76 44.32 3.62
N GLN K 82 26.57 44.35 3.03
CA GLN K 82 26.19 45.31 1.99
C GLN K 82 25.27 46.35 2.60
N MET K 83 25.69 47.61 2.59
CA MET K 83 24.95 48.70 3.21
C MET K 83 24.42 49.62 2.12
N HIS K 84 23.10 49.82 2.12
CA HIS K 84 22.44 50.73 1.19
C HIS K 84 21.99 51.99 1.93
N SER K 85 22.06 53.11 1.22
CA SER K 85 21.68 54.47 1.57
C SER K 85 22.57 55.10 2.65
N LEU K 86 22.99 54.30 3.64
CA LEU K 86 24.08 54.51 4.61
C LEU K 86 24.13 55.93 5.16
N ARG K 87 23.10 56.31 5.92
CA ARG K 87 22.91 57.67 6.41
C ARG K 87 24.05 58.10 7.35
N ASP K 88 24.11 59.42 7.58
CA ASP K 88 25.17 60.04 8.39
C ASP K 88 25.29 59.43 9.78
N GLY K 89 24.17 58.99 10.37
CA GLY K 89 24.21 58.39 11.69
C GLY K 89 24.88 57.03 11.75
N ASP K 90 25.20 56.43 10.60
CA ASP K 90 25.85 55.13 10.54
C ASP K 90 27.36 55.20 10.51
N THR K 91 27.94 56.40 10.62
CA THR K 91 29.39 56.56 10.67
C THR K 91 29.91 55.89 11.94
N ALA K 92 30.82 54.93 11.79
CA ALA K 92 31.25 54.15 12.94
C ALA K 92 32.41 53.23 12.56
N VAL K 93 33.06 52.68 13.59
CA VAL K 93 33.96 51.55 13.43
C VAL K 93 33.13 50.28 13.52
N TYR K 94 33.23 49.45 12.50
CA TYR K 94 32.48 48.20 12.38
C TYR K 94 33.40 47.03 12.66
N TYR K 95 33.04 46.26 13.68
CA TYR K 95 33.77 45.09 14.15
C TYR K 95 33.03 43.83 13.77
N CYS K 96 33.78 42.81 13.35
CA CYS K 96 33.27 41.46 13.20
C CYS K 96 33.30 40.82 14.57
N ALA K 97 32.32 39.97 14.86
CA ALA K 97 32.35 39.22 16.10
C ALA K 97 31.86 37.81 15.85
N THR K 98 32.49 36.86 16.52
CA THR K 98 32.13 35.46 16.45
C THR K 98 31.23 35.11 17.63
N GLY K 99 30.02 34.63 17.33
CA GLY K 99 29.07 34.32 18.37
C GLY K 99 27.76 35.07 18.19
N GLY K 100 26.87 34.86 19.16
CA GLY K 100 25.54 35.46 19.14
C GLY K 100 24.38 34.51 18.96
N MET K 101 24.58 33.33 18.37
CA MET K 101 23.53 32.32 18.28
C MET K 101 24.18 30.98 17.96
N SER K 102 23.42 29.90 18.15
CA SER K 102 23.92 28.56 17.92
C SER K 102 22.92 27.77 17.08
N SER K 103 23.33 26.56 16.70
CA SER K 103 22.60 25.75 15.73
C SER K 103 21.56 24.83 16.33
N ALA K 104 21.29 24.95 17.64
CA ALA K 104 20.36 24.17 18.48
C ALA K 104 20.91 22.79 18.86
N LEU K 105 21.92 22.32 18.14
CA LEU K 105 22.64 21.09 18.49
C LEU K 105 23.93 21.39 19.22
N GLN K 106 24.30 22.66 19.32
CA GLN K 106 25.46 23.12 20.05
C GLN K 106 24.99 23.86 21.29
N SER K 107 25.91 24.05 22.23
CA SER K 107 25.57 24.78 23.45
C SER K 107 25.25 26.23 23.11
N SER K 108 24.54 26.89 24.01
CA SER K 108 24.15 28.27 23.75
C SER K 108 25.37 29.18 23.89
N LYS K 109 25.31 30.32 23.20
CA LYS K 109 26.33 31.34 23.41
C LYS K 109 25.72 32.64 23.94
N TYR K 110 25.02 33.39 23.08
CA TYR K 110 24.40 34.68 23.39
C TYR K 110 25.45 35.71 23.79
N TYR K 111 26.67 35.55 23.28
CA TYR K 111 27.78 36.45 23.53
C TYR K 111 28.62 36.54 22.27
N PHE K 112 29.44 37.58 22.19
CA PHE K 112 30.35 37.79 21.08
C PHE K 112 31.75 37.43 21.55
N ASP K 113 32.36 36.42 20.94
CA ASP K 113 33.66 35.96 21.46
C ASP K 113 34.81 36.69 20.77
N PHE K 114 35.40 36.08 19.75
CA PHE K 114 36.51 36.72 19.01
C PHE K 114 36.09 38.02 18.34
N TRP K 115 36.90 39.06 18.50
CA TRP K 115 36.59 40.37 17.94
C TRP K 115 37.62 40.74 16.88
N GLY K 116 37.17 41.30 15.76
CA GLY K 116 38.05 41.71 14.69
C GLY K 116 38.67 43.07 14.94
N GLN K 117 39.68 43.40 14.12
CA GLN K 117 40.38 44.68 14.28
C GLN K 117 39.43 45.86 14.03
N GLY K 118 38.58 45.76 13.02
CA GLY K 118 37.62 46.81 12.77
C GLY K 118 37.95 47.64 11.55
N ALA K 119 36.90 48.18 10.92
CA ALA K 119 37.04 49.05 9.75
C ALA K 119 36.19 50.29 10.02
N LEU K 120 36.65 51.45 9.57
CA LEU K 120 35.98 52.70 9.91
C LEU K 120 35.21 53.16 8.67
N VAL K 121 33.89 53.25 8.80
CA VAL K 121 33.02 53.73 7.73
C VAL K 121 32.61 55.16 8.06
N THR K 122 33.06 56.09 7.22
CA THR K 122 32.83 57.53 7.38
C THR K 122 31.87 58.01 6.29
N VAL K 123 30.79 58.66 6.70
CA VAL K 123 29.79 59.18 5.77
C VAL K 123 30.06 60.66 5.58
N SER K 124 30.31 61.08 4.34
CA SER K 124 30.64 62.47 4.04
C SER K 124 29.45 63.40 4.22
N ALA L 1 18.29 50.73 26.00
CA ALA L 1 19.70 50.73 26.34
C ALA L 1 19.91 50.39 27.81
N LEU L 2 21.10 49.91 28.14
CA LEU L 2 21.45 49.58 29.51
C LEU L 2 22.17 50.75 30.17
N THR L 3 21.94 50.91 31.48
CA THR L 3 22.51 52.00 32.24
C THR L 3 23.73 51.54 33.03
N GLN L 4 24.84 52.25 32.86
CA GLN L 4 26.09 52.05 33.55
C GLN L 4 26.63 53.39 34.04
N PRO L 5 27.44 53.41 35.11
CA PRO L 5 28.03 54.67 35.54
C PRO L 5 29.06 55.16 34.54
N PRO L 6 29.25 56.47 34.43
CA PRO L 6 30.27 56.98 33.51
C PRO L 6 31.70 56.73 33.97
N SER L 7 31.94 56.53 35.26
CA SER L 7 33.32 56.39 35.73
C SER L 7 33.35 55.63 37.04
N VAL L 8 34.34 54.75 37.17
CA VAL L 8 34.65 54.03 38.40
C VAL L 8 36.16 54.12 38.58
N SER L 9 36.61 54.15 39.84
CA SER L 9 38.03 54.29 40.08
C SER L 9 38.43 53.66 41.41
N GLY L 10 39.73 53.42 41.55
CA GLY L 10 40.29 52.92 42.78
C GLY L 10 41.78 52.69 42.59
N SER L 11 42.45 52.49 43.71
CA SER L 11 43.89 52.26 43.76
C SER L 11 44.18 50.77 43.65
N PRO L 12 45.41 50.38 43.27
CA PRO L 12 45.76 48.95 43.26
C PRO L 12 45.59 48.27 44.62
N GLY L 13 45.13 47.02 44.58
CA GLY L 13 44.96 46.19 45.74
C GLY L 13 43.54 46.10 46.26
N GLN L 14 42.67 47.01 45.87
CA GLN L 14 41.26 46.93 46.25
C GLN L 14 40.44 46.38 45.09
N SER L 15 39.21 45.97 45.40
CA SER L 15 38.25 45.53 44.40
C SER L 15 37.19 46.59 44.20
N VAL L 16 36.66 46.66 42.98
CA VAL L 16 35.62 47.61 42.60
C VAL L 16 34.52 46.86 41.87
N THR L 17 33.35 47.49 41.78
CA THR L 17 32.23 46.94 41.05
C THR L 17 31.73 47.94 40.02
N ILE L 18 31.26 47.41 38.89
CA ILE L 18 30.62 48.18 37.83
C ILE L 18 29.20 47.64 37.69
N SER L 19 28.22 48.50 37.91
CA SER L 19 26.80 48.16 37.83
C SER L 19 26.28 48.28 36.40
N CYS L 20 25.32 47.41 36.09
CA CYS L 20 24.58 47.43 34.83
C CYS L 20 23.13 47.14 35.14
N THR L 21 22.25 48.11 34.89
CA THR L 21 20.84 47.97 35.23
C THR L 21 20.01 48.00 33.95
N GLY L 22 19.02 47.12 33.89
CA GLY L 22 18.12 47.03 32.76
C GLY L 22 16.67 46.96 33.24
N THR L 23 15.90 46.14 32.53
CA THR L 23 14.48 45.92 32.82
C THR L 23 14.23 44.43 32.94
N SER L 24 12.98 44.07 33.26
CA SER L 24 12.62 42.67 33.48
C SER L 24 12.68 41.86 32.19
N SER L 25 12.44 42.49 31.04
CA SER L 25 12.40 41.77 29.78
C SER L 25 13.77 41.44 29.21
N ASP L 26 14.84 42.01 29.76
CA ASP L 26 16.19 41.74 29.27
C ASP L 26 17.12 41.18 30.35
N ILE L 27 17.46 41.96 31.39
CA ILE L 27 18.44 41.52 32.37
C ILE L 27 17.87 40.38 33.22
N GLY L 28 16.64 40.56 33.70
CA GLY L 28 15.97 39.62 34.58
C GLY L 28 15.67 38.26 33.99
N SER L 29 14.93 38.25 32.88
CA SER L 29 14.44 36.99 32.31
C SER L 29 15.58 36.19 31.70
N TYR L 30 16.55 36.87 31.10
CA TYR L 30 17.62 36.23 30.35
C TYR L 30 18.92 36.40 31.12
N ASN L 31 19.48 35.30 31.61
CA ASN L 31 20.74 35.33 32.36
C ASN L 31 21.95 35.15 31.45
N TYR L 32 22.03 36.04 30.44
CA TYR L 32 23.14 36.09 29.48
C TYR L 32 23.62 37.54 29.43
N VAL L 33 24.44 37.92 30.42
CA VAL L 33 24.86 39.31 30.60
C VAL L 33 26.38 39.32 30.43
N SER L 34 26.84 39.50 29.20
CA SER L 34 28.28 39.46 28.98
C SER L 34 28.91 40.82 29.26
N TRP L 35 30.22 40.81 29.47
CA TRP L 35 30.97 42.02 29.72
C TRP L 35 32.18 42.08 28.81
N TYR L 36 32.46 43.28 28.31
CA TYR L 36 33.56 43.50 27.38
C TYR L 36 34.47 44.59 27.89
N GLN L 37 35.77 44.42 27.63
CA GLN L 37 36.82 45.35 28.00
C GLN L 37 37.47 45.89 26.74
N GLN L 38 37.34 47.19 26.50
CA GLN L 38 37.87 47.84 25.30
C GLN L 38 39.05 48.72 25.68
N HIS L 39 40.25 48.30 25.31
CA HIS L 39 41.41 49.15 25.46
C HIS L 39 41.32 50.30 24.45
N PRO L 40 41.62 51.53 24.86
CA PRO L 40 41.59 52.67 23.91
C PRO L 40 42.50 52.44 22.71
N GLY L 41 41.96 52.66 21.52
CA GLY L 41 42.67 52.47 20.28
C GLY L 41 42.69 51.04 19.78
N LYS L 42 42.12 50.09 20.52
CA LYS L 42 42.09 48.68 20.17
C LYS L 42 40.64 48.20 20.20
N ALA L 43 40.45 46.95 19.81
CA ALA L 43 39.14 46.30 19.73
C ALA L 43 38.77 45.67 21.07
N PRO L 44 37.49 45.37 21.32
CA PRO L 44 37.10 44.81 22.61
C PRO L 44 37.56 43.37 22.77
N LYS L 45 37.43 42.88 23.99
CA LYS L 45 37.73 41.49 24.31
C LYS L 45 36.73 40.99 25.33
N LEU L 46 36.44 39.69 25.29
CA LEU L 46 35.48 39.09 26.20
C LEU L 46 36.15 38.81 27.53
N MET L 47 35.49 39.20 28.61
CA MET L 47 35.98 38.95 29.97
C MET L 47 35.11 37.98 30.75
N ILE L 48 33.80 38.15 30.76
CA ILE L 48 32.88 37.17 31.33
C ILE L 48 31.65 37.04 30.44
N TYR L 49 31.35 35.80 30.04
CA TYR L 49 30.14 35.51 29.29
C TYR L 49 29.10 34.98 30.27
N ASP L 50 27.94 34.56 29.72
CA ASP L 50 26.73 34.17 30.47
C ASP L 50 26.51 35.22 31.55
N VAL L 51 26.34 34.85 32.81
CA VAL L 51 26.22 35.85 33.86
C VAL L 51 27.28 35.68 34.94
N THR L 52 27.96 34.52 35.00
CA THR L 52 28.99 34.26 36.00
C THR L 52 30.25 33.61 35.42
N GLN L 53 30.16 32.92 34.29
CA GLN L 53 31.28 32.13 33.77
C GLN L 53 32.40 33.03 33.24
N ARG L 54 33.50 32.39 32.85
CA ARG L 54 34.68 33.09 32.39
C ARG L 54 35.42 32.28 31.33
N PRO L 55 35.83 32.89 30.22
CA PRO L 55 36.59 32.16 29.19
C PRO L 55 37.96 31.75 29.70
N SER L 56 38.55 30.77 29.02
CA SER L 56 39.92 30.39 29.29
C SER L 56 40.86 31.52 28.89
N GLY L 57 41.94 31.67 29.67
CA GLY L 57 42.95 32.67 29.40
C GLY L 57 42.66 34.04 29.99
N VAL L 58 41.57 34.19 30.74
CA VAL L 58 41.25 35.41 31.43
C VAL L 58 41.46 35.18 32.92
N SER L 59 42.10 36.16 33.57
CA SER L 59 42.47 36.05 34.98
C SER L 59 41.23 35.91 35.86
N ASP L 60 41.42 35.26 37.02
CA ASP L 60 40.38 34.99 38.00
C ASP L 60 39.82 36.27 38.63
N ARG L 61 40.52 37.41 38.45
CA ARG L 61 40.14 38.68 39.06
C ARG L 61 38.74 39.15 38.66
N PHE L 62 38.40 38.99 37.38
CA PHE L 62 37.10 39.43 36.90
C PHE L 62 36.04 38.41 37.30
N SER L 63 34.96 38.89 37.92
CA SER L 63 33.88 38.02 38.35
C SER L 63 32.57 38.74 38.13
N GLY L 64 31.47 37.98 38.07
CA GLY L 64 30.19 38.56 37.78
C GLY L 64 29.11 38.08 38.73
N SER L 65 28.04 38.88 38.78
CA SER L 65 26.91 38.56 39.64
C SER L 65 25.66 39.23 39.08
N LYS L 66 24.51 38.76 39.54
CA LYS L 66 23.25 39.37 39.15
C LYS L 66 22.23 39.16 40.26
N SER L 67 21.58 40.23 40.67
CA SER L 67 20.54 40.20 41.68
C SER L 67 19.40 41.08 41.18
N GLY L 68 18.19 40.52 41.15
CA GLY L 68 17.04 41.25 40.65
C GLY L 68 17.23 41.65 39.19
N ASN L 69 17.12 42.94 38.93
CA ASN L 69 17.34 43.50 37.61
C ASN L 69 18.69 44.17 37.48
N THR L 70 19.59 43.96 38.44
CA THR L 70 20.92 44.59 38.42
C THR L 70 22.00 43.53 38.28
N ALA L 71 22.85 43.69 37.28
CA ALA L 71 24.03 42.85 37.08
C ALA L 71 25.27 43.64 37.47
N SER L 72 26.32 42.95 37.86
CA SER L 72 27.51 43.64 38.32
C SER L 72 28.77 42.86 37.93
N LEU L 73 29.79 43.61 37.54
CA LEU L 73 31.11 43.08 37.24
C LEU L 73 32.06 43.54 38.35
N THR L 74 32.67 42.59 39.04
CA THR L 74 33.60 42.87 40.12
C THR L 74 35.01 42.62 39.63
N ILE L 75 35.88 43.61 39.81
CA ILE L 75 37.27 43.55 39.41
C ILE L 75 38.13 43.67 40.65
N SER L 76 38.92 42.65 40.93
CA SER L 76 39.85 42.66 42.05
C SER L 76 41.27 42.94 41.55
N GLY L 77 42.17 43.17 42.50
CA GLY L 77 43.57 43.30 42.20
C GLY L 77 43.98 44.67 41.69
N LEU L 78 43.43 45.07 40.52
CA LEU L 78 43.72 46.35 39.85
C LEU L 78 45.23 46.55 39.62
N GLN L 79 45.76 45.72 38.72
CA GLN L 79 47.18 45.69 38.41
C GLN L 79 47.64 46.85 37.52
N ALA L 80 46.73 47.76 37.15
CA ALA L 80 46.94 48.97 36.33
C ALA L 80 47.16 48.65 34.86
N ASP L 81 46.99 47.41 34.45
CA ASP L 81 46.94 47.10 33.02
C ASP L 81 45.57 47.40 32.44
N ASP L 82 44.52 47.30 33.26
CA ASP L 82 43.15 47.44 32.79
C ASP L 82 42.69 48.91 32.72
N GLU L 83 43.37 49.68 31.88
CA GLU L 83 42.95 51.05 31.57
C GLU L 83 42.05 50.92 30.35
N ALA L 84 40.75 50.83 30.59
CA ALA L 84 39.84 50.43 29.51
C ALA L 84 38.42 50.89 29.77
N ASP L 85 37.63 50.86 28.69
CA ASP L 85 36.18 51.10 28.76
C ASP L 85 35.44 49.78 28.88
N TYR L 86 34.61 49.65 29.91
CA TYR L 86 33.83 48.44 30.14
C TYR L 86 32.40 48.58 29.64
N TYR L 87 31.91 47.54 28.98
CA TYR L 87 30.55 47.50 28.44
C TYR L 87 29.83 46.26 28.90
N CYS L 88 28.53 46.39 29.18
CA CYS L 88 27.66 45.26 29.49
C CYS L 88 26.70 45.02 28.33
N SER L 89 26.67 43.79 27.84
CA SER L 89 25.77 43.39 26.76
C SER L 89 24.76 42.40 27.31
N ALA L 90 23.50 42.56 26.93
CA ALA L 90 22.44 41.72 27.44
C ALA L 90 21.56 41.26 26.30
N TYR L 91 21.35 39.96 26.23
CA TYR L 91 20.37 39.40 25.31
C TYR L 91 18.98 39.83 25.76
N ALA L 92 18.16 40.29 24.81
CA ALA L 92 16.83 40.81 25.13
C ALA L 92 15.72 40.07 24.37
N GLY L 93 15.95 38.83 23.99
CA GLY L 93 14.92 38.06 23.32
C GLY L 93 14.91 38.27 21.82
N ARG L 94 13.81 37.89 21.20
CA ARG L 94 13.69 38.07 19.76
C ARG L 94 13.29 39.51 19.45
N GLN L 95 13.62 39.93 18.22
CA GLN L 95 13.39 41.24 17.58
C GLN L 95 14.31 42.33 18.13
N THR L 96 14.59 42.31 19.43
CA THR L 96 15.64 43.09 20.06
C THR L 96 16.66 42.07 20.56
N PHE L 97 17.72 41.83 19.79
CA PHE L 97 18.62 40.75 20.18
C PHE L 97 19.57 41.16 21.30
N TYR L 98 20.43 42.14 21.05
CA TYR L 98 21.43 42.50 22.04
C TYR L 98 21.41 44.00 22.29
N ILE L 99 21.54 44.36 23.57
CA ILE L 99 21.62 45.75 23.97
C ILE L 99 22.90 45.95 24.76
N PHE L 100 23.66 46.97 24.39
CA PHE L 100 24.88 47.38 25.06
C PHE L 100 24.62 48.63 25.89
N GLY L 101 25.35 48.76 27.01
CA GLY L 101 25.27 49.95 27.81
C GLY L 101 26.34 50.97 27.44
N GLY L 102 26.27 52.13 28.09
CA GLY L 102 27.29 53.14 27.91
C GLY L 102 28.59 52.72 28.57
N GLY L 103 29.69 53.28 28.07
CA GLY L 103 30.99 52.89 28.57
C GLY L 103 31.28 53.44 29.95
N THR L 104 32.01 52.65 30.74
CA THR L 104 32.43 53.01 32.07
C THR L 104 33.94 53.19 32.07
N ARG L 105 34.40 54.36 32.53
CA ARG L 105 35.82 54.66 32.55
C ARG L 105 36.42 54.07 33.83
N LEU L 106 37.38 53.16 33.69
CA LEU L 106 38.10 52.62 34.84
C LEU L 106 39.45 53.34 34.93
N THR L 107 39.64 54.05 36.03
CA THR L 107 40.87 54.79 36.29
C THR L 107 41.60 54.18 37.47
N VAL L 108 42.87 53.85 37.28
CA VAL L 108 43.70 53.27 38.32
C VAL L 108 44.59 54.36 38.91
N LEU L 109 44.52 54.51 40.23
CA LEU L 109 45.27 55.55 40.93
C LEU L 109 46.62 55.03 41.39
N GLN M 1 19.85 -22.44 -28.53
CA GLN M 1 19.92 -22.24 -29.97
C GLN M 1 18.73 -22.90 -30.65
N VAL M 2 17.96 -22.10 -31.38
CA VAL M 2 16.81 -22.61 -32.13
C VAL M 2 17.31 -23.23 -33.43
N GLN M 3 16.83 -24.44 -33.73
CA GLN M 3 17.18 -25.11 -34.98
C GLN M 3 15.92 -25.70 -35.59
N LEU M 4 15.91 -25.78 -36.92
CA LEU M 4 14.85 -26.46 -37.66
C LEU M 4 15.53 -27.42 -38.62
N VAL M 5 15.25 -28.72 -38.46
CA VAL M 5 15.90 -29.77 -39.23
C VAL M 5 14.86 -30.43 -40.13
N GLN M 6 15.19 -30.51 -41.41
CA GLN M 6 14.29 -31.05 -42.42
C GLN M 6 14.80 -32.40 -42.92
N SER M 7 13.90 -33.16 -43.52
CA SER M 7 14.21 -34.45 -44.13
C SER M 7 15.14 -34.27 -45.32
N GLY M 8 15.65 -35.39 -45.84
CA GLY M 8 16.59 -35.31 -46.94
C GLY M 8 15.90 -35.04 -48.27
N ALA M 9 16.71 -35.05 -49.33
CA ALA M 9 16.18 -34.77 -50.66
C ALA M 9 15.40 -35.98 -51.16
N GLU M 10 14.39 -35.71 -51.99
CA GLU M 10 13.59 -36.77 -52.56
C GLU M 10 13.37 -36.54 -54.05
N VAL M 11 13.25 -37.65 -54.79
CA VAL M 11 12.93 -37.63 -56.21
C VAL M 11 11.63 -38.41 -56.41
N LYS M 12 10.64 -37.75 -57.02
CA LYS M 12 9.31 -38.29 -57.24
C LYS M 12 8.96 -38.19 -58.71
N LYS M 13 7.97 -38.99 -59.11
CA LYS M 13 7.47 -39.00 -60.47
C LYS M 13 6.25 -38.08 -60.56
N PRO M 14 5.93 -37.59 -61.76
CA PRO M 14 4.69 -36.80 -61.93
C PRO M 14 3.45 -37.58 -61.50
N GLY M 15 2.55 -36.88 -60.78
CA GLY M 15 1.35 -37.49 -60.27
C GLY M 15 1.46 -38.03 -58.86
N ALA M 16 2.68 -38.22 -58.36
CA ALA M 16 2.91 -38.68 -57.00
C ALA M 16 2.78 -37.53 -56.01
N SER M 17 2.76 -37.88 -54.73
CA SER M 17 2.67 -36.91 -53.64
C SER M 17 3.95 -36.94 -52.82
N VAL M 18 4.27 -35.81 -52.18
CA VAL M 18 5.47 -35.69 -51.37
C VAL M 18 5.14 -35.04 -50.03
N LYS M 19 5.56 -35.66 -48.93
CA LYS M 19 5.39 -35.10 -47.59
C LYS M 19 6.75 -34.70 -47.01
N VAL M 20 6.96 -33.39 -46.85
CA VAL M 20 8.19 -32.82 -46.33
C VAL M 20 7.99 -32.48 -44.86
N SER M 21 8.86 -33.01 -44.00
CA SER M 21 8.83 -32.76 -42.57
C SER M 21 9.78 -31.63 -42.18
N CYS M 22 9.46 -31.00 -41.04
CA CYS M 22 10.30 -29.95 -40.46
C CYS M 22 10.19 -30.04 -38.95
N LYS M 23 11.24 -30.55 -38.30
CA LYS M 23 11.23 -30.67 -36.84
C LYS M 23 11.87 -29.44 -36.21
N ALA M 24 11.15 -28.81 -35.30
CA ALA M 24 11.61 -27.62 -34.61
C ALA M 24 12.26 -27.99 -33.28
N SER M 25 13.25 -27.20 -32.87
CA SER M 25 13.90 -27.39 -31.57
C SER M 25 14.38 -26.04 -31.07
N GLY M 26 14.42 -25.91 -29.74
CA GLY M 26 14.96 -24.72 -29.10
C GLY M 26 13.95 -23.65 -28.76
N TYR M 27 12.66 -23.86 -29.05
CA TYR M 27 11.65 -22.88 -28.71
C TYR M 27 10.32 -23.61 -28.57
N THR M 28 9.33 -22.90 -28.02
CA THR M 28 8.00 -23.46 -27.91
C THR M 28 7.35 -23.43 -29.29
N PHE M 29 7.09 -24.63 -29.82
CA PHE M 29 6.58 -24.80 -31.19
C PHE M 29 5.23 -24.13 -31.39
N ASP M 30 4.31 -24.31 -30.43
CA ASP M 30 2.92 -23.86 -30.56
C ASP M 30 2.76 -22.35 -30.73
N ASP M 31 3.72 -21.54 -30.28
CA ASP M 31 3.51 -20.10 -30.20
C ASP M 31 3.91 -19.33 -31.46
N TYR M 32 4.59 -19.95 -32.41
CA TYR M 32 5.09 -19.23 -33.57
C TYR M 32 4.68 -19.96 -34.84
N TYR M 33 4.23 -19.18 -35.82
CA TYR M 33 3.72 -19.70 -37.08
C TYR M 33 4.86 -20.29 -37.89
N MET M 34 4.55 -21.30 -38.70
CA MET M 34 5.50 -21.87 -39.64
C MET M 34 5.13 -21.42 -41.05
N HIS M 35 6.13 -21.11 -41.86
CA HIS M 35 5.94 -20.65 -43.23
C HIS M 35 6.73 -21.54 -44.16
N TRP M 36 6.08 -22.07 -45.17
CA TRP M 36 6.75 -22.90 -46.17
C TRP M 36 6.89 -22.11 -47.47
N VAL M 37 8.11 -22.12 -48.02
CA VAL M 37 8.54 -21.27 -49.14
C VAL M 37 9.35 -22.12 -50.12
N ARG M 38 9.16 -21.85 -51.43
CA ARG M 38 9.93 -22.43 -52.52
C ARG M 38 11.12 -21.56 -52.89
N GLN M 39 12.19 -22.22 -53.35
CA GLN M 39 13.27 -21.50 -54.03
C GLN M 39 13.04 -21.42 -55.54
N ALA M 40 12.34 -22.43 -56.14
CA ALA M 40 12.06 -22.63 -57.57
C ALA M 40 13.35 -22.96 -58.34
N PRO M 41 13.30 -23.70 -59.49
CA PRO M 41 14.58 -24.23 -60.03
C PRO M 41 15.45 -23.18 -60.73
N GLY M 42 16.10 -22.36 -59.90
CA GLY M 42 16.94 -21.27 -60.38
C GLY M 42 16.28 -19.92 -60.50
N GLN M 43 15.11 -19.73 -59.90
CA GLN M 43 14.44 -18.43 -59.82
C GLN M 43 14.48 -17.95 -58.36
N GLY M 44 13.85 -16.81 -58.11
CA GLY M 44 13.82 -16.24 -56.79
C GLY M 44 12.86 -16.99 -55.87
N LEU M 45 12.82 -16.54 -54.61
CA LEU M 45 12.01 -17.23 -53.61
C LEU M 45 10.53 -16.97 -53.86
N GLU M 46 9.72 -18.02 -53.68
CA GLU M 46 8.28 -17.91 -53.87
C GLU M 46 7.58 -18.50 -52.64
N TRP M 47 6.74 -17.68 -52.01
CA TRP M 47 6.03 -18.08 -50.79
C TRP M 47 4.81 -18.92 -51.15
N MET M 48 4.66 -20.07 -50.49
CA MET M 48 3.47 -20.89 -50.69
C MET M 48 2.48 -20.81 -49.55
N GLY M 49 2.90 -20.68 -48.30
CA GLY M 49 1.87 -20.64 -47.28
C GLY M 49 2.39 -20.67 -45.87
N TRP M 50 1.46 -20.55 -44.92
CA TRP M 50 1.80 -20.68 -43.52
C TRP M 50 0.78 -21.52 -42.80
N MET M 51 1.19 -21.99 -41.61
CA MET M 51 0.35 -22.78 -40.72
C MET M 51 0.57 -22.31 -39.30
N ASN M 52 -0.52 -22.19 -38.56
CA ASN M 52 -0.60 -21.81 -37.16
C ASN M 52 -0.76 -23.11 -36.40
N PRO M 53 0.32 -23.64 -35.78
CA PRO M 53 0.24 -24.97 -35.15
C PRO M 53 -0.62 -25.02 -33.91
N LYS M 54 -0.84 -23.88 -33.22
CA LYS M 54 -1.61 -23.88 -31.97
C LYS M 54 -3.04 -24.32 -32.22
N THR M 55 -3.59 -23.94 -33.36
CA THR M 55 -4.93 -24.35 -33.77
C THR M 55 -4.90 -25.27 -34.98
N GLY M 56 -3.78 -25.33 -35.68
CA GLY M 56 -3.69 -26.06 -36.91
C GLY M 56 -4.10 -25.28 -38.14
N GLY M 57 -4.39 -23.98 -37.98
CA GLY M 57 -4.91 -23.20 -39.09
C GLY M 57 -3.91 -23.08 -40.23
N VAL M 58 -4.42 -22.97 -41.45
CA VAL M 58 -3.56 -22.88 -42.62
C VAL M 58 -3.99 -21.73 -43.52
N ASN M 59 -3.02 -21.20 -44.26
CA ASN M 59 -3.26 -20.17 -45.25
C ASN M 59 -2.37 -20.46 -46.45
N TYR M 60 -2.98 -20.84 -47.56
CA TYR M 60 -2.30 -21.28 -48.76
C TYR M 60 -2.32 -20.17 -49.80
N ALA M 61 -1.20 -19.99 -50.50
CA ALA M 61 -1.16 -19.12 -51.65
C ALA M 61 -2.17 -19.60 -52.69
N GLN M 62 -2.87 -18.63 -53.31
CA GLN M 62 -3.95 -18.91 -54.27
C GLN M 62 -3.53 -19.89 -55.36
N ARG M 63 -2.31 -19.74 -55.88
CA ARG M 63 -1.83 -20.58 -56.97
C ARG M 63 -1.64 -22.04 -56.56
N PHE M 64 -1.53 -22.35 -55.26
CA PHE M 64 -1.36 -23.71 -54.80
C PHE M 64 -2.59 -24.28 -54.10
N GLN M 65 -3.70 -23.55 -54.08
CA GLN M 65 -4.89 -23.98 -53.36
C GLN M 65 -5.46 -25.25 -53.98
N GLY M 66 -5.79 -26.23 -53.15
CA GLY M 66 -6.30 -27.49 -53.61
C GLY M 66 -5.23 -28.54 -53.83
N ARG M 67 -3.97 -28.15 -53.85
CA ARG M 67 -2.86 -29.05 -54.09
C ARG M 67 -2.00 -29.33 -52.86
N VAL M 68 -1.97 -28.41 -51.90
CA VAL M 68 -1.06 -28.48 -50.76
C VAL M 68 -1.88 -28.63 -49.48
N THR M 69 -1.48 -29.58 -48.63
CA THR M 69 -2.09 -29.78 -47.33
C THR M 69 -1.01 -29.63 -46.26
N MET M 70 -1.26 -28.76 -45.29
CA MET M 70 -0.29 -28.48 -44.24
C MET M 70 -0.81 -29.05 -42.93
N THR M 71 0.06 -29.66 -42.15
CA THR M 71 -0.37 -30.23 -40.88
C THR M 71 0.82 -30.23 -39.91
N ARG M 72 0.63 -30.84 -38.74
CA ARG M 72 1.69 -30.90 -37.75
C ARG M 72 1.39 -32.02 -36.78
N ASP M 73 2.41 -32.38 -36.00
CA ASP M 73 2.33 -33.32 -34.90
C ASP M 73 3.00 -32.56 -33.76
N ARG M 74 2.16 -32.08 -32.83
CA ARG M 74 2.60 -31.23 -31.73
C ARG M 74 3.32 -31.99 -30.62
N SER M 75 3.23 -33.32 -30.61
CA SER M 75 3.86 -34.10 -29.56
C SER M 75 5.37 -34.24 -29.73
N ILE M 76 5.88 -34.05 -30.95
CA ILE M 76 7.32 -34.06 -31.20
C ILE M 76 7.70 -32.81 -31.99
N ASP M 77 6.79 -31.83 -31.99
CA ASP M 77 6.99 -30.49 -32.56
C ASP M 77 7.47 -30.51 -34.01
N THR M 78 6.77 -31.26 -34.87
CA THR M 78 7.14 -31.35 -36.27
C THR M 78 5.99 -30.90 -37.17
N ALA M 79 6.32 -30.05 -38.15
CA ALA M 79 5.36 -29.61 -39.15
C ALA M 79 5.52 -30.45 -40.42
N TYR M 80 4.42 -30.62 -41.15
CA TYR M 80 4.43 -31.38 -42.39
C TYR M 80 3.78 -30.58 -43.50
N MET M 81 4.32 -30.76 -44.70
CA MET M 81 3.80 -30.18 -45.94
C MET M 81 3.60 -31.29 -46.95
N GLU M 82 2.36 -31.52 -47.36
CA GLU M 82 2.05 -32.55 -48.36
C GLU M 82 1.64 -31.88 -49.68
N LEU M 83 2.35 -32.22 -50.76
CA LEU M 83 2.02 -31.78 -52.11
C LEU M 83 1.44 -32.96 -52.89
N ASN M 84 0.23 -32.77 -53.40
CA ASN M 84 -0.42 -33.75 -54.25
C ASN M 84 -0.31 -33.32 -55.70
N SER M 85 -0.38 -34.32 -56.60
CA SER M 85 -0.40 -34.16 -58.05
C SER M 85 0.79 -33.34 -58.55
N LEU M 86 2.00 -33.86 -58.28
CA LEU M 86 3.21 -33.16 -58.68
C LEU M 86 3.30 -33.06 -60.20
N ARG M 87 3.88 -31.96 -60.65
CA ARG M 87 4.17 -31.68 -62.05
C ARG M 87 5.62 -31.24 -62.15
N SER M 88 6.13 -31.24 -63.39
CA SER M 88 7.54 -30.93 -63.63
C SER M 88 7.94 -29.52 -63.21
N ASP M 89 6.99 -28.60 -63.10
CA ASP M 89 7.29 -27.25 -62.62
C ASP M 89 7.61 -27.21 -61.13
N ASP M 90 7.30 -28.26 -60.38
CA ASP M 90 7.41 -28.23 -58.93
C ASP M 90 8.77 -28.66 -58.38
N THR M 91 9.74 -29.00 -59.24
CA THR M 91 11.07 -29.33 -58.75
C THR M 91 11.72 -28.06 -58.18
N ALA M 92 12.16 -28.15 -56.91
CA ALA M 92 12.68 -26.97 -56.22
C ALA M 92 13.28 -27.36 -54.88
N MET M 93 14.05 -26.43 -54.33
CA MET M 93 14.43 -26.41 -52.93
C MET M 93 13.23 -25.89 -52.14
N TYR M 94 12.88 -26.58 -51.05
CA TYR M 94 11.74 -26.21 -50.22
C TYR M 94 12.22 -25.96 -48.80
N TYR M 95 11.71 -24.90 -48.17
CA TYR M 95 12.17 -24.50 -46.86
C TYR M 95 11.00 -24.21 -45.92
N CYS M 96 11.27 -24.45 -44.63
CA CYS M 96 10.39 -24.10 -43.53
C CYS M 96 11.04 -23.00 -42.71
N ALA M 97 10.30 -21.92 -42.47
CA ALA M 97 10.79 -20.74 -41.77
C ALA M 97 9.86 -20.40 -40.63
N ARG M 98 10.41 -20.20 -39.43
CA ARG M 98 9.58 -19.80 -38.30
C ARG M 98 9.09 -18.36 -38.52
N ASP M 99 8.11 -17.94 -37.74
CA ASP M 99 7.65 -16.56 -37.83
C ASP M 99 8.20 -15.76 -36.66
N TYR M 100 8.45 -14.48 -36.90
CA TYR M 100 8.90 -13.58 -35.84
C TYR M 100 7.67 -13.05 -35.14
N GLY M 101 7.35 -13.67 -34.03
CA GLY M 101 6.11 -13.29 -33.36
C GLY M 101 5.02 -13.41 -34.38
N GLY M 102 4.25 -12.33 -34.58
CA GLY M 102 3.21 -12.33 -35.64
C GLY M 102 3.67 -11.47 -36.81
N GLY M 103 2.95 -11.52 -37.94
CA GLY M 103 3.36 -10.75 -39.13
C GLY M 103 4.06 -11.63 -40.16
N TYR M 104 4.92 -11.05 -40.99
CA TYR M 104 5.58 -11.85 -42.07
C TYR M 104 7.11 -11.88 -41.98
N PRO M 105 7.79 -11.72 -40.81
CA PRO M 105 9.25 -11.86 -40.74
C PRO M 105 9.51 -13.38 -40.72
N LEU M 106 10.36 -13.88 -41.62
CA LEU M 106 10.53 -15.36 -41.71
C LEU M 106 11.69 -15.86 -40.84
N ASP M 107 12.49 -14.96 -40.25
CA ASP M 107 13.55 -15.41 -39.30
C ASP M 107 14.14 -16.79 -39.58
N PHE M 108 14.25 -17.63 -38.55
CA PHE M 108 14.92 -18.96 -38.67
C PHE M 108 14.42 -19.67 -39.91
N TRP M 109 15.33 -20.13 -40.77
CA TRP M 109 14.90 -20.66 -42.09
C TRP M 109 15.24 -22.13 -42.34
N GLY M 110 15.64 -22.89 -41.35
CA GLY M 110 15.77 -24.34 -41.55
C GLY M 110 16.96 -24.69 -42.44
N GLN M 111 16.95 -25.91 -43.00
CA GLN M 111 18.03 -26.31 -43.89
C GLN M 111 17.59 -26.59 -45.33
N GLY M 112 16.33 -26.93 -45.57
CA GLY M 112 15.82 -27.11 -46.93
C GLY M 112 15.91 -28.55 -47.41
N THR M 113 15.01 -28.89 -48.35
CA THR M 113 14.99 -30.20 -49.00
C THR M 113 14.78 -30.02 -50.49
N LEU M 114 15.44 -30.86 -51.29
CA LEU M 114 15.37 -30.74 -52.74
C LEU M 114 14.37 -31.78 -53.23
N VAL M 115 13.22 -31.30 -53.72
CA VAL M 115 12.22 -32.17 -54.33
C VAL M 115 12.46 -32.12 -55.84
N THR M 116 12.74 -33.27 -56.42
CA THR M 116 13.01 -33.40 -57.84
C THR M 116 11.87 -34.13 -58.52
N VAL M 117 11.37 -33.58 -59.62
CA VAL M 117 10.29 -34.16 -60.40
C VAL M 117 10.83 -34.45 -61.79
N SER M 118 10.79 -35.71 -62.20
CA SER M 118 11.29 -36.13 -63.50
C SER M 118 10.64 -37.45 -63.86
N SER M 119 10.78 -37.82 -65.13
CA SER M 119 10.26 -39.09 -65.62
C SER M 119 11.38 -40.11 -65.81
N SER N 2 1.82 -7.22 -54.52
CA SER N 2 2.41 -6.32 -55.50
C SER N 2 3.42 -7.04 -56.38
N ALA N 3 4.34 -6.27 -56.98
CA ALA N 3 5.36 -6.81 -57.88
C ALA N 3 6.66 -6.05 -57.65
N LEU N 4 7.45 -6.50 -56.67
CA LEU N 4 8.68 -5.82 -56.32
C LEU N 4 9.72 -6.00 -57.43
N THR N 5 10.40 -4.91 -57.77
CA THR N 5 11.42 -4.89 -58.80
C THR N 5 12.77 -4.55 -58.17
N GLN N 6 13.78 -5.34 -58.47
CA GLN N 6 15.10 -5.19 -57.88
C GLN N 6 16.15 -5.15 -58.98
N PRO N 7 17.32 -4.57 -58.72
CA PRO N 7 18.39 -4.53 -59.75
C PRO N 7 19.08 -5.89 -59.83
N ALA N 8 18.98 -6.52 -61.01
CA ALA N 8 19.43 -7.90 -61.20
C ALA N 8 20.90 -8.11 -60.82
N SER N 9 21.78 -7.20 -61.22
CA SER N 9 23.20 -7.40 -60.97
C SER N 9 23.84 -6.11 -60.47
N VAL N 10 24.52 -6.20 -59.33
CA VAL N 10 25.34 -5.12 -58.81
C VAL N 10 26.79 -5.60 -58.74
N SER N 11 27.71 -4.76 -59.19
CA SER N 11 29.12 -5.10 -59.32
C SER N 11 29.96 -4.07 -58.56
N GLY N 12 31.19 -4.48 -58.25
CA GLY N 12 32.09 -3.56 -57.58
C GLY N 12 33.34 -4.25 -57.07
N SER N 13 33.84 -3.75 -55.94
CA SER N 13 35.05 -4.25 -55.31
C SER N 13 35.00 -3.80 -53.84
N PRO N 14 35.86 -4.34 -52.96
CA PRO N 14 35.81 -3.94 -51.55
C PRO N 14 35.96 -2.44 -51.34
N GLY N 15 35.09 -1.88 -50.50
CA GLY N 15 35.09 -0.46 -50.20
C GLY N 15 34.23 0.38 -51.13
N GLN N 16 33.65 -0.23 -52.17
CA GLN N 16 32.75 0.49 -53.06
C GLN N 16 31.47 0.93 -52.36
N SER N 17 30.97 0.12 -51.41
CA SER N 17 29.77 0.38 -50.62
C SER N 17 28.50 0.55 -51.47
N ILE N 18 28.26 -0.41 -52.37
CA ILE N 18 27.10 -0.35 -53.27
C ILE N 18 25.82 -0.52 -52.43
N THR N 19 24.71 0.02 -52.95
CA THR N 19 23.41 -0.01 -52.29
C THR N 19 22.41 -0.69 -53.21
N ILE N 20 21.54 -1.53 -52.63
CA ILE N 20 20.54 -2.29 -53.36
C ILE N 20 19.17 -1.66 -53.09
N SER N 21 18.37 -1.48 -54.14
CA SER N 21 17.10 -0.78 -54.04
C SER N 21 15.91 -1.69 -54.32
N CYS N 22 14.94 -1.67 -53.43
CA CYS N 22 13.67 -2.38 -53.57
C CYS N 22 12.65 -1.39 -54.09
N ILE N 23 12.37 -1.47 -55.39
CA ILE N 23 11.45 -0.58 -56.09
C ILE N 23 10.05 -1.17 -55.99
N GLY N 24 9.08 -0.35 -55.61
CA GLY N 24 7.70 -0.77 -55.62
C GLY N 24 7.13 -1.23 -54.30
N THR N 25 7.77 -0.93 -53.18
CA THR N 25 7.29 -1.41 -51.91
C THR N 25 6.34 -0.41 -51.27
N SER N 26 5.36 -0.94 -50.53
CA SER N 26 4.51 -0.12 -49.69
C SER N 26 5.27 0.32 -48.45
N SER N 27 4.69 1.26 -47.71
CA SER N 27 5.37 1.76 -46.53
C SER N 27 5.32 0.74 -45.40
N ASP N 28 6.36 0.77 -44.56
CA ASP N 28 6.58 -0.02 -43.35
C ASP N 28 6.72 -1.53 -43.63
N ASN N 29 7.39 -2.25 -42.73
CA ASN N 29 7.62 -3.70 -42.74
C ASN N 29 8.21 -4.13 -44.09
N VAL N 30 9.39 -3.59 -44.35
CA VAL N 30 10.23 -4.04 -45.45
C VAL N 30 11.36 -4.84 -44.83
N SER N 31 11.53 -6.07 -45.30
CA SER N 31 12.51 -6.98 -44.74
C SER N 31 13.52 -7.35 -45.83
N TRP N 32 14.73 -7.68 -45.39
CA TRP N 32 15.77 -8.10 -46.32
C TRP N 32 16.36 -9.43 -45.91
N TYR N 33 16.67 -10.24 -46.92
CA TYR N 33 17.14 -11.61 -46.79
C TYR N 33 18.38 -11.82 -47.63
N GLN N 34 19.34 -12.57 -47.10
CA GLN N 34 20.56 -12.93 -47.81
C GLN N 34 20.53 -14.43 -48.06
N HIS N 35 20.73 -14.83 -49.31
CA HIS N 35 20.68 -16.23 -49.69
C HIS N 35 22.02 -16.65 -50.28
N HIS N 36 22.71 -17.57 -49.59
CA HIS N 36 23.96 -18.17 -50.04
C HIS N 36 23.65 -19.49 -50.70
N PRO N 37 23.98 -19.70 -51.98
CA PRO N 37 23.73 -21.00 -52.62
C PRO N 37 24.41 -22.14 -51.87
N GLY N 38 23.66 -23.20 -51.62
CA GLY N 38 24.10 -24.33 -50.82
C GLY N 38 23.67 -24.25 -49.37
N LYS N 39 23.26 -23.08 -48.90
CA LYS N 39 22.77 -22.89 -47.54
C LYS N 39 21.40 -22.22 -47.58
N ALA N 40 20.63 -22.43 -46.51
CA ALA N 40 19.35 -21.75 -46.41
C ALA N 40 19.57 -20.25 -46.19
N PRO N 41 18.63 -19.41 -46.65
CA PRO N 41 18.78 -17.96 -46.41
C PRO N 41 18.67 -17.52 -44.96
N LYS N 42 18.86 -16.23 -44.74
CA LYS N 42 18.80 -15.63 -43.41
C LYS N 42 18.23 -14.24 -43.53
N LEU N 43 17.71 -13.73 -42.41
CA LEU N 43 17.03 -12.43 -42.37
C LEU N 43 18.00 -11.32 -41.99
N MET N 44 18.33 -10.45 -42.94
CA MET N 44 19.25 -9.34 -42.68
C MET N 44 18.57 -8.14 -42.05
N ILE N 45 17.42 -7.71 -42.56
CA ILE N 45 16.71 -6.52 -42.05
C ILE N 45 15.32 -6.94 -41.59
N TYR N 46 15.04 -6.74 -40.28
CA TYR N 46 13.75 -7.06 -39.68
C TYR N 46 12.61 -6.20 -40.22
N GLU N 47 12.82 -4.89 -40.29
CA GLU N 47 11.77 -3.96 -40.70
C GLU N 47 12.45 -2.63 -41.05
N VAL N 48 12.44 -2.30 -42.35
CA VAL N 48 12.98 -1.04 -42.89
C VAL N 48 14.48 -0.95 -42.67
N ASP N 49 14.90 -0.82 -41.41
CA ASP N 49 16.30 -0.66 -41.06
C ASP N 49 16.78 -1.59 -39.93
N ASN N 50 15.87 -2.02 -39.06
CA ASN N 50 16.23 -2.82 -37.87
C ASN N 50 16.90 -4.14 -38.24
N ARG N 51 17.94 -4.47 -37.46
CA ARG N 51 18.73 -5.69 -37.78
C ARG N 51 18.72 -6.65 -36.60
N PRO N 52 18.75 -7.98 -36.86
CA PRO N 52 18.77 -9.02 -35.84
C PRO N 52 20.03 -8.93 -34.98
N SER N 53 19.89 -9.22 -33.69
CA SER N 53 21.08 -9.28 -32.85
C SER N 53 22.01 -10.39 -33.36
N GLY N 54 23.29 -10.09 -33.41
CA GLY N 54 24.29 -11.03 -33.90
C GLY N 54 24.75 -10.82 -35.33
N VAL N 55 24.14 -9.90 -36.07
CA VAL N 55 24.49 -9.64 -37.46
C VAL N 55 25.34 -8.38 -37.49
N SER N 56 26.37 -8.38 -38.34
CA SER N 56 27.30 -7.26 -38.46
C SER N 56 26.58 -5.94 -38.78
N ALA N 57 27.06 -4.86 -38.19
CA ALA N 57 26.53 -3.50 -38.42
C ALA N 57 26.73 -3.00 -39.84
N ARG N 58 27.50 -3.71 -40.67
CA ARG N 58 27.78 -3.32 -42.06
C ARG N 58 26.52 -3.15 -42.89
N PHE N 59 25.47 -3.91 -42.60
CA PHE N 59 24.21 -3.83 -43.33
C PHE N 59 23.30 -2.83 -42.62
N SER N 60 22.73 -1.90 -43.39
CA SER N 60 21.81 -0.91 -42.82
C SER N 60 20.74 -0.57 -43.84
N GLY N 61 19.48 -0.70 -43.44
CA GLY N 61 18.38 -0.40 -44.33
C GLY N 61 17.91 1.03 -44.24
N SER N 62 17.12 1.44 -45.24
CA SER N 62 16.52 2.78 -45.26
C SER N 62 15.33 2.75 -46.21
N LYS N 63 14.54 3.81 -46.17
CA LYS N 63 13.39 3.96 -47.05
C LYS N 63 13.40 5.35 -47.68
N SER N 64 12.90 5.44 -48.91
CA SER N 64 12.85 6.69 -49.67
C SER N 64 11.43 6.93 -50.21
N GLY N 65 10.43 6.76 -49.34
CA GLY N 65 9.06 7.03 -49.71
C GLY N 65 8.32 5.91 -50.42
N ASN N 66 8.75 5.60 -51.65
CA ASN N 66 8.18 4.53 -52.44
C ASN N 66 9.27 3.52 -52.79
N THR N 67 10.47 3.72 -52.28
CA THR N 67 11.63 2.89 -52.54
C THR N 67 12.29 2.56 -51.21
N ALA N 68 12.77 1.33 -51.08
CA ALA N 68 13.53 0.90 -49.92
C ALA N 68 14.95 0.59 -50.37
N SER N 69 15.89 0.57 -49.45
CA SER N 69 17.25 0.28 -49.85
C SER N 69 18.02 -0.38 -48.72
N LEU N 70 19.04 -1.13 -49.12
CA LEU N 70 19.99 -1.78 -48.24
C LEU N 70 21.37 -1.23 -48.57
N THR N 71 22.02 -0.64 -47.57
CA THR N 71 23.35 -0.07 -47.69
C THR N 71 24.36 -0.98 -47.02
N ILE N 72 25.40 -1.35 -47.75
CA ILE N 72 26.52 -2.12 -47.23
C ILE N 72 27.67 -1.14 -47.07
N SER N 73 28.25 -1.08 -45.87
CA SER N 73 29.29 -0.09 -45.60
C SER N 73 30.57 -0.36 -46.39
N GLY N 74 30.75 -1.56 -46.92
CA GLY N 74 31.90 -1.92 -47.72
C GLY N 74 31.82 -3.38 -48.12
N LEU N 75 31.94 -3.68 -49.41
CA LEU N 75 31.75 -5.04 -49.90
C LEU N 75 32.90 -5.94 -49.49
N GLN N 76 32.98 -6.31 -48.20
CA GLN N 76 33.91 -7.33 -47.73
C GLN N 76 33.77 -8.60 -48.57
N ALA N 77 34.91 -9.28 -48.78
CA ALA N 77 34.97 -10.44 -49.69
C ALA N 77 34.00 -11.55 -49.29
N GLU N 78 33.81 -11.75 -47.98
CA GLU N 78 32.93 -12.81 -47.47
C GLU N 78 31.48 -12.63 -47.91
N ASP N 79 31.02 -11.37 -48.03
CA ASP N 79 29.62 -11.04 -48.29
C ASP N 79 29.24 -11.03 -49.78
N GLU N 80 29.23 -12.20 -50.43
CA GLU N 80 28.68 -12.27 -51.78
C GLU N 80 27.56 -13.30 -51.76
N ALA N 81 26.37 -12.92 -52.27
CA ALA N 81 25.16 -13.74 -52.23
C ALA N 81 24.02 -13.08 -53.00
N ASP N 82 22.82 -13.69 -52.94
CA ASP N 82 21.63 -13.11 -53.55
C ASP N 82 20.77 -12.48 -52.47
N TYR N 83 20.42 -11.21 -52.64
CA TYR N 83 19.67 -10.48 -51.63
C TYR N 83 18.25 -10.21 -52.12
N TYR N 84 17.28 -10.61 -51.30
CA TYR N 84 15.87 -10.49 -51.62
C TYR N 84 15.18 -9.55 -50.63
N CYS N 85 14.50 -8.54 -51.14
CA CYS N 85 13.67 -7.69 -50.31
C CYS N 85 12.26 -8.27 -50.29
N SER N 86 11.50 -7.92 -49.26
CA SER N 86 10.18 -8.49 -49.16
C SER N 86 9.27 -7.59 -48.33
N SER N 87 8.06 -7.40 -48.84
CA SER N 87 6.96 -6.77 -48.13
C SER N 87 5.85 -7.81 -48.15
N TYR N 88 5.57 -8.38 -46.97
CA TYR N 88 4.64 -9.51 -46.75
C TYR N 88 5.23 -10.68 -47.52
N GLU N 89 4.46 -11.43 -48.29
CA GLU N 89 4.94 -12.63 -48.95
C GLU N 89 5.69 -12.33 -50.24
N VAL N 90 5.55 -11.13 -50.79
CA VAL N 90 6.06 -10.84 -52.13
C VAL N 90 7.58 -10.74 -52.07
N PHE N 91 8.26 -11.50 -52.92
CA PHE N 91 9.71 -11.48 -53.04
C PHE N 91 10.12 -10.80 -54.34
N GLY N 92 11.32 -10.23 -54.32
CA GLY N 92 11.89 -9.64 -55.52
C GLY N 92 12.46 -10.70 -56.46
N THR N 93 13.23 -10.23 -57.43
CA THR N 93 13.81 -11.11 -58.44
C THR N 93 15.23 -11.55 -58.06
N GLY N 94 15.81 -10.96 -57.02
CA GLY N 94 17.14 -11.35 -56.59
C GLY N 94 18.21 -10.47 -57.19
N THR N 95 19.14 -10.00 -56.37
CA THR N 95 20.25 -9.17 -56.82
C THR N 95 21.55 -9.94 -56.70
N LYS N 96 22.12 -10.33 -57.83
CA LYS N 96 23.35 -11.10 -57.86
C LYS N 96 24.49 -10.17 -57.46
N VAL N 97 24.89 -10.20 -56.19
CA VAL N 97 25.95 -9.33 -55.73
C VAL N 97 27.29 -10.00 -56.03
N THR N 98 27.75 -9.86 -57.26
CA THR N 98 29.04 -10.39 -57.68
C THR N 98 30.11 -9.33 -57.44
N VAL N 99 31.07 -9.66 -56.56
CA VAL N 99 32.28 -8.89 -56.25
C VAL N 99 32.91 -8.14 -57.43
#